data_9LYQ
#
_entry.id   9LYQ
#
_cell.length_a   1.00
_cell.length_b   1.00
_cell.length_c   1.00
_cell.angle_alpha   90.00
_cell.angle_beta   90.00
_cell.angle_gamma   90.00
#
_symmetry.space_group_name_H-M   'P 1'
#
_entity_poly.entity_id   1
_entity_poly.type   'polypeptide(L)'
_entity_poly.pdbx_seq_one_letter_code
;MQVLPPSSTGGPSRLFIMRPVATTLLMVAILLAGIIGYRALPVSALPEVDYPTIQVVTLYPGASPDVMTSAVTAPLERQF
GQMSGLKQMSSQSSGGASVITLQFQLTLPLDVAEQEVQAAINAATNLLPSDLPNPPVYSKVNPADPPIMTLAVTSTAMPM
TQVEDMVETRVAQKISQISGVGLVTLSGGQRPAVRVKLNAQAIAALGLTSETVRTAITGANVNSAKGSLDGPSRAVTLSA
NDQMQSAEEYRQLIIAYQNGAPIRLGDVATVEQGAENSWLGAWANKEQAIVMNVQRQPGANIISTADSIRQMLPQLTESL
PKSVKVTVLSDRTTNIRASVDDTQFELMMAIALVVMIIYLFLRNIPATIIPGVAVPLSLIGTFAVMVFLDFSINNLTLMA
LTIATGFVVDDAIVVIENISRYIEKGEKPLAAALKGAGEIGFTIISLTFSLIAVLIPLLFMGDIVGRLFREFAITLAVAI
LISAVVSLTLTPMMCARMLSQESLRKQNRFSRASEKMFDRIIAAYGRGLAKVLNHPWLTLSVALSTLLLSVLLWVFIPKG
FFPVQDNGIIQGTLQAPQSSSFANMAQRQRQVADVILQDPAVQSLTSFVGVDGTNPSLNSARLQINLKPLDERDDRVQKV
IARLQTAVDKVPGVDLFLQPTQDLTIDTQVSRTQYQFTLQATSLDALSTWVPQLMEKLQQLPQLSDVSSDWQDKGLVAYV
NVDRDSASRLGISMADVDNALYNAFGQRLISTIYTQANQYRVVLEHNTENTPGLAALDTIRLTSSDGGVVPLSSIAKIEQ
RFAPLSINHLDQFPVTTISFNVPDNYSLGDAVQAIMDTEKTLNLPVDITTQFQGSTLAFQSALGSTVWLIVAAVVAMYIV
LGILYESFIHPITILSTLPTAGVGALLALLIAGSELDVIAIIGIILLIGIVKKNAIMMIDFALAAEREQGMSPREAIYQA
CLLRFRPILMTTLAALLGALPLMLSTGVGAELRRPLGIGMVGGLIVSQVLTLFTTPVIYLLFDRLALWTKSRFARHEEEA
;
_entity_poly.pdbx_strand_id   B,C,D
#
# COMPACT_ATOMS: atom_id res chain seq x y z
N MET A 1 -27.50 20.21 23.27
CA MET A 1 -28.84 20.43 23.85
C MET A 1 -28.72 20.61 25.37
N GLN A 2 -28.85 21.85 25.81
CA GLN A 2 -28.73 22.16 27.25
C GLN A 2 -29.94 21.66 28.00
N VAL A 3 -30.00 22.01 29.28
CA VAL A 3 -31.08 21.49 30.14
C VAL A 3 -32.33 22.35 29.90
N LEU A 4 -33.13 21.92 28.93
CA LEU A 4 -34.38 22.66 28.64
C LEU A 4 -35.54 21.98 29.36
N PRO A 5 -36.66 22.69 29.58
CA PRO A 5 -37.84 22.03 30.13
C PRO A 5 -38.27 20.88 29.21
N PRO A 6 -38.78 19.76 29.75
CA PRO A 6 -39.13 18.63 28.91
C PRO A 6 -40.18 19.00 27.87
N SER A 7 -39.95 18.55 26.63
CA SER A 7 -40.88 18.86 25.53
C SER A 7 -42.12 17.97 25.60
N SER A 8 -43.20 18.47 26.19
CA SER A 8 -44.46 17.68 26.34
C SER A 8 -44.18 16.39 27.12
N THR A 9 -43.35 16.47 28.15
CA THR A 9 -43.03 15.29 29.00
C THR A 9 -42.55 14.11 28.18
N GLY A 10 -41.52 14.34 27.36
CA GLY A 10 -40.91 13.24 26.63
C GLY A 10 -39.39 13.36 26.65
N GLY A 11 -38.87 14.51 27.08
CA GLY A 11 -37.42 14.75 27.09
C GLY A 11 -36.81 14.67 25.71
N PRO A 12 -35.49 14.44 25.62
CA PRO A 12 -34.87 14.25 24.31
C PRO A 12 -35.27 12.97 23.61
N SER A 13 -35.91 12.05 24.34
CA SER A 13 -36.36 10.77 23.73
C SER A 13 -37.87 10.73 23.50
N ARG A 14 -38.50 11.87 23.24
CA ARG A 14 -39.98 11.91 23.14
C ARG A 14 -40.47 11.08 21.94
N LEU A 15 -39.82 11.25 20.80
CA LEU A 15 -40.32 10.54 19.58
C LEU A 15 -40.11 9.03 19.72
N PHE A 16 -39.21 8.61 20.59
CA PHE A 16 -38.94 7.15 20.73
C PHE A 16 -40.14 6.38 21.25
N ILE A 17 -40.95 7.00 22.09
CA ILE A 17 -42.16 6.31 22.61
C ILE A 17 -43.27 6.34 21.54
N MET A 18 -43.07 7.06 20.45
CA MET A 18 -44.11 7.12 19.37
C MET A 18 -43.76 6.16 18.22
N ARG A 19 -42.83 5.22 18.41
CA ARG A 19 -42.40 4.31 17.32
C ARG A 19 -42.35 2.87 17.82
N PRO A 20 -43.51 2.20 18.00
CA PRO A 20 -43.49 0.82 18.46
C PRO A 20 -42.89 -0.14 17.43
N VAL A 21 -43.46 -0.10 16.23
CA VAL A 21 -42.99 -1.02 15.18
C VAL A 21 -41.53 -0.72 14.84
N ALA A 22 -41.19 0.57 14.77
CA ALA A 22 -39.79 0.94 14.43
C ALA A 22 -38.83 0.33 15.45
N THR A 23 -39.14 0.50 16.72
CA THR A 23 -38.22 -0.03 17.76
C THR A 23 -38.16 -1.54 17.67
N THR A 24 -39.32 -2.19 17.54
CA THR A 24 -39.33 -3.67 17.58
C THR A 24 -38.51 -4.20 16.42
N LEU A 25 -38.72 -3.64 15.23
CA LEU A 25 -37.99 -4.12 14.04
C LEU A 25 -36.50 -3.74 14.16
N LEU A 26 -36.20 -2.63 14.83
CA LEU A 26 -34.79 -2.22 14.93
C LEU A 26 -34.05 -3.24 15.79
N MET A 27 -34.64 -3.61 16.89
CA MET A 27 -33.93 -4.57 17.79
C MET A 27 -33.96 -5.97 17.16
N VAL A 28 -34.99 -6.29 16.38
CA VAL A 28 -34.98 -7.58 15.67
C VAL A 28 -33.78 -7.59 14.69
N ALA A 29 -33.61 -6.49 13.96
CA ALA A 29 -32.47 -6.40 13.02
C ALA A 29 -31.13 -6.45 13.78
N ILE A 30 -31.09 -5.76 14.91
CA ILE A 30 -29.83 -5.76 15.70
C ILE A 30 -29.50 -7.20 16.15
N LEU A 31 -30.51 -7.93 16.64
CA LEU A 31 -30.26 -9.32 17.09
C LEU A 31 -29.83 -10.19 15.90
N LEU A 32 -30.50 -10.03 14.77
CA LEU A 32 -30.13 -10.86 13.59
C LEU A 32 -28.71 -10.51 13.15
N ALA A 33 -28.37 -9.22 13.19
CA ALA A 33 -27.03 -8.82 12.71
C ALA A 33 -26.00 -9.39 13.66
N GLY A 34 -26.29 -9.32 14.95
CA GLY A 34 -25.34 -9.88 15.93
C GLY A 34 -25.15 -11.39 15.75
N ILE A 35 -26.24 -12.10 15.49
CA ILE A 35 -26.13 -13.57 15.29
C ILE A 35 -25.30 -13.85 14.04
N ILE A 36 -25.63 -13.18 12.93
CA ILE A 36 -24.90 -13.48 11.68
C ILE A 36 -23.45 -12.98 11.82
N GLY A 37 -23.22 -11.97 12.66
CA GLY A 37 -21.82 -11.56 12.86
C GLY A 37 -21.03 -12.58 13.66
N TYR A 38 -21.60 -13.03 14.77
CA TYR A 38 -20.90 -14.06 15.58
C TYR A 38 -20.69 -15.29 14.74
N ARG A 39 -21.53 -15.51 13.75
CA ARG A 39 -21.28 -16.65 12.83
C ARG A 39 -20.41 -16.21 11.65
N ALA A 40 -20.14 -14.90 11.50
CA ALA A 40 -19.39 -14.47 10.30
C ALA A 40 -18.15 -13.65 10.63
N LEU A 41 -18.19 -12.82 11.68
CA LEU A 41 -17.03 -11.94 11.93
C LEU A 41 -15.84 -12.77 12.37
N PRO A 42 -14.58 -12.29 12.31
CA PRO A 42 -13.43 -13.11 12.51
C PRO A 42 -12.90 -13.09 13.92
N VAL A 43 -12.98 -14.27 14.53
CA VAL A 43 -12.50 -14.40 15.94
C VAL A 43 -11.10 -14.96 15.88
N SER A 44 -10.16 -14.19 16.43
CA SER A 44 -8.73 -14.61 16.41
C SER A 44 -8.26 -14.90 17.85
N ALA A 45 -7.09 -15.52 17.95
CA ALA A 45 -6.53 -15.76 19.29
C ALA A 45 -5.93 -14.50 19.86
N LEU A 46 -5.21 -13.74 19.03
CA LEU A 46 -4.47 -12.55 19.52
C LEU A 46 -4.73 -11.38 18.59
N PRO A 47 -4.59 -10.14 19.07
CA PRO A 47 -4.73 -9.01 18.19
C PRO A 47 -3.63 -8.94 17.15
N GLU A 48 -3.91 -8.22 16.07
CA GLU A 48 -2.93 -8.06 14.96
C GLU A 48 -1.89 -7.02 15.38
N VAL A 49 -1.12 -7.36 16.41
CA VAL A 49 -0.05 -6.45 16.88
C VAL A 49 1.29 -7.12 16.59
N ASP A 50 1.90 -6.77 15.46
CA ASP A 50 3.17 -7.42 15.06
C ASP A 50 4.29 -6.39 15.06
N TYR A 51 5.37 -6.72 15.72
CA TYR A 51 6.54 -5.82 15.70
C TYR A 51 7.20 -5.93 14.34
N PRO A 52 7.89 -4.89 13.88
CA PRO A 52 8.67 -5.02 12.66
C PRO A 52 9.95 -5.83 12.92
N THR A 53 9.94 -7.09 12.49
CA THR A 53 11.09 -7.98 12.75
C THR A 53 11.23 -8.95 11.60
N ILE A 54 12.39 -8.95 10.98
CA ILE A 54 12.60 -9.79 9.78
C ILE A 54 13.64 -10.85 10.11
N GLN A 55 13.27 -12.11 9.85
CA GLN A 55 14.25 -13.21 10.02
C GLN A 55 14.68 -13.70 8.63
N VAL A 56 15.98 -13.73 8.39
CA VAL A 56 16.52 -14.28 7.13
C VAL A 56 17.42 -15.44 7.53
N VAL A 57 17.37 -16.51 6.75
CA VAL A 57 18.12 -17.73 7.10
C VAL A 57 19.06 -18.09 5.94
N THR A 58 20.28 -18.45 6.28
CA THR A 58 21.25 -18.89 5.27
C THR A 58 21.92 -20.14 5.78
N LEU A 59 21.49 -21.29 5.28
CA LEU A 59 22.12 -22.58 5.66
C LEU A 59 23.12 -23.00 4.58
N TYR A 60 24.31 -23.38 5.01
CA TYR A 60 25.40 -23.74 4.06
C TYR A 60 26.18 -24.81 4.75
N PRO A 61 26.08 -26.07 4.29
CA PRO A 61 26.57 -27.17 5.09
C PRO A 61 28.04 -27.30 5.16
N GLY A 62 28.52 -27.84 6.28
CA GLY A 62 29.96 -28.16 6.40
C GLY A 62 30.80 -27.02 6.93
N ALA A 63 30.40 -25.79 6.65
CA ALA A 63 31.25 -24.65 7.02
C ALA A 63 31.33 -24.53 8.54
N SER A 64 32.56 -24.35 9.02
CA SER A 64 32.79 -24.20 10.48
C SER A 64 32.21 -22.87 10.95
N PRO A 65 31.89 -22.73 12.23
CA PRO A 65 31.27 -21.49 12.69
C PRO A 65 32.06 -20.23 12.36
N ASP A 66 33.38 -20.29 12.48
CA ASP A 66 34.17 -19.04 12.27
C ASP A 66 34.14 -18.66 10.79
N VAL A 67 34.30 -19.64 9.92
CA VAL A 67 34.25 -19.32 8.47
C VAL A 67 32.82 -18.91 8.10
N MET A 68 31.82 -19.47 8.76
CA MET A 68 30.43 -19.02 8.50
C MET A 68 30.28 -17.53 8.90
N THR A 69 30.81 -17.15 10.05
CA THR A 69 30.72 -15.75 10.46
C THR A 69 31.47 -14.85 9.50
N SER A 70 32.66 -15.26 9.08
CA SER A 70 33.47 -14.36 8.23
C SER A 70 32.88 -14.25 6.84
N ALA A 71 32.36 -15.34 6.28
CA ALA A 71 31.94 -15.30 4.87
C ALA A 71 30.45 -15.06 4.68
N VAL A 72 29.65 -15.13 5.72
CA VAL A 72 28.18 -15.03 5.52
C VAL A 72 27.63 -13.85 6.29
N THR A 73 27.88 -13.80 7.59
CA THR A 73 27.23 -12.76 8.42
C THR A 73 27.80 -11.39 8.13
N ALA A 74 29.10 -11.28 8.02
CA ALA A 74 29.72 -9.94 7.86
C ALA A 74 29.20 -9.20 6.63
N PRO A 75 29.16 -9.79 5.42
CA PRO A 75 28.72 -9.01 4.28
C PRO A 75 27.30 -8.50 4.40
N LEU A 76 26.35 -9.38 4.75
CA LEU A 76 24.96 -8.91 4.78
C LEU A 76 24.76 -7.97 5.98
N GLU A 77 25.48 -8.22 7.06
CA GLU A 77 25.38 -7.30 8.23
C GLU A 77 25.83 -5.89 7.83
N ARG A 78 26.92 -5.79 7.07
CA ARG A 78 27.32 -4.45 6.58
C ARG A 78 26.30 -3.92 5.57
N GLN A 79 25.74 -4.79 4.74
CA GLN A 79 24.72 -4.33 3.79
C GLN A 79 23.44 -3.90 4.51
N PHE A 80 23.00 -4.66 5.52
CA PHE A 80 21.75 -4.29 6.21
C PHE A 80 21.93 -3.05 7.08
N GLY A 81 23.11 -2.87 7.69
CA GLY A 81 23.30 -1.76 8.65
C GLY A 81 23.10 -0.38 8.06
N GLN A 82 23.35 -0.22 6.77
CA GLN A 82 23.25 1.14 6.19
C GLN A 82 21.79 1.47 5.87
N MET A 83 20.87 0.53 6.05
CA MET A 83 19.46 0.78 5.63
C MET A 83 18.75 1.48 6.76
N SER A 84 17.89 2.41 6.43
CA SER A 84 17.26 3.25 7.47
C SER A 84 16.27 2.45 8.31
N GLY A 85 15.94 2.98 9.47
CA GLY A 85 14.93 2.33 10.31
C GLY A 85 15.48 1.27 11.24
N LEU A 86 16.75 0.88 11.05
CA LEU A 86 17.32 -0.19 11.88
C LEU A 86 17.63 0.37 13.27
N LYS A 87 17.00 -0.19 14.29
CA LYS A 87 17.18 0.34 15.67
C LYS A 87 18.20 -0.53 16.42
N GLN A 88 18.11 -1.84 16.27
CA GLN A 88 19.18 -2.72 16.81
C GLN A 88 19.17 -4.01 16.00
N MET A 89 20.29 -4.70 16.01
CA MET A 89 20.38 -5.98 15.29
C MET A 89 21.12 -6.99 16.16
N SER A 90 20.80 -8.27 15.94
CA SER A 90 21.52 -9.36 16.65
C SER A 90 21.58 -10.56 15.70
N SER A 91 22.63 -11.35 15.87
CA SER A 91 22.83 -12.50 14.96
C SER A 91 23.06 -13.78 15.75
N GLN A 92 22.55 -14.87 15.23
CA GLN A 92 22.77 -16.20 15.83
C GLN A 92 23.57 -16.98 14.80
N SER A 93 24.89 -16.92 14.93
CA SER A 93 25.78 -17.58 13.96
C SER A 93 26.39 -18.82 14.59
N SER A 94 26.14 -19.98 13.98
CA SER A 94 26.68 -21.25 14.49
C SER A 94 27.20 -22.08 13.33
N GLY A 95 27.48 -23.34 13.60
CA GLY A 95 28.01 -24.21 12.55
C GLY A 95 27.07 -24.40 11.40
N GLY A 96 27.40 -23.81 10.25
CA GLY A 96 26.58 -24.03 9.05
C GLY A 96 25.29 -23.26 9.06
N ALA A 97 25.10 -22.38 10.04
CA ALA A 97 23.83 -21.64 10.14
C ALA A 97 24.12 -20.16 10.32
N SER A 98 23.22 -19.33 9.80
CA SER A 98 23.34 -17.88 9.97
C SER A 98 21.93 -17.28 9.89
N VAL A 99 21.34 -16.96 11.03
CA VAL A 99 20.02 -16.30 11.05
C VAL A 99 20.26 -14.88 11.57
N ILE A 100 19.53 -13.94 10.99
CA ILE A 100 19.76 -12.51 11.31
C ILE A 100 18.49 -11.94 11.93
N THR A 101 18.65 -11.28 13.07
CA THR A 101 17.51 -10.65 13.75
C THR A 101 17.58 -9.15 13.62
N LEU A 102 16.63 -8.58 12.88
CA LEU A 102 16.55 -7.11 12.75
C LEU A 102 15.23 -6.64 13.38
N GLN A 103 15.33 -5.71 14.34
CA GLN A 103 14.13 -5.10 14.95
C GLN A 103 14.11 -3.64 14.53
N PHE A 104 13.02 -3.22 13.90
CA PHE A 104 12.97 -1.84 13.34
C PHE A 104 12.28 -0.88 14.30
N GLN A 105 12.21 0.37 13.89
CA GLN A 105 11.47 1.36 14.70
C GLN A 105 9.97 1.11 14.53
N LEU A 106 9.18 1.63 15.45
CA LEU A 106 7.73 1.35 15.44
C LEU A 106 7.06 1.98 14.22
N THR A 107 7.73 2.91 13.55
CA THR A 107 7.05 3.66 12.46
C THR A 107 7.23 3.03 11.11
N LEU A 108 7.87 1.88 11.04
CA LEU A 108 8.16 1.33 9.70
C LEU A 108 7.07 0.34 9.30
N PRO A 109 6.39 0.55 8.17
CA PRO A 109 5.44 -0.45 7.70
C PRO A 109 6.14 -1.70 7.25
N LEU A 110 5.44 -2.83 7.36
CA LEU A 110 6.06 -4.14 7.06
C LEU A 110 6.42 -4.24 5.58
N ASP A 111 5.58 -3.70 4.72
CA ASP A 111 5.83 -3.85 3.26
C ASP A 111 7.13 -3.14 2.89
N VAL A 112 7.33 -1.96 3.43
CA VAL A 112 8.54 -1.18 3.02
C VAL A 112 9.78 -1.88 3.59
N ALA A 113 9.66 -2.46 4.77
CA ALA A 113 10.80 -3.19 5.36
C ALA A 113 11.10 -4.42 4.51
N GLU A 114 10.06 -5.07 4.00
CA GLU A 114 10.30 -6.22 3.10
C GLU A 114 10.99 -5.73 1.83
N GLN A 115 10.60 -4.57 1.34
CA GLN A 115 11.26 -4.03 0.14
C GLN A 115 12.75 -3.79 0.42
N GLU A 116 13.08 -3.19 1.56
CA GLU A 116 14.50 -2.93 1.87
C GLU A 116 15.27 -4.24 2.07
N VAL A 117 14.68 -5.21 2.75
CA VAL A 117 15.46 -6.45 2.97
C VAL A 117 15.65 -7.17 1.64
N GLN A 118 14.64 -7.16 0.77
CA GLN A 118 14.80 -7.78 -0.56
C GLN A 118 15.90 -7.05 -1.34
N ALA A 119 15.88 -5.72 -1.31
CA ALA A 119 16.89 -4.94 -2.06
C ALA A 119 18.29 -5.23 -1.53
N ALA A 120 18.42 -5.29 -0.21
CA ALA A 120 19.75 -5.53 0.38
C ALA A 120 20.24 -6.93 0.03
N ILE A 121 19.34 -7.91 0.12
CA ILE A 121 19.78 -9.32 -0.15
C ILE A 121 20.11 -9.45 -1.65
N ASN A 122 19.49 -8.63 -2.48
CA ASN A 122 19.82 -8.69 -3.92
C ASN A 122 21.14 -7.99 -4.16
N ALA A 123 21.37 -6.88 -3.48
CA ALA A 123 22.59 -6.07 -3.77
C ALA A 123 23.82 -6.76 -3.20
N ALA A 124 23.67 -7.51 -2.12
CA ALA A 124 24.83 -8.17 -1.50
C ALA A 124 25.09 -9.55 -2.10
N THR A 125 24.37 -9.90 -3.17
CA THR A 125 24.46 -11.29 -3.68
C THR A 125 25.85 -11.59 -4.19
N ASN A 126 26.47 -10.65 -4.87
CA ASN A 126 27.78 -10.92 -5.50
C ASN A 126 28.80 -11.31 -4.43
N LEU A 127 28.84 -10.58 -3.32
CA LEU A 127 29.87 -10.84 -2.29
C LEU A 127 29.60 -12.17 -1.55
N LEU A 128 28.43 -12.78 -1.73
CA LEU A 128 28.16 -14.02 -0.96
C LEU A 128 29.02 -15.14 -1.51
N PRO A 129 29.31 -16.18 -0.72
CA PRO A 129 30.03 -17.33 -1.26
C PRO A 129 29.30 -17.97 -2.42
N SER A 130 30.06 -18.50 -3.37
CA SER A 130 29.44 -19.01 -4.62
C SER A 130 28.97 -20.46 -4.50
N ASP A 131 29.17 -21.07 -3.34
CA ASP A 131 28.75 -22.47 -3.14
C ASP A 131 27.47 -22.55 -2.30
N LEU A 132 26.72 -21.46 -2.20
CA LEU A 132 25.47 -21.47 -1.43
C LEU A 132 24.47 -22.39 -2.13
N PRO A 133 23.88 -23.37 -1.44
CA PRO A 133 22.92 -24.23 -2.10
C PRO A 133 21.62 -23.52 -2.42
N ASN A 134 21.10 -22.73 -1.48
CA ASN A 134 19.89 -21.93 -1.76
C ASN A 134 20.19 -20.47 -1.48
N PRO A 135 19.60 -19.52 -2.24
CA PRO A 135 19.75 -18.12 -1.92
C PRO A 135 19.05 -17.80 -0.62
N PRO A 136 19.45 -16.75 0.13
CA PRO A 136 18.87 -16.51 1.43
C PRO A 136 17.49 -15.95 1.30
N VAL A 137 16.56 -16.47 2.12
CA VAL A 137 15.13 -16.04 2.02
C VAL A 137 14.69 -15.37 3.31
N TYR A 138 13.89 -14.33 3.18
CA TYR A 138 13.42 -13.57 4.36
C TYR A 138 12.13 -14.12 4.86
N SER A 139 11.84 -13.85 6.13
CA SER A 139 10.61 -14.36 6.77
C SER A 139 9.91 -13.20 7.47
N LYS A 140 8.63 -13.03 7.20
CA LYS A 140 7.87 -11.95 7.83
C LYS A 140 7.26 -12.49 9.12
N VAL A 141 8.09 -13.06 9.97
CA VAL A 141 7.56 -13.73 11.18
C VAL A 141 8.10 -13.04 12.42
N ASN A 142 7.20 -12.63 13.29
CA ASN A 142 7.63 -12.10 14.59
C ASN A 142 7.57 -13.23 15.61
N PRO A 143 8.44 -13.22 16.64
CA PRO A 143 8.39 -14.27 17.64
C PRO A 143 7.09 -14.30 18.42
N ALA A 144 6.31 -13.21 18.41
CA ALA A 144 5.03 -13.18 19.16
C ALA A 144 3.99 -14.06 18.49
N ASP A 145 4.13 -14.29 17.20
CA ASP A 145 3.12 -15.11 16.49
C ASP A 145 3.27 -16.58 16.87
N PRO A 146 2.23 -17.24 17.39
CA PRO A 146 2.33 -18.65 17.70
C PRO A 146 1.85 -19.49 16.54
N PRO A 147 2.21 -20.79 16.49
CA PRO A 147 1.70 -21.66 15.44
C PRO A 147 0.23 -21.96 15.64
N ILE A 148 -0.39 -22.55 14.61
CA ILE A 148 -1.83 -22.87 14.71
C ILE A 148 -1.95 -24.29 15.24
N MET A 149 -1.40 -25.25 14.53
CA MET A 149 -1.43 -26.64 15.02
C MET A 149 -0.28 -27.42 14.38
N THR A 150 0.33 -28.30 15.16
CA THR A 150 1.48 -29.08 14.67
C THR A 150 1.09 -30.49 14.34
N LEU A 151 1.63 -31.01 13.23
CA LEU A 151 1.42 -32.41 12.82
C LEU A 151 2.76 -33.12 12.73
N ALA A 152 2.80 -34.36 13.22
CA ALA A 152 4.03 -35.17 13.15
C ALA A 152 3.68 -36.50 12.52
N VAL A 153 4.56 -36.97 11.64
CA VAL A 153 4.27 -38.22 10.89
C VAL A 153 5.35 -39.23 11.23
N THR A 154 4.93 -40.46 11.50
CA THR A 154 5.87 -41.54 11.86
C THR A 154 5.52 -42.79 11.10
N SER A 155 6.42 -43.75 11.14
CA SER A 155 6.20 -45.00 10.40
C SER A 155 6.80 -46.15 11.21
N THR A 156 6.58 -47.37 10.75
CA THR A 156 7.06 -48.53 11.50
C THR A 156 7.99 -49.37 10.66
N ALA A 157 7.62 -49.72 9.44
CA ALA A 157 8.44 -50.71 8.69
C ALA A 157 8.88 -50.22 7.31
N MET A 158 9.07 -48.93 7.12
CA MET A 158 9.46 -48.47 5.77
C MET A 158 10.44 -47.31 5.94
N PRO A 159 11.60 -47.33 5.26
CA PRO A 159 12.65 -46.36 5.52
C PRO A 159 12.26 -44.91 5.55
N MET A 160 12.88 -44.15 6.45
CA MET A 160 12.44 -42.76 6.70
C MET A 160 12.60 -41.84 5.49
N THR A 161 13.54 -42.12 4.59
CA THR A 161 13.72 -41.25 3.42
C THR A 161 12.49 -41.26 2.55
N GLN A 162 11.99 -42.45 2.24
CA GLN A 162 10.74 -42.52 1.43
C GLN A 162 9.55 -42.00 2.23
N VAL A 163 9.57 -42.13 3.55
CA VAL A 163 8.47 -41.54 4.37
C VAL A 163 8.46 -40.03 4.16
N GLU A 164 9.62 -39.41 4.24
CA GLU A 164 9.66 -37.95 4.07
C GLU A 164 9.28 -37.56 2.63
N ASP A 165 9.78 -38.31 1.66
CA ASP A 165 9.40 -38.03 0.25
C ASP A 165 7.89 -38.09 0.12
N MET A 166 7.32 -39.17 0.62
CA MET A 166 5.87 -39.41 0.48
C MET A 166 5.09 -38.29 1.18
N VAL A 167 5.53 -37.90 2.37
CA VAL A 167 4.75 -36.92 3.15
C VAL A 167 4.84 -35.54 2.50
N GLU A 168 6.01 -35.15 2.03
CA GLU A 168 6.07 -33.78 1.46
C GLU A 168 5.61 -33.75 -0.01
N THR A 169 5.36 -34.91 -0.62
CA THR A 169 4.74 -34.89 -1.96
C THR A 169 3.23 -34.83 -1.82
N ARG A 170 2.64 -35.61 -0.92
CA ARG A 170 1.16 -35.58 -0.84
C ARG A 170 0.63 -34.97 0.46
N VAL A 171 1.11 -35.41 1.61
CA VAL A 171 0.50 -34.95 2.90
C VAL A 171 0.74 -33.46 3.12
N ALA A 172 1.98 -33.01 3.00
CA ALA A 172 2.27 -31.62 3.36
C ALA A 172 1.57 -30.65 2.42
N GLN A 173 1.59 -30.92 1.11
CA GLN A 173 1.08 -29.92 0.15
C GLN A 173 -0.44 -29.84 0.19
N LYS A 174 -1.12 -30.99 0.28
CA LYS A 174 -2.60 -30.94 0.34
C LYS A 174 -3.07 -30.25 1.63
N ILE A 175 -2.43 -30.53 2.75
CA ILE A 175 -2.79 -29.83 4.01
C ILE A 175 -2.53 -28.34 3.84
N SER A 176 -1.38 -28.00 3.27
CA SER A 176 -1.07 -26.56 3.02
C SER A 176 -1.90 -25.99 1.86
N GLN A 177 -2.57 -26.84 1.09
CA GLN A 177 -3.30 -26.34 -0.11
C GLN A 177 -4.41 -25.38 0.32
N ILE A 178 -5.14 -25.77 1.37
CA ILE A 178 -6.25 -24.89 1.83
C ILE A 178 -5.68 -23.68 2.58
N SER A 179 -6.51 -22.67 2.78
CA SER A 179 -6.05 -21.49 3.54
C SER A 179 -5.86 -21.87 5.01
N GLY A 180 -5.16 -20.99 5.71
CA GLY A 180 -4.91 -21.23 7.14
C GLY A 180 -3.50 -21.69 7.43
N VAL A 181 -2.66 -21.73 6.40
CA VAL A 181 -1.25 -22.16 6.58
C VAL A 181 -0.34 -20.97 6.28
N GLY A 182 0.44 -20.57 7.28
CA GLY A 182 1.39 -19.46 7.06
C GLY A 182 2.67 -19.99 6.45
N LEU A 183 3.30 -20.96 7.11
CA LEU A 183 4.53 -21.56 6.56
C LEU A 183 4.72 -22.91 7.24
N VAL A 184 4.73 -23.96 6.43
CA VAL A 184 4.94 -25.32 6.98
C VAL A 184 6.44 -25.56 7.09
N THR A 185 6.92 -25.68 8.32
CA THR A 185 8.35 -25.93 8.56
C THR A 185 8.54 -27.40 8.87
N LEU A 186 9.01 -28.17 7.90
CA LEU A 186 9.25 -29.60 8.10
C LEU A 186 10.55 -29.74 8.91
N SER A 187 10.39 -29.71 10.22
CA SER A 187 11.58 -29.76 11.11
C SER A 187 12.25 -31.13 11.00
N GLY A 188 13.56 -31.14 11.23
CA GLY A 188 14.31 -32.40 11.18
C GLY A 188 14.28 -33.00 9.81
N GLY A 189 14.38 -32.17 8.78
CA GLY A 189 14.24 -32.64 7.39
C GLY A 189 15.20 -33.73 6.97
N GLN A 190 14.70 -34.95 6.84
CA GLN A 190 15.50 -36.05 6.27
C GLN A 190 15.15 -36.14 4.78
N ARG A 191 15.47 -35.09 4.04
CA ARG A 191 15.10 -35.04 2.61
C ARG A 191 15.83 -36.15 1.85
N PRO A 192 15.14 -36.84 0.93
CA PRO A 192 15.78 -37.91 0.20
C PRO A 192 16.80 -37.38 -0.79
N ALA A 193 17.83 -38.17 -1.03
CA ALA A 193 18.92 -37.76 -1.95
C ALA A 193 19.70 -39.01 -2.33
N VAL A 194 20.79 -38.81 -3.06
CA VAL A 194 21.67 -39.94 -3.46
C VAL A 194 23.03 -39.73 -2.82
N ARG A 195 23.50 -40.76 -2.12
CA ARG A 195 24.79 -40.64 -1.39
C ARG A 195 25.84 -41.51 -2.05
N VAL A 196 27.09 -41.03 -1.99
CA VAL A 196 28.22 -41.83 -2.51
C VAL A 196 29.23 -41.98 -1.37
N LYS A 197 29.62 -43.21 -1.12
CA LYS A 197 30.53 -43.53 0.01
C LYS A 197 31.92 -43.82 -0.54
N LEU A 198 32.92 -43.10 -0.06
CA LEU A 198 34.29 -43.25 -0.59
C LEU A 198 35.15 -44.08 0.35
N ASN A 199 35.81 -45.10 -0.19
CA ASN A 199 36.77 -45.90 0.60
C ASN A 199 38.14 -45.23 0.44
N ALA A 200 38.72 -44.78 1.54
CA ALA A 200 40.01 -44.09 1.46
C ALA A 200 41.12 -45.04 1.04
N GLN A 201 41.21 -46.18 1.68
CA GLN A 201 42.33 -47.11 1.39
C GLN A 201 42.28 -47.61 -0.07
N ALA A 202 41.12 -48.03 -0.53
CA ALA A 202 41.03 -48.62 -1.90
C ALA A 202 41.38 -47.58 -2.97
N ILE A 203 40.77 -46.41 -2.89
CA ILE A 203 41.01 -45.36 -3.92
C ILE A 203 42.45 -44.85 -3.79
N ALA A 204 42.98 -44.78 -2.58
CA ALA A 204 44.37 -44.34 -2.41
C ALA A 204 45.32 -45.37 -2.99
N ALA A 205 44.93 -46.64 -2.96
CA ALA A 205 45.81 -47.71 -3.50
C ALA A 205 46.02 -47.54 -5.01
N LEU A 206 44.98 -47.12 -5.72
CA LEU A 206 45.09 -47.04 -7.21
C LEU A 206 45.67 -45.69 -7.66
N GLY A 207 45.96 -44.78 -6.72
CA GLY A 207 46.62 -43.53 -7.11
C GLY A 207 45.72 -42.61 -7.88
N LEU A 208 44.48 -42.46 -7.45
CA LEU A 208 43.54 -41.53 -8.10
C LEU A 208 42.86 -40.66 -7.05
N THR A 209 42.63 -39.40 -7.41
CA THR A 209 42.12 -38.42 -6.41
C THR A 209 40.62 -38.27 -6.47
N SER A 210 40.06 -37.61 -5.46
CA SER A 210 38.61 -37.35 -5.44
C SER A 210 38.20 -36.37 -6.54
N GLU A 211 39.17 -35.62 -7.09
CA GLU A 211 38.84 -34.73 -8.22
C GLU A 211 38.38 -35.54 -9.44
N THR A 212 38.95 -36.72 -9.64
CA THR A 212 38.58 -37.53 -10.80
C THR A 212 37.12 -37.97 -10.71
N VAL A 213 36.74 -38.50 -9.56
CA VAL A 213 35.34 -38.98 -9.43
C VAL A 213 34.41 -37.76 -9.43
N ARG A 214 34.86 -36.64 -8.87
CA ARG A 214 34.05 -35.40 -8.94
C ARG A 214 33.78 -35.03 -10.41
N THR A 215 34.82 -35.03 -11.24
CA THR A 215 34.64 -34.69 -12.65
C THR A 215 33.74 -35.68 -13.35
N ALA A 216 33.91 -36.95 -13.06
CA ALA A 216 33.08 -37.98 -13.72
C ALA A 216 31.60 -37.80 -13.37
N ILE A 217 31.31 -37.62 -12.09
CA ILE A 217 29.90 -37.46 -11.67
C ILE A 217 29.33 -36.16 -12.27
N THR A 218 30.12 -35.08 -12.30
CA THR A 218 29.62 -33.83 -12.87
C THR A 218 29.31 -34.01 -14.33
N GLY A 219 30.17 -34.75 -15.03
CA GLY A 219 29.95 -34.94 -16.47
C GLY A 219 28.94 -36.02 -16.79
N ALA A 220 28.40 -36.70 -15.78
CA ALA A 220 27.49 -37.83 -16.06
C ALA A 220 26.08 -37.29 -16.26
N ASN A 221 25.53 -36.65 -15.24
CA ASN A 221 24.13 -36.17 -15.31
C ASN A 221 24.10 -34.71 -15.69
N VAL A 222 23.82 -34.45 -16.96
CA VAL A 222 23.60 -33.06 -17.41
C VAL A 222 22.35 -33.10 -18.28
N ASN A 223 21.32 -32.38 -17.88
CA ASN A 223 20.04 -32.38 -18.63
C ASN A 223 19.84 -30.98 -19.19
N SER A 224 20.37 -30.76 -20.39
CA SER A 224 20.30 -29.42 -21.00
C SER A 224 19.53 -29.51 -22.30
N ALA A 225 19.42 -28.38 -22.97
CA ALA A 225 18.65 -28.35 -24.22
C ALA A 225 19.28 -29.25 -25.27
N LYS A 226 18.45 -29.92 -26.04
CA LYS A 226 18.94 -30.78 -27.14
C LYS A 226 18.36 -30.33 -28.47
N GLY A 227 17.37 -29.43 -28.47
CA GLY A 227 16.94 -28.88 -29.76
C GLY A 227 16.00 -29.75 -30.54
N SER A 228 15.73 -29.33 -31.78
CA SER A 228 14.73 -30.07 -32.59
C SER A 228 15.10 -29.95 -34.06
N LEU A 229 14.49 -30.77 -34.89
CA LEU A 229 14.82 -30.81 -36.32
C LEU A 229 13.74 -30.13 -37.16
N ASP A 230 14.14 -29.65 -38.32
CA ASP A 230 13.18 -29.03 -39.28
C ASP A 230 13.47 -29.60 -40.66
N GLY A 231 12.44 -29.87 -41.42
CA GLY A 231 12.62 -30.45 -42.75
C GLY A 231 11.44 -30.14 -43.63
N PRO A 232 11.42 -30.65 -44.87
CA PRO A 232 10.32 -30.36 -45.76
C PRO A 232 9.07 -31.16 -45.47
N SER A 233 9.20 -32.31 -44.79
CA SER A 233 8.03 -33.20 -44.58
C SER A 233 7.68 -33.31 -43.10
N ARG A 234 8.63 -33.73 -42.26
CA ARG A 234 8.29 -33.98 -40.85
C ARG A 234 9.28 -33.26 -39.93
N ALA A 235 8.84 -33.00 -38.71
CA ALA A 235 9.73 -32.37 -37.70
C ALA A 235 9.75 -33.24 -36.46
N VAL A 236 10.89 -33.26 -35.78
CA VAL A 236 11.03 -34.12 -34.59
C VAL A 236 11.83 -33.38 -33.52
N THR A 237 11.83 -33.94 -32.31
CA THR A 237 12.63 -33.37 -31.21
C THR A 237 13.67 -34.38 -30.78
N LEU A 238 14.84 -33.88 -30.40
CA LEU A 238 15.96 -34.77 -30.01
C LEU A 238 16.00 -34.93 -28.50
N SER A 239 16.04 -36.18 -28.04
CA SER A 239 16.13 -36.45 -26.58
C SER A 239 16.99 -37.70 -26.40
N ALA A 240 17.89 -37.64 -25.42
CA ALA A 240 18.84 -38.76 -25.24
C ALA A 240 18.74 -39.26 -23.80
N ASN A 241 19.26 -40.46 -23.59
CA ASN A 241 19.24 -41.07 -22.24
C ASN A 241 20.41 -40.53 -21.44
N ASP A 242 20.51 -39.22 -21.39
CA ASP A 242 21.61 -38.58 -20.63
C ASP A 242 21.22 -38.38 -19.17
N GLN A 243 19.97 -38.68 -18.82
CA GLN A 243 19.51 -38.46 -17.44
C GLN A 243 19.28 -39.80 -16.76
N MET A 244 19.88 -39.97 -15.59
CA MET A 244 19.67 -41.19 -14.78
C MET A 244 18.95 -40.80 -13.49
N GLN A 245 17.99 -41.62 -13.09
CA GLN A 245 17.18 -41.26 -11.91
C GLN A 245 17.67 -41.98 -10.65
N SER A 246 17.80 -43.30 -10.73
CA SER A 246 18.09 -44.09 -9.51
C SER A 246 19.58 -44.24 -9.29
N ALA A 247 19.97 -45.17 -8.44
CA ALA A 247 21.39 -45.26 -8.04
C ALA A 247 22.17 -46.30 -8.84
N GLU A 248 21.49 -47.26 -9.46
CA GLU A 248 22.23 -48.31 -10.19
C GLU A 248 22.99 -47.71 -11.40
N GLU A 249 22.37 -46.78 -12.12
CA GLU A 249 23.04 -46.17 -13.28
C GLU A 249 24.20 -45.27 -12.83
N TYR A 250 24.05 -44.58 -11.68
CA TYR A 250 25.20 -43.82 -11.13
C TYR A 250 26.31 -44.79 -10.75
N ARG A 251 25.94 -45.91 -10.14
CA ARG A 251 26.95 -46.92 -9.74
C ARG A 251 27.68 -47.47 -10.96
N GLN A 252 26.96 -47.70 -12.07
CA GLN A 252 27.57 -48.36 -13.24
C GLN A 252 28.48 -47.43 -14.04
N LEU A 253 28.48 -46.14 -13.72
CA LEU A 253 29.38 -45.21 -14.47
C LEU A 253 30.85 -45.57 -14.26
N ILE A 254 31.63 -45.42 -15.33
CA ILE A 254 33.10 -45.63 -15.20
C ILE A 254 33.73 -44.29 -14.80
N ILE A 255 34.52 -44.30 -13.73
CA ILE A 255 35.10 -43.03 -13.21
C ILE A 255 36.63 -43.02 -13.28
N ALA A 256 37.28 -44.13 -13.57
CA ALA A 256 38.73 -44.12 -13.72
C ALA A 256 39.19 -45.26 -14.64
N TYR A 257 40.44 -45.16 -15.11
CA TYR A 257 41.00 -46.20 -16.01
C TYR A 257 42.37 -46.58 -15.53
N GLN A 258 42.71 -47.87 -15.58
CA GLN A 258 43.97 -48.38 -14.98
C GLN A 258 44.30 -49.72 -15.61
N ASN A 259 45.35 -49.76 -16.42
CA ASN A 259 45.80 -50.98 -17.15
C ASN A 259 44.63 -51.78 -17.71
N GLY A 260 43.78 -51.16 -18.50
CA GLY A 260 42.75 -51.91 -19.23
C GLY A 260 41.55 -52.34 -18.43
N ALA A 261 41.70 -52.45 -17.12
CA ALA A 261 40.57 -52.92 -16.29
C ALA A 261 39.60 -51.76 -16.11
N PRO A 262 38.32 -51.91 -16.52
CA PRO A 262 37.37 -50.84 -16.26
C PRO A 262 37.12 -50.63 -14.77
N ILE A 263 37.43 -49.44 -14.29
CA ILE A 263 37.22 -49.09 -12.85
C ILE A 263 35.93 -48.28 -12.76
N ARG A 264 34.95 -48.84 -12.06
CA ARG A 264 33.63 -48.18 -11.96
C ARG A 264 33.48 -47.49 -10.61
N LEU A 265 32.30 -46.94 -10.36
CA LEU A 265 32.04 -46.37 -9.02
C LEU A 265 31.69 -47.50 -8.06
N GLY A 266 30.98 -48.53 -8.52
CA GLY A 266 30.53 -49.57 -7.60
C GLY A 266 31.65 -50.42 -7.04
N ASP A 267 32.62 -50.77 -7.85
CA ASP A 267 33.64 -51.75 -7.40
C ASP A 267 34.66 -51.12 -6.46
N VAL A 268 34.69 -49.79 -6.37
CA VAL A 268 35.71 -49.12 -5.51
C VAL A 268 34.99 -48.18 -4.53
N ALA A 269 33.73 -47.87 -4.77
CA ALA A 269 32.97 -47.05 -3.81
C ALA A 269 31.56 -47.62 -3.63
N THR A 270 30.89 -47.21 -2.55
CA THR A 270 29.52 -47.66 -2.29
C THR A 270 28.54 -46.53 -2.43
N VAL A 271 27.38 -46.84 -3.02
CA VAL A 271 26.33 -45.82 -3.20
C VAL A 271 25.01 -46.45 -2.76
N GLU A 272 24.24 -45.71 -1.98
CA GLU A 272 22.97 -46.24 -1.45
C GLU A 272 22.03 -45.07 -1.18
N GLN A 273 20.74 -45.28 -1.40
CA GLN A 273 19.75 -44.21 -1.18
C GLN A 273 19.76 -43.83 0.30
N GLY A 274 19.69 -42.53 0.56
CA GLY A 274 19.72 -42.05 1.95
C GLY A 274 19.22 -40.64 2.04
N ALA A 275 19.73 -39.90 3.01
CA ALA A 275 19.27 -38.51 3.24
C ALA A 275 20.30 -37.53 2.72
N GLU A 276 19.82 -36.31 2.45
CA GLU A 276 20.73 -35.27 1.91
C GLU A 276 21.68 -34.78 3.00
N ASN A 277 21.20 -34.71 4.23
CA ASN A 277 22.03 -34.27 5.37
C ASN A 277 21.76 -35.22 6.52
N SER A 278 22.78 -35.95 6.96
CA SER A 278 22.62 -36.93 8.06
C SER A 278 22.43 -36.24 9.40
N TRP A 279 22.58 -34.92 9.46
CA TRP A 279 22.52 -34.22 10.76
C TRP A 279 21.16 -33.57 11.02
N LEU A 280 20.16 -33.91 10.24
CA LEU A 280 18.79 -33.38 10.49
C LEU A 280 17.86 -34.56 10.80
N GLY A 281 17.13 -34.46 11.91
CA GLY A 281 16.24 -35.56 12.28
C GLY A 281 15.31 -35.16 13.39
N ALA A 282 14.25 -35.94 13.55
CA ALA A 282 13.23 -35.63 14.58
C ALA A 282 12.87 -36.91 15.33
N TRP A 283 12.53 -36.75 16.61
CA TRP A 283 12.15 -37.91 17.45
C TRP A 283 10.80 -37.63 18.07
N ALA A 284 9.93 -38.63 18.02
CA ALA A 284 8.57 -38.49 18.58
C ALA A 284 8.44 -39.41 19.77
N ASN A 285 8.38 -38.83 20.95
CA ASN A 285 8.31 -39.61 22.21
C ASN A 285 9.45 -40.63 22.29
N LYS A 286 9.14 -41.88 21.93
CA LYS A 286 10.15 -42.96 22.04
C LYS A 286 10.62 -43.42 20.67
N GLU A 287 9.82 -43.28 19.63
CA GLU A 287 10.22 -43.67 18.26
C GLU A 287 10.70 -42.47 17.47
N GLN A 288 11.27 -42.76 16.28
CA GLN A 288 11.77 -41.67 15.40
C GLN A 288 10.68 -41.31 14.40
N ALA A 289 10.65 -40.04 14.01
CA ALA A 289 9.56 -39.58 13.12
C ALA A 289 10.02 -38.33 12.39
N ILE A 290 9.10 -37.75 11.60
CA ILE A 290 9.33 -36.47 10.91
C ILE A 290 8.27 -35.49 11.41
N VAL A 291 8.71 -34.30 11.78
CA VAL A 291 7.76 -33.33 12.39
C VAL A 291 7.69 -32.09 11.52
N MET A 292 6.46 -31.61 11.28
CA MET A 292 6.28 -30.35 10.52
C MET A 292 5.38 -29.43 11.35
N ASN A 293 5.64 -28.14 11.26
CA ASN A 293 4.91 -27.14 12.07
C ASN A 293 4.19 -26.18 11.15
N VAL A 294 2.98 -25.81 11.54
CA VAL A 294 2.13 -24.94 10.68
C VAL A 294 2.01 -23.56 11.33
N GLN A 295 2.36 -22.54 10.59
CA GLN A 295 2.25 -21.15 11.11
C GLN A 295 0.83 -20.63 10.91
N ARG A 296 0.67 -19.32 11.11
CA ARG A 296 -0.69 -18.75 11.04
C ARG A 296 -0.77 -17.66 9.98
N GLN A 297 -1.99 -17.36 9.54
CA GLN A 297 -2.23 -16.28 8.57
C GLN A 297 -2.99 -15.17 9.30
N PRO A 298 -2.56 -13.90 9.19
CA PRO A 298 -3.29 -12.82 9.83
C PRO A 298 -4.70 -12.69 9.31
N GLY A 299 -5.64 -12.37 10.21
CA GLY A 299 -7.03 -12.15 9.79
C GLY A 299 -7.76 -13.42 9.39
N ALA A 300 -7.30 -14.59 9.85
CA ALA A 300 -7.94 -15.86 9.48
C ALA A 300 -8.49 -16.54 10.72
N ASN A 301 -9.68 -17.13 10.60
CA ASN A 301 -10.27 -17.87 11.75
C ASN A 301 -9.48 -19.13 12.00
N ILE A 302 -9.27 -19.44 13.28
CA ILE A 302 -8.42 -20.62 13.63
C ILE A 302 -9.28 -21.86 13.85
N ILE A 303 -10.44 -21.70 14.48
CA ILE A 303 -11.26 -22.89 14.80
C ILE A 303 -11.72 -23.57 13.52
N SER A 304 -12.18 -22.78 12.56
CA SER A 304 -12.71 -23.36 11.30
C SER A 304 -11.55 -24.04 10.54
N THR A 305 -10.39 -23.41 10.52
CA THR A 305 -9.25 -24.01 9.79
C THR A 305 -8.87 -25.32 10.44
N ALA A 306 -8.84 -25.35 11.77
CA ALA A 306 -8.50 -26.59 12.49
C ALA A 306 -9.55 -27.67 12.21
N ASP A 307 -10.81 -27.27 12.19
CA ASP A 307 -11.88 -28.25 11.87
C ASP A 307 -11.68 -28.78 10.45
N SER A 308 -11.26 -27.92 9.54
CA SER A 308 -11.06 -28.35 8.14
C SER A 308 -9.93 -29.39 8.07
N ILE A 309 -8.79 -29.08 8.67
CA ILE A 309 -7.67 -30.05 8.59
C ILE A 309 -8.05 -31.32 9.37
N ARG A 310 -8.89 -31.18 10.41
CA ARG A 310 -9.39 -32.39 11.08
C ARG A 310 -10.25 -33.20 10.08
N GLN A 311 -11.05 -32.51 9.28
CA GLN A 311 -11.95 -33.24 8.35
C GLN A 311 -11.12 -33.95 7.28
N MET A 312 -10.04 -33.32 6.80
CA MET A 312 -9.20 -34.04 5.82
C MET A 312 -8.16 -34.92 6.51
N LEU A 313 -8.17 -35.00 7.83
CA LEU A 313 -7.21 -35.91 8.51
C LEU A 313 -7.47 -37.37 8.10
N PRO A 314 -8.70 -37.93 8.15
CA PRO A 314 -8.87 -39.31 7.78
C PRO A 314 -8.65 -39.58 6.29
N GLN A 315 -8.99 -38.60 5.44
CA GLN A 315 -8.85 -38.78 3.98
C GLN A 315 -7.39 -39.09 3.63
N LEU A 316 -6.46 -38.45 4.33
CA LEU A 316 -5.04 -38.77 4.10
C LEU A 316 -4.68 -40.12 4.73
N THR A 317 -5.20 -40.44 5.91
CA THR A 317 -4.78 -41.69 6.58
C THR A 317 -5.15 -42.88 5.74
N GLU A 318 -6.34 -42.87 5.15
CA GLU A 318 -6.67 -43.99 4.24
C GLU A 318 -5.74 -43.92 3.01
N SER A 319 -5.40 -42.72 2.58
CA SER A 319 -4.52 -42.56 1.40
C SER A 319 -3.09 -42.96 1.72
N LEU A 320 -2.68 -42.78 2.97
CA LEU A 320 -1.29 -43.12 3.34
C LEU A 320 -1.10 -44.64 3.26
N PRO A 321 0.11 -45.13 2.96
CA PRO A 321 0.35 -46.56 3.03
C PRO A 321 0.04 -47.12 4.42
N LYS A 322 -0.36 -48.37 4.46
CA LYS A 322 -0.85 -48.97 5.72
C LYS A 322 0.20 -48.94 6.84
N SER A 323 1.46 -48.80 6.50
CA SER A 323 2.52 -48.84 7.53
C SER A 323 2.72 -47.45 8.15
N VAL A 324 1.98 -46.44 7.69
CA VAL A 324 2.21 -45.06 8.20
C VAL A 324 1.02 -44.64 9.04
N LYS A 325 1.30 -44.16 10.26
CA LYS A 325 0.24 -43.65 11.16
C LYS A 325 0.60 -42.22 11.51
N VAL A 326 -0.31 -41.29 11.25
CA VAL A 326 -0.06 -39.86 11.51
C VAL A 326 -0.79 -39.48 12.79
N THR A 327 -0.19 -38.56 13.55
CA THR A 327 -0.76 -38.16 14.84
C THR A 327 -0.61 -36.69 15.04
N VAL A 328 -1.40 -36.17 15.97
CA VAL A 328 -1.31 -34.73 16.33
C VAL A 328 -0.92 -34.66 17.80
N LEU A 329 -0.06 -33.71 18.15
CA LEU A 329 0.46 -33.65 19.53
C LEU A 329 0.15 -32.32 20.20
N SER A 330 -0.07 -31.25 19.45
CA SER A 330 -0.31 -29.93 20.10
C SER A 330 -1.30 -29.09 19.31
N ASP A 331 -2.07 -28.25 20.01
CA ASP A 331 -3.02 -27.34 19.35
C ASP A 331 -3.44 -26.23 20.33
N ARG A 332 -4.19 -25.27 19.83
CA ARG A 332 -4.64 -24.15 20.69
C ARG A 332 -6.15 -23.86 20.52
N THR A 333 -6.78 -24.43 19.50
CA THR A 333 -8.24 -24.25 19.38
C THR A 333 -8.96 -24.80 20.58
N THR A 334 -8.41 -25.81 21.25
CA THR A 334 -9.11 -26.37 22.43
C THR A 334 -9.13 -25.36 23.54
N ASN A 335 -8.03 -24.65 23.78
CA ASN A 335 -8.06 -23.59 24.82
C ASN A 335 -8.93 -22.42 24.39
N ILE A 336 -8.97 -22.11 23.09
CA ILE A 336 -9.88 -21.04 22.62
C ILE A 336 -11.34 -21.46 22.89
N ARG A 337 -11.68 -22.70 22.56
CA ARG A 337 -13.04 -23.20 22.87
C ARG A 337 -13.33 -23.11 24.37
N ALA A 338 -12.37 -23.54 25.18
CA ALA A 338 -12.59 -23.51 26.65
C ALA A 338 -12.86 -22.07 27.09
N SER A 339 -12.07 -21.13 26.59
CA SER A 339 -12.24 -19.72 27.02
C SER A 339 -13.63 -19.23 26.60
N VAL A 340 -13.97 -19.44 25.34
CA VAL A 340 -15.26 -18.84 24.85
C VAL A 340 -16.46 -19.50 25.55
N ASP A 341 -16.42 -20.81 25.72
CA ASP A 341 -17.62 -21.47 26.29
C ASP A 341 -17.70 -21.19 27.80
N ASP A 342 -16.56 -21.06 28.45
CA ASP A 342 -16.60 -20.68 29.89
C ASP A 342 -17.18 -19.28 30.03
N THR A 343 -16.78 -18.35 29.16
CA THR A 343 -17.33 -16.99 29.24
C THR A 343 -18.82 -17.02 28.99
N GLN A 344 -19.24 -17.78 27.98
CA GLN A 344 -20.69 -17.87 27.69
C GLN A 344 -21.44 -18.41 28.92
N PHE A 345 -20.97 -19.52 29.47
CA PHE A 345 -21.66 -20.16 30.62
C PHE A 345 -21.77 -19.16 31.76
N GLU A 346 -20.67 -18.47 32.03
CA GLU A 346 -20.66 -17.49 33.14
C GLU A 346 -21.69 -16.38 32.87
N LEU A 347 -21.79 -15.92 31.64
CA LEU A 347 -22.71 -14.78 31.41
C LEU A 347 -24.17 -15.27 31.47
N MET A 348 -24.42 -16.51 31.08
CA MET A 348 -25.81 -17.02 31.24
C MET A 348 -26.17 -17.04 32.73
N MET A 349 -25.27 -17.52 33.58
CA MET A 349 -25.62 -17.50 35.01
C MET A 349 -25.69 -16.05 35.56
N ALA A 350 -24.89 -15.14 35.02
CA ALA A 350 -25.01 -13.73 35.49
C ALA A 350 -26.41 -13.19 35.14
N ILE A 351 -26.84 -13.41 33.90
CA ILE A 351 -28.17 -12.93 33.50
C ILE A 351 -29.26 -13.62 34.33
N ALA A 352 -29.12 -14.94 34.55
CA ALA A 352 -30.18 -15.68 35.29
C ALA A 352 -30.29 -15.15 36.72
N LEU A 353 -29.15 -14.95 37.38
CA LEU A 353 -29.18 -14.41 38.75
C LEU A 353 -29.75 -12.97 38.76
N VAL A 354 -29.43 -12.19 37.74
CA VAL A 354 -29.94 -10.79 37.71
C VAL A 354 -31.46 -10.86 37.60
N VAL A 355 -31.94 -11.72 36.73
CA VAL A 355 -33.41 -11.82 36.50
C VAL A 355 -34.09 -12.28 37.80
N MET A 356 -33.52 -13.29 38.43
CA MET A 356 -34.15 -13.84 39.66
C MET A 356 -34.16 -12.78 40.77
N ILE A 357 -33.05 -12.05 40.90
CA ILE A 357 -32.99 -11.07 42.03
C ILE A 357 -33.95 -9.92 41.73
N ILE A 358 -34.08 -9.52 40.47
CA ILE A 358 -35.05 -8.44 40.14
C ILE A 358 -36.47 -8.92 40.48
N TYR A 359 -36.80 -10.13 40.11
CA TYR A 359 -38.17 -10.65 40.36
C TYR A 359 -38.44 -10.73 41.85
N LEU A 360 -37.44 -11.13 42.61
CA LEU A 360 -37.65 -11.31 44.07
C LEU A 360 -37.71 -9.95 44.74
N PHE A 361 -36.87 -9.02 44.28
CA PHE A 361 -36.80 -7.70 44.96
C PHE A 361 -38.03 -6.84 44.62
N LEU A 362 -38.24 -6.54 43.35
CA LEU A 362 -39.32 -5.56 42.99
C LEU A 362 -40.67 -6.24 42.73
N ARG A 363 -40.72 -7.57 42.87
CA ARG A 363 -41.98 -8.36 42.71
C ARG A 363 -42.77 -7.91 41.48
N ASN A 364 -42.06 -7.52 40.44
CA ASN A 364 -42.72 -7.05 39.19
C ASN A 364 -42.38 -8.05 38.08
N ILE A 365 -43.35 -8.88 37.69
CA ILE A 365 -43.10 -9.81 36.57
C ILE A 365 -42.74 -9.03 35.29
N PRO A 366 -43.42 -7.91 34.93
CA PRO A 366 -42.94 -7.12 33.81
C PRO A 366 -41.49 -6.70 33.95
N ALA A 367 -41.08 -6.31 35.14
CA ALA A 367 -39.65 -5.97 35.36
C ALA A 367 -38.77 -7.22 35.26
N THR A 368 -39.38 -8.41 35.28
CA THR A 368 -38.60 -9.66 35.11
C THR A 368 -38.48 -10.03 33.64
N ILE A 369 -39.48 -9.70 32.81
CA ILE A 369 -39.34 -10.06 31.38
C ILE A 369 -38.27 -9.22 30.68
N ILE A 370 -38.11 -7.97 31.09
CA ILE A 370 -37.20 -7.04 30.36
C ILE A 370 -35.75 -7.53 30.32
N PRO A 371 -35.10 -7.85 31.45
CA PRO A 371 -33.67 -8.16 31.40
C PRO A 371 -33.31 -9.39 30.57
N GLY A 372 -34.03 -10.49 30.79
CA GLY A 372 -33.67 -11.77 30.13
C GLY A 372 -33.70 -11.69 28.62
N VAL A 373 -34.37 -10.69 28.07
CA VAL A 373 -34.37 -10.50 26.59
C VAL A 373 -33.46 -9.31 26.24
N ALA A 374 -33.46 -8.25 27.06
CA ALA A 374 -32.70 -7.05 26.68
C ALA A 374 -31.21 -7.29 26.71
N VAL A 375 -30.74 -7.87 27.79
CA VAL A 375 -29.27 -8.07 27.96
C VAL A 375 -28.71 -8.99 26.87
N PRO A 376 -29.28 -10.18 26.58
CA PRO A 376 -28.79 -10.96 25.45
C PRO A 376 -28.92 -10.21 24.12
N LEU A 377 -30.00 -9.44 23.98
CA LEU A 377 -30.19 -8.66 22.73
C LEU A 377 -29.07 -7.63 22.59
N SER A 378 -28.74 -6.94 23.68
CA SER A 378 -27.68 -5.91 23.58
C SER A 378 -26.32 -6.56 23.34
N LEU A 379 -26.03 -7.60 24.11
CA LEU A 379 -24.68 -8.23 24.03
C LEU A 379 -24.49 -8.94 22.68
N ILE A 380 -25.48 -9.71 22.25
CA ILE A 380 -25.35 -10.40 20.95
C ILE A 380 -25.37 -9.34 19.83
N GLY A 381 -26.21 -8.32 19.95
CA GLY A 381 -26.28 -7.29 18.91
C GLY A 381 -25.15 -6.28 18.99
N THR A 382 -24.25 -6.41 19.98
CA THR A 382 -23.22 -5.40 20.14
C THR A 382 -22.25 -5.39 18.96
N PHE A 383 -21.93 -6.56 18.42
CA PHE A 383 -20.84 -6.59 17.42
C PHE A 383 -21.25 -5.94 16.12
N ALA A 384 -22.52 -5.59 15.99
CA ALA A 384 -23.02 -5.04 14.70
C ALA A 384 -22.25 -3.77 14.34
N VAL A 385 -22.06 -2.88 15.31
CA VAL A 385 -21.24 -1.67 15.04
C VAL A 385 -19.76 -2.06 14.90
N MET A 386 -19.36 -3.16 15.54
CA MET A 386 -17.94 -3.59 15.48
C MET A 386 -17.57 -4.00 14.06
N VAL A 387 -18.56 -4.27 13.22
CA VAL A 387 -18.25 -4.72 11.84
C VAL A 387 -17.45 -3.63 11.11
N PHE A 388 -17.90 -2.40 11.23
CA PHE A 388 -17.19 -1.28 10.58
C PHE A 388 -15.78 -1.12 11.14
N LEU A 389 -15.53 -1.61 12.35
CA LEU A 389 -14.19 -1.45 12.99
C LEU A 389 -13.28 -2.59 12.55
N ASP A 390 -13.85 -3.73 12.20
CA ASP A 390 -13.05 -4.86 11.65
C ASP A 390 -12.03 -5.36 12.67
N PHE A 391 -12.36 -5.29 13.95
CA PHE A 391 -11.49 -5.92 14.97
C PHE A 391 -11.91 -7.36 15.21
N SER A 392 -11.00 -8.13 15.80
CA SER A 392 -11.20 -9.58 15.96
C SER A 392 -11.45 -9.89 17.43
N ILE A 393 -12.47 -10.70 17.68
CA ILE A 393 -12.73 -11.14 19.07
C ILE A 393 -11.58 -12.05 19.49
N ASN A 394 -11.03 -11.75 20.65
CA ASN A 394 -9.91 -12.58 21.17
C ASN A 394 -10.06 -12.70 22.69
N ASN A 395 -9.00 -13.18 23.34
CA ASN A 395 -9.05 -13.30 24.81
C ASN A 395 -9.26 -11.92 25.44
N LEU A 396 -8.55 -10.92 24.92
CA LEU A 396 -8.74 -9.54 25.45
C LEU A 396 -10.20 -9.11 25.23
N THR A 397 -10.72 -9.34 24.04
CA THR A 397 -12.12 -9.00 23.79
C THR A 397 -13.02 -9.83 24.69
N LEU A 398 -12.62 -11.06 24.96
CA LEU A 398 -13.46 -11.96 25.79
C LEU A 398 -13.61 -11.35 27.18
N MET A 399 -12.48 -11.01 27.80
CA MET A 399 -12.55 -10.45 29.18
C MET A 399 -13.21 -9.07 29.13
N ALA A 400 -13.01 -8.33 28.04
CA ALA A 400 -13.65 -7.01 27.91
C ALA A 400 -15.17 -7.18 27.95
N LEU A 401 -15.67 -8.14 27.19
CA LEU A 401 -17.14 -8.36 27.16
C LEU A 401 -17.58 -8.85 28.54
N THR A 402 -16.78 -9.72 29.17
CA THR A 402 -17.16 -10.28 30.47
C THR A 402 -17.33 -9.15 31.47
N ILE A 403 -16.42 -8.19 31.46
CA ILE A 403 -16.54 -7.06 32.42
C ILE A 403 -17.67 -6.14 31.96
N ALA A 404 -17.77 -5.92 30.65
CA ALA A 404 -18.76 -4.93 30.17
C ALA A 404 -20.19 -5.45 30.31
N THR A 405 -20.36 -6.71 30.70
CA THR A 405 -21.73 -7.20 30.94
C THR A 405 -22.40 -6.27 31.95
N GLY A 406 -21.68 -5.91 33.00
CA GLY A 406 -22.30 -5.08 34.04
C GLY A 406 -22.61 -3.71 33.49
N PHE A 407 -21.70 -3.15 32.71
CA PHE A 407 -21.93 -1.80 32.16
C PHE A 407 -23.16 -1.81 31.28
N VAL A 408 -23.30 -2.86 30.47
CA VAL A 408 -24.49 -2.96 29.57
C VAL A 408 -25.75 -3.12 30.43
N VAL A 409 -25.67 -3.93 31.48
CA VAL A 409 -26.89 -4.18 32.31
C VAL A 409 -27.24 -2.90 33.08
N ASP A 410 -26.27 -2.02 33.31
CA ASP A 410 -26.56 -0.85 34.15
C ASP A 410 -27.57 0.08 33.49
N ASP A 411 -27.53 0.18 32.17
CA ASP A 411 -28.47 1.08 31.46
C ASP A 411 -29.90 0.54 31.61
N ALA A 412 -30.08 -0.75 31.42
CA ALA A 412 -31.40 -1.35 31.70
C ALA A 412 -31.75 -1.10 33.18
N ILE A 413 -30.74 -1.12 34.05
CA ILE A 413 -31.02 -0.93 35.49
C ILE A 413 -31.60 0.47 35.70
N VAL A 414 -30.99 1.46 35.08
CA VAL A 414 -31.42 2.85 35.38
C VAL A 414 -32.79 3.13 34.73
N VAL A 415 -33.01 2.60 33.55
CA VAL A 415 -34.33 2.86 32.92
C VAL A 415 -35.43 2.12 33.72
N ILE A 416 -35.15 0.89 34.15
CA ILE A 416 -36.14 0.15 34.96
C ILE A 416 -36.29 0.87 36.30
N GLU A 417 -35.21 1.47 36.76
CA GLU A 417 -35.26 2.25 38.02
C GLU A 417 -36.28 3.39 37.90
N ASN A 418 -36.15 4.20 36.85
CA ASN A 418 -37.11 5.32 36.67
C ASN A 418 -38.53 4.77 36.48
N ILE A 419 -38.68 3.71 35.69
CA ILE A 419 -40.05 3.21 35.40
C ILE A 419 -40.66 2.62 36.68
N SER A 420 -39.86 1.93 37.48
CA SER A 420 -40.37 1.40 38.75
C SER A 420 -40.72 2.54 39.70
N ARG A 421 -39.90 3.59 39.68
CA ARG A 421 -40.22 4.78 40.51
C ARG A 421 -41.60 5.32 40.13
N TYR A 422 -41.88 5.42 38.83
CA TYR A 422 -43.20 5.96 38.42
C TYR A 422 -44.29 4.89 38.43
N ILE A 423 -43.93 3.65 38.73
CA ILE A 423 -45.00 2.62 38.85
C ILE A 423 -45.43 2.44 40.31
N GLU A 424 -44.48 2.48 41.24
CA GLU A 424 -44.83 2.14 42.65
C GLU A 424 -45.85 3.10 43.24
N LYS A 425 -45.67 4.40 43.05
CA LYS A 425 -46.56 5.37 43.73
C LYS A 425 -47.99 5.28 43.19
N GLY A 426 -48.18 4.84 41.95
CA GLY A 426 -49.55 4.66 41.44
C GLY A 426 -50.01 5.79 40.55
N GLU A 427 -49.16 6.23 39.64
CA GLU A 427 -49.59 7.28 38.69
C GLU A 427 -50.20 6.64 37.43
N LYS A 428 -50.77 7.47 36.56
CA LYS A 428 -51.39 6.95 35.32
C LYS A 428 -50.30 6.33 34.46
N PRO A 429 -50.49 5.09 33.96
CA PRO A 429 -49.40 4.39 33.30
C PRO A 429 -48.67 5.15 32.18
N LEU A 430 -49.40 5.52 31.12
CA LEU A 430 -48.73 6.17 29.97
C LEU A 430 -48.18 7.53 30.41
N ALA A 431 -48.95 8.26 31.21
CA ALA A 431 -48.49 9.59 31.67
C ALA A 431 -47.26 9.46 32.57
N ALA A 432 -47.29 8.48 33.47
CA ALA A 432 -46.13 8.27 34.37
C ALA A 432 -44.88 7.91 33.56
N ALA A 433 -45.00 7.00 32.62
CA ALA A 433 -43.84 6.61 31.80
C ALA A 433 -43.32 7.81 31.01
N LEU A 434 -44.22 8.55 30.36
CA LEU A 434 -43.79 9.73 29.57
C LEU A 434 -43.10 10.76 30.44
N LYS A 435 -43.71 11.10 31.57
CA LYS A 435 -43.11 12.13 32.44
C LYS A 435 -41.75 11.66 33.01
N GLY A 436 -41.66 10.39 33.40
CA GLY A 436 -40.37 9.88 33.91
C GLY A 436 -39.29 9.91 32.84
N ALA A 437 -39.62 9.45 31.65
CA ALA A 437 -38.62 9.51 30.55
C ALA A 437 -38.20 10.96 30.31
N GLY A 438 -39.17 11.88 30.34
CA GLY A 438 -38.83 13.29 30.10
C GLY A 438 -37.93 13.85 31.19
N GLU A 439 -38.20 13.49 32.44
CA GLU A 439 -37.42 14.12 33.53
C GLU A 439 -36.02 13.51 33.69
N ILE A 440 -35.86 12.22 33.38
CA ILE A 440 -34.53 11.60 33.66
C ILE A 440 -33.80 11.26 32.35
N GLY A 441 -34.33 11.68 31.21
CA GLY A 441 -33.58 11.44 29.95
C GLY A 441 -32.25 12.20 29.96
N PHE A 442 -32.22 13.37 30.60
CA PHE A 442 -30.97 14.16 30.64
C PHE A 442 -29.92 13.46 31.46
N THR A 443 -30.34 12.80 32.54
CA THR A 443 -29.35 12.16 33.46
C THR A 443 -28.61 11.03 32.77
N ILE A 444 -29.34 10.17 32.07
CA ILE A 444 -28.69 8.99 31.46
C ILE A 444 -27.65 9.45 30.42
N ILE A 445 -28.03 10.41 29.60
CA ILE A 445 -27.08 10.88 28.56
C ILE A 445 -25.94 11.62 29.27
N SER A 446 -26.23 12.21 30.42
CA SER A 446 -25.16 12.88 31.19
C SER A 446 -24.08 11.86 31.58
N LEU A 447 -24.50 10.75 32.20
CA LEU A 447 -23.49 9.75 32.62
C LEU A 447 -22.88 9.10 31.38
N THR A 448 -23.63 8.99 30.30
CA THR A 448 -23.08 8.36 29.08
C THR A 448 -21.94 9.23 28.55
N PHE A 449 -22.17 10.53 28.52
CA PHE A 449 -21.12 11.43 27.99
C PHE A 449 -19.94 11.49 28.95
N SER A 450 -20.22 11.53 30.26
CA SER A 450 -19.12 11.69 31.25
C SER A 450 -18.32 10.38 31.37
N LEU A 451 -18.95 9.23 31.14
CA LEU A 451 -18.23 7.96 31.33
C LEU A 451 -17.11 7.83 30.29
N ILE A 452 -17.39 8.25 29.07
CA ILE A 452 -16.38 8.03 27.99
C ILE A 452 -15.13 8.87 28.30
N ALA A 453 -15.30 9.92 29.10
CA ALA A 453 -14.16 10.81 29.41
C ALA A 453 -13.03 10.01 30.05
N VAL A 454 -13.34 8.90 30.72
CA VAL A 454 -12.26 8.05 31.24
C VAL A 454 -11.56 7.40 30.04
N LEU A 455 -12.34 6.93 29.08
CA LEU A 455 -11.73 6.17 27.95
C LEU A 455 -11.26 7.09 26.83
N ILE A 456 -11.59 8.38 26.90
CA ILE A 456 -11.20 9.30 25.81
C ILE A 456 -9.66 9.38 25.71
N PRO A 457 -8.87 9.54 26.80
CA PRO A 457 -7.44 9.55 26.64
C PRO A 457 -6.80 8.18 26.45
N LEU A 458 -7.36 7.13 27.06
CA LEU A 458 -6.65 5.83 27.09
C LEU A 458 -6.35 5.29 25.70
N LEU A 459 -7.29 5.43 24.78
CA LEU A 459 -7.10 4.82 23.44
C LEU A 459 -6.00 5.54 22.65
N PHE A 460 -5.52 6.67 23.13
CA PHE A 460 -4.52 7.44 22.35
C PHE A 460 -3.11 7.15 22.82
N MET A 461 -2.95 6.36 23.88
CA MET A 461 -1.55 6.00 24.25
C MET A 461 -0.96 5.06 23.20
N GLY A 462 0.33 5.22 22.94
CA GLY A 462 0.97 4.39 21.91
C GLY A 462 1.64 3.16 22.49
N ASP A 463 2.60 2.62 21.73
CA ASP A 463 3.35 1.42 22.19
C ASP A 463 2.47 0.18 22.25
N ILE A 464 3.08 -0.95 22.54
CA ILE A 464 2.36 -2.24 22.47
C ILE A 464 1.22 -2.24 23.47
N VAL A 465 1.45 -1.71 24.66
CA VAL A 465 0.38 -1.70 25.69
C VAL A 465 -0.80 -0.85 25.17
N GLY A 466 -0.49 0.29 24.57
CA GLY A 466 -1.57 1.12 24.02
C GLY A 466 -2.36 0.39 22.93
N ARG A 467 -1.66 -0.26 22.02
CA ARG A 467 -2.38 -1.00 20.95
C ARG A 467 -3.22 -2.13 21.56
N LEU A 468 -2.65 -2.85 22.53
CA LEU A 468 -3.40 -4.03 23.03
C LEU A 468 -4.55 -3.61 23.95
N PHE A 469 -4.52 -2.39 24.47
CA PHE A 469 -5.69 -1.92 25.24
C PHE A 469 -6.65 -1.12 24.37
N ARG A 470 -6.26 -0.78 23.14
CA ARG A 470 -7.18 -0.04 22.25
C ARG A 470 -8.44 -0.89 21.99
N GLU A 471 -8.22 -2.16 21.75
CA GLU A 471 -9.39 -3.03 21.44
C GLU A 471 -10.32 -3.08 22.65
N PHE A 472 -9.75 -3.21 23.83
CA PHE A 472 -10.58 -3.27 25.06
C PHE A 472 -11.33 -1.96 25.21
N ALA A 473 -10.64 -0.86 25.01
CA ALA A 473 -11.27 0.46 25.23
C ALA A 473 -12.47 0.65 24.29
N ILE A 474 -12.27 0.39 23.00
CA ILE A 474 -13.38 0.73 22.08
C ILE A 474 -14.46 -0.34 22.17
N THR A 475 -14.08 -1.54 22.56
CA THR A 475 -15.13 -2.56 22.74
C THR A 475 -16.03 -2.13 23.88
N LEU A 476 -15.44 -1.66 24.97
CA LEU A 476 -16.25 -1.21 26.13
C LEU A 476 -17.11 -0.02 25.68
N ALA A 477 -16.52 0.89 24.91
CA ALA A 477 -17.26 2.09 24.50
C ALA A 477 -18.46 1.70 23.65
N VAL A 478 -18.23 0.79 22.72
CA VAL A 478 -19.34 0.42 21.79
C VAL A 478 -20.43 -0.30 22.59
N ALA A 479 -20.02 -1.17 23.52
CA ALA A 479 -21.03 -1.85 24.36
C ALA A 479 -21.86 -0.82 25.13
N ILE A 480 -21.19 0.20 25.68
CA ILE A 480 -21.91 1.21 26.49
C ILE A 480 -22.86 2.00 25.57
N LEU A 481 -22.40 2.35 24.40
CA LEU A 481 -23.25 3.18 23.53
C LEU A 481 -24.49 2.38 23.09
N ILE A 482 -24.26 1.13 22.70
CA ILE A 482 -25.38 0.30 22.20
C ILE A 482 -26.36 0.03 23.37
N SER A 483 -25.82 -0.20 24.56
CA SER A 483 -26.71 -0.39 25.73
C SER A 483 -27.53 0.88 25.98
N ALA A 484 -26.90 2.05 25.82
CA ALA A 484 -27.64 3.31 26.05
C ALA A 484 -28.76 3.44 25.03
N VAL A 485 -28.43 3.13 23.79
CA VAL A 485 -29.45 3.30 22.73
C VAL A 485 -30.60 2.33 22.99
N VAL A 486 -30.27 1.09 23.35
CA VAL A 486 -31.33 0.09 23.63
C VAL A 486 -32.16 0.55 24.84
N SER A 487 -31.51 1.11 25.84
CA SER A 487 -32.24 1.55 27.05
C SER A 487 -33.21 2.68 26.70
N LEU A 488 -32.76 3.62 25.88
CA LEU A 488 -33.65 4.78 25.60
C LEU A 488 -34.67 4.43 24.52
N THR A 489 -34.49 3.32 23.80
CA THR A 489 -35.42 3.01 22.67
C THR A 489 -36.38 1.89 23.03
N LEU A 490 -35.86 0.73 23.42
CA LEU A 490 -36.74 -0.45 23.60
C LEU A 490 -37.49 -0.39 24.94
N THR A 491 -36.77 -0.15 26.03
CA THR A 491 -37.42 -0.18 27.36
C THR A 491 -38.55 0.81 27.47
N PRO A 492 -38.48 2.07 26.99
CA PRO A 492 -39.65 2.94 27.13
C PRO A 492 -40.91 2.37 26.49
N MET A 493 -40.77 1.72 25.34
CA MET A 493 -41.96 1.13 24.68
C MET A 493 -42.46 -0.10 25.45
N MET A 494 -41.55 -0.98 25.85
CA MET A 494 -41.98 -2.20 26.56
C MET A 494 -42.69 -1.80 27.86
N CYS A 495 -42.14 -0.81 28.56
CA CYS A 495 -42.71 -0.31 29.85
C CYS A 495 -43.85 0.68 29.62
N ALA A 496 -44.10 1.10 28.38
CA ALA A 496 -45.31 1.90 28.09
C ALA A 496 -46.42 0.99 27.54
N ARG A 497 -46.08 -0.26 27.19
CA ARG A 497 -47.09 -1.19 26.61
C ARG A 497 -47.58 -2.22 27.63
N MET A 498 -46.74 -2.75 28.50
CA MET A 498 -47.18 -3.91 29.33
C MET A 498 -47.76 -3.46 30.68
N LEU A 499 -47.92 -2.17 30.90
CA LEU A 499 -48.24 -1.65 32.25
C LEU A 499 -49.37 -2.40 32.94
N SER A 500 -49.12 -2.79 34.19
CA SER A 500 -50.19 -3.46 34.96
C SER A 500 -49.99 -3.16 36.44
N GLN A 501 -51.00 -3.47 37.24
CA GLN A 501 -50.88 -3.25 38.70
C GLN A 501 -51.02 -4.57 39.48
N GLU A 502 -51.11 -5.69 38.78
CA GLU A 502 -51.23 -7.00 39.46
C GLU A 502 -49.94 -7.32 40.26
N SER A 503 -48.78 -6.86 39.80
CA SER A 503 -47.52 -7.16 40.51
C SER A 503 -47.57 -6.57 41.92
N LEU A 504 -48.02 -5.33 42.02
CA LEU A 504 -48.22 -4.75 43.38
C LEU A 504 -49.43 -5.43 44.06
N ARG A 505 -50.43 -5.80 43.27
CA ARG A 505 -51.61 -6.46 43.87
C ARG A 505 -51.23 -7.87 44.35
N LYS A 506 -50.32 -8.53 43.64
CA LYS A 506 -49.96 -9.92 44.01
C LYS A 506 -48.79 -9.86 44.97
N GLN A 507 -48.94 -10.52 46.11
CA GLN A 507 -47.87 -10.51 47.13
C GLN A 507 -47.61 -11.94 47.56
N ASN A 508 -46.34 -12.30 47.58
CA ASN A 508 -45.94 -13.66 48.00
C ASN A 508 -45.12 -13.57 49.29
N ARG A 509 -44.88 -14.72 49.89
CA ARG A 509 -44.08 -14.75 51.13
C ARG A 509 -42.65 -14.28 50.84
N PHE A 510 -42.08 -14.72 49.71
CA PHE A 510 -40.73 -14.24 49.37
C PHE A 510 -40.76 -12.76 49.12
N SER A 511 -41.77 -12.30 48.38
CA SER A 511 -41.92 -10.84 48.13
C SER A 511 -42.16 -10.08 49.45
N ARG A 512 -42.96 -10.67 50.35
CA ARG A 512 -43.19 -10.03 51.67
C ARG A 512 -41.87 -9.87 52.40
N ALA A 513 -41.08 -10.94 52.44
CA ALA A 513 -39.76 -10.87 53.10
C ALA A 513 -38.91 -9.82 52.39
N SER A 514 -39.00 -9.76 51.07
CA SER A 514 -38.13 -8.84 50.31
C SER A 514 -38.43 -7.40 50.70
N GLU A 515 -39.69 -6.99 50.62
CA GLU A 515 -39.90 -5.55 50.92
C GLU A 515 -39.82 -5.28 52.42
N LYS A 516 -39.95 -6.31 53.27
CA LYS A 516 -39.77 -6.05 54.73
C LYS A 516 -38.27 -5.84 55.00
N MET A 517 -37.41 -6.65 54.37
CA MET A 517 -35.98 -6.29 54.38
C MET A 517 -35.85 -4.84 53.86
N PHE A 518 -36.60 -4.48 52.82
CA PHE A 518 -36.41 -3.13 52.22
C PHE A 518 -36.71 -2.03 53.23
N ASP A 519 -37.84 -2.11 53.93
CA ASP A 519 -38.12 -0.99 54.87
C ASP A 519 -37.19 -1.04 56.09
N ARG A 520 -36.86 -2.23 56.59
CA ARG A 520 -35.95 -2.21 57.77
C ARG A 520 -34.57 -1.67 57.39
N ILE A 521 -34.09 -2.02 56.19
CA ILE A 521 -32.78 -1.48 55.74
C ILE A 521 -32.92 0.03 55.48
N ILE A 522 -34.07 0.47 54.96
CA ILE A 522 -34.27 1.95 54.82
C ILE A 522 -34.16 2.59 56.20
N ALA A 523 -34.77 2.00 57.22
CA ALA A 523 -34.76 2.62 58.56
C ALA A 523 -33.32 2.65 59.09
N ALA A 524 -32.58 1.55 58.94
CA ALA A 524 -31.20 1.51 59.47
C ALA A 524 -30.35 2.54 58.74
N TYR A 525 -30.46 2.56 57.41
CA TYR A 525 -29.69 3.54 56.60
C TYR A 525 -30.07 4.95 56.98
N GLY A 526 -31.35 5.14 57.31
CA GLY A 526 -31.84 6.48 57.66
C GLY A 526 -31.29 6.96 58.98
N ARG A 527 -31.29 6.11 60.00
CA ARG A 527 -30.67 6.60 61.26
C ARG A 527 -29.16 6.77 61.06
N GLY A 528 -28.56 5.94 60.21
CA GLY A 528 -27.13 6.12 59.93
C GLY A 528 -26.83 7.51 59.38
N LEU A 529 -27.53 7.90 58.32
CA LEU A 529 -27.31 9.27 57.79
C LEU A 529 -27.77 10.33 58.79
N ALA A 530 -28.84 10.07 59.53
CA ALA A 530 -29.35 11.09 60.46
C ALA A 530 -28.28 11.42 61.49
N LYS A 531 -27.52 10.41 61.93
CA LYS A 531 -26.42 10.73 62.87
C LYS A 531 -25.21 11.25 62.11
N VAL A 532 -25.01 10.80 60.88
CA VAL A 532 -23.74 11.17 60.18
C VAL A 532 -23.76 12.62 59.69
N LEU A 533 -24.90 13.08 59.16
CA LEU A 533 -24.91 14.36 58.41
C LEU A 533 -24.59 15.62 59.19
N ASN A 534 -24.22 15.52 60.44
CA ASN A 534 -24.04 16.74 61.26
C ASN A 534 -22.58 17.17 61.42
N HIS A 535 -21.61 16.26 61.26
CA HIS A 535 -20.19 16.62 61.55
C HIS A 535 -19.32 16.18 60.39
N PRO A 536 -19.05 17.08 59.42
CA PRO A 536 -18.17 16.74 58.32
C PRO A 536 -16.68 16.70 58.67
N TRP A 537 -16.32 17.05 59.91
CA TRP A 537 -14.89 17.10 60.26
C TRP A 537 -14.28 15.69 60.20
N LEU A 538 -14.97 14.68 60.72
CA LEU A 538 -14.42 13.31 60.69
C LEU A 538 -14.29 12.82 59.24
N THR A 539 -15.24 13.21 58.39
CA THR A 539 -15.15 12.83 56.97
C THR A 539 -13.98 13.53 56.32
N LEU A 540 -13.76 14.79 56.64
CA LEU A 540 -12.59 15.50 56.07
C LEU A 540 -11.29 14.84 56.54
N SER A 541 -11.22 14.48 57.82
CA SER A 541 -10.00 13.83 58.35
C SER A 541 -9.78 12.49 57.63
N VAL A 542 -10.84 11.70 57.46
CA VAL A 542 -10.64 10.38 56.82
C VAL A 542 -10.39 10.57 55.32
N ALA A 543 -10.82 11.69 54.75
CA ALA A 543 -10.54 11.91 53.32
C ALA A 543 -9.07 12.30 53.15
N LEU A 544 -8.56 13.13 54.03
CA LEU A 544 -7.12 13.48 53.96
C LEU A 544 -6.29 12.21 54.21
N SER A 545 -6.70 11.40 55.18
CA SER A 545 -6.02 10.09 55.40
C SER A 545 -6.16 9.22 54.16
N THR A 546 -7.29 9.31 53.46
CA THR A 546 -7.50 8.49 52.26
C THR A 546 -6.50 8.88 51.19
N LEU A 547 -6.33 10.17 50.98
CA LEU A 547 -5.34 10.62 49.97
C LEU A 547 -3.91 10.21 50.37
N LEU A 548 -3.56 10.43 51.64
CA LEU A 548 -2.19 10.08 52.08
C LEU A 548 -1.96 8.57 51.94
N LEU A 549 -2.96 7.78 52.31
CA LEU A 549 -2.78 6.31 52.24
C LEU A 549 -2.84 5.88 50.79
N SER A 550 -3.52 6.64 49.95
CA SER A 550 -3.49 6.33 48.51
C SER A 550 -2.03 6.40 48.03
N VAL A 551 -1.38 7.51 48.36
CA VAL A 551 0.03 7.68 47.93
C VAL A 551 0.90 6.58 48.57
N LEU A 552 0.70 6.34 49.86
CA LEU A 552 1.54 5.36 50.58
C LEU A 552 1.36 3.96 49.99
N LEU A 553 0.11 3.58 49.70
CA LEU A 553 -0.11 2.21 49.19
C LEU A 553 0.39 2.11 47.75
N TRP A 554 0.16 3.16 46.96
CA TRP A 554 0.63 3.11 45.56
C TRP A 554 2.13 2.92 45.53
N VAL A 555 2.82 3.54 46.50
CA VAL A 555 4.29 3.30 46.58
C VAL A 555 4.52 1.88 47.12
N PHE A 556 3.69 1.43 48.06
CA PHE A 556 4.00 0.14 48.74
C PHE A 556 3.66 -1.09 47.94
N ILE A 557 2.64 -1.02 47.11
CA ILE A 557 2.17 -2.27 46.46
C ILE A 557 3.18 -2.77 45.44
N PRO A 558 3.52 -4.07 45.44
CA PRO A 558 4.32 -4.62 44.37
C PRO A 558 3.63 -4.55 43.04
N LYS A 559 4.40 -4.34 41.98
CA LYS A 559 3.84 -4.17 40.64
C LYS A 559 4.03 -5.41 39.79
N GLY A 560 3.40 -5.40 38.63
CA GLY A 560 3.56 -6.54 37.70
C GLY A 560 3.35 -6.06 36.28
N PHE A 561 3.99 -6.73 35.32
CA PHE A 561 3.89 -6.31 33.90
C PHE A 561 2.83 -7.13 33.18
N PHE A 562 3.01 -8.44 33.11
CA PHE A 562 1.97 -9.34 32.53
C PHE A 562 1.96 -10.59 33.40
N PRO A 563 0.85 -11.31 33.47
CA PRO A 563 0.79 -12.51 34.28
C PRO A 563 1.08 -13.79 33.56
N VAL A 564 1.35 -14.84 34.33
CA VAL A 564 1.74 -16.14 33.74
C VAL A 564 0.49 -16.96 33.54
N GLN A 565 0.48 -17.79 32.50
CA GLN A 565 -0.72 -18.59 32.18
C GLN A 565 -0.33 -20.05 31.95
N ASP A 566 -1.25 -20.96 32.31
CA ASP A 566 -0.99 -22.42 32.18
C ASP A 566 -1.85 -22.92 31.03
N ASN A 567 -1.28 -22.94 29.83
CA ASN A 567 -2.05 -23.45 28.68
C ASN A 567 -1.86 -24.95 28.52
N GLY A 568 -0.69 -25.46 28.91
CA GLY A 568 -0.47 -26.91 28.85
C GLY A 568 0.80 -27.35 28.14
N ILE A 569 1.64 -26.41 27.70
CA ILE A 569 2.92 -26.78 27.05
C ILE A 569 4.09 -26.20 27.83
N ILE A 570 5.18 -26.93 27.85
CA ILE A 570 6.43 -26.43 28.49
C ILE A 570 7.56 -26.59 27.47
N GLN A 571 8.33 -25.52 27.26
CA GLN A 571 9.47 -25.56 26.33
C GLN A 571 10.76 -25.57 27.15
N GLY A 572 11.57 -26.59 26.93
CA GLY A 572 12.82 -26.72 27.69
C GLY A 572 14.01 -26.84 26.78
N THR A 573 15.19 -26.54 27.33
CA THR A 573 16.43 -26.62 26.55
C THR A 573 17.36 -27.62 27.20
N LEU A 574 17.94 -28.50 26.38
CA LEU A 574 18.88 -29.52 26.89
C LEU A 574 20.31 -29.05 26.58
N GLN A 575 21.17 -29.10 27.60
CA GLN A 575 22.57 -28.71 27.41
C GLN A 575 23.47 -29.96 27.44
N ALA A 576 24.49 -29.98 26.59
CA ALA A 576 25.40 -31.14 26.47
C ALA A 576 26.83 -30.63 26.51
N PRO A 577 27.80 -31.47 26.90
CA PRO A 577 29.19 -31.02 26.95
C PRO A 577 29.69 -30.48 25.62
N GLN A 578 30.82 -29.79 25.66
CA GLN A 578 31.35 -29.16 24.42
C GLN A 578 31.75 -30.23 23.40
N SER A 579 32.27 -31.35 23.87
CA SER A 579 32.77 -32.40 22.95
C SER A 579 31.65 -33.30 22.42
N SER A 580 30.43 -32.81 22.45
CA SER A 580 29.30 -33.70 22.05
C SER A 580 29.25 -33.91 20.54
N SER A 581 28.67 -35.03 20.14
CA SER A 581 28.49 -35.38 18.72
C SER A 581 27.03 -35.78 18.49
N PHE A 582 26.73 -36.31 17.31
CA PHE A 582 25.34 -36.70 17.01
C PHE A 582 24.95 -37.99 17.74
N ALA A 583 25.82 -38.97 17.77
CA ALA A 583 25.46 -40.25 18.40
C ALA A 583 25.21 -40.02 19.89
N ASN A 584 26.13 -39.33 20.54
CA ASN A 584 26.00 -39.08 22.00
C ASN A 584 24.75 -38.25 22.31
N MET A 585 24.54 -37.16 21.58
CA MET A 585 23.37 -36.30 21.86
C MET A 585 22.06 -37.07 21.58
N ALA A 586 22.04 -37.87 20.53
CA ALA A 586 20.83 -38.66 20.22
C ALA A 586 20.56 -39.69 21.33
N GLN A 587 21.61 -40.37 21.78
CA GLN A 587 21.40 -41.37 22.85
C GLN A 587 20.96 -40.67 24.15
N ARG A 588 21.51 -39.49 24.43
CA ARG A 588 21.09 -38.76 25.65
C ARG A 588 19.63 -38.32 25.52
N GLN A 589 19.24 -37.85 24.34
CA GLN A 589 17.83 -37.47 24.12
C GLN A 589 16.94 -38.69 24.33
N ARG A 590 17.35 -39.84 23.81
CA ARG A 590 16.56 -41.08 24.01
C ARG A 590 16.44 -41.41 25.50
N GLN A 591 17.52 -41.25 26.26
CA GLN A 591 17.47 -41.56 27.72
C GLN A 591 16.53 -40.58 28.44
N VAL A 592 16.63 -39.30 28.12
CA VAL A 592 15.72 -38.33 28.79
C VAL A 592 14.28 -38.65 28.41
N ALA A 593 14.04 -38.88 27.13
CA ALA A 593 12.67 -39.22 26.69
C ALA A 593 12.16 -40.47 27.42
N ASP A 594 13.07 -41.38 27.73
CA ASP A 594 12.67 -42.56 28.54
C ASP A 594 12.37 -42.11 29.97
N VAL A 595 13.01 -41.05 30.42
CA VAL A 595 12.85 -40.62 31.85
C VAL A 595 11.66 -39.68 32.02
N ILE A 596 11.51 -38.68 31.15
CA ILE A 596 10.44 -37.68 31.35
C ILE A 596 9.05 -38.32 31.13
N LEU A 597 8.93 -39.18 30.14
CA LEU A 597 7.61 -39.79 29.85
C LEU A 597 7.11 -40.63 31.03
N GLN A 598 7.96 -40.97 31.97
CA GLN A 598 7.53 -41.81 33.10
C GLN A 598 6.52 -41.03 33.95
N ASP A 599 6.55 -39.70 33.89
CA ASP A 599 5.62 -38.88 34.72
C ASP A 599 4.18 -39.08 34.25
N PRO A 600 3.18 -39.11 35.17
CA PRO A 600 1.81 -39.30 34.72
C PRO A 600 1.18 -38.09 34.06
N ALA A 601 1.66 -36.90 34.42
CA ALA A 601 1.03 -35.66 33.90
C ALA A 601 1.42 -35.40 32.45
N VAL A 602 2.63 -35.81 32.07
CA VAL A 602 3.07 -35.61 30.67
C VAL A 602 2.45 -36.68 29.78
N GLN A 603 2.13 -36.31 28.55
CA GLN A 603 1.45 -37.25 27.64
C GLN A 603 2.24 -37.43 26.34
N SER A 604 3.06 -36.46 25.96
CA SER A 604 3.80 -36.60 24.69
C SER A 604 5.07 -35.74 24.71
N LEU A 605 5.98 -36.04 23.79
CA LEU A 605 7.20 -35.23 23.65
C LEU A 605 7.39 -34.85 22.18
N THR A 606 7.91 -33.65 21.96
CA THR A 606 8.31 -33.23 20.62
C THR A 606 9.72 -32.70 20.73
N SER A 607 10.62 -33.23 19.92
CA SER A 607 12.03 -32.79 20.02
C SER A 607 12.70 -32.90 18.65
N PHE A 608 13.28 -31.80 18.19
CA PHE A 608 14.06 -31.84 16.94
C PHE A 608 15.41 -31.16 17.20
N VAL A 609 16.48 -31.81 16.74
CA VAL A 609 17.85 -31.27 16.96
C VAL A 609 18.53 -31.11 15.62
N GLY A 610 19.73 -30.55 15.65
CA GLY A 610 20.48 -30.34 14.41
C GLY A 610 20.62 -28.89 14.01
N VAL A 611 21.29 -28.68 12.91
CA VAL A 611 21.51 -27.31 12.42
C VAL A 611 20.23 -26.85 11.73
N ASP A 612 19.57 -25.89 12.34
CA ASP A 612 18.38 -25.32 11.69
C ASP A 612 18.31 -23.82 12.00
N GLY A 613 17.23 -23.17 11.60
CA GLY A 613 17.11 -21.73 11.86
C GLY A 613 16.76 -21.41 13.30
N THR A 614 16.51 -22.44 14.12
CA THR A 614 16.03 -22.17 15.49
C THR A 614 17.03 -22.69 16.50
N ASN A 615 17.45 -23.94 16.39
CA ASN A 615 18.36 -24.51 17.40
C ASN A 615 19.68 -23.77 17.38
N PRO A 616 20.35 -23.58 18.53
CA PRO A 616 21.56 -22.76 18.55
C PRO A 616 22.85 -23.44 18.23
N SER A 617 22.96 -24.72 18.53
CA SER A 617 24.22 -25.44 18.29
C SER A 617 23.96 -26.94 18.11
N LEU A 618 25.00 -27.71 17.82
CA LEU A 618 24.86 -29.15 17.58
C LEU A 618 24.47 -29.83 18.89
N ASN A 619 25.15 -29.49 19.97
CA ASN A 619 24.88 -30.18 21.27
C ASN A 619 23.68 -29.60 22.00
N SER A 620 23.20 -28.44 21.57
CA SER A 620 22.08 -27.78 22.26
C SER A 620 20.76 -28.29 21.69
N ALA A 621 19.91 -28.82 22.56
CA ALA A 621 18.62 -29.39 22.12
C ALA A 621 17.49 -28.63 22.78
N ARG A 622 16.47 -28.33 21.98
CA ARG A 622 15.27 -27.64 22.51
C ARG A 622 14.10 -28.64 22.54
N LEU A 623 13.42 -28.68 23.68
CA LEU A 623 12.32 -29.65 23.84
C LEU A 623 11.00 -28.88 23.99
N GLN A 624 9.93 -29.47 23.45
CA GLN A 624 8.58 -28.88 23.58
C GLN A 624 7.71 -29.94 24.27
N ILE A 625 7.51 -29.76 25.57
CA ILE A 625 6.73 -30.76 26.36
C ILE A 625 5.24 -30.41 26.32
N ASN A 626 4.41 -31.44 26.44
CA ASN A 626 2.94 -31.24 26.43
C ASN A 626 2.34 -31.84 27.70
N LEU A 627 1.13 -31.38 28.02
CA LEU A 627 0.43 -31.85 29.23
C LEU A 627 -1.01 -32.21 28.87
N LYS A 628 -1.63 -33.02 29.73
CA LYS A 628 -3.07 -33.33 29.55
C LYS A 628 -3.88 -32.07 29.86
N PRO A 629 -5.11 -31.97 29.31
CA PRO A 629 -5.92 -30.79 29.55
C PRO A 629 -6.38 -30.66 30.99
N LEU A 630 -7.22 -29.68 31.26
CA LEU A 630 -7.57 -29.35 32.65
C LEU A 630 -8.23 -30.53 33.39
N ASP A 631 -9.21 -31.16 32.77
CA ASP A 631 -10.07 -32.09 33.55
C ASP A 631 -9.42 -33.45 33.82
N GLU A 632 -8.15 -33.64 33.50
CA GLU A 632 -7.60 -35.00 33.75
C GLU A 632 -6.36 -34.99 34.66
N ARG A 633 -5.50 -33.99 34.58
CA ARG A 633 -4.34 -34.05 35.50
C ARG A 633 -4.72 -33.41 36.82
N ASP A 634 -3.88 -33.62 37.82
CA ASP A 634 -4.27 -33.23 39.20
C ASP A 634 -3.53 -32.00 39.74
N ASP A 635 -2.42 -31.59 39.15
CA ASP A 635 -1.67 -30.44 39.70
C ASP A 635 -1.52 -29.33 38.66
N ARG A 636 -1.16 -28.15 39.11
CA ARG A 636 -1.07 -26.97 38.24
C ARG A 636 0.33 -26.84 37.63
N VAL A 637 0.65 -25.68 37.06
CA VAL A 637 1.95 -25.53 36.35
C VAL A 637 3.13 -25.56 37.32
N GLN A 638 3.01 -24.87 38.46
CA GLN A 638 4.15 -24.79 39.39
C GLN A 638 4.58 -26.16 39.89
N LYS A 639 3.65 -26.93 40.43
CA LYS A 639 4.07 -28.21 41.05
C LYS A 639 4.45 -29.22 39.97
N VAL A 640 3.75 -29.19 38.85
CA VAL A 640 4.09 -30.14 37.75
C VAL A 640 5.50 -29.85 37.24
N ILE A 641 5.83 -28.57 37.04
CA ILE A 641 7.17 -28.23 36.51
C ILE A 641 8.23 -28.52 37.60
N ALA A 642 7.89 -28.34 38.86
CA ALA A 642 8.85 -28.70 39.93
C ALA A 642 9.13 -30.20 39.90
N ARG A 643 8.09 -31.00 39.79
CA ARG A 643 8.26 -32.48 39.73
C ARG A 643 9.07 -32.84 38.47
N LEU A 644 8.78 -32.18 37.35
CA LEU A 644 9.55 -32.49 36.12
C LEU A 644 11.03 -32.13 36.31
N GLN A 645 11.30 -31.03 37.00
CA GLN A 645 12.72 -30.61 37.17
C GLN A 645 13.46 -31.55 38.13
N THR A 646 12.83 -31.92 39.23
CA THR A 646 13.50 -32.87 40.15
C THR A 646 13.49 -34.28 39.63
N ALA A 647 12.73 -34.55 38.57
CA ALA A 647 12.78 -35.90 37.97
C ALA A 647 14.03 -36.06 37.11
N VAL A 648 14.40 -35.02 36.37
CA VAL A 648 15.55 -35.15 35.43
C VAL A 648 16.89 -34.91 36.10
N ASP A 649 16.91 -34.20 37.21
CA ASP A 649 18.18 -33.92 37.92
C ASP A 649 18.84 -35.23 38.35
N LYS A 650 18.05 -36.24 38.70
CA LYS A 650 18.64 -37.51 39.15
C LYS A 650 19.34 -38.20 37.99
N VAL A 651 18.93 -37.91 36.76
CA VAL A 651 19.51 -38.63 35.59
C VAL A 651 20.96 -38.18 35.41
N PRO A 652 21.92 -39.11 35.30
CA PRO A 652 23.29 -38.68 35.18
C PRO A 652 23.62 -38.05 33.87
N GLY A 653 24.55 -37.11 33.91
CA GLY A 653 25.10 -36.55 32.66
C GLY A 653 24.18 -35.65 31.90
N VAL A 654 23.11 -35.20 32.53
CA VAL A 654 22.15 -34.36 31.77
C VAL A 654 21.77 -33.14 32.59
N ASP A 655 21.34 -32.10 31.91
CA ASP A 655 20.77 -30.92 32.59
C ASP A 655 19.77 -30.27 31.64
N LEU A 656 18.61 -29.86 32.15
CA LEU A 656 17.54 -29.36 31.25
C LEU A 656 16.86 -28.17 31.92
N PHE A 657 16.75 -27.08 31.17
CA PHE A 657 16.25 -25.78 31.73
C PHE A 657 14.80 -25.58 31.30
N LEU A 658 13.87 -25.87 32.22
CA LEU A 658 12.45 -25.66 31.91
C LEU A 658 12.06 -24.22 32.18
N GLN A 659 11.41 -23.57 31.21
CA GLN A 659 10.75 -22.28 31.47
C GLN A 659 9.31 -22.45 30.95
N PRO A 660 8.25 -22.26 31.76
CA PRO A 660 6.92 -22.39 31.25
C PRO A 660 6.61 -21.31 30.24
N THR A 661 6.19 -21.71 29.04
CA THR A 661 5.97 -20.72 27.99
C THR A 661 4.74 -19.93 28.25
N GLN A 662 4.67 -18.76 27.63
CA GLN A 662 3.52 -17.86 27.83
C GLN A 662 2.76 -17.72 26.52
N ASP A 663 1.75 -16.87 26.54
CA ASP A 663 0.93 -16.63 25.33
C ASP A 663 1.33 -15.31 24.67
N LEU A 664 1.28 -14.21 25.41
CA LEU A 664 1.67 -12.90 24.85
C LEU A 664 3.15 -12.69 25.09
N THR A 665 3.93 -12.67 24.02
CA THR A 665 5.39 -12.52 24.14
C THR A 665 5.81 -11.22 23.52
N ILE A 666 6.65 -10.48 24.23
CA ILE A 666 7.17 -9.19 23.70
C ILE A 666 8.66 -9.32 23.35
N ASP A 667 9.43 -10.00 24.20
CA ASP A 667 10.88 -10.13 23.94
C ASP A 667 11.13 -10.95 22.68
N THR A 668 12.16 -10.58 21.92
CA THR A 668 12.48 -11.29 20.67
C THR A 668 13.12 -12.64 20.95
N GLN A 669 13.49 -12.91 22.20
CA GLN A 669 14.14 -14.19 22.53
C GLN A 669 13.38 -14.87 23.66
N VAL A 670 13.54 -16.19 23.75
CA VAL A 670 12.89 -16.95 24.84
C VAL A 670 13.87 -17.04 26.01
N SER A 671 13.47 -16.54 27.16
CA SER A 671 14.38 -16.50 28.32
C SER A 671 14.58 -17.89 28.89
N ARG A 672 15.71 -18.09 29.56
CA ARG A 672 16.02 -19.39 30.17
C ARG A 672 15.82 -19.31 31.68
N THR A 673 16.44 -18.33 32.33
CA THR A 673 16.26 -18.13 33.77
C THR A 673 15.33 -16.96 33.99
N GLN A 674 15.26 -16.48 35.23
CA GLN A 674 14.30 -15.39 35.54
C GLN A 674 14.68 -14.11 34.80
N TYR A 675 15.96 -13.78 34.76
CA TYR A 675 16.39 -12.53 34.12
C TYR A 675 17.59 -12.78 33.22
N GLN A 676 17.75 -11.89 32.24
CA GLN A 676 18.89 -12.02 31.29
C GLN A 676 19.32 -10.62 30.87
N PHE A 677 20.60 -10.52 30.51
CA PHE A 677 21.14 -9.21 30.06
C PHE A 677 22.36 -9.48 29.20
N THR A 678 22.80 -8.42 28.50
CA THR A 678 23.90 -8.56 27.53
C THR A 678 25.08 -7.69 27.91
N LEU A 679 26.28 -8.17 27.56
CA LEU A 679 27.52 -7.42 27.80
C LEU A 679 28.17 -7.17 26.44
N GLN A 680 28.44 -5.91 26.14
CA GLN A 680 29.00 -5.55 24.82
C GLN A 680 30.49 -5.23 24.93
N ALA A 681 31.27 -5.81 24.03
CA ALA A 681 32.71 -5.52 23.98
C ALA A 681 33.08 -5.15 22.55
N THR A 682 34.38 -5.10 22.26
CA THR A 682 34.83 -4.67 20.92
C THR A 682 35.36 -5.81 20.08
N SER A 683 35.98 -6.81 20.69
CA SER A 683 36.62 -7.87 19.87
C SER A 683 36.30 -9.26 20.43
N LEU A 684 36.36 -10.26 19.57
CA LEU A 684 36.09 -11.64 20.00
C LEU A 684 37.18 -12.09 20.97
N ASP A 685 38.43 -11.85 20.65
CA ASP A 685 39.52 -12.43 21.47
C ASP A 685 39.54 -11.82 22.88
N ALA A 686 39.38 -10.52 22.97
CA ALA A 686 39.49 -9.87 24.29
C ALA A 686 38.35 -10.31 25.21
N LEU A 687 37.12 -10.31 24.68
CA LEU A 687 35.98 -10.71 25.53
C LEU A 687 36.11 -12.20 25.84
N SER A 688 36.60 -12.99 24.88
CA SER A 688 36.79 -14.43 25.13
C SER A 688 37.79 -14.64 26.27
N THR A 689 38.91 -13.92 26.23
CA THR A 689 39.93 -14.08 27.28
C THR A 689 39.47 -13.50 28.60
N TRP A 690 38.54 -12.56 28.59
CA TRP A 690 38.01 -12.00 29.85
C TRP A 690 36.67 -12.64 30.25
N VAL A 691 36.26 -13.70 29.56
CA VAL A 691 35.05 -14.44 30.02
C VAL A 691 35.33 -15.07 31.40
N PRO A 692 36.44 -15.78 31.66
CA PRO A 692 36.60 -16.43 32.95
C PRO A 692 36.60 -15.47 34.13
N GLN A 693 37.02 -14.22 33.91
CA GLN A 693 37.07 -13.26 35.04
C GLN A 693 35.68 -13.01 35.60
N LEU A 694 34.70 -12.82 34.71
CA LEU A 694 33.32 -12.52 35.18
C LEU A 694 32.59 -13.77 35.66
N MET A 695 33.20 -14.94 35.53
CA MET A 695 32.61 -16.12 36.19
C MET A 695 33.30 -16.30 37.56
N GLU A 696 34.61 -16.10 37.61
CA GLU A 696 35.35 -16.41 38.85
C GLU A 696 35.34 -15.23 39.85
N LYS A 697 34.88 -14.06 39.44
CA LYS A 697 34.83 -12.93 40.39
C LYS A 697 33.40 -12.42 40.61
N LEU A 698 32.50 -12.59 39.64
CA LEU A 698 31.11 -12.06 39.77
C LEU A 698 30.18 -13.08 40.40
N GLN A 699 30.60 -14.32 40.55
CA GLN A 699 29.71 -15.36 41.09
C GLN A 699 29.52 -15.22 42.61
N GLN A 700 30.47 -14.58 43.30
CA GLN A 700 30.44 -14.63 44.78
C GLN A 700 29.58 -13.55 45.43
N LEU A 701 28.89 -12.73 44.65
CA LEU A 701 28.05 -11.72 45.34
C LEU A 701 26.73 -12.38 45.76
N PRO A 702 26.30 -12.24 47.02
CA PRO A 702 25.06 -12.86 47.45
C PRO A 702 23.84 -12.37 46.69
N GLN A 703 23.84 -11.12 46.29
CA GLN A 703 22.69 -10.59 45.54
C GLN A 703 22.68 -11.13 44.11
N LEU A 704 23.75 -11.80 43.68
CA LEU A 704 23.89 -12.21 42.25
C LEU A 704 24.23 -13.69 42.21
N SER A 705 23.28 -14.51 41.82
CA SER A 705 23.47 -15.98 41.91
C SER A 705 23.19 -16.68 40.60
N ASP A 706 23.81 -17.84 40.42
CA ASP A 706 23.62 -18.65 39.18
C ASP A 706 24.05 -17.86 37.96
N VAL A 707 25.31 -17.46 37.96
CA VAL A 707 25.82 -16.69 36.80
C VAL A 707 26.10 -17.64 35.66
N SER A 708 25.52 -17.35 34.51
CA SER A 708 25.72 -18.20 33.33
C SER A 708 25.60 -17.36 32.06
N SER A 709 26.18 -17.88 31.00
CA SER A 709 26.12 -17.16 29.71
C SER A 709 26.03 -18.18 28.59
N ASP A 710 25.44 -17.77 27.48
CA ASP A 710 25.26 -18.73 26.36
C ASP A 710 26.62 -19.05 25.72
N TRP A 711 27.60 -18.18 25.92
CA TRP A 711 28.89 -18.41 25.26
C TRP A 711 29.74 -19.38 26.06
N GLN A 712 30.22 -20.42 25.39
CA GLN A 712 31.16 -21.38 25.99
C GLN A 712 32.40 -21.42 25.07
N ASP A 713 33.59 -21.15 25.62
CA ASP A 713 34.81 -21.07 24.78
C ASP A 713 35.72 -22.26 25.03
N LYS A 714 35.17 -23.44 25.29
CA LYS A 714 36.01 -24.64 25.47
C LYS A 714 35.63 -25.70 24.43
N GLY A 715 35.45 -25.30 23.17
CA GLY A 715 35.12 -26.25 22.11
C GLY A 715 36.34 -26.79 21.40
N LEU A 716 36.33 -28.09 21.12
CA LEU A 716 37.50 -28.74 20.52
C LEU A 716 37.47 -28.56 19.00
N VAL A 717 38.58 -28.06 18.45
CA VAL A 717 38.68 -27.83 16.99
C VAL A 717 40.02 -28.38 16.49
N ALA A 718 40.01 -28.93 15.30
CA ALA A 718 41.24 -29.50 14.71
C ALA A 718 41.77 -28.54 13.67
N TYR A 719 43.07 -28.31 13.70
CA TYR A 719 43.70 -27.36 12.74
C TYR A 719 44.71 -28.08 11.89
N VAL A 720 44.65 -27.82 10.58
CA VAL A 720 45.68 -28.36 9.66
C VAL A 720 46.42 -27.14 9.12
N ASN A 721 47.75 -27.25 9.10
CA ASN A 721 48.60 -26.10 8.68
C ASN A 721 49.35 -26.51 7.42
N VAL A 722 48.82 -26.09 6.27
CA VAL A 722 49.49 -26.42 4.99
C VAL A 722 50.68 -25.49 4.83
N ASP A 723 51.83 -26.06 4.53
CA ASP A 723 53.05 -25.24 4.34
C ASP A 723 52.99 -24.56 2.98
N ARG A 724 53.21 -23.25 2.96
CA ARG A 724 53.17 -22.52 1.67
C ARG A 724 54.37 -22.92 0.81
N ASP A 725 55.53 -23.07 1.44
CA ASP A 725 56.75 -23.39 0.65
C ASP A 725 56.69 -24.82 0.13
N SER A 726 56.27 -25.75 0.98
CA SER A 726 56.19 -27.18 0.56
C SER A 726 55.15 -27.41 -0.54
N ALA A 727 54.14 -26.56 -0.65
CA ALA A 727 53.09 -26.76 -1.66
C ALA A 727 53.63 -26.46 -3.06
N SER A 728 54.51 -25.46 -3.19
CA SER A 728 55.01 -25.07 -4.52
C SER A 728 55.93 -26.13 -5.16
N ARG A 729 56.37 -27.12 -4.39
CA ARG A 729 57.28 -28.15 -4.95
C ARG A 729 56.51 -29.13 -5.83
N LEU A 730 55.31 -29.52 -5.41
CA LEU A 730 54.54 -30.52 -6.18
C LEU A 730 53.46 -29.83 -7.05
N GLY A 731 53.51 -28.53 -7.19
CA GLY A 731 52.52 -27.82 -8.02
C GLY A 731 51.12 -27.91 -7.46
N ILE A 732 50.95 -27.69 -6.16
CA ILE A 732 49.61 -27.72 -5.52
C ILE A 732 49.41 -26.39 -4.80
N SER A 733 48.22 -25.84 -4.94
CA SER A 733 47.93 -24.52 -4.35
C SER A 733 47.01 -24.70 -3.15
N MET A 734 46.73 -23.59 -2.47
CA MET A 734 45.79 -23.66 -1.33
C MET A 734 44.39 -24.04 -1.85
N ALA A 735 44.10 -23.68 -3.09
CA ALA A 735 42.76 -23.99 -3.64
C ALA A 735 42.57 -25.50 -3.72
N ASP A 736 43.60 -26.21 -4.15
CA ASP A 736 43.49 -27.68 -4.23
C ASP A 736 43.31 -28.27 -2.82
N VAL A 737 44.03 -27.75 -1.84
CA VAL A 737 43.92 -28.27 -0.47
C VAL A 737 42.48 -28.04 0.04
N ASP A 738 41.97 -26.84 -0.18
CA ASP A 738 40.60 -26.53 0.29
C ASP A 738 39.59 -27.43 -0.42
N ASN A 739 39.73 -27.56 -1.74
CA ASN A 739 38.78 -28.40 -2.49
C ASN A 739 38.84 -29.85 -2.00
N ALA A 740 40.05 -30.36 -1.77
CA ALA A 740 40.19 -31.76 -1.31
C ALA A 740 39.56 -31.92 0.07
N LEU A 741 39.84 -31.01 1.00
CA LEU A 741 39.28 -31.15 2.35
C LEU A 741 37.75 -31.04 2.29
N TYR A 742 37.23 -30.10 1.52
CA TYR A 742 35.76 -29.90 1.46
C TYR A 742 35.07 -31.11 0.83
N ASN A 743 35.62 -31.62 -0.27
CA ASN A 743 34.95 -32.75 -0.93
C ASN A 743 35.29 -34.06 -0.21
N ALA A 744 36.18 -34.00 0.77
CA ALA A 744 36.45 -35.21 1.58
C ALA A 744 35.49 -35.28 2.78
N PHE A 745 35.49 -34.24 3.63
CA PHE A 745 34.68 -34.31 4.88
C PHE A 745 33.76 -33.13 5.00
N GLY A 746 33.27 -32.61 3.88
CA GLY A 746 32.43 -31.40 3.94
C GLY A 746 30.95 -31.64 3.75
N GLN A 747 30.51 -32.88 3.54
CA GLN A 747 29.09 -33.15 3.18
C GLN A 747 28.71 -32.29 1.99
N ARG A 748 29.61 -32.18 1.03
CA ARG A 748 29.41 -31.24 -0.10
C ARG A 748 28.29 -31.69 -1.02
N LEU A 749 27.49 -30.74 -1.46
CA LEU A 749 26.43 -31.04 -2.46
C LEU A 749 26.96 -30.62 -3.82
N ILE A 750 27.15 -31.58 -4.72
CA ILE A 750 27.81 -31.27 -6.01
C ILE A 750 26.88 -31.47 -7.21
N SER A 751 26.32 -32.65 -7.37
CA SER A 751 25.53 -32.94 -8.58
C SER A 751 24.03 -32.76 -8.36
N THR A 752 23.28 -32.77 -9.45
CA THR A 752 21.82 -32.62 -9.36
C THR A 752 21.13 -33.77 -10.04
N ILE A 753 19.98 -34.17 -9.52
CA ILE A 753 19.17 -35.24 -10.14
C ILE A 753 17.85 -34.61 -10.56
N TYR A 754 17.49 -34.81 -11.82
CA TYR A 754 16.22 -34.24 -12.34
C TYR A 754 15.26 -35.38 -12.65
N THR A 755 14.03 -35.24 -12.16
CA THR A 755 13.01 -36.30 -12.35
C THR A 755 11.78 -35.70 -12.99
N GLN A 756 10.70 -36.47 -13.02
CA GLN A 756 9.51 -36.00 -13.77
C GLN A 756 8.89 -34.81 -13.05
N ALA A 757 8.76 -34.89 -11.73
CA ALA A 757 8.02 -33.83 -11.01
C ALA A 757 8.84 -33.32 -9.84
N ASN A 758 9.60 -34.19 -9.22
CA ASN A 758 10.42 -33.76 -8.05
C ASN A 758 11.85 -33.44 -8.49
N GLN A 759 12.66 -33.01 -7.53
CA GLN A 759 14.08 -32.70 -7.82
C GLN A 759 14.92 -33.21 -6.66
N TYR A 760 15.70 -34.25 -6.93
CA TYR A 760 16.58 -34.83 -5.89
C TYR A 760 17.99 -34.28 -6.05
N ARG A 761 18.78 -34.45 -5.00
CA ARG A 761 20.16 -33.94 -5.01
C ARG A 761 21.15 -35.09 -4.78
N VAL A 762 22.39 -34.87 -5.19
CA VAL A 762 23.46 -35.88 -5.02
C VAL A 762 24.49 -35.31 -4.04
N VAL A 763 24.81 -36.10 -3.02
CA VAL A 763 25.71 -35.60 -1.94
C VAL A 763 26.92 -36.51 -1.82
N LEU A 764 28.07 -35.91 -1.53
CA LEU A 764 29.33 -36.67 -1.39
C LEU A 764 29.70 -36.72 0.09
N GLU A 765 30.06 -37.92 0.55
CA GLU A 765 30.47 -38.06 1.96
C GLU A 765 31.56 -39.14 2.04
N HIS A 766 32.29 -39.11 3.14
CA HIS A 766 33.35 -40.11 3.35
C HIS A 766 32.99 -41.02 4.51
N ASN A 767 33.60 -42.18 4.51
CA ASN A 767 33.38 -43.15 5.59
C ASN A 767 34.28 -42.82 6.78
N THR A 768 33.77 -42.99 7.99
CA THR A 768 34.63 -42.84 9.18
C THR A 768 34.61 -44.12 10.00
N GLU A 769 33.76 -45.08 9.64
CA GLU A 769 33.63 -46.32 10.45
C GLU A 769 34.91 -47.15 10.38
N ASN A 770 35.47 -47.28 9.20
CA ASN A 770 36.65 -48.16 9.05
C ASN A 770 37.81 -47.68 9.93
N THR A 771 38.05 -46.37 9.94
CA THR A 771 39.19 -45.82 10.71
C THR A 771 38.65 -44.82 11.73
N PRO A 772 38.48 -45.20 13.00
CA PRO A 772 38.00 -44.25 13.99
C PRO A 772 39.05 -43.26 14.43
N GLY A 773 38.59 -42.18 15.03
CA GLY A 773 39.54 -41.17 15.52
C GLY A 773 39.91 -40.17 14.46
N LEU A 774 40.81 -39.25 14.81
CA LEU A 774 41.24 -38.22 13.85
C LEU A 774 42.21 -38.83 12.83
N ALA A 775 42.55 -40.11 12.96
CA ALA A 775 43.42 -40.78 11.95
C ALA A 775 42.67 -40.99 10.63
N ALA A 776 41.41 -40.59 10.56
CA ALA A 776 40.70 -40.65 9.26
C ALA A 776 41.12 -39.48 8.38
N LEU A 777 41.67 -38.42 8.97
CA LEU A 777 41.97 -37.20 8.18
C LEU A 777 43.17 -37.41 7.27
N ASP A 778 44.20 -38.11 7.72
CA ASP A 778 45.44 -38.24 6.91
C ASP A 778 45.34 -39.32 5.84
N THR A 779 44.24 -40.06 5.77
CA THR A 779 44.05 -41.05 4.70
C THR A 779 43.61 -40.41 3.40
N ILE A 780 43.30 -39.12 3.41
CA ILE A 780 42.87 -38.41 2.18
C ILE A 780 44.09 -38.12 1.31
N ARG A 781 43.92 -38.26 0.00
CA ARG A 781 45.03 -37.96 -0.92
C ARG A 781 44.78 -36.64 -1.66
N LEU A 782 45.84 -36.10 -2.25
CA LEU A 782 45.74 -34.82 -3.01
C LEU A 782 46.53 -34.97 -4.30
N THR A 783 46.01 -34.37 -5.38
CA THR A 783 46.65 -34.53 -6.70
C THR A 783 47.95 -33.81 -6.74
N SER A 784 48.76 -34.12 -7.74
CA SER A 784 50.10 -33.50 -7.86
C SER A 784 50.42 -33.24 -9.33
N SER A 785 51.32 -32.29 -9.57
CA SER A 785 51.76 -32.01 -10.97
C SER A 785 52.57 -33.20 -11.50
N ASP A 786 53.35 -33.84 -10.66
CA ASP A 786 54.13 -35.03 -11.06
C ASP A 786 53.21 -36.19 -11.34
N GLY A 787 51.95 -36.14 -10.90
CA GLY A 787 50.99 -37.20 -11.27
C GLY A 787 50.73 -38.19 -10.16
N GLY A 788 51.57 -38.21 -9.14
CA GLY A 788 51.38 -39.19 -8.07
C GLY A 788 50.46 -38.68 -6.99
N VAL A 789 50.34 -39.47 -5.94
CA VAL A 789 49.54 -39.03 -4.77
C VAL A 789 50.52 -38.64 -3.68
N VAL A 790 50.27 -37.50 -3.04
CA VAL A 790 51.19 -37.01 -1.98
C VAL A 790 50.40 -36.98 -0.68
N PRO A 791 50.90 -37.59 0.40
CA PRO A 791 50.12 -37.64 1.62
C PRO A 791 50.04 -36.28 2.30
N LEU A 792 48.99 -36.08 3.09
CA LEU A 792 48.85 -34.78 3.79
C LEU A 792 49.89 -34.67 4.91
N SER A 793 50.49 -35.80 5.30
CA SER A 793 51.53 -35.74 6.34
C SER A 793 52.78 -35.01 5.83
N SER A 794 53.08 -35.12 4.55
CA SER A 794 54.33 -34.55 4.01
C SER A 794 54.19 -33.07 3.64
N ILE A 795 52.98 -32.55 3.58
CA ILE A 795 52.78 -31.13 3.15
C ILE A 795 52.07 -30.32 4.22
N ALA A 796 51.65 -30.94 5.32
CA ALA A 796 50.91 -30.19 6.35
C ALA A 796 51.08 -30.86 7.71
N LYS A 797 50.83 -30.09 8.76
CA LYS A 797 50.87 -30.63 10.13
C LYS A 797 49.49 -30.45 10.77
N ILE A 798 49.20 -31.28 11.76
CA ILE A 798 47.87 -31.23 12.42
C ILE A 798 48.05 -30.78 13.87
N GLU A 799 47.24 -29.80 14.29
CA GLU A 799 47.28 -29.35 15.69
C GLU A 799 45.85 -29.26 16.24
N GLN A 800 45.71 -29.36 17.57
CA GLN A 800 44.38 -29.26 18.22
C GLN A 800 44.34 -27.98 19.05
N ARG A 801 43.27 -27.20 18.91
CA ARG A 801 43.15 -25.92 19.63
C ARG A 801 41.73 -25.80 20.18
N PHE A 802 41.36 -24.60 20.60
CA PHE A 802 40.01 -24.38 21.18
C PHE A 802 39.34 -23.22 20.47
N ALA A 803 38.12 -23.42 20.04
CA ALA A 803 37.35 -22.38 19.33
C ALA A 803 35.93 -22.41 19.85
N PRO A 804 35.15 -21.32 19.69
CA PRO A 804 33.81 -21.32 20.28
C PRO A 804 32.79 -21.94 19.36
N LEU A 805 31.76 -22.56 19.93
CA LEU A 805 30.77 -23.28 19.11
C LEU A 805 29.82 -22.31 18.42
N SER A 806 29.72 -21.09 18.90
CA SER A 806 28.76 -20.14 18.30
C SER A 806 29.26 -18.72 18.53
N ILE A 807 29.07 -17.87 17.54
CA ILE A 807 29.45 -16.44 17.69
C ILE A 807 28.16 -15.62 17.64
N ASN A 808 27.92 -14.86 18.70
CA ASN A 808 26.73 -13.99 18.77
C ASN A 808 27.17 -12.53 18.74
N HIS A 809 26.46 -11.72 17.99
CA HIS A 809 26.90 -10.33 17.74
C HIS A 809 25.80 -9.34 18.10
N LEU A 810 26.21 -8.16 18.57
CA LEU A 810 25.24 -7.11 18.91
C LEU A 810 25.83 -5.77 18.49
N ASP A 811 25.09 -5.04 17.66
CA ASP A 811 25.53 -3.69 17.21
C ASP A 811 26.90 -3.77 16.55
N GLN A 812 27.12 -4.75 15.70
CA GLN A 812 28.39 -4.92 14.98
C GLN A 812 29.56 -4.97 15.96
N PHE A 813 29.36 -5.66 17.08
CA PHE A 813 30.47 -5.86 18.04
C PHE A 813 30.18 -7.16 18.80
N PRO A 814 31.21 -7.96 19.14
CA PRO A 814 30.99 -9.20 19.87
C PRO A 814 30.26 -8.99 21.18
N VAL A 815 29.40 -9.95 21.52
CA VAL A 815 28.53 -9.76 22.71
C VAL A 815 28.34 -11.08 23.45
N THR A 816 28.00 -10.97 24.72
CA THR A 816 27.60 -12.13 25.51
C THR A 816 26.22 -11.89 26.09
N THR A 817 25.39 -12.93 26.08
CA THR A 817 24.09 -12.86 26.75
C THR A 817 24.23 -13.58 28.07
N ILE A 818 23.98 -12.88 29.17
CA ILE A 818 24.17 -13.46 30.52
C ILE A 818 22.81 -13.59 31.20
N SER A 819 22.49 -14.81 31.64
CA SER A 819 21.19 -15.08 32.29
C SER A 819 21.44 -15.66 33.68
N PHE A 820 20.55 -15.34 34.61
CA PHE A 820 20.78 -15.76 36.02
C PHE A 820 19.46 -15.68 36.76
N ASN A 821 19.53 -15.96 38.06
CA ASN A 821 18.32 -15.89 38.91
C ASN A 821 18.58 -14.91 40.05
N VAL A 822 17.62 -14.01 40.28
CA VAL A 822 17.76 -13.04 41.38
C VAL A 822 17.19 -13.67 42.64
N PRO A 823 17.86 -13.55 43.79
CA PRO A 823 17.24 -14.05 45.02
C PRO A 823 15.92 -13.30 45.30
N ASP A 824 14.94 -14.00 45.84
CA ASP A 824 13.66 -13.34 46.19
C ASP A 824 13.88 -12.32 47.30
N ASN A 825 14.99 -12.42 48.01
CA ASN A 825 15.26 -11.50 49.15
C ASN A 825 15.88 -10.21 48.63
N TYR A 826 16.14 -10.13 47.33
CA TYR A 826 16.67 -8.87 46.76
C TYR A 826 15.84 -8.48 45.54
N SER A 827 15.76 -7.17 45.30
CA SER A 827 15.01 -6.66 44.13
C SER A 827 15.96 -6.44 42.94
N LEU A 828 15.39 -6.12 41.78
CA LEU A 828 16.22 -5.94 40.57
C LEU A 828 17.15 -4.76 40.78
N GLY A 829 16.77 -3.79 41.60
CA GLY A 829 17.65 -2.65 41.88
C GLY A 829 18.92 -3.11 42.58
N ASP A 830 18.78 -3.99 43.56
CA ASP A 830 19.98 -4.51 44.25
C ASP A 830 20.83 -5.28 43.25
N ALA A 831 20.19 -6.06 42.38
CA ALA A 831 20.94 -6.85 41.38
C ALA A 831 21.72 -5.92 40.45
N VAL A 832 21.07 -4.87 39.94
CA VAL A 832 21.76 -4.02 38.95
C VAL A 832 22.84 -3.20 39.64
N GLN A 833 22.60 -2.76 40.87
CA GLN A 833 23.68 -2.03 41.56
C GLN A 833 24.85 -2.99 41.88
N ALA A 834 24.54 -4.26 42.18
CA ALA A 834 25.61 -5.26 42.39
C ALA A 834 26.39 -5.44 41.10
N ILE A 835 25.70 -5.51 39.98
CA ILE A 835 26.41 -5.59 38.67
C ILE A 835 27.28 -4.35 38.49
N MET A 836 26.77 -3.20 38.91
CA MET A 836 27.56 -1.95 38.79
C MET A 836 28.87 -2.07 39.58
N ASP A 837 28.80 -2.44 40.86
CA ASP A 837 30.07 -2.46 41.62
C ASP A 837 30.97 -3.60 41.15
N THR A 838 30.39 -4.71 40.71
CA THR A 838 31.25 -5.77 40.16
C THR A 838 31.99 -5.28 38.93
N GLU A 839 31.28 -4.70 37.96
CA GLU A 839 31.95 -4.28 36.71
C GLU A 839 32.92 -3.13 36.99
N LYS A 840 32.69 -2.40 38.07
CA LYS A 840 33.69 -1.37 38.44
C LYS A 840 34.91 -2.02 39.09
N THR A 841 34.70 -3.06 39.91
CA THR A 841 35.84 -3.61 40.68
C THR A 841 36.69 -4.53 39.84
N LEU A 842 36.11 -5.17 38.84
CA LEU A 842 36.88 -6.19 38.08
C LEU A 842 38.01 -5.55 37.26
N ASN A 843 38.02 -4.23 37.13
CA ASN A 843 39.04 -3.56 36.29
C ASN A 843 38.98 -4.12 34.87
N LEU A 844 37.78 -4.15 34.32
CA LEU A 844 37.61 -4.68 32.95
C LEU A 844 38.25 -3.76 31.93
N PRO A 845 38.62 -4.26 30.76
CA PRO A 845 39.08 -3.39 29.70
C PRO A 845 38.08 -2.30 29.38
N VAL A 846 38.59 -1.12 29.04
CA VAL A 846 37.70 0.07 28.84
C VAL A 846 36.73 -0.16 27.69
N ASP A 847 36.90 -1.24 26.95
CA ASP A 847 36.02 -1.49 25.78
C ASP A 847 34.92 -2.48 26.13
N ILE A 848 34.54 -2.54 27.40
CA ILE A 848 33.47 -3.48 27.84
C ILE A 848 32.30 -2.67 28.39
N THR A 849 31.18 -2.73 27.67
CA THR A 849 29.98 -1.98 28.07
C THR A 849 28.84 -2.94 28.34
N THR A 850 27.73 -2.39 28.82
CA THR A 850 26.58 -3.24 29.19
C THR A 850 25.32 -2.73 28.56
N GLN A 851 24.33 -3.61 28.45
CA GLN A 851 23.04 -3.27 27.87
C GLN A 851 22.00 -4.25 28.45
N PHE A 852 20.79 -3.76 28.70
CA PHE A 852 19.77 -4.60 29.37
C PHE A 852 18.48 -4.53 28.61
N GLN A 853 17.64 -5.53 28.82
CA GLN A 853 16.34 -5.56 28.10
C GLN A 853 15.25 -6.19 28.98
N GLY A 854 14.00 -5.88 28.67
CA GLY A 854 12.87 -6.56 29.34
C GLY A 854 12.14 -5.76 30.40
N SER A 855 12.15 -6.29 31.61
CA SER A 855 11.37 -5.68 32.72
C SER A 855 11.79 -4.24 32.99
N THR A 856 13.08 -3.95 32.97
CA THR A 856 13.54 -2.59 33.27
C THR A 856 12.95 -1.61 32.26
N LEU A 857 13.06 -1.95 30.97
CA LEU A 857 12.55 -1.03 29.93
C LEU A 857 11.02 -0.90 30.04
N ALA A 858 10.33 -2.02 30.27
CA ALA A 858 8.86 -1.97 30.37
C ALA A 858 8.43 -1.10 31.55
N PHE A 859 9.09 -1.29 32.67
CA PHE A 859 8.71 -0.52 33.89
C PHE A 859 9.06 0.95 33.73
N GLN A 860 10.19 1.26 33.09
CA GLN A 860 10.53 2.68 32.85
C GLN A 860 9.51 3.32 31.90
N SER A 861 9.12 2.60 30.85
CA SER A 861 8.09 3.13 29.92
C SER A 861 6.77 3.33 30.66
N ALA A 862 6.42 2.39 31.54
CA ALA A 862 5.16 2.52 32.28
C ALA A 862 5.19 3.75 33.18
N LEU A 863 6.32 3.95 33.85
CA LEU A 863 6.45 5.14 34.73
C LEU A 863 6.35 6.42 33.88
N GLY A 864 7.02 6.45 32.74
CA GLY A 864 6.95 7.65 31.87
C GLY A 864 5.54 7.91 31.39
N SER A 865 4.78 6.85 31.13
CA SER A 865 3.41 7.04 30.59
C SER A 865 2.39 7.36 31.69
N THR A 866 2.60 6.84 32.89
CA THR A 866 1.57 6.94 33.93
C THR A 866 1.26 8.36 34.34
N VAL A 867 2.28 9.15 34.59
CA VAL A 867 2.04 10.53 35.10
C VAL A 867 1.26 11.35 34.06
N TRP A 868 1.71 11.30 32.81
CA TRP A 868 1.01 12.05 31.76
C TRP A 868 -0.40 11.50 31.56
N LEU A 869 -0.56 10.18 31.63
CA LEU A 869 -1.93 9.59 31.48
C LEU A 869 -2.85 10.10 32.59
N ILE A 870 -2.37 10.07 33.81
CA ILE A 870 -3.22 10.52 34.94
C ILE A 870 -3.54 12.01 34.76
N VAL A 871 -2.55 12.81 34.40
CA VAL A 871 -2.79 14.28 34.31
C VAL A 871 -3.81 14.57 33.21
N ALA A 872 -3.59 13.97 32.03
CA ALA A 872 -4.53 14.21 30.90
C ALA A 872 -5.92 13.71 31.26
N ALA A 873 -5.99 12.55 31.92
CA ALA A 873 -7.31 11.99 32.28
C ALA A 873 -8.01 12.94 33.23
N VAL A 874 -7.31 13.39 34.26
CA VAL A 874 -7.98 14.24 35.28
C VAL A 874 -8.45 15.54 34.62
N VAL A 875 -7.63 16.07 33.71
CA VAL A 875 -8.06 17.30 32.98
C VAL A 875 -9.32 16.99 32.18
N ALA A 876 -9.37 15.82 31.54
CA ALA A 876 -10.55 15.46 30.71
C ALA A 876 -11.81 15.37 31.60
N MET A 877 -11.69 14.70 32.74
CA MET A 877 -12.89 14.60 33.60
C MET A 877 -13.31 16.00 34.07
N TYR A 878 -12.34 16.85 34.40
CA TYR A 878 -12.72 18.20 34.86
C TYR A 878 -13.49 18.87 33.77
N ILE A 879 -13.01 18.75 32.53
CA ILE A 879 -13.66 19.49 31.40
C ILE A 879 -15.09 18.95 31.20
N VAL A 880 -15.23 17.64 31.14
CA VAL A 880 -16.57 17.10 30.82
C VAL A 880 -17.54 17.36 31.98
N LEU A 881 -17.06 17.26 33.20
CA LEU A 881 -17.97 17.47 34.34
C LEU A 881 -18.37 18.95 34.42
N GLY A 882 -17.44 19.85 34.11
CA GLY A 882 -17.81 21.28 34.05
C GLY A 882 -18.82 21.52 32.94
N ILE A 883 -18.70 20.78 31.84
CA ILE A 883 -19.71 20.91 30.76
C ILE A 883 -21.05 20.43 31.30
N LEU A 884 -21.05 19.33 32.02
CA LEU A 884 -22.34 18.74 32.48
C LEU A 884 -22.99 19.59 33.55
N TYR A 885 -22.20 20.26 34.38
CA TYR A 885 -22.79 20.99 35.53
C TYR A 885 -22.70 22.51 35.41
N GLU A 886 -21.88 23.03 34.50
CA GLU A 886 -21.83 24.49 34.28
C GLU A 886 -21.47 25.17 35.60
N SER A 887 -20.51 24.60 36.30
CA SER A 887 -20.08 25.17 37.60
C SER A 887 -18.58 24.96 37.79
N PHE A 888 -17.98 25.69 38.72
CA PHE A 888 -16.53 25.57 38.93
C PHE A 888 -16.19 24.46 39.90
N ILE A 889 -16.76 24.45 41.10
CA ILE A 889 -16.26 23.53 42.15
C ILE A 889 -17.03 22.20 42.20
N HIS A 890 -18.15 22.10 41.50
CA HIS A 890 -18.88 20.82 41.47
C HIS A 890 -18.03 19.70 40.87
N PRO A 891 -17.34 19.86 39.73
CA PRO A 891 -16.49 18.78 39.26
C PRO A 891 -15.41 18.40 40.27
N ILE A 892 -14.86 19.39 40.97
CA ILE A 892 -13.85 19.08 42.01
C ILE A 892 -14.53 18.25 43.11
N THR A 893 -15.81 18.50 43.38
CA THR A 893 -16.52 17.68 44.36
C THR A 893 -16.61 16.26 43.84
N ILE A 894 -16.87 16.11 42.56
CA ILE A 894 -16.94 14.73 41.99
C ILE A 894 -15.53 14.13 41.90
N LEU A 895 -14.57 14.92 41.48
CA LEU A 895 -13.18 14.43 41.36
C LEU A 895 -12.57 14.07 42.73
N SER A 896 -13.13 14.59 43.81
CA SER A 896 -12.56 14.32 45.16
C SER A 896 -12.90 12.90 45.63
N THR A 897 -13.91 12.27 45.03
CA THR A 897 -14.32 10.93 45.50
C THR A 897 -13.57 9.83 44.77
N LEU A 898 -12.85 10.17 43.73
CA LEU A 898 -12.19 9.12 42.93
C LEU A 898 -11.11 8.36 43.72
N PRO A 899 -10.16 9.03 44.40
CA PRO A 899 -9.06 8.31 45.02
C PRO A 899 -9.49 7.34 46.12
N THR A 900 -10.76 7.40 46.54
CA THR A 900 -11.16 6.55 47.67
C THR A 900 -11.11 5.12 47.24
N ALA A 901 -11.53 4.85 46.02
CA ALA A 901 -11.58 3.45 45.53
C ALA A 901 -10.15 2.90 45.38
N GLY A 902 -9.20 3.76 45.04
CA GLY A 902 -7.81 3.30 44.89
C GLY A 902 -7.28 2.72 46.19
N VAL A 903 -7.65 3.32 47.32
CA VAL A 903 -7.18 2.78 48.62
C VAL A 903 -7.72 1.35 48.80
N GLY A 904 -9.00 1.16 48.53
CA GLY A 904 -9.56 -0.20 48.70
C GLY A 904 -8.90 -1.17 47.75
N ALA A 905 -8.67 -0.74 46.51
CA ALA A 905 -8.11 -1.67 45.52
C ALA A 905 -6.72 -2.09 45.96
N LEU A 906 -5.90 -1.09 46.33
CA LEU A 906 -4.50 -1.40 46.72
C LEU A 906 -4.47 -2.24 48.00
N LEU A 907 -5.34 -1.92 48.97
CA LEU A 907 -5.38 -2.72 50.21
C LEU A 907 -5.78 -4.17 49.88
N ALA A 908 -6.71 -4.35 48.95
CA ALA A 908 -7.18 -5.71 48.65
C ALA A 908 -6.05 -6.44 47.95
N LEU A 909 -5.43 -5.77 46.99
CA LEU A 909 -4.38 -6.47 46.21
C LEU A 909 -3.20 -6.84 47.13
N LEU A 910 -2.87 -5.97 48.08
CA LEU A 910 -1.82 -6.33 49.06
C LEU A 910 -2.31 -7.49 49.93
N ILE A 911 -3.59 -7.46 50.33
CA ILE A 911 -4.11 -8.54 51.21
C ILE A 911 -4.24 -9.82 50.38
N ALA A 912 -4.71 -9.70 49.16
CA ALA A 912 -4.93 -10.90 48.34
C ALA A 912 -3.62 -11.45 47.81
N GLY A 913 -2.55 -10.70 47.95
CA GLY A 913 -1.23 -11.19 47.48
C GLY A 913 -1.26 -11.36 45.96
N SER A 914 -1.96 -10.46 45.27
CA SER A 914 -2.09 -10.60 43.81
C SER A 914 -1.13 -9.70 43.08
N GLU A 915 -0.59 -10.20 41.98
CA GLU A 915 0.38 -9.40 41.21
C GLU A 915 -0.35 -8.20 40.61
N LEU A 916 0.29 -7.06 40.68
CA LEU A 916 -0.31 -5.82 40.14
C LEU A 916 0.09 -5.71 38.68
N ASP A 917 -0.54 -6.51 37.86
CA ASP A 917 -0.34 -6.39 36.41
C ASP A 917 -1.08 -5.18 35.90
N VAL A 918 -0.83 -4.83 34.65
CA VAL A 918 -1.53 -3.65 34.07
C VAL A 918 -3.04 -3.95 34.00
N ILE A 919 -3.38 -5.22 33.96
CA ILE A 919 -4.83 -5.56 33.99
C ILE A 919 -5.41 -5.14 35.35
N ALA A 920 -4.61 -5.29 36.40
CA ALA A 920 -5.09 -4.83 37.74
C ALA A 920 -5.26 -3.31 37.75
N ILE A 921 -4.35 -2.60 37.10
CA ILE A 921 -4.49 -1.12 37.01
C ILE A 921 -5.79 -0.78 36.25
N ILE A 922 -6.07 -1.54 35.18
CA ILE A 922 -7.30 -1.28 34.42
C ILE A 922 -8.50 -1.56 35.34
N GLY A 923 -8.42 -2.63 36.11
CA GLY A 923 -9.54 -2.95 37.03
C GLY A 923 -9.74 -1.84 38.05
N ILE A 924 -8.65 -1.27 38.54
CA ILE A 924 -8.77 -0.10 39.47
C ILE A 924 -9.44 1.06 38.72
N ILE A 925 -9.11 1.20 37.43
CA ILE A 925 -9.72 2.31 36.65
C ILE A 925 -11.23 2.07 36.54
N LEU A 926 -11.61 0.82 36.31
CA LEU A 926 -13.06 0.55 36.17
C LEU A 926 -13.74 0.75 37.53
N LEU A 927 -13.04 0.40 38.60
CA LEU A 927 -13.62 0.60 39.96
C LEU A 927 -13.87 2.10 40.17
N ILE A 928 -12.89 2.92 39.81
CA ILE A 928 -13.06 4.39 39.97
C ILE A 928 -14.19 4.87 39.05
N GLY A 929 -14.34 4.24 37.89
CA GLY A 929 -15.43 4.65 36.98
C GLY A 929 -16.79 4.35 37.61
N ILE A 930 -16.93 3.18 38.19
CA ILE A 930 -18.22 2.84 38.83
C ILE A 930 -18.46 3.80 40.00
N VAL A 931 -17.41 4.12 40.73
CA VAL A 931 -17.55 5.01 41.91
C VAL A 931 -18.05 6.38 41.42
N LYS A 932 -17.43 6.90 40.38
CA LYS A 932 -17.88 8.20 39.84
C LYS A 932 -19.28 8.05 39.25
N LYS A 933 -19.64 6.86 38.77
CA LYS A 933 -20.99 6.67 38.22
C LYS A 933 -22.05 6.86 39.32
N ASN A 934 -21.88 6.17 40.43
CA ASN A 934 -22.91 6.34 41.48
C ASN A 934 -22.81 7.72 42.12
N ALA A 935 -21.61 8.28 42.16
CA ALA A 935 -21.45 9.66 42.68
C ALA A 935 -22.27 10.64 41.83
N ILE A 936 -22.15 10.51 40.51
CA ILE A 936 -22.95 11.37 39.61
C ILE A 936 -24.42 11.06 39.83
N MET A 937 -24.73 9.79 40.07
CA MET A 937 -26.15 9.41 40.27
C MET A 937 -26.75 10.19 41.44
N MET A 938 -26.00 10.32 42.53
CA MET A 938 -26.56 11.09 43.66
C MET A 938 -26.48 12.59 43.41
N ILE A 939 -25.41 13.05 42.79
CA ILE A 939 -25.20 14.53 42.68
C ILE A 939 -26.21 15.14 41.70
N ASP A 940 -26.52 14.42 40.63
CA ASP A 940 -27.49 14.97 39.65
C ASP A 940 -28.83 15.25 40.35
N PHE A 941 -29.33 14.26 41.08
CA PHE A 941 -30.63 14.46 41.77
C PHE A 941 -30.50 15.51 42.87
N ALA A 942 -29.35 15.58 43.54
CA ALA A 942 -29.16 16.62 44.56
C ALA A 942 -29.30 18.00 43.92
N LEU A 943 -28.62 18.21 42.79
CA LEU A 943 -28.66 19.53 42.13
C LEU A 943 -30.07 19.81 41.60
N ALA A 944 -30.72 18.77 41.06
CA ALA A 944 -32.08 18.96 40.51
C ALA A 944 -33.05 19.35 41.64
N ALA A 945 -32.96 18.66 42.77
CA ALA A 945 -33.82 19.00 43.92
C ALA A 945 -33.52 20.42 44.42
N GLU A 946 -32.23 20.77 44.50
CA GLU A 946 -31.85 22.12 44.98
C GLU A 946 -32.41 23.19 44.04
N ARG A 947 -32.34 22.95 42.73
CA ARG A 947 -32.85 23.95 41.75
C ARG A 947 -34.39 23.97 41.71
N GLU A 948 -35.04 22.85 42.02
CA GLU A 948 -36.52 22.80 41.88
C GLU A 948 -37.18 23.30 43.17
N GLN A 949 -36.93 22.63 44.29
CA GLN A 949 -37.64 23.01 45.54
C GLN A 949 -37.07 24.27 46.16
N GLY A 950 -35.80 24.56 45.94
CA GLY A 950 -35.18 25.73 46.58
C GLY A 950 -35.03 25.52 48.07
N MET A 951 -35.23 24.29 48.52
CA MET A 951 -35.05 23.99 49.95
C MET A 951 -33.55 24.06 50.31
N SER A 952 -33.27 24.28 51.59
CA SER A 952 -31.86 24.40 52.05
C SER A 952 -31.07 23.17 51.66
N PRO A 953 -29.77 23.31 51.34
CA PRO A 953 -29.01 22.18 50.81
C PRO A 953 -28.95 20.92 51.69
N ARG A 954 -28.97 21.07 53.01
CA ARG A 954 -28.84 19.87 53.86
C ARG A 954 -30.09 18.98 53.75
N GLU A 955 -31.27 19.56 53.87
CA GLU A 955 -32.48 18.72 53.66
C GLU A 955 -32.60 18.31 52.18
N ALA A 956 -32.05 19.10 51.28
CA ALA A 956 -32.09 18.73 49.84
C ALA A 956 -31.30 17.44 49.63
N ILE A 957 -30.08 17.41 50.15
CA ILE A 957 -29.27 16.18 49.98
C ILE A 957 -29.90 15.04 50.80
N TYR A 958 -30.56 15.37 51.91
CA TYR A 958 -31.27 14.32 52.69
C TYR A 958 -32.32 13.66 51.84
N GLN A 959 -33.17 14.46 51.20
CA GLN A 959 -34.25 13.92 50.33
C GLN A 959 -33.65 13.18 49.14
N ALA A 960 -32.60 13.73 48.54
CA ALA A 960 -31.97 13.10 47.37
C ALA A 960 -31.40 11.73 47.75
N CYS A 961 -30.69 11.67 48.87
CA CYS A 961 -30.17 10.36 49.32
C CYS A 961 -31.31 9.38 49.65
N LEU A 962 -32.36 9.86 50.30
CA LEU A 962 -33.48 8.96 50.65
C LEU A 962 -34.13 8.41 49.36
N LEU A 963 -34.30 9.24 48.33
CA LEU A 963 -34.96 8.77 47.09
C LEU A 963 -34.00 8.02 46.17
N ARG A 964 -32.69 8.13 46.39
CA ARG A 964 -31.72 7.46 45.50
C ARG A 964 -31.00 6.31 46.24
N PHE A 965 -31.38 5.99 47.47
CA PHE A 965 -30.67 4.92 48.21
C PHE A 965 -30.88 3.56 47.57
N ARG A 966 -32.13 3.27 47.21
CA ARG A 966 -32.44 1.97 46.55
C ARG A 966 -31.60 1.79 45.29
N PRO A 967 -31.43 2.80 44.40
CA PRO A 967 -30.47 2.66 43.32
C PRO A 967 -29.06 2.28 43.78
N ILE A 968 -28.62 2.83 44.91
CA ILE A 968 -27.26 2.52 45.38
C ILE A 968 -27.14 1.00 45.63
N LEU A 969 -28.12 0.42 46.30
CA LEU A 969 -27.95 -1.03 46.61
C LEU A 969 -28.20 -1.89 45.38
N MET A 970 -29.09 -1.50 44.48
CA MET A 970 -29.21 -2.37 43.29
C MET A 970 -27.90 -2.32 42.49
N THR A 971 -27.30 -1.13 42.39
CA THR A 971 -26.04 -1.04 41.64
C THR A 971 -24.97 -1.83 42.34
N THR A 972 -24.92 -1.74 43.67
CA THR A 972 -23.86 -2.44 44.42
C THR A 972 -24.05 -3.94 44.25
N LEU A 973 -25.30 -4.41 44.29
CA LEU A 973 -25.54 -5.85 44.16
C LEU A 973 -25.12 -6.27 42.74
N ALA A 974 -25.43 -5.44 41.75
CA ALA A 974 -25.09 -5.79 40.36
C ALA A 974 -23.57 -5.90 40.23
N ALA A 975 -22.85 -4.94 40.82
CA ALA A 975 -21.38 -4.98 40.76
C ALA A 975 -20.86 -6.23 41.48
N LEU A 976 -21.45 -6.58 42.62
CA LEU A 976 -20.98 -7.75 43.39
C LEU A 976 -21.22 -9.03 42.55
N LEU A 977 -22.39 -9.15 41.93
CA LEU A 977 -22.63 -10.35 41.14
C LEU A 977 -21.76 -10.34 39.88
N GLY A 978 -21.45 -9.17 39.36
CA GLY A 978 -20.58 -9.12 38.17
C GLY A 978 -19.16 -9.54 38.51
N ALA A 979 -18.69 -9.18 39.70
CA ALA A 979 -17.31 -9.51 40.12
C ALA A 979 -17.24 -10.93 40.72
N LEU A 980 -18.39 -11.53 41.01
CA LEU A 980 -18.39 -12.90 41.59
C LEU A 980 -17.73 -13.93 40.66
N PRO A 981 -18.04 -14.01 39.35
CA PRO A 981 -17.35 -15.00 38.53
C PRO A 981 -15.86 -14.86 38.51
N LEU A 982 -15.36 -13.65 38.53
CA LEU A 982 -13.90 -13.42 38.49
C LEU A 982 -13.24 -13.89 39.81
N MET A 983 -13.99 -13.86 40.91
CA MET A 983 -13.44 -14.32 42.20
C MET A 983 -13.26 -15.83 42.16
N LEU A 984 -14.27 -16.55 41.68
CA LEU A 984 -14.22 -18.03 41.70
C LEU A 984 -13.86 -18.58 40.32
N SER A 985 -13.00 -17.88 39.59
CA SER A 985 -12.62 -18.35 38.25
C SER A 985 -11.52 -19.40 38.40
N THR A 986 -11.84 -20.68 38.15
CA THR A 986 -10.84 -21.74 38.33
C THR A 986 -10.56 -22.50 37.05
N GLY A 987 -10.95 -21.97 35.92
CA GLY A 987 -10.81 -22.73 34.68
C GLY A 987 -9.65 -22.31 33.85
N VAL A 988 -9.76 -22.55 32.56
CA VAL A 988 -8.66 -22.19 31.64
C VAL A 988 -8.63 -20.67 31.49
N GLY A 989 -7.45 -20.10 31.62
CA GLY A 989 -7.29 -18.64 31.48
C GLY A 989 -7.55 -17.93 32.81
N ALA A 990 -7.80 -18.70 33.86
CA ALA A 990 -8.17 -18.10 35.15
C ALA A 990 -7.06 -17.23 35.72
N GLU A 991 -5.83 -17.48 35.33
CA GLU A 991 -4.72 -16.64 35.85
C GLU A 991 -4.90 -15.21 35.34
N LEU A 992 -5.68 -15.05 34.26
CA LEU A 992 -5.92 -13.70 33.68
C LEU A 992 -7.22 -13.09 34.20
N ARG A 993 -7.93 -13.78 35.08
CA ARG A 993 -9.14 -13.18 35.67
C ARG A 993 -9.26 -13.42 37.20
N ARG A 994 -8.46 -14.31 37.78
CA ARG A 994 -8.69 -14.65 39.20
C ARG A 994 -8.43 -13.47 40.15
N PRO A 995 -7.38 -12.64 40.04
CA PRO A 995 -7.19 -11.59 41.01
C PRO A 995 -8.16 -10.42 40.84
N LEU A 996 -8.68 -10.27 39.62
CA LEU A 996 -9.55 -9.11 39.31
C LEU A 996 -10.80 -9.13 40.19
N GLY A 997 -11.36 -10.29 40.43
CA GLY A 997 -12.59 -10.37 41.22
C GLY A 997 -12.36 -9.86 42.62
N ILE A 998 -11.32 -10.35 43.26
CA ILE A 998 -11.03 -9.92 44.66
C ILE A 998 -10.71 -8.43 44.67
N GLY A 999 -9.92 -7.96 43.71
CA GLY A 999 -9.59 -6.54 43.67
C GLY A 999 -10.83 -5.68 43.51
N MET A 1000 -11.73 -6.07 42.59
CA MET A 1000 -12.94 -5.26 42.36
C MET A 1000 -13.83 -5.31 43.60
N VAL A 1001 -13.95 -6.48 44.20
CA VAL A 1001 -14.88 -6.59 45.35
C VAL A 1001 -14.37 -5.70 46.48
N GLY A 1002 -13.07 -5.76 46.76
CA GLY A 1002 -12.51 -4.87 47.80
C GLY A 1002 -12.69 -3.41 47.45
N GLY A 1003 -12.39 -3.04 46.21
CA GLY A 1003 -12.62 -1.65 45.80
C GLY A 1003 -14.06 -1.24 46.00
N LEU A 1004 -15.00 -2.10 45.62
CA LEU A 1004 -16.42 -1.69 45.73
C LEU A 1004 -16.82 -1.54 47.19
N ILE A 1005 -16.50 -2.53 48.02
CA ILE A 1005 -17.07 -2.41 49.39
C ILE A 1005 -16.40 -1.24 50.12
N VAL A 1006 -15.11 -1.03 49.89
CA VAL A 1006 -14.45 0.15 50.53
C VAL A 1006 -15.07 1.44 49.98
N SER A 1007 -15.30 1.51 48.67
CA SER A 1007 -15.82 2.75 48.08
C SER A 1007 -17.23 3.05 48.58
N GLN A 1008 -18.10 2.04 48.65
CA GLN A 1008 -19.45 2.34 49.16
C GLN A 1008 -19.38 2.69 50.66
N VAL A 1009 -18.52 2.02 51.40
CA VAL A 1009 -18.47 2.31 52.85
C VAL A 1009 -18.07 3.77 53.03
N LEU A 1010 -17.11 4.23 52.25
CA LEU A 1010 -16.68 5.64 52.39
C LEU A 1010 -17.77 6.56 51.82
N THR A 1011 -18.39 6.18 50.70
CA THR A 1011 -19.36 7.08 50.02
C THR A 1011 -20.58 7.33 50.87
N LEU A 1012 -21.27 6.28 51.27
CA LEU A 1012 -22.56 6.43 51.98
C LEU A 1012 -22.41 7.21 53.28
N PHE A 1013 -21.22 7.34 53.80
CA PHE A 1013 -21.05 8.00 55.10
C PHE A 1013 -20.26 9.30 54.98
N THR A 1014 -19.71 9.60 53.80
CA THR A 1014 -18.90 10.84 53.69
C THR A 1014 -19.43 11.78 52.63
N THR A 1015 -20.05 11.28 51.55
CA THR A 1015 -20.37 12.15 50.41
C THR A 1015 -21.28 13.31 50.76
N PRO A 1016 -22.42 13.14 51.46
CA PRO A 1016 -23.31 14.28 51.67
C PRO A 1016 -22.66 15.42 52.45
N VAL A 1017 -21.93 15.08 53.51
CA VAL A 1017 -21.40 16.17 54.36
C VAL A 1017 -20.25 16.84 53.62
N ILE A 1018 -19.45 16.07 52.89
CA ILE A 1018 -18.33 16.74 52.17
C ILE A 1018 -18.92 17.60 51.05
N TYR A 1019 -20.01 17.16 50.44
CA TYR A 1019 -20.66 18.01 49.41
C TYR A 1019 -21.22 19.29 50.04
N LEU A 1020 -21.78 19.19 51.24
CA LEU A 1020 -22.23 20.41 51.95
C LEU A 1020 -21.05 21.31 52.26
N LEU A 1021 -19.92 20.72 52.67
CA LEU A 1021 -18.71 21.55 52.94
C LEU A 1021 -18.23 22.20 51.64
N PHE A 1022 -18.30 21.48 50.53
CA PHE A 1022 -17.92 22.12 49.23
C PHE A 1022 -18.89 23.23 48.85
N ASP A 1023 -20.17 23.08 49.19
CA ASP A 1023 -21.12 24.19 48.95
C ASP A 1023 -20.78 25.38 49.83
N ARG A 1024 -20.37 25.13 51.07
CA ARG A 1024 -19.93 26.23 51.96
C ARG A 1024 -18.67 26.90 51.36
N LEU A 1025 -17.74 26.09 50.84
CA LEU A 1025 -16.56 26.68 50.18
C LEU A 1025 -16.98 27.45 48.93
N ALA A 1026 -18.02 26.98 48.25
CA ALA A 1026 -18.54 27.73 47.07
C ALA A 1026 -19.09 29.08 47.52
N LEU A 1027 -19.75 29.11 48.68
CA LEU A 1027 -20.27 30.39 49.19
C LEU A 1027 -19.09 31.31 49.51
N TRP A 1028 -18.04 30.76 50.10
CA TRP A 1028 -16.87 31.61 50.39
C TRP A 1028 -16.18 32.07 49.10
N THR A 1029 -16.21 31.25 48.05
CA THR A 1029 -15.61 31.67 46.77
C THR A 1029 -16.46 32.74 46.14
N LYS A 1030 -17.77 32.67 46.34
CA LYS A 1030 -18.64 33.77 45.85
C LYS A 1030 -18.29 35.04 46.62
N SER A 1031 -17.98 34.91 47.91
CA SER A 1031 -17.53 36.09 48.69
C SER A 1031 -16.23 36.60 48.09
N ARG A 1032 -15.36 35.69 47.71
CA ARG A 1032 -14.06 36.10 47.10
C ARG A 1032 -14.30 36.78 45.75
N PHE A 1033 -15.26 36.29 44.97
CA PHE A 1033 -15.59 36.96 43.69
C PHE A 1033 -16.09 38.38 43.97
N ALA A 1034 -16.98 38.51 44.96
CA ALA A 1034 -17.49 39.86 45.30
C ALA A 1034 -16.34 40.77 45.72
N ARG A 1035 -15.43 40.25 46.55
CA ARG A 1035 -14.27 41.06 46.97
C ARG A 1035 -13.43 41.46 45.76
N HIS A 1036 -13.03 40.48 44.96
CA HIS A 1036 -12.15 40.76 43.79
C HIS A 1036 -12.83 41.71 42.81
N GLU A 1037 -14.16 41.79 42.85
CA GLU A 1037 -14.85 42.80 42.02
C GLU A 1037 -14.96 44.12 42.80
N GLU A 1038 -14.78 44.09 44.12
CA GLU A 1038 -14.99 45.33 44.93
C GLU A 1038 -13.69 46.11 45.14
N GLU A 1039 -12.68 45.52 45.78
CA GLU A 1039 -11.49 46.33 46.13
C GLU A 1039 -10.36 46.18 45.08
N ALA A 1040 -10.47 45.19 44.19
CA ALA A 1040 -9.40 45.01 43.18
C ALA A 1040 -9.61 45.96 42.00
N MET B 1 -30.08 27.21 7.79
CA MET B 1 -30.87 28.12 8.66
C MET B 1 -30.96 29.50 8.01
N GLN B 2 -32.10 29.80 7.44
CA GLN B 2 -32.32 31.09 6.75
C GLN B 2 -32.40 32.23 7.76
N VAL B 3 -32.74 33.40 7.26
CA VAL B 3 -32.75 34.60 8.13
C VAL B 3 -34.07 34.59 8.91
N LEU B 4 -34.04 33.96 10.08
CA LEU B 4 -35.24 33.93 10.93
C LEU B 4 -35.15 35.04 11.97
N PRO B 5 -36.28 35.46 12.57
CA PRO B 5 -36.21 36.40 13.67
C PRO B 5 -35.38 35.80 14.80
N PRO B 6 -34.59 36.61 15.54
CA PRO B 6 -33.74 36.07 16.58
C PRO B 6 -34.56 35.32 17.64
N SER B 7 -34.05 34.14 18.03
CA SER B 7 -34.75 33.31 19.03
C SER B 7 -34.48 33.83 20.44
N SER B 8 -35.41 34.64 20.97
CA SER B 8 -35.25 35.23 22.32
C SER B 8 -33.97 36.07 22.39
N THR B 9 -33.67 36.81 21.33
CA THR B 9 -32.48 37.68 21.28
C THR B 9 -31.21 36.92 21.63
N GLY B 10 -30.97 35.82 20.91
CA GLY B 10 -29.70 35.09 21.07
C GLY B 10 -29.14 34.67 19.72
N GLY B 11 -29.94 34.78 18.66
CA GLY B 11 -29.52 34.36 17.31
C GLY B 11 -29.19 32.89 17.25
N PRO B 12 -28.39 32.46 16.27
CA PRO B 12 -27.96 31.06 16.22
C PRO B 12 -27.00 30.69 17.31
N SER B 13 -26.45 31.67 18.04
CA SER B 13 -25.50 31.39 19.14
C SER B 13 -26.13 31.60 20.52
N ARG B 14 -27.44 31.38 20.65
CA ARG B 14 -28.12 31.69 21.94
C ARG B 14 -27.60 30.80 23.07
N LEU B 15 -27.48 29.50 22.81
CA LEU B 15 -27.07 28.59 23.90
C LEU B 15 -25.62 28.85 24.32
N PHE B 16 -24.83 29.49 23.46
CA PHE B 16 -23.41 29.74 23.78
C PHE B 16 -23.24 30.67 24.96
N ILE B 17 -24.15 31.62 25.14
CA ILE B 17 -24.06 32.54 26.30
C ILE B 17 -24.58 31.83 27.57
N MET B 18 -25.15 30.64 27.45
CA MET B 18 -25.66 29.90 28.63
C MET B 18 -24.65 28.83 29.11
N ARG B 19 -23.40 28.89 28.64
CA ARG B 19 -22.40 27.85 28.99
C ARG B 19 -21.08 28.49 29.38
N PRO B 20 -20.98 29.09 30.59
CA PRO B 20 -19.73 29.70 31.01
C PRO B 20 -18.62 28.67 31.24
N VAL B 21 -18.91 27.69 32.07
CA VAL B 21 -17.88 26.68 32.39
C VAL B 21 -17.52 25.91 31.12
N ALA B 22 -18.52 25.58 30.31
CA ALA B 22 -18.25 24.80 29.08
C ALA B 22 -17.27 25.57 28.18
N THR B 23 -17.54 26.86 27.98
CA THR B 23 -16.66 27.65 27.10
C THR B 23 -15.28 27.74 27.72
N THR B 24 -15.20 28.04 29.01
CA THR B 24 -13.88 28.26 29.63
C THR B 24 -13.05 27.00 29.51
N LEU B 25 -13.66 25.86 29.83
CA LEU B 25 -12.91 24.58 29.77
C LEU B 25 -12.60 24.22 28.31
N LEU B 26 -13.47 24.62 27.38
CA LEU B 26 -13.21 24.27 25.96
C LEU B 26 -11.96 25.01 25.49
N MET B 27 -11.88 26.28 25.81
CA MET B 27 -10.70 27.05 25.34
C MET B 27 -9.46 26.64 26.15
N VAL B 28 -9.64 26.24 27.40
CA VAL B 28 -8.47 25.72 28.15
C VAL B 28 -7.94 24.46 27.44
N ALA B 29 -8.86 23.57 27.04
CA ALA B 29 -8.45 22.35 26.33
C ALA B 29 -7.82 22.70 24.98
N ILE B 30 -8.40 23.67 24.31
CA ILE B 30 -7.84 24.07 22.99
C ILE B 30 -6.40 24.60 23.18
N LEU B 31 -6.18 25.44 24.19
CA LEU B 31 -4.83 25.98 24.42
C LEU B 31 -3.86 24.85 24.78
N LEU B 32 -4.30 23.93 25.64
CA LEU B 32 -3.42 22.82 26.04
C LEU B 32 -3.10 21.96 24.81
N ALA B 33 -4.10 21.73 23.95
CA ALA B 33 -3.87 20.85 22.81
C ALA B 33 -2.91 21.53 21.86
N GLY B 34 -3.08 22.83 21.69
CA GLY B 34 -2.15 23.57 20.82
C GLY B 34 -0.72 23.55 21.35
N ILE B 35 -0.57 23.70 22.65
CA ILE B 35 0.80 23.67 23.24
C ILE B 35 1.41 22.29 23.04
N ILE B 36 0.65 21.24 23.38
CA ILE B 36 1.24 19.88 23.27
C ILE B 36 1.44 19.54 21.79
N GLY B 37 0.64 20.15 20.90
CA GLY B 37 0.88 19.90 19.47
C GLY B 37 2.15 20.57 18.98
N TYR B 38 2.32 21.83 19.31
CA TYR B 38 3.55 22.55 18.90
C TYR B 38 4.74 21.85 19.48
N ARG B 39 4.55 21.17 20.62
CA ARG B 39 5.69 20.38 21.17
C ARG B 39 5.67 18.96 20.60
N ALA B 40 4.61 18.56 19.87
CA ALA B 40 4.55 17.15 19.43
C ALA B 40 4.37 17.01 17.91
N LEU B 41 3.61 17.90 17.29
CA LEU B 41 3.33 17.72 15.85
C LEU B 41 4.61 17.90 15.04
N PRO B 42 4.72 17.42 13.79
CA PRO B 42 5.96 17.39 13.09
C PRO B 42 6.19 18.59 12.19
N VAL B 43 7.22 19.34 12.55
CA VAL B 43 7.54 20.56 11.77
C VAL B 43 8.67 20.19 10.82
N SER B 44 8.40 20.35 9.53
CA SER B 44 9.39 19.99 8.50
C SER B 44 9.87 21.25 7.78
N ALA B 45 10.95 21.11 7.01
CA ALA B 45 11.42 22.26 6.22
C ALA B 45 10.54 22.45 4.99
N LEU B 46 10.17 21.36 4.32
CA LEU B 46 9.44 21.47 3.04
C LEU B 46 8.27 20.50 3.06
N PRO B 47 7.22 20.76 2.27
CA PRO B 47 6.14 19.80 2.19
C PRO B 47 6.55 18.50 1.54
N GLU B 48 5.77 17.46 1.81
CA GLU B 48 6.06 16.11 1.25
C GLU B 48 5.58 16.08 -0.20
N VAL B 49 6.23 16.88 -1.03
CA VAL B 49 5.88 16.91 -2.47
C VAL B 49 7.07 16.34 -3.25
N ASP B 50 7.02 15.05 -3.56
CA ASP B 50 8.15 14.39 -4.25
C ASP B 50 7.73 13.93 -5.63
N TYR B 51 8.50 14.30 -6.64
CA TYR B 51 8.20 13.83 -7.99
C TYR B 51 8.59 12.38 -8.09
N PRO B 52 7.96 11.61 -8.98
CA PRO B 52 8.41 10.24 -9.21
C PRO B 52 9.69 10.23 -10.03
N THR B 53 10.83 9.99 -9.36
CA THR B 53 12.13 10.04 -10.05
C THR B 53 13.05 9.04 -9.41
N ILE B 54 13.57 8.12 -10.21
CA ILE B 54 14.41 7.03 -9.66
C ILE B 54 15.83 7.19 -10.20
N GLN B 55 16.79 7.22 -9.28
CA GLN B 55 18.21 7.25 -9.70
C GLN B 55 18.83 5.88 -9.42
N VAL B 56 19.44 5.29 -10.46
CA VAL B 56 20.16 4.00 -10.29
C VAL B 56 21.60 4.28 -10.70
N VAL B 57 22.52 3.70 -9.97
CA VAL B 57 23.97 3.97 -10.20
C VAL B 57 24.68 2.66 -10.49
N THR B 58 25.55 2.67 -11.48
CA THR B 58 26.36 1.51 -11.82
C THR B 58 27.79 1.97 -12.02
N LEU B 59 28.62 1.76 -11.01
CA LEU B 59 30.06 2.10 -11.12
C LEU B 59 30.86 0.86 -11.47
N TYR B 60 31.73 0.97 -12.46
CA TYR B 60 32.53 -0.18 -12.94
C TYR B 60 33.84 0.39 -13.36
N PRO B 61 34.92 0.15 -12.61
CA PRO B 61 36.13 0.91 -12.81
C PRO B 61 36.90 0.60 -14.03
N GLY B 62 37.61 1.59 -14.55
CA GLY B 62 38.52 1.35 -15.69
C GLY B 62 37.88 1.46 -17.06
N ALA B 63 36.60 1.16 -17.14
CA ALA B 63 35.95 1.12 -18.47
C ALA B 63 35.88 2.51 -19.06
N SER B 64 36.27 2.61 -20.32
CA SER B 64 36.23 3.90 -21.04
C SER B 64 34.79 4.33 -21.24
N PRO B 65 34.53 5.64 -21.44
CA PRO B 65 33.15 6.08 -21.57
C PRO B 65 32.37 5.37 -22.67
N ASP B 66 32.99 5.13 -23.81
CA ASP B 66 32.23 4.54 -24.93
C ASP B 66 31.86 3.09 -24.61
N VAL B 67 32.81 2.34 -24.07
CA VAL B 67 32.49 0.94 -23.71
C VAL B 67 31.48 0.93 -22.55
N MET B 68 31.55 1.92 -21.66
CA MET B 68 30.53 2.00 -20.59
C MET B 68 29.14 2.22 -21.20
N THR B 69 29.04 3.13 -22.18
CA THR B 69 27.74 3.36 -22.83
C THR B 69 27.26 2.11 -23.54
N SER B 70 28.14 1.43 -24.24
CA SER B 70 27.69 0.28 -25.05
C SER B 70 27.32 -0.90 -24.16
N ALA B 71 28.07 -1.13 -23.09
CA ALA B 71 27.83 -2.37 -22.31
C ALA B 71 26.97 -2.16 -21.08
N VAL B 72 26.69 -0.93 -20.69
CA VAL B 72 25.96 -0.73 -19.41
C VAL B 72 24.65 0.01 -19.68
N THR B 73 24.72 1.17 -20.32
CA THR B 73 23.51 2.01 -20.46
C THR B 73 22.52 1.39 -21.44
N ALA B 74 23.00 0.91 -22.56
CA ALA B 74 22.07 0.41 -23.60
C ALA B 74 21.17 -0.72 -23.08
N PRO B 75 21.67 -1.78 -22.42
CA PRO B 75 20.77 -2.84 -22.02
C PRO B 75 19.69 -2.39 -21.06
N LEU B 76 20.07 -1.68 -19.99
CA LEU B 76 19.03 -1.32 -19.01
C LEU B 76 18.11 -0.24 -19.60
N GLU B 77 18.65 0.60 -20.45
CA GLU B 77 17.79 1.63 -21.12
C GLU B 77 16.72 0.93 -21.96
N ARG B 78 17.10 -0.11 -22.70
CA ARG B 78 16.08 -0.86 -23.45
C ARG B 78 15.14 -1.60 -22.49
N GLN B 79 15.67 -2.12 -21.39
CA GLN B 79 14.80 -2.80 -20.42
C GLN B 79 13.86 -1.80 -19.73
N PHE B 80 14.35 -0.62 -19.37
CA PHE B 80 13.47 0.34 -18.65
C PHE B 80 12.44 0.94 -19.60
N GLY B 81 12.81 1.17 -20.86
CA GLY B 81 11.90 1.88 -21.79
C GLY B 81 10.57 1.19 -22.02
N GLN B 82 10.52 -0.13 -21.90
CA GLN B 82 9.27 -0.83 -22.21
C GLN B 82 8.31 -0.76 -21.00
N MET B 83 8.75 -0.22 -19.88
CA MET B 83 7.91 -0.26 -18.66
C MET B 83 6.98 0.94 -18.70
N SER B 84 5.75 0.73 -18.25
CA SER B 84 4.74 1.80 -18.39
C SER B 84 5.03 2.98 -17.47
N GLY B 85 4.41 4.11 -17.78
CA GLY B 85 4.55 5.28 -16.90
C GLY B 85 5.75 6.14 -17.22
N LEU B 86 6.66 5.66 -18.07
CA LEU B 86 7.88 6.43 -18.37
C LEU B 86 7.51 7.58 -19.30
N LYS B 87 7.75 8.81 -18.85
CA LYS B 87 7.37 10.00 -19.65
C LYS B 87 8.60 10.53 -20.38
N GLN B 88 9.73 10.60 -19.70
CA GLN B 88 10.99 10.92 -20.42
C GLN B 88 12.14 10.33 -19.62
N MET B 89 13.26 10.11 -20.29
CA MET B 89 14.45 9.58 -19.60
C MET B 89 15.69 10.32 -20.07
N SER B 90 16.69 10.38 -19.21
CA SER B 90 17.99 10.98 -19.58
C SER B 90 19.09 10.23 -18.83
N SER B 91 20.27 10.20 -19.44
CA SER B 91 21.38 9.43 -18.85
C SER B 91 22.64 10.27 -18.76
N GLN B 92 23.39 10.08 -17.69
CA GLN B 92 24.69 10.77 -17.51
C GLN B 92 25.74 9.67 -17.55
N SER B 93 26.26 9.41 -18.74
CA SER B 93 27.24 8.31 -18.91
C SER B 93 28.63 8.92 -19.11
N SER B 94 29.55 8.55 -18.23
CA SER B 94 30.93 9.05 -18.31
C SER B 94 31.89 7.90 -18.05
N GLY B 95 33.14 8.24 -17.85
CA GLY B 95 34.17 7.22 -17.61
C GLY B 95 33.90 6.41 -16.35
N GLY B 96 33.52 5.16 -16.53
CA GLY B 96 33.34 4.27 -15.37
C GLY B 96 32.08 4.54 -14.60
N ALA B 97 31.22 5.41 -15.11
CA ALA B 97 30.00 5.76 -14.37
C ALA B 97 28.80 5.67 -15.30
N SER B 98 27.66 5.31 -14.71
CA SER B 98 26.40 5.25 -15.47
C SER B 98 25.24 5.49 -14.50
N VAL B 99 24.72 6.71 -14.48
CA VAL B 99 23.54 7.01 -13.65
C VAL B 99 22.37 7.24 -14.60
N ILE B 100 21.20 6.78 -14.20
CA ILE B 100 20.02 6.82 -15.09
C ILE B 100 18.95 7.70 -14.43
N THR B 101 18.42 8.64 -15.21
CA THR B 101 17.37 9.53 -14.70
C THR B 101 16.05 9.19 -15.36
N LEU B 102 15.11 8.68 -14.56
CA LEU B 102 13.75 8.40 -15.07
C LEU B 102 12.76 9.30 -14.35
N GLN B 103 11.98 10.05 -15.12
CA GLN B 103 10.91 10.89 -14.53
C GLN B 103 9.58 10.30 -15.01
N PHE B 104 8.72 9.96 -14.06
CA PHE B 104 7.46 9.27 -14.42
C PHE B 104 6.30 10.24 -14.53
N GLN B 105 5.14 9.70 -14.87
CA GLN B 105 3.92 10.54 -14.89
C GLN B 105 3.49 10.84 -13.46
N LEU B 106 2.67 11.88 -13.30
CA LEU B 106 2.30 12.31 -11.93
C LEU B 106 1.43 11.26 -11.25
N THR B 107 0.88 10.30 -12.00
CA THR B 107 -0.10 9.36 -11.40
C THR B 107 0.55 8.11 -10.87
N LEU B 108 1.86 8.02 -10.92
CA LEU B 108 2.46 6.72 -10.51
C LEU B 108 2.88 6.79 -9.05
N PRO B 109 2.38 5.88 -8.20
CA PRO B 109 2.85 5.83 -6.83
C PRO B 109 4.29 5.37 -6.75
N LEU B 110 5.00 5.84 -5.72
CA LEU B 110 6.44 5.55 -5.61
C LEU B 110 6.68 4.05 -5.42
N ASP B 111 5.83 3.39 -4.65
CA ASP B 111 6.07 1.96 -4.35
C ASP B 111 6.01 1.14 -5.64
N VAL B 112 5.02 1.44 -6.48
CA VAL B 112 4.86 0.61 -7.70
C VAL B 112 6.04 0.90 -8.64
N ALA B 113 6.51 2.13 -8.66
CA ALA B 113 7.67 2.46 -9.52
C ALA B 113 8.90 1.74 -9.00
N GLU B 114 9.02 1.63 -7.67
CA GLU B 114 10.15 0.86 -7.10
C GLU B 114 10.02 -0.61 -7.50
N GLN B 115 8.80 -1.12 -7.51
CA GLN B 115 8.59 -2.52 -7.93
C GLN B 115 9.04 -2.70 -9.38
N GLU B 116 8.65 -1.78 -10.27
CA GLU B 116 9.04 -1.94 -11.69
C GLU B 116 10.56 -1.78 -11.85
N VAL B 117 11.17 -0.85 -11.16
CA VAL B 117 12.63 -0.68 -11.37
C VAL B 117 13.36 -1.91 -10.82
N GLN B 118 12.89 -2.45 -9.70
CA GLN B 118 13.52 -3.68 -9.15
C GLN B 118 13.34 -4.83 -10.16
N ALA B 119 12.14 -4.98 -10.70
CA ALA B 119 11.88 -6.07 -11.65
C ALA B 119 12.76 -5.91 -12.90
N ALA B 120 12.89 -4.68 -13.39
CA ALA B 120 13.68 -4.48 -14.61
C ALA B 120 15.15 -4.77 -14.32
N ILE B 121 15.64 -4.30 -13.18
CA ILE B 121 17.09 -4.49 -12.88
C ILE B 121 17.35 -5.99 -12.64
N ASN B 122 16.33 -6.72 -12.19
CA ASN B 122 16.52 -8.17 -12.00
C ASN B 122 16.48 -8.86 -13.35
N ALA B 123 15.59 -8.43 -14.22
CA ALA B 123 15.39 -9.15 -15.50
C ALA B 123 16.56 -8.86 -16.45
N ALA B 124 17.17 -7.70 -16.34
CA ALA B 124 18.28 -7.34 -17.25
C ALA B 124 19.62 -7.81 -16.70
N THR B 125 19.62 -8.58 -15.61
CA THR B 125 20.90 -8.91 -14.95
C THR B 125 21.78 -9.74 -15.84
N ASN B 126 21.20 -10.69 -16.56
CA ASN B 126 22.03 -11.61 -17.36
C ASN B 126 22.83 -10.83 -18.41
N LEU B 127 22.19 -9.89 -19.09
CA LEU B 127 22.89 -9.17 -20.19
C LEU B 127 23.96 -8.21 -19.63
N LEU B 128 24.00 -7.97 -18.32
CA LEU B 128 25.00 -7.00 -17.81
C LEU B 128 26.38 -7.61 -17.90
N PRO B 129 27.45 -6.81 -17.96
CA PRO B 129 28.78 -7.37 -17.91
C PRO B 129 29.04 -8.19 -16.66
N SER B 130 29.84 -9.23 -16.79
CA SER B 130 30.02 -10.19 -15.66
C SER B 130 31.11 -9.74 -14.69
N ASP B 131 31.74 -8.62 -14.97
CA ASP B 131 32.83 -8.13 -14.08
C ASP B 131 32.34 -6.96 -13.21
N LEU B 132 31.03 -6.81 -13.06
CA LEU B 132 30.49 -5.71 -12.22
C LEU B 132 30.88 -5.98 -10.78
N PRO B 133 31.49 -5.03 -10.07
CA PRO B 133 31.85 -5.26 -8.69
C PRO B 133 30.64 -5.30 -7.78
N ASN B 134 29.71 -4.36 -7.97
CA ASN B 134 28.46 -4.38 -7.18
C ASN B 134 27.28 -4.38 -8.14
N PRO B 135 26.17 -5.07 -7.81
CA PRO B 135 24.98 -4.98 -8.63
C PRO B 135 24.39 -3.60 -8.56
N PRO B 136 23.62 -3.15 -9.57
CA PRO B 136 23.16 -1.78 -9.59
C PRO B 136 22.05 -1.59 -8.60
N VAL B 137 22.10 -0.49 -7.85
CA VAL B 137 21.09 -0.23 -6.77
C VAL B 137 20.31 1.04 -7.09
N TYR B 138 19.02 0.99 -6.80
CA TYR B 138 18.13 2.14 -7.09
C TYR B 138 18.06 3.06 -5.90
N SER B 139 17.71 4.31 -6.17
CA SER B 139 17.61 5.33 -5.11
C SER B 139 16.27 6.04 -5.23
N LYS B 140 15.55 6.11 -4.12
CA LYS B 140 14.23 6.80 -4.13
C LYS B 140 14.46 8.26 -3.77
N VAL B 141 15.36 8.91 -4.50
CA VAL B 141 15.73 10.29 -4.14
C VAL B 141 15.35 11.23 -5.27
N ASN B 142 14.60 12.26 -4.95
CA ASN B 142 14.31 13.31 -5.95
C ASN B 142 15.32 14.44 -5.74
N PRO B 143 15.69 15.17 -6.81
CA PRO B 143 16.61 16.28 -6.64
C PRO B 143 16.08 17.40 -5.75
N ALA B 144 14.76 17.46 -5.55
CA ALA B 144 14.16 18.52 -4.70
C ALA B 144 14.51 18.29 -3.22
N ASP B 145 14.77 17.06 -2.84
CA ASP B 145 15.05 16.77 -1.42
C ASP B 145 16.44 17.29 -1.06
N PRO B 146 16.58 18.17 -0.05
CA PRO B 146 17.90 18.61 0.36
C PRO B 146 18.43 17.75 1.48
N PRO B 147 19.76 17.77 1.74
CA PRO B 147 20.30 17.03 2.87
C PRO B 147 19.92 17.67 4.19
N ILE B 148 20.18 16.95 5.28
CA ILE B 148 19.83 17.49 6.62
C ILE B 148 21.05 18.22 7.16
N MET B 149 22.16 17.51 7.30
CA MET B 149 23.40 18.17 7.76
C MET B 149 24.59 17.34 7.31
N THR B 150 25.67 18.03 6.91
CA THR B 150 26.87 17.33 6.41
C THR B 150 27.96 17.31 7.44
N LEU B 151 28.65 16.17 7.54
CA LEU B 151 29.81 16.03 8.44
C LEU B 151 31.04 15.66 7.60
N ALA B 152 32.17 16.28 7.94
CA ALA B 152 33.44 15.98 7.26
C ALA B 152 34.48 15.64 8.31
N VAL B 153 35.29 14.62 8.05
CA VAL B 153 36.28 14.16 9.04
C VAL B 153 37.66 14.32 8.44
N THR B 154 38.58 14.84 9.24
CA THR B 154 39.96 15.06 8.78
C THR B 154 40.92 14.61 9.83
N SER B 155 42.19 14.54 9.46
CA SER B 155 43.22 14.04 10.40
C SER B 155 44.50 14.80 10.12
N THR B 156 45.51 14.58 10.95
CA THR B 156 46.77 15.30 10.81
C THR B 156 47.92 14.35 10.62
N ALA B 157 48.07 13.35 11.48
CA ALA B 157 49.31 12.54 11.43
C ALA B 157 49.05 11.04 11.32
N MET B 158 47.97 10.62 10.68
CA MET B 158 47.74 9.17 10.54
C MET B 158 47.14 8.91 9.16
N PRO B 159 47.65 7.94 8.39
CA PRO B 159 47.26 7.77 7.00
C PRO B 159 45.78 7.71 6.72
N MET B 160 45.37 8.29 5.59
CA MET B 160 43.93 8.47 5.29
C MET B 160 43.17 7.15 5.16
N THR B 161 43.85 6.08 4.76
CA THR B 161 43.13 4.80 4.58
C THR B 161 42.59 4.31 5.91
N GLN B 162 43.42 4.31 6.94
CA GLN B 162 42.93 3.90 8.27
C GLN B 162 41.95 4.94 8.83
N VAL B 163 42.08 6.21 8.46
CA VAL B 163 41.08 7.21 8.89
C VAL B 163 39.71 6.81 8.33
N GLU B 164 39.67 6.48 7.06
CA GLU B 164 38.37 6.13 6.46
C GLU B 164 37.85 4.82 7.06
N ASP B 165 38.72 3.85 7.26
CA ASP B 165 38.30 2.56 7.90
C ASP B 165 37.69 2.88 9.26
N MET B 166 38.41 3.67 10.05
CA MET B 166 37.99 3.98 11.42
C MET B 166 36.65 4.72 11.40
N VAL B 167 36.51 5.66 10.50
CA VAL B 167 35.29 6.51 10.51
C VAL B 167 34.08 5.69 10.04
N GLU B 168 34.24 4.86 9.03
CA GLU B 168 33.03 4.12 8.59
C GLU B 168 32.80 2.85 9.42
N THR B 169 33.72 2.48 10.30
CA THR B 169 33.42 1.39 11.25
C THR B 169 32.70 1.94 12.47
N ARG B 170 33.15 3.06 13.03
CA ARG B 170 32.48 3.55 14.25
C ARG B 170 31.70 4.85 14.03
N VAL B 171 32.31 5.88 13.46
CA VAL B 171 31.65 7.21 13.37
C VAL B 171 30.41 7.16 12.49
N ALA B 172 30.56 6.63 11.27
CA ALA B 172 29.42 6.70 10.33
C ALA B 172 28.24 5.87 10.80
N GLN B 173 28.49 4.67 11.30
CA GLN B 173 27.36 3.77 11.61
C GLN B 173 26.62 4.22 12.87
N LYS B 174 27.36 4.66 13.90
CA LYS B 174 26.66 5.11 15.13
C LYS B 174 25.84 6.37 14.84
N ILE B 175 26.38 7.30 14.06
CA ILE B 175 25.61 8.51 13.69
C ILE B 175 24.38 8.07 12.89
N SER B 176 24.57 7.17 11.93
CA SER B 176 23.42 6.67 11.15
C SER B 176 22.53 5.71 11.96
N GLN B 177 22.99 5.28 13.14
CA GLN B 177 22.22 4.29 13.92
C GLN B 177 20.87 4.87 14.34
N ILE B 178 20.90 6.12 14.80
CA ILE B 178 19.62 6.76 15.24
C ILE B 178 18.80 7.15 14.00
N SER B 179 17.52 7.43 14.23
CA SER B 179 16.68 7.89 13.10
C SER B 179 17.11 9.27 12.63
N GLY B 180 16.63 9.63 11.46
CA GLY B 180 16.96 10.96 10.90
C GLY B 180 17.99 10.88 9.80
N VAL B 181 18.39 9.67 9.43
CA VAL B 181 19.41 9.51 8.35
C VAL B 181 18.73 8.81 7.17
N GLY B 182 18.71 9.48 6.02
CA GLY B 182 18.15 8.86 4.81
C GLY B 182 19.18 7.99 4.13
N LEU B 183 20.33 8.57 3.80
CA LEU B 183 21.40 7.78 3.16
C LEU B 183 22.71 8.55 3.37
N VAL B 184 23.65 7.93 4.05
CA VAL B 184 24.97 8.56 4.27
C VAL B 184 25.84 8.28 3.05
N THR B 185 26.16 9.33 2.32
CA THR B 185 27.02 9.18 1.13
C THR B 185 28.43 9.62 1.48
N LEU B 186 29.32 8.67 1.70
CA LEU B 186 30.71 8.98 2.04
C LEU B 186 31.42 9.39 0.74
N SER B 187 31.33 10.68 0.44
CA SER B 187 31.91 11.20 -0.81
C SER B 187 33.43 11.10 -0.78
N GLY B 188 34.02 10.94 -1.94
CA GLY B 188 35.48 10.85 -2.04
C GLY B 188 35.99 9.63 -1.34
N GLY B 189 35.29 8.51 -1.46
CA GLY B 189 35.65 7.29 -0.71
C GLY B 189 37.04 6.77 -0.94
N GLN B 190 37.92 6.95 0.04
CA GLN B 190 39.26 6.32 -0.01
C GLN B 190 39.17 5.02 0.80
N ARG B 191 38.37 4.09 0.31
CA ARG B 191 38.14 2.83 1.04
C ARG B 191 39.46 2.05 1.13
N PRO B 192 39.77 1.45 2.30
CA PRO B 192 41.01 0.72 2.42
C PRO B 192 40.97 -0.57 1.63
N ALA B 193 42.14 -0.98 1.15
CA ALA B 193 42.23 -2.22 0.35
C ALA B 193 43.69 -2.65 0.32
N VAL B 194 43.99 -3.67 -0.46
CA VAL B 194 45.39 -4.15 -0.61
C VAL B 194 45.82 -3.95 -2.06
N ARG B 195 46.94 -3.28 -2.25
CA ARG B 195 47.41 -2.96 -3.62
C ARG B 195 48.64 -3.78 -3.95
N VAL B 196 48.76 -4.14 -5.23
CA VAL B 196 49.97 -4.86 -5.71
C VAL B 196 50.55 -4.04 -6.85
N LYS B 197 51.84 -3.75 -6.75
CA LYS B 197 52.52 -2.88 -7.74
C LYS B 197 53.40 -3.76 -8.62
N LEU B 198 53.18 -3.68 -9.93
CA LEU B 198 53.92 -4.56 -10.87
C LEU B 198 55.06 -3.79 -11.55
N ASN B 199 56.25 -4.37 -11.52
CA ASN B 199 57.40 -3.78 -12.25
C ASN B 199 57.41 -4.41 -13.64
N ALA B 200 57.26 -3.58 -14.67
CA ALA B 200 57.19 -4.11 -16.04
C ALA B 200 58.54 -4.72 -16.45
N GLN B 201 59.62 -3.97 -16.25
CA GLN B 201 60.93 -4.44 -16.73
C GLN B 201 61.35 -5.75 -16.03
N ALA B 202 61.21 -5.82 -14.71
CA ALA B 202 61.69 -7.00 -13.97
C ALA B 202 60.91 -8.25 -14.37
N ILE B 203 59.58 -8.15 -14.37
CA ILE B 203 58.75 -9.34 -14.70
C ILE B 203 58.92 -9.70 -16.18
N ALA B 204 59.10 -8.69 -17.02
CA ALA B 204 59.32 -8.99 -18.45
C ALA B 204 60.66 -9.66 -18.66
N ALA B 205 61.62 -9.36 -17.79
CA ALA B 205 62.96 -9.98 -17.94
C ALA B 205 62.89 -11.49 -17.72
N LEU B 206 62.06 -11.94 -16.78
CA LEU B 206 62.02 -13.39 -16.44
C LEU B 206 61.06 -14.15 -17.37
N GLY B 207 60.38 -13.47 -18.29
CA GLY B 207 59.54 -14.19 -19.26
C GLY B 207 58.31 -14.79 -18.64
N LEU B 208 57.64 -14.05 -17.77
CA LEU B 208 56.39 -14.54 -17.17
C LEU B 208 55.32 -13.47 -17.28
N THR B 209 54.08 -13.89 -17.48
CA THR B 209 52.98 -12.93 -17.78
C THR B 209 52.19 -12.59 -16.55
N SER B 210 51.36 -11.56 -16.68
CA SER B 210 50.49 -11.16 -15.54
C SER B 210 49.42 -12.23 -15.27
N GLU B 211 49.18 -13.12 -16.23
CA GLU B 211 48.22 -14.21 -15.97
C GLU B 211 48.74 -15.13 -14.86
N THR B 212 50.04 -15.34 -14.79
CA THR B 212 50.60 -16.23 -13.77
C THR B 212 50.36 -15.67 -12.38
N VAL B 213 50.69 -14.41 -12.17
CA VAL B 213 50.48 -13.82 -10.83
C VAL B 213 48.99 -13.71 -10.55
N ARG B 214 48.18 -13.45 -11.57
CA ARG B 214 46.72 -13.46 -11.38
C ARG B 214 46.26 -14.83 -10.85
N THR B 215 46.71 -15.91 -11.48
CA THR B 215 46.31 -17.25 -11.03
C THR B 215 46.80 -17.51 -9.63
N ALA B 216 48.03 -17.12 -9.33
CA ALA B 216 48.59 -17.39 -7.97
C ALA B 216 47.76 -16.66 -6.91
N ILE B 217 47.48 -15.38 -7.13
CA ILE B 217 46.73 -14.61 -6.13
C ILE B 217 45.30 -15.19 -6.01
N THR B 218 44.68 -15.57 -7.11
CA THR B 218 43.34 -16.14 -7.03
C THR B 218 43.36 -17.42 -6.24
N GLY B 219 44.38 -18.23 -6.45
CA GLY B 219 44.45 -19.51 -5.73
C GLY B 219 44.98 -19.38 -4.32
N ALA B 220 45.36 -18.18 -3.88
CA ALA B 220 45.97 -18.06 -2.55
C ALA B 220 44.87 -17.92 -1.50
N ASN B 221 44.04 -16.88 -1.62
CA ASN B 221 43.01 -16.60 -0.61
C ASN B 221 41.68 -17.16 -1.08
N VAL B 222 41.33 -18.32 -0.55
CA VAL B 222 39.97 -18.86 -0.82
C VAL B 222 39.46 -19.33 0.53
N ASN B 223 38.36 -18.76 0.99
CA ASN B 223 37.79 -19.10 2.32
C ASN B 223 36.45 -19.76 2.07
N SER B 224 36.47 -21.08 1.91
CA SER B 224 35.23 -21.81 1.59
C SER B 224 34.96 -22.82 2.68
N ALA B 225 33.89 -23.58 2.52
CA ALA B 225 33.52 -24.55 3.55
C ALA B 225 34.61 -25.61 3.71
N LYS B 226 34.83 -26.02 4.95
CA LYS B 226 35.82 -27.09 5.21
C LYS B 226 35.15 -28.26 5.94
N GLY B 227 33.91 -28.09 6.40
CA GLY B 227 33.21 -29.26 6.95
C GLY B 227 33.57 -29.62 8.35
N SER B 228 33.07 -30.78 8.80
CA SER B 228 33.29 -31.17 10.20
C SER B 228 33.33 -32.69 10.29
N LEU B 229 33.80 -33.19 11.41
CA LEU B 229 33.98 -34.65 11.59
C LEU B 229 32.89 -35.22 12.49
N ASP B 230 32.62 -36.52 12.33
CA ASP B 230 31.63 -37.22 13.16
C ASP B 230 32.26 -38.55 13.58
N GLY B 231 32.05 -38.95 14.82
CA GLY B 231 32.64 -40.20 15.31
C GLY B 231 31.83 -40.74 16.46
N PRO B 232 32.28 -41.84 17.08
CA PRO B 232 31.52 -42.41 18.17
C PRO B 232 31.71 -41.68 19.48
N SER B 233 32.80 -40.94 19.64
CA SER B 233 33.08 -40.29 20.94
C SER B 233 33.04 -38.76 20.83
N ARG B 234 33.85 -38.18 19.95
CA ARG B 234 33.92 -36.69 19.91
C ARG B 234 33.72 -36.20 18.48
N ALA B 235 33.29 -34.95 18.36
CA ALA B 235 33.12 -34.33 17.03
C ALA B 235 33.93 -33.04 16.99
N VAL B 236 34.44 -32.70 15.81
CA VAL B 236 35.29 -31.49 15.68
C VAL B 236 34.98 -30.81 14.36
N THR B 237 35.49 -29.59 14.21
CA THR B 237 35.35 -28.84 12.96
C THR B 237 36.71 -28.60 12.35
N LEU B 238 36.78 -28.62 11.03
CA LEU B 238 38.07 -28.46 10.32
C LEU B 238 38.23 -27.00 9.89
N SER B 239 39.38 -26.42 10.24
CA SER B 239 39.68 -25.03 9.83
C SER B 239 41.17 -24.94 9.55
N ALA B 240 41.53 -24.27 8.47
CA ALA B 240 42.95 -24.21 8.06
C ALA B 240 43.37 -22.76 7.90
N ASN B 241 44.67 -22.54 7.92
CA ASN B 241 45.22 -21.17 7.76
C ASN B 241 45.26 -20.82 6.29
N ASP B 242 44.13 -20.97 5.63
CA ASP B 242 44.05 -20.64 4.19
C ASP B 242 43.70 -19.17 4.00
N GLN B 243 43.41 -18.45 5.08
CA GLN B 243 43.02 -17.04 4.96
C GLN B 243 44.13 -16.14 5.50
N MET B 244 44.55 -15.18 4.69
CA MET B 244 45.56 -14.19 5.13
C MET B 244 44.90 -12.82 5.18
N GLN B 245 45.22 -12.05 6.21
CA GLN B 245 44.54 -10.75 6.38
C GLN B 245 45.41 -9.61 5.88
N SER B 246 46.65 -9.52 6.34
CA SER B 246 47.49 -8.35 6.04
C SER B 246 48.29 -8.54 4.77
N ALA B 247 49.31 -7.72 4.56
CA ALA B 247 50.02 -7.73 3.27
C ALA B 247 51.28 -8.58 3.29
N GLU B 248 51.84 -8.86 4.47
CA GLU B 248 53.11 -9.62 4.50
C GLU B 248 52.89 -11.05 3.98
N GLU B 249 51.78 -11.69 4.35
CA GLU B 249 51.51 -13.06 3.88
C GLU B 249 51.22 -13.07 2.38
N TYR B 250 50.55 -12.04 1.86
CA TYR B 250 50.38 -11.92 0.39
C TYR B 250 51.74 -11.76 -0.26
N ARG B 251 52.58 -10.93 0.33
CA ARG B 251 53.94 -10.69 -0.23
C ARG B 251 54.75 -12.00 -0.25
N GLN B 252 54.63 -12.82 0.80
CA GLN B 252 55.49 -14.01 0.93
C GLN B 252 55.04 -15.16 0.01
N LEU B 253 53.89 -15.02 -0.63
CA LEU B 253 53.44 -16.10 -1.55
C LEU B 253 54.41 -16.27 -2.71
N ILE B 254 54.61 -17.53 -3.12
CA ILE B 254 55.44 -17.79 -4.32
C ILE B 254 54.52 -17.76 -5.55
N ILE B 255 54.90 -16.96 -6.55
CA ILE B 255 54.02 -16.79 -7.74
C ILE B 255 54.67 -17.28 -9.03
N ALA B 256 55.95 -17.60 -9.02
CA ALA B 256 56.59 -18.16 -10.23
C ALA B 256 57.79 -19.01 -9.85
N TYR B 257 58.27 -19.81 -10.81
CA TYR B 257 59.44 -20.68 -10.58
C TYR B 257 60.40 -20.57 -11.74
N GLN B 258 61.70 -20.54 -11.47
CA GLN B 258 62.72 -20.26 -12.51
C GLN B 258 64.06 -20.77 -12.03
N ASN B 259 64.57 -21.82 -12.66
CA ASN B 259 65.85 -22.49 -12.29
C ASN B 259 66.05 -22.58 -10.79
N GLY B 260 65.11 -23.19 -10.09
CA GLY B 260 65.33 -23.49 -8.67
C GLY B 260 65.18 -22.34 -7.71
N ALA B 261 65.36 -21.12 -8.19
CA ALA B 261 65.28 -19.95 -7.30
C ALA B 261 63.82 -19.67 -7.01
N PRO B 262 63.38 -19.66 -5.73
CA PRO B 262 62.01 -19.30 -5.44
C PRO B 262 61.72 -17.84 -5.78
N ILE B 263 60.78 -17.63 -6.70
CA ILE B 263 60.38 -16.26 -7.11
C ILE B 263 59.09 -15.90 -6.38
N ARG B 264 59.16 -14.90 -5.53
CA ARG B 264 58.00 -14.52 -4.72
C ARG B 264 57.32 -13.29 -5.29
N LEU B 265 56.30 -12.80 -4.60
CA LEU B 265 55.68 -11.52 -5.02
C LEU B 265 56.54 -10.35 -4.55
N GLY B 266 57.16 -10.47 -3.38
CA GLY B 266 57.90 -9.31 -2.84
C GLY B 266 59.16 -8.98 -3.62
N ASP B 267 59.90 -9.99 -4.05
CA ASP B 267 61.22 -9.72 -4.65
C ASP B 267 61.11 -9.20 -6.09
N VAL B 268 59.93 -9.30 -6.68
CA VAL B 268 59.78 -8.86 -8.09
C VAL B 268 58.64 -7.85 -8.19
N ALA B 269 57.79 -7.75 -7.16
CA ALA B 269 56.74 -6.72 -7.16
C ALA B 269 56.64 -6.08 -5.77
N THR B 270 55.98 -4.91 -5.71
CA THR B 270 55.79 -4.23 -4.42
C THR B 270 54.34 -4.24 -4.01
N VAL B 271 54.10 -4.44 -2.72
CA VAL B 271 52.71 -4.45 -2.19
C VAL B 271 52.71 -3.58 -0.94
N GLU B 272 51.71 -2.72 -0.82
CA GLU B 272 51.63 -1.79 0.32
C GLU B 272 50.19 -1.41 0.53
N GLN B 273 49.80 -1.23 1.79
CA GLN B 273 48.40 -0.89 2.10
C GLN B 273 48.07 0.47 1.49
N GLY B 274 46.89 0.57 0.91
CA GLY B 274 46.48 1.81 0.26
C GLY B 274 44.99 1.86 0.06
N ALA B 275 44.56 2.55 -0.99
CA ALA B 275 43.11 2.70 -1.24
C ALA B 275 42.66 1.79 -2.37
N GLU B 276 41.36 1.52 -2.39
CA GLU B 276 40.83 0.61 -3.44
C GLU B 276 40.81 1.31 -4.79
N ASN B 277 40.55 2.61 -4.79
CA ASN B 277 40.53 3.39 -6.04
C ASN B 277 41.27 4.70 -5.77
N SER B 278 42.38 4.92 -6.47
CA SER B 278 43.19 6.13 -6.26
C SER B 278 42.51 7.38 -6.80
N TRP B 279 41.38 7.22 -7.49
CA TRP B 279 40.73 8.38 -8.15
C TRP B 279 39.55 8.92 -7.35
N LEU B 280 39.41 8.50 -6.10
CA LEU B 280 38.35 9.07 -5.24
C LEU B 280 39.00 9.78 -4.05
N GLY B 281 38.58 11.01 -3.80
CA GLY B 281 39.17 11.77 -2.71
C GLY B 281 38.42 13.03 -2.43
N ALA B 282 38.64 13.58 -1.25
CA ALA B 282 37.93 14.81 -0.82
C ALA B 282 38.92 15.79 -0.21
N TRP B 283 38.64 17.08 -0.39
CA TRP B 283 39.51 18.14 0.16
C TRP B 283 38.68 19.06 1.01
N ALA B 284 39.19 19.39 2.18
CA ALA B 284 38.46 20.29 3.12
C ALA B 284 39.24 21.58 3.24
N ASN B 285 38.69 22.64 2.67
CA ASN B 285 39.38 23.96 2.67
C ASN B 285 40.80 23.85 2.11
N LYS B 286 41.79 23.76 3.00
CA LYS B 286 43.19 23.72 2.56
C LYS B 286 43.80 22.34 2.78
N GLU B 287 43.31 21.57 3.74
CA GLU B 287 43.84 20.21 3.99
C GLU B 287 42.97 19.16 3.32
N GLN B 288 43.46 17.91 3.32
CA GLN B 288 42.71 16.79 2.71
C GLN B 288 41.90 16.09 3.80
N ALA B 289 40.74 15.57 3.41
CA ALA B 289 39.84 14.96 4.41
C ALA B 289 38.91 13.97 3.73
N ILE B 290 37.99 13.42 4.51
CA ILE B 290 36.93 12.52 3.99
C ILE B 290 35.59 13.16 4.33
N VAL B 291 34.71 13.24 3.34
CA VAL B 291 33.43 13.95 3.55
C VAL B 291 32.28 12.98 3.36
N MET B 292 31.31 13.04 4.27
CA MET B 292 30.10 12.21 4.13
C MET B 292 28.89 13.13 4.26
N ASN B 293 27.83 12.80 3.53
CA ASN B 293 26.62 13.65 3.47
C ASN B 293 25.43 12.84 3.98
N VAL B 294 24.56 13.51 4.73
CA VAL B 294 23.41 12.81 5.36
C VAL B 294 22.13 13.29 4.68
N GLN B 295 21.35 12.35 4.18
CA GLN B 295 20.07 12.70 3.53
C GLN B 295 18.97 12.83 4.59
N ARG B 296 17.73 12.90 4.12
CA ARG B 296 16.61 13.14 5.06
C ARG B 296 15.58 12.01 4.99
N GLN B 297 14.78 11.90 6.05
CA GLN B 297 13.70 10.90 6.09
C GLN B 297 12.37 11.66 6.06
N PRO B 298 11.42 11.27 5.19
CA PRO B 298 10.14 11.95 5.14
C PRO B 298 9.39 11.84 6.47
N GLY B 299 8.71 12.92 6.85
CA GLY B 299 7.89 12.89 8.07
C GLY B 299 8.71 12.87 9.35
N ALA B 300 9.96 13.34 9.30
CA ALA B 300 10.83 13.32 10.51
C ALA B 300 11.20 14.75 10.87
N ASN B 301 11.20 15.05 12.17
CA ASN B 301 11.60 16.41 12.63
C ASN B 301 13.10 16.59 12.40
N ILE B 302 13.48 17.78 11.97
CA ILE B 302 14.90 18.02 11.62
C ILE B 302 15.65 18.64 12.81
N ILE B 303 15.00 19.54 13.54
CA ILE B 303 15.70 20.24 14.64
C ILE B 303 16.10 19.23 15.72
N SER B 304 15.18 18.34 16.07
CA SER B 304 15.48 17.37 17.15
C SER B 304 16.58 16.42 16.70
N THR B 305 16.54 15.98 15.44
CA THR B 305 17.56 15.05 14.95
C THR B 305 18.92 15.74 14.98
N ALA B 306 18.97 16.99 14.55
CA ALA B 306 20.24 17.75 14.56
C ALA B 306 20.74 17.91 15.99
N ASP B 307 19.82 18.20 16.91
CA ASP B 307 20.23 18.33 18.33
C ASP B 307 20.78 16.99 18.83
N SER B 308 20.19 15.90 18.38
CA SER B 308 20.65 14.56 18.84
C SER B 308 22.08 14.31 18.33
N ILE B 309 22.30 14.52 17.04
CA ILE B 309 23.67 14.25 16.53
C ILE B 309 24.65 15.26 17.14
N ARG B 310 24.16 16.47 17.47
CA ARG B 310 25.03 17.42 18.20
C ARG B 310 25.38 16.82 19.57
N GLN B 311 24.40 16.18 20.23
CA GLN B 311 24.65 15.65 21.58
C GLN B 311 25.66 14.50 21.51
N MET B 312 25.56 13.65 20.47
CA MET B 312 26.57 12.57 20.36
C MET B 312 27.83 13.05 19.63
N LEU B 313 27.89 14.32 19.26
CA LEU B 313 29.14 14.82 18.62
C LEU B 313 30.34 14.70 19.57
N PRO B 314 30.29 15.16 20.84
CA PRO B 314 31.46 15.04 21.68
C PRO B 314 31.79 13.61 22.08
N GLN B 315 30.77 12.77 22.22
CA GLN B 315 30.98 11.37 22.64
C GLN B 315 31.89 10.66 21.63
N LEU B 316 31.73 10.98 20.35
CA LEU B 316 32.64 10.40 19.34
C LEU B 316 34.02 11.07 19.39
N THR B 317 34.08 12.39 19.62
CA THR B 317 35.39 13.07 19.57
C THR B 317 36.30 12.53 20.64
N GLU B 318 35.76 12.31 21.84
CA GLU B 318 36.61 11.68 22.87
C GLU B 318 36.96 10.25 22.43
N SER B 319 36.02 9.58 21.77
CA SER B 319 36.25 8.18 21.32
C SER B 319 37.24 8.15 20.16
N LEU B 320 37.27 9.19 19.35
CA LEU B 320 38.19 9.20 18.19
C LEU B 320 39.64 9.27 18.69
N PRO B 321 40.61 8.71 17.96
CA PRO B 321 41.99 8.90 18.34
C PRO B 321 42.37 10.38 18.40
N LYS B 322 43.32 10.70 19.25
CA LYS B 322 43.65 12.12 19.52
C LYS B 322 44.08 12.87 18.28
N SER B 323 44.52 12.17 17.25
CA SER B 323 45.01 12.86 16.03
C SER B 323 43.86 13.21 15.09
N VAL B 324 42.63 12.85 15.44
CA VAL B 324 41.49 13.08 14.51
C VAL B 324 40.59 14.16 15.09
N LYS B 325 40.30 15.18 14.26
CA LYS B 325 39.38 16.27 14.67
C LYS B 325 38.25 16.31 13.66
N VAL B 326 37.03 16.19 14.15
CA VAL B 326 35.85 16.18 13.25
C VAL B 326 35.19 17.55 13.30
N THR B 327 34.64 17.98 12.17
CA THR B 327 34.03 19.32 12.10
C THR B 327 32.78 19.27 11.28
N VAL B 328 31.98 20.32 11.43
CA VAL B 328 30.73 20.43 10.65
C VAL B 328 30.84 21.72 9.83
N LEU B 329 30.37 21.69 8.59
CA LEU B 329 30.56 22.84 7.70
C LEU B 329 29.23 23.40 7.19
N SER B 330 28.17 22.60 7.18
CA SER B 330 26.88 23.11 6.61
C SER B 330 25.68 22.53 7.36
N ASP B 331 24.60 23.30 7.44
CA ASP B 331 23.35 22.81 8.07
C ASP B 331 22.19 23.71 7.65
N ARG B 332 20.98 23.34 8.05
CA ARG B 332 19.78 24.13 7.69
C ARG B 332 18.87 24.36 8.92
N THR B 333 19.08 23.64 10.00
CA THR B 333 18.28 23.91 11.21
C THR B 333 18.47 25.34 11.69
N THR B 334 19.62 25.95 11.43
CA THR B 334 19.84 27.33 11.89
C THR B 334 18.92 28.27 11.15
N ASN B 335 18.77 28.09 9.84
CA ASN B 335 17.83 28.96 9.09
C ASN B 335 16.37 28.64 9.47
N ILE B 336 16.08 27.39 9.78
CA ILE B 336 14.71 27.05 10.26
C ILE B 336 14.45 27.77 11.59
N ARG B 337 15.40 27.72 12.51
CA ARG B 337 15.25 28.45 13.79
C ARG B 337 15.07 29.96 13.53
N ALA B 338 15.87 30.51 12.63
CA ALA B 338 15.77 31.96 12.35
C ALA B 338 14.36 32.28 11.84
N SER B 339 13.86 31.45 10.92
CA SER B 339 12.52 31.74 10.35
C SER B 339 11.46 31.66 11.46
N VAL B 340 11.49 30.58 12.22
CA VAL B 340 10.39 30.40 13.22
C VAL B 340 10.46 31.48 14.30
N ASP B 341 11.64 31.81 14.76
CA ASP B 341 11.72 32.77 15.89
C ASP B 341 11.44 34.19 15.37
N ASP B 342 11.83 34.48 14.14
CA ASP B 342 11.48 35.81 13.58
C ASP B 342 9.97 35.93 13.44
N THR B 343 9.31 34.85 12.97
CA THR B 343 7.85 34.91 12.84
C THR B 343 7.21 35.10 14.22
N GLN B 344 7.70 34.35 15.20
CA GLN B 344 7.15 34.49 16.56
C GLN B 344 7.30 35.93 17.05
N PHE B 345 8.52 36.48 16.95
CA PHE B 345 8.79 37.85 17.44
C PHE B 345 7.85 38.83 16.77
N GLU B 346 7.72 38.69 15.46
CA GLU B 346 6.85 39.62 14.69
C GLU B 346 5.40 39.51 15.19
N LEU B 347 4.93 38.30 15.48
CA LEU B 347 3.51 38.20 15.85
C LEU B 347 3.30 38.72 17.28
N MET B 348 4.30 38.57 18.14
CA MET B 348 4.16 39.19 19.48
C MET B 348 4.03 40.72 19.34
N MET B 349 4.86 41.33 18.50
CA MET B 349 4.68 42.80 18.35
C MET B 349 3.37 43.14 17.63
N ALA B 350 2.88 42.29 16.73
CA ALA B 350 1.57 42.57 16.11
C ALA B 350 0.48 42.57 17.18
N ILE B 351 0.47 41.53 18.00
CA ILE B 351 -0.56 41.47 19.08
C ILE B 351 -0.40 42.66 20.03
N ALA B 352 0.84 43.00 20.41
CA ALA B 352 1.05 44.09 21.37
C ALA B 352 0.53 45.43 20.80
N LEU B 353 0.86 45.69 19.54
CA LEU B 353 0.36 46.94 18.91
C LEU B 353 -1.17 46.92 18.79
N VAL B 354 -1.75 45.75 18.49
CA VAL B 354 -3.22 45.68 18.37
C VAL B 354 -3.84 46.01 19.72
N VAL B 355 -3.27 45.44 20.76
CA VAL B 355 -3.84 45.66 22.13
C VAL B 355 -3.71 47.14 22.50
N MET B 356 -2.55 47.71 22.24
CA MET B 356 -2.32 49.13 22.63
C MET B 356 -3.27 50.04 21.84
N ILE B 357 -3.45 49.76 20.55
CA ILE B 357 -4.30 50.68 19.74
C ILE B 357 -5.76 50.52 20.17
N ILE B 358 -6.17 49.30 20.51
CA ILE B 358 -7.57 49.13 20.98
C ILE B 358 -7.76 49.91 22.29
N TYR B 359 -6.81 49.81 23.19
CA TYR B 359 -6.95 50.50 24.51
C TYR B 359 -6.99 52.00 24.30
N LEU B 360 -6.18 52.50 23.38
CA LEU B 360 -6.10 53.97 23.18
C LEU B 360 -7.35 54.45 22.45
N PHE B 361 -7.82 53.66 21.48
CA PHE B 361 -8.98 54.11 20.67
C PHE B 361 -10.28 54.02 21.47
N LEU B 362 -10.66 52.82 21.92
CA LEU B 362 -12.02 52.66 22.53
C LEU B 362 -11.99 52.89 24.05
N ARG B 363 -10.82 53.21 24.61
CA ARG B 363 -10.67 53.51 26.06
C ARG B 363 -11.43 52.51 26.93
N ASN B 364 -11.48 51.25 26.48
CA ASN B 364 -12.19 50.20 27.23
C ASN B 364 -11.15 49.18 27.71
N ILE B 365 -10.84 49.20 29.01
CA ILE B 365 -9.90 48.17 29.54
C ILE B 365 -10.45 46.77 29.31
N PRO B 366 -11.75 46.47 29.52
CA PRO B 366 -12.26 45.15 29.14
C PRO B 366 -11.99 44.82 27.68
N ALA B 367 -12.16 45.79 26.79
CA ALA B 367 -11.84 45.56 25.36
C ALA B 367 -10.33 45.37 25.16
N THR B 368 -9.53 45.72 26.17
CA THR B 368 -8.06 45.51 26.09
C THR B 368 -7.68 44.12 26.61
N ILE B 369 -8.42 43.57 27.58
CA ILE B 369 -8.05 42.21 28.05
C ILE B 369 -8.35 41.15 27.00
N ILE B 370 -9.40 41.32 26.21
CA ILE B 370 -9.83 40.24 25.28
C ILE B 370 -8.76 39.86 24.26
N PRO B 371 -8.17 40.80 23.49
CA PRO B 371 -7.27 40.39 22.42
C PRO B 371 -6.01 39.67 22.88
N GLY B 372 -5.34 40.22 23.88
CA GLY B 372 -4.04 39.66 24.32
C GLY B 372 -4.13 38.22 24.78
N VAL B 373 -5.33 37.75 25.10
CA VAL B 373 -5.50 36.33 25.47
C VAL B 373 -6.18 35.58 24.32
N ALA B 374 -7.12 36.23 23.61
CA ALA B 374 -7.87 35.49 22.58
C ALA B 374 -6.99 35.13 21.39
N VAL B 375 -6.27 36.10 20.91
CA VAL B 375 -5.44 35.87 19.69
C VAL B 375 -4.37 34.81 19.94
N PRO B 376 -3.55 34.85 21.01
CA PRO B 376 -2.64 33.73 21.26
C PRO B 376 -3.39 32.41 21.47
N LEU B 377 -4.55 32.48 22.12
CA LEU B 377 -5.33 31.24 22.34
C LEU B 377 -5.77 30.65 20.99
N SER B 378 -6.25 31.51 20.08
CA SER B 378 -6.70 30.99 18.78
C SER B 378 -5.51 30.47 17.96
N LEU B 379 -4.44 31.24 17.92
CA LEU B 379 -3.29 30.87 17.06
C LEU B 379 -2.59 29.62 17.61
N ILE B 380 -2.33 29.60 18.92
CA ILE B 380 -1.67 28.41 19.50
C ILE B 380 -2.62 27.22 19.41
N GLY B 381 -3.91 27.44 19.66
CA GLY B 381 -4.88 26.33 19.61
C GLY B 381 -5.29 25.96 18.20
N THR B 382 -4.76 26.67 17.19
CA THR B 382 -5.22 26.40 15.82
C THR B 382 -4.81 25.01 15.36
N PHE B 383 -3.62 24.55 15.75
CA PHE B 383 -3.12 23.29 15.15
C PHE B 383 -3.90 22.09 15.62
N ALA B 384 -4.78 22.28 16.60
CA ALA B 384 -5.50 21.12 17.19
C ALA B 384 -6.30 20.39 16.11
N VAL B 385 -7.01 21.14 15.28
CA VAL B 385 -7.73 20.49 14.15
C VAL B 385 -6.73 20.00 13.10
N MET B 386 -5.56 20.63 13.02
CA MET B 386 -4.55 20.24 12.01
C MET B 386 -4.03 18.83 12.31
N VAL B 387 -4.22 18.36 13.52
CA VAL B 387 -3.69 17.02 13.88
C VAL B 387 -4.33 15.96 12.96
N PHE B 388 -5.63 16.04 12.80
CA PHE B 388 -6.33 15.07 11.92
C PHE B 388 -5.85 15.18 10.48
N LEU B 389 -5.30 16.33 10.09
CA LEU B 389 -4.86 16.53 8.69
C LEU B 389 -3.42 16.02 8.53
N ASP B 390 -2.65 15.99 9.60
CA ASP B 390 -1.29 15.39 9.56
C ASP B 390 -0.38 16.13 8.58
N PHE B 391 -0.59 17.44 8.44
CA PHE B 391 0.37 18.24 7.65
C PHE B 391 1.49 18.78 8.54
N SER B 392 2.57 19.19 7.90
CA SER B 392 3.79 19.58 8.63
C SER B 392 3.98 21.09 8.53
N ILE B 393 4.26 21.73 9.66
CA ILE B 393 4.55 23.19 9.62
C ILE B 393 5.86 23.37 8.89
N ASN B 394 5.85 24.28 7.94
CA ASN B 394 7.08 24.57 7.18
C ASN B 394 7.14 26.07 6.88
N ASN B 395 8.04 26.46 5.98
CA ASN B 395 8.12 27.88 5.61
C ASN B 395 6.81 28.36 5.01
N LEU B 396 6.21 27.54 4.15
CA LEU B 396 4.90 27.91 3.58
C LEU B 396 3.87 28.07 4.71
N THR B 397 3.84 27.11 5.62
CA THR B 397 2.92 27.22 6.75
C THR B 397 3.27 28.43 7.59
N LEU B 398 4.56 28.73 7.68
CA LEU B 398 4.99 29.88 8.51
C LEU B 398 4.40 31.17 7.95
N MET B 399 4.59 31.39 6.65
CA MET B 399 4.07 32.65 6.05
C MET B 399 2.53 32.61 6.05
N ALA B 400 1.96 31.42 5.90
CA ALA B 400 0.48 31.31 5.95
C ALA B 400 -0.02 31.79 7.29
N LEU B 401 0.61 31.33 8.36
CA LEU B 401 0.16 31.76 9.71
C LEU B 401 0.42 33.26 9.86
N THR B 402 1.55 33.73 9.35
CA THR B 402 1.89 35.16 9.50
C THR B 402 0.81 36.02 8.88
N ILE B 403 0.35 35.62 7.70
CA ILE B 403 -0.71 36.42 7.02
C ILE B 403 -2.04 36.18 7.74
N ALA B 404 -2.29 34.94 8.15
CA ALA B 404 -3.61 34.61 8.72
C ALA B 404 -3.78 35.22 10.11
N THR B 405 -2.73 35.81 10.66
CA THR B 405 -2.89 36.49 11.96
C THR B 405 -4.00 37.51 11.84
N GLY B 406 -4.00 38.25 10.74
CA GLY B 406 -5.01 39.31 10.60
C GLY B 406 -6.40 38.69 10.46
N PHE B 407 -6.50 37.62 9.68
CA PHE B 407 -7.81 36.97 9.49
C PHE B 407 -8.34 36.50 10.83
N VAL B 408 -7.46 35.90 11.64
CA VAL B 408 -7.91 35.39 12.97
C VAL B 408 -8.32 36.58 13.84
N VAL B 409 -7.56 37.67 13.78
CA VAL B 409 -7.86 38.83 14.66
C VAL B 409 -9.16 39.48 14.20
N ASP B 410 -9.51 39.32 12.93
CA ASP B 410 -10.70 40.05 12.41
C ASP B 410 -11.99 39.58 13.09
N ASP B 411 -12.05 38.30 13.43
CA ASP B 411 -13.28 37.77 14.08
C ASP B 411 -13.43 38.38 15.47
N ALA B 412 -12.34 38.44 16.22
CA ALA B 412 -12.39 39.16 17.52
C ALA B 412 -12.76 40.62 17.26
N ILE B 413 -12.28 41.17 16.14
CA ILE B 413 -12.57 42.59 15.84
C ILE B 413 -14.08 42.77 15.67
N VAL B 414 -14.71 41.87 14.93
CA VAL B 414 -16.14 42.10 14.62
C VAL B 414 -17.00 41.83 15.87
N VAL B 415 -16.63 40.83 16.66
CA VAL B 415 -17.45 40.59 17.87
C VAL B 415 -17.26 41.75 18.86
N ILE B 416 -16.03 42.24 19.01
CA ILE B 416 -15.80 43.39 19.92
C ILE B 416 -16.50 44.61 19.32
N GLU B 417 -16.57 44.66 18.01
CA GLU B 417 -17.28 45.76 17.33
C GLU B 417 -18.75 45.79 17.76
N ASN B 418 -19.43 44.65 17.64
CA ASN B 418 -20.85 44.61 18.05
C ASN B 418 -20.99 44.91 19.54
N ILE B 419 -20.11 44.34 20.36
CA ILE B 419 -20.26 44.51 21.83
C ILE B 419 -20.00 45.97 22.20
N SER B 420 -19.02 46.59 21.55
CA SER B 420 -18.75 48.02 21.82
C SER B 420 -19.92 48.87 21.34
N ARG B 421 -20.50 48.49 20.21
CA ARG B 421 -21.71 49.20 19.72
C ARG B 421 -22.82 49.16 20.79
N TYR B 422 -23.03 48.00 21.40
CA TYR B 422 -24.10 47.90 22.42
C TYR B 422 -23.62 48.36 23.79
N ILE B 423 -22.34 48.71 23.93
CA ILE B 423 -21.88 49.26 25.23
C ILE B 423 -21.90 50.78 25.21
N GLU B 424 -21.51 51.40 24.10
CA GLU B 424 -21.35 52.88 24.10
C GLU B 424 -22.66 53.61 24.39
N LYS B 425 -23.75 53.20 23.75
CA LYS B 425 -25.00 53.96 23.89
C LYS B 425 -25.55 53.88 25.32
N GLY B 426 -25.25 52.80 26.05
CA GLY B 426 -25.69 52.73 27.46
C GLY B 426 -26.91 51.86 27.65
N GLU B 427 -26.95 50.69 27.01
CA GLU B 427 -28.09 49.78 27.23
C GLU B 427 -27.79 48.84 28.42
N LYS B 428 -28.79 48.07 28.82
CA LYS B 428 -28.60 47.13 29.95
C LYS B 428 -27.58 46.08 29.56
N PRO B 429 -26.56 45.82 30.40
CA PRO B 429 -25.45 44.98 29.96
C PRO B 429 -25.82 43.61 29.37
N LEU B 430 -26.48 42.76 30.16
CA LEU B 430 -26.78 41.39 29.67
C LEU B 430 -27.76 41.48 28.50
N ALA B 431 -28.74 42.37 28.59
CA ALA B 431 -29.74 42.50 27.51
C ALA B 431 -29.07 43.03 26.24
N ALA B 432 -28.18 44.02 26.39
CA ALA B 432 -27.49 44.57 25.21
C ALA B 432 -26.62 43.50 24.54
N ALA B 433 -25.86 42.76 25.33
CA ALA B 433 -25.00 41.70 24.74
C ALA B 433 -25.87 40.64 24.05
N LEU B 434 -26.93 40.18 24.71
CA LEU B 434 -27.80 39.15 24.10
C LEU B 434 -28.42 39.67 22.79
N LYS B 435 -28.98 40.87 22.82
CA LYS B 435 -29.63 41.40 21.61
C LYS B 435 -28.61 41.60 20.48
N GLY B 436 -27.43 42.11 20.80
CA GLY B 436 -26.40 42.30 19.76
C GLY B 436 -25.97 40.99 19.15
N ALA B 437 -25.70 40.00 20.01
CA ALA B 437 -25.33 38.67 19.48
C ALA B 437 -26.45 38.13 18.58
N GLY B 438 -27.69 38.30 19.01
CA GLY B 438 -28.81 37.81 18.19
C GLY B 438 -28.91 38.51 16.86
N GLU B 439 -28.70 39.82 16.85
CA GLU B 439 -28.92 40.55 15.58
C GLU B 439 -27.75 40.39 14.60
N ILE B 440 -26.52 40.23 15.10
CA ILE B 440 -25.37 40.20 14.14
C ILE B 440 -24.76 38.79 14.06
N GLY B 441 -25.38 37.79 14.70
CA GLY B 441 -24.85 36.43 14.54
C GLY B 441 -24.94 35.96 13.10
N PHE B 442 -25.97 36.41 12.37
CA PHE B 442 -26.13 35.98 10.96
C PHE B 442 -25.04 36.55 10.11
N THR B 443 -24.61 37.78 10.40
CA THR B 443 -23.61 38.47 9.56
C THR B 443 -22.27 37.76 9.61
N ILE B 444 -21.83 37.41 10.80
CA ILE B 444 -20.48 36.81 10.93
C ILE B 444 -20.45 35.46 10.18
N ILE B 445 -21.47 34.66 10.36
CA ILE B 445 -21.49 33.34 9.67
C ILE B 445 -21.65 33.60 8.16
N SER B 446 -22.30 34.69 7.81
CA SER B 446 -22.41 35.04 6.37
C SER B 446 -21.03 35.25 5.77
N LEU B 447 -20.20 36.09 6.40
CA LEU B 447 -18.86 36.34 5.82
C LEU B 447 -18.02 35.08 5.95
N THR B 448 -18.27 34.27 6.97
CA THR B 448 -17.46 33.05 7.15
C THR B 448 -17.74 32.10 5.99
N PHE B 449 -19.01 31.97 5.63
CA PHE B 449 -19.36 31.05 4.53
C PHE B 449 -18.89 31.63 3.21
N SER B 450 -19.05 32.94 3.01
CA SER B 450 -18.69 33.56 1.71
C SER B 450 -17.17 33.62 1.54
N LEU B 451 -16.42 33.72 2.62
CA LEU B 451 -14.95 33.87 2.48
C LEU B 451 -14.35 32.58 1.92
N ILE B 452 -14.86 31.44 2.35
CA ILE B 452 -14.21 30.17 1.90
C ILE B 452 -14.42 30.00 0.40
N ALA B 453 -15.44 30.67 -0.14
CA ALA B 453 -15.74 30.53 -1.59
C ALA B 453 -14.51 30.92 -2.42
N VAL B 454 -13.66 31.80 -1.89
CA VAL B 454 -12.40 32.09 -2.62
C VAL B 454 -11.52 30.85 -2.57
N LEU B 455 -11.45 30.21 -1.41
CA LEU B 455 -10.50 29.08 -1.27
C LEU B 455 -11.14 27.75 -1.71
N ILE B 456 -12.44 27.74 -1.98
CA ILE B 456 -13.10 26.46 -2.37
C ILE B 456 -12.49 25.93 -3.68
N PRO B 457 -12.29 26.73 -4.75
CA PRO B 457 -11.67 26.16 -5.93
C PRO B 457 -10.17 25.97 -5.84
N LEU B 458 -9.46 26.84 -5.10
CA LEU B 458 -7.98 26.84 -5.19
C LEU B 458 -7.37 25.51 -4.79
N LEU B 459 -7.93 24.89 -3.75
CA LEU B 459 -7.30 23.64 -3.23
C LEU B 459 -7.46 22.49 -4.23
N PHE B 460 -8.28 22.66 -5.26
CA PHE B 460 -8.53 21.54 -6.18
C PHE B 460 -7.65 21.62 -7.42
N MET B 461 -6.86 22.68 -7.56
CA MET B 461 -5.92 22.69 -8.72
C MET B 461 -4.82 21.64 -8.50
N GLY B 462 -4.40 21.01 -9.58
CA GLY B 462 -3.38 19.96 -9.46
C GLY B 462 -1.98 20.49 -9.69
N ASP B 463 -1.07 19.57 -10.05
CA ASP B 463 0.34 19.94 -10.32
C ASP B 463 1.07 20.42 -9.07
N ILE B 464 2.35 20.67 -9.22
CA ILE B 464 3.19 20.99 -8.04
C ILE B 464 2.70 22.26 -7.37
N VAL B 465 2.34 23.25 -8.17
CA VAL B 465 1.86 24.53 -7.58
C VAL B 465 0.58 24.26 -6.77
N GLY B 466 -0.32 23.45 -7.32
CA GLY B 466 -1.54 23.11 -6.57
C GLY B 466 -1.24 22.41 -5.26
N ARG B 467 -0.35 21.42 -5.29
CA ARG B 467 -0.01 20.71 -4.04
C ARG B 467 0.63 21.69 -3.04
N LEU B 468 1.53 22.53 -3.53
CA LEU B 468 2.27 23.38 -2.56
C LEU B 468 1.41 24.53 -2.03
N PHE B 469 0.32 24.83 -2.74
CA PHE B 469 -0.60 25.85 -2.17
C PHE B 469 -1.76 25.19 -1.41
N ARG B 470 -1.89 23.87 -1.49
CA ARG B 470 -2.97 23.18 -0.75
C ARG B 470 -2.76 23.41 0.76
N GLU B 471 -1.52 23.28 1.19
CA GLU B 471 -1.26 23.43 2.64
C GLU B 471 -1.62 24.85 3.08
N PHE B 472 -1.23 25.83 2.28
CA PHE B 472 -1.54 27.23 2.63
C PHE B 472 -3.05 27.41 2.68
N ALA B 473 -3.73 26.88 1.69
CA ALA B 473 -5.20 27.11 1.61
C ALA B 473 -5.90 26.53 2.83
N ILE B 474 -5.58 25.28 3.17
CA ILE B 474 -6.39 24.67 4.26
C ILE B 474 -5.90 25.19 5.61
N THR B 475 -4.65 25.61 5.67
CA THR B 475 -4.20 26.22 6.93
C THR B 475 -4.97 27.51 7.17
N LEU B 476 -5.12 28.31 6.12
CA LEU B 476 -5.89 29.57 6.28
C LEU B 476 -7.33 29.24 6.65
N ALA B 477 -7.88 28.21 6.01
CA ALA B 477 -9.31 27.89 6.25
C ALA B 477 -9.48 27.45 7.70
N VAL B 478 -8.57 26.63 8.19
CA VAL B 478 -8.73 26.10 9.57
C VAL B 478 -8.56 27.27 10.56
N ALA B 479 -7.60 28.15 10.29
CA ALA B 479 -7.41 29.33 11.17
C ALA B 479 -8.70 30.16 11.19
N ILE B 480 -9.32 30.36 10.02
CA ILE B 480 -10.54 31.20 9.97
C ILE B 480 -11.67 30.49 10.75
N LEU B 481 -11.79 29.19 10.56
CA LEU B 481 -12.93 28.50 11.21
C LEU B 481 -12.75 28.52 12.73
N ILE B 482 -11.53 28.24 13.18
CA ILE B 482 -11.28 28.22 14.65
C ILE B 482 -11.46 29.63 15.23
N SER B 483 -11.01 30.64 14.50
CA SER B 483 -11.21 32.03 14.97
C SER B 483 -12.72 32.33 15.05
N ALA B 484 -13.49 31.85 14.08
CA ALA B 484 -14.95 32.11 14.10
C ALA B 484 -15.57 31.44 15.32
N VAL B 485 -15.16 30.21 15.56
CA VAL B 485 -15.76 29.46 16.69
C VAL B 485 -15.40 30.17 17.99
N VAL B 486 -14.13 30.58 18.11
CA VAL B 486 -13.70 31.26 19.36
C VAL B 486 -14.47 32.59 19.50
N SER B 487 -14.68 33.29 18.40
CA SER B 487 -15.39 34.59 18.46
C SER B 487 -16.83 34.38 18.91
N LEU B 488 -17.49 33.34 18.39
CA LEU B 488 -18.92 33.18 18.75
C LEU B 488 -19.06 32.49 20.11
N THR B 489 -17.99 31.89 20.63
CA THR B 489 -18.13 31.14 21.91
C THR B 489 -17.54 31.88 23.10
N LEU B 490 -16.27 32.26 23.02
CA LEU B 490 -15.60 32.85 24.21
C LEU B 490 -15.97 34.32 24.41
N THR B 491 -15.86 35.11 23.35
CA THR B 491 -16.11 36.56 23.51
C THR B 491 -17.50 36.86 24.02
N PRO B 492 -18.61 36.21 23.58
CA PRO B 492 -19.89 36.57 24.16
C PRO B 492 -19.94 36.39 25.68
N MET B 493 -19.31 35.35 26.18
CA MET B 493 -19.30 35.13 27.65
C MET B 493 -18.42 36.15 28.36
N MET B 494 -17.23 36.40 27.82
CA MET B 494 -16.32 37.36 28.49
C MET B 494 -16.98 38.74 28.53
N CYS B 495 -17.61 39.12 27.42
CA CYS B 495 -18.30 40.44 27.30
C CYS B 495 -19.70 40.41 27.93
N ALA B 496 -20.20 39.25 28.35
CA ALA B 496 -21.45 39.21 29.13
C ALA B 496 -21.12 39.11 30.63
N ARG B 497 -19.85 38.86 30.98
CA ARG B 497 -19.47 38.71 32.41
C ARG B 497 -18.75 39.95 32.94
N MET B 498 -17.89 40.62 32.17
CA MET B 498 -17.04 41.68 32.77
C MET B 498 -17.69 43.07 32.67
N LEU B 499 -18.92 43.15 32.20
CA LEU B 499 -19.52 44.46 31.83
C LEU B 499 -19.34 45.53 32.90
N SER B 500 -18.87 46.69 32.46
CA SER B 500 -18.74 47.81 33.41
C SER B 500 -18.91 49.13 32.65
N GLN B 501 -19.06 50.22 33.40
CA GLN B 501 -19.20 51.54 32.75
C GLN B 501 -18.07 52.49 33.18
N GLU B 502 -17.11 51.99 33.94
CA GLU B 502 -15.98 52.86 34.37
C GLU B 502 -15.12 53.29 33.17
N SER B 503 -15.02 52.46 32.14
CA SER B 503 -14.20 52.82 30.96
C SER B 503 -14.74 54.10 30.32
N LEU B 504 -16.04 54.17 30.15
CA LEU B 504 -16.64 55.43 29.65
C LEU B 504 -16.57 56.51 30.75
N ARG B 505 -16.67 56.09 32.01
CA ARG B 505 -16.60 57.08 33.11
C ARG B 505 -15.16 57.62 33.24
N LYS B 506 -14.17 56.77 32.95
CA LYS B 506 -12.77 57.21 33.11
C LYS B 506 -12.29 57.78 31.79
N GLN B 507 -11.77 58.99 31.84
CA GLN B 507 -11.29 59.66 30.61
C GLN B 507 -9.89 60.20 30.85
N ASN B 508 -9.01 59.90 29.92
CA ASN B 508 -7.61 60.37 30.02
C ASN B 508 -7.31 61.34 28.88
N ARG B 509 -6.18 62.00 28.97
CA ARG B 509 -5.80 62.96 27.91
C ARG B 509 -5.59 62.21 26.59
N PHE B 510 -4.95 61.04 26.64
CA PHE B 510 -4.79 60.27 25.39
C PHE B 510 -6.14 59.84 24.88
N SER B 511 -6.99 59.38 25.77
CA SER B 511 -8.36 58.98 25.36
C SER B 511 -9.15 60.20 24.85
N ARG B 512 -8.97 61.35 25.49
CA ARG B 512 -9.64 62.59 25.02
C ARG B 512 -9.19 62.89 23.58
N ALA B 513 -7.88 62.84 23.35
CA ALA B 513 -7.38 63.09 21.99
C ALA B 513 -7.94 62.04 21.04
N SER B 514 -8.04 60.81 21.51
CA SER B 514 -8.50 59.72 20.61
C SER B 514 -9.92 59.98 20.14
N GLU B 515 -10.84 60.20 21.08
CA GLU B 515 -12.22 60.35 20.56
C GLU B 515 -12.41 61.73 19.91
N LYS B 516 -11.55 62.71 20.18
CA LYS B 516 -11.70 64.01 19.47
C LYS B 516 -11.22 63.82 18.02
N MET B 517 -10.12 63.08 17.81
CA MET B 517 -9.81 62.64 16.44
C MET B 517 -11.06 61.92 15.89
N PHE B 518 -11.73 61.10 16.70
CA PHE B 518 -12.86 60.29 16.16
C PHE B 518 -13.97 61.20 15.64
N ASP B 519 -14.41 62.19 16.42
CA ASP B 519 -15.52 63.01 15.89
C ASP B 519 -15.06 63.92 14.75
N ARG B 520 -13.84 64.46 14.81
CA ARG B 520 -13.45 65.32 13.66
C ARG B 520 -13.34 64.49 12.38
N ILE B 521 -12.82 63.27 12.48
CA ILE B 521 -12.73 62.40 11.27
C ILE B 521 -14.15 62.00 10.84
N ILE B 522 -15.06 61.76 11.80
CA ILE B 522 -16.47 61.49 11.41
C ILE B 522 -16.99 62.69 10.60
N ALA B 523 -16.72 63.91 11.07
CA ALA B 523 -17.26 65.10 10.37
C ALA B 523 -16.66 65.19 8.97
N ALA B 524 -15.34 64.99 8.85
CA ALA B 524 -14.69 65.11 7.53
C ALA B 524 -15.25 64.04 6.59
N TYR B 525 -15.33 62.80 7.09
CA TYR B 525 -15.87 61.69 6.27
C TYR B 525 -17.30 61.97 5.89
N GLY B 526 -18.03 62.62 6.80
CA GLY B 526 -19.45 62.91 6.55
C GLY B 526 -19.63 63.95 5.47
N ARG B 527 -18.86 65.04 5.51
CA ARG B 527 -19.02 65.99 4.38
C ARG B 527 -18.51 65.35 3.08
N GLY B 528 -17.50 64.49 3.18
CA GLY B 528 -17.04 63.80 1.98
C GLY B 528 -18.16 63.01 1.31
N LEU B 529 -18.82 62.15 2.08
CA LEU B 529 -19.95 61.40 1.47
C LEU B 529 -21.11 62.35 1.10
N ALA B 530 -21.33 63.38 1.90
CA ALA B 530 -22.47 64.27 1.62
C ALA B 530 -22.29 64.92 0.24
N LYS B 531 -21.05 65.25 -0.11
CA LYS B 531 -20.83 65.79 -1.47
C LYS B 531 -20.78 64.67 -2.49
N VAL B 532 -20.29 63.50 -2.10
CA VAL B 532 -20.08 62.44 -3.11
C VAL B 532 -21.39 61.78 -3.55
N LEU B 533 -22.30 61.54 -2.62
CA LEU B 533 -23.46 60.65 -2.90
C LEU B 533 -24.44 61.15 -3.95
N ASN B 534 -24.18 62.25 -4.62
CA ASN B 534 -25.20 62.82 -5.54
C ASN B 534 -24.94 62.50 -7.02
N HIS B 535 -23.70 62.19 -7.42
CA HIS B 535 -23.40 62.01 -8.86
C HIS B 535 -22.63 60.72 -9.07
N PRO B 536 -23.33 59.60 -9.37
CA PRO B 536 -22.65 58.35 -9.64
C PRO B 536 -21.96 58.29 -11.01
N TRP B 537 -22.11 59.31 -11.84
CA TRP B 537 -21.52 59.23 -13.20
C TRP B 537 -19.99 59.18 -13.12
N LEU B 538 -19.38 60.01 -12.27
CA LEU B 538 -17.91 60.00 -12.16
C LEU B 538 -17.42 58.64 -11.61
N THR B 539 -18.18 58.07 -10.70
CA THR B 539 -17.82 56.74 -10.17
C THR B 539 -17.94 55.70 -11.26
N LEU B 540 -18.98 55.79 -12.08
CA LEU B 540 -19.11 54.81 -13.19
C LEU B 540 -17.93 54.97 -14.17
N SER B 541 -17.58 56.22 -14.48
CA SER B 541 -16.45 56.47 -15.41
C SER B 541 -15.16 55.88 -14.82
N VAL B 542 -14.92 56.14 -13.53
CA VAL B 542 -13.64 55.64 -12.95
C VAL B 542 -13.72 54.11 -12.78
N ALA B 543 -14.91 53.56 -12.70
CA ALA B 543 -15.00 52.08 -12.59
C ALA B 543 -14.70 51.45 -13.94
N LEU B 544 -15.22 52.04 -15.00
CA LEU B 544 -14.89 51.53 -16.36
C LEU B 544 -13.39 51.68 -16.60
N SER B 545 -12.84 52.83 -16.22
CA SER B 545 -11.36 53.02 -16.33
C SER B 545 -10.65 52.00 -15.44
N THR B 546 -11.23 51.65 -14.29
CA THR B 546 -10.60 50.66 -13.41
C THR B 546 -10.50 49.33 -14.10
N LEU B 547 -11.59 48.90 -14.71
CA LEU B 547 -11.57 47.59 -15.43
C LEU B 547 -10.56 47.64 -16.60
N LEU B 548 -10.60 48.71 -17.39
CA LEU B 548 -9.68 48.79 -18.55
C LEU B 548 -8.23 48.79 -18.07
N LEU B 549 -7.96 49.53 -16.98
CA LEU B 549 -6.55 49.62 -16.51
C LEU B 549 -6.20 48.30 -15.82
N SER B 550 -7.19 47.60 -15.32
CA SER B 550 -6.91 46.26 -14.75
C SER B 550 -6.35 45.39 -15.88
N VAL B 551 -7.04 45.37 -17.01
CA VAL B 551 -6.57 44.54 -18.14
C VAL B 551 -5.20 45.05 -18.61
N LEU B 552 -5.07 46.36 -18.75
CA LEU B 552 -3.81 46.94 -19.28
C LEU B 552 -2.63 46.62 -18.35
N LEU B 553 -2.85 46.74 -17.03
CA LEU B 553 -1.71 46.50 -16.12
C LEU B 553 -1.42 45.00 -16.05
N TRP B 554 -2.47 44.17 -16.06
CA TRP B 554 -2.24 42.72 -15.99
C TRP B 554 -1.39 42.30 -17.18
N VAL B 555 -1.64 42.93 -18.33
CA VAL B 555 -0.78 42.64 -19.51
C VAL B 555 0.61 43.26 -19.28
N PHE B 556 0.65 44.45 -18.67
CA PHE B 556 1.95 45.18 -18.61
C PHE B 556 2.90 44.67 -17.55
N ILE B 557 2.38 44.17 -16.45
CA ILE B 557 3.29 43.85 -15.31
C ILE B 557 4.18 42.65 -15.66
N PRO B 558 5.49 42.73 -15.40
CA PRO B 558 6.33 41.55 -15.52
C PRO B 558 5.95 40.47 -14.55
N LYS B 559 6.10 39.22 -14.96
CA LYS B 559 5.69 38.09 -14.14
C LYS B 559 6.89 37.40 -13.51
N GLY B 560 6.59 36.47 -12.61
CA GLY B 560 7.67 35.68 -11.99
C GLY B 560 7.15 34.32 -11.57
N PHE B 561 8.02 33.33 -11.53
CA PHE B 561 7.59 31.95 -11.18
C PHE B 561 7.85 31.67 -9.70
N PHE B 562 9.11 31.72 -9.28
CA PHE B 562 9.46 31.60 -7.84
C PHE B 562 10.59 32.58 -7.58
N PRO B 563 10.74 33.05 -6.35
CA PRO B 563 11.80 34.00 -6.04
C PRO B 563 13.07 33.40 -5.54
N VAL B 564 14.13 34.20 -5.58
CA VAL B 564 15.47 33.68 -5.18
C VAL B 564 15.66 33.96 -3.69
N GLN B 565 16.40 33.09 -3.02
CA GLN B 565 16.60 33.23 -1.56
C GLN B 565 18.07 33.09 -1.20
N ASP B 566 18.48 33.80 -0.17
CA ASP B 566 19.90 33.81 0.29
C ASP B 566 19.97 33.02 1.58
N ASN B 567 20.24 31.72 1.47
CA ASN B 567 20.34 30.91 2.70
C ASN B 567 21.78 30.90 3.21
N GLY B 568 22.74 31.01 2.31
CA GLY B 568 24.16 31.08 2.75
C GLY B 568 25.09 30.10 2.07
N ILE B 569 24.62 29.32 1.10
CA ILE B 569 25.51 28.38 0.37
C ILE B 569 25.51 28.72 -1.13
N ILE B 570 26.65 28.53 -1.76
CA ILE B 570 26.76 28.73 -3.21
C ILE B 570 27.39 27.45 -3.80
N GLN B 571 26.76 26.91 -4.83
CA GLN B 571 27.31 25.70 -5.50
C GLN B 571 27.88 26.12 -6.85
N GLY B 572 29.15 25.83 -7.05
CA GLY B 572 29.82 26.20 -8.30
C GLY B 572 30.46 25.02 -8.98
N THR B 573 30.71 25.17 -10.28
CA THR B 573 31.33 24.09 -11.07
C THR B 573 32.64 24.58 -11.63
N LEU B 574 33.67 23.76 -11.50
CA LEU B 574 35.01 24.11 -12.03
C LEU B 574 35.22 23.36 -13.35
N GLN B 575 35.66 24.08 -14.37
CA GLN B 575 35.91 23.46 -15.69
C GLN B 575 37.43 23.39 -15.93
N ALA B 576 37.89 22.30 -16.53
CA ALA B 576 39.32 22.09 -16.79
C ALA B 576 39.48 21.66 -18.25
N PRO B 577 40.68 21.87 -18.84
CA PRO B 577 40.88 21.46 -20.22
C PRO B 577 40.61 19.98 -20.46
N GLN B 578 40.48 19.62 -21.74
CA GLN B 578 40.15 18.21 -22.06
C GLN B 578 41.28 17.26 -21.65
N SER B 579 42.52 17.71 -21.76
CA SER B 579 43.67 16.83 -21.46
C SER B 579 43.98 16.76 -19.97
N SER B 580 43.01 17.07 -19.13
CA SER B 580 43.30 17.14 -17.67
C SER B 580 43.48 15.75 -17.07
N SER B 581 44.21 15.68 -15.98
CA SER B 581 44.45 14.42 -15.24
C SER B 581 44.17 14.67 -13.75
N PHE B 582 44.50 13.71 -12.91
CA PHE B 582 44.23 13.86 -11.46
C PHE B 582 45.22 14.83 -10.82
N ALA B 583 46.49 14.73 -11.17
CA ALA B 583 47.48 15.60 -10.51
C ALA B 583 47.18 17.06 -10.84
N ASN B 584 46.96 17.33 -12.12
CA ASN B 584 46.69 18.72 -12.57
C ASN B 584 45.40 19.26 -11.95
N MET B 585 44.32 18.48 -12.00
CA MET B 585 43.05 18.97 -11.45
C MET B 585 43.15 19.18 -9.93
N ALA B 586 43.86 18.28 -9.24
CA ALA B 586 44.03 18.43 -7.79
C ALA B 586 44.84 19.69 -7.47
N GLN B 587 45.92 19.92 -8.22
CA GLN B 587 46.73 21.11 -7.95
C GLN B 587 45.93 22.39 -8.26
N ARG B 588 45.12 22.35 -9.31
CA ARG B 588 44.28 23.53 -9.65
C ARG B 588 43.24 23.76 -8.54
N GLN B 589 42.63 22.69 -8.04
CA GLN B 589 41.67 22.82 -6.93
C GLN B 589 42.37 23.44 -5.72
N ARG B 590 43.58 22.97 -5.42
CA ARG B 590 44.35 23.54 -4.29
C ARG B 590 44.60 25.04 -4.51
N GLN B 591 44.95 25.44 -5.74
CA GLN B 591 45.20 26.88 -6.02
C GLN B 591 43.93 27.70 -5.85
N VAL B 592 42.81 27.21 -6.38
CA VAL B 592 41.54 27.97 -6.21
C VAL B 592 41.20 28.04 -4.73
N ALA B 593 41.29 26.93 -4.04
CA ALA B 593 40.98 26.95 -2.59
C ALA B 593 41.88 27.95 -1.86
N ASP B 594 43.11 28.12 -2.35
CA ASP B 594 44.00 29.14 -1.77
C ASP B 594 43.47 30.52 -2.14
N VAL B 595 42.81 30.64 -3.28
CA VAL B 595 42.35 31.97 -3.76
C VAL B 595 40.98 32.35 -3.18
N ILE B 596 40.02 31.43 -3.22
CA ILE B 596 38.66 31.80 -2.78
C ILE B 596 38.61 32.06 -1.27
N LEU B 597 39.33 31.27 -0.49
CA LEU B 597 39.30 31.45 0.98
C LEU B 597 39.82 32.82 1.40
N GLN B 598 40.53 33.52 0.53
CA GLN B 598 41.09 34.83 0.90
C GLN B 598 39.94 35.82 1.16
N ASP B 599 38.76 35.58 0.59
CA ASP B 599 37.63 36.51 0.78
C ASP B 599 37.16 36.50 2.24
N PRO B 600 36.76 37.66 2.82
CA PRO B 600 36.31 37.64 4.20
C PRO B 600 34.94 37.03 4.42
N ALA B 601 34.09 37.08 3.41
CA ALA B 601 32.70 36.60 3.59
C ALA B 601 32.63 35.08 3.60
N VAL B 602 33.52 34.43 2.86
CA VAL B 602 33.54 32.95 2.82
C VAL B 602 34.22 32.42 4.08
N GLN B 603 33.75 31.30 4.58
CA GLN B 603 34.28 30.74 5.84
C GLN B 603 34.78 29.31 5.65
N SER B 604 34.27 28.59 4.66
CA SER B 604 34.70 27.19 4.48
C SER B 604 34.49 26.75 3.03
N LEU B 605 35.16 25.66 2.67
CA LEU B 605 34.97 25.07 1.33
C LEU B 605 34.70 23.57 1.47
N THR B 606 33.85 23.05 0.58
CA THR B 606 33.64 21.61 0.47
C THR B 606 33.80 21.26 -0.98
N SER B 607 34.66 20.30 -1.28
CA SER B 607 34.89 19.95 -2.69
C SER B 607 35.27 18.47 -2.79
N PHE B 608 34.53 17.73 -3.61
CA PHE B 608 34.91 16.33 -3.87
C PHE B 608 34.89 16.10 -5.38
N VAL B 609 35.94 15.45 -5.88
CA VAL B 609 36.08 15.22 -7.34
C VAL B 609 36.23 13.71 -7.57
N GLY B 610 36.24 13.34 -8.84
CA GLY B 610 36.37 11.91 -9.18
C GLY B 610 35.13 11.30 -9.79
N VAL B 611 35.23 10.04 -10.09
CA VAL B 611 34.09 9.33 -10.71
C VAL B 611 33.12 8.98 -9.61
N ASP B 612 31.97 9.60 -9.63
CA ASP B 612 30.92 9.25 -8.65
C ASP B 612 29.56 9.38 -9.32
N GLY B 613 28.49 9.22 -8.54
CA GLY B 613 27.14 9.29 -9.13
C GLY B 613 26.71 10.72 -9.40
N THR B 614 27.54 11.71 -9.03
CA THR B 614 27.09 13.12 -9.15
C THR B 614 28.00 13.85 -10.11
N ASN B 615 29.30 13.80 -9.90
CA ASN B 615 30.22 14.59 -10.75
C ASN B 615 30.13 14.09 -12.19
N PRO B 616 30.26 14.97 -13.20
CA PRO B 616 30.06 14.53 -14.57
C PRO B 616 31.25 13.96 -15.29
N SER B 617 32.43 14.38 -14.93
CA SER B 617 33.64 13.89 -15.63
C SER B 617 34.86 13.99 -14.73
N LEU B 618 36.00 13.51 -15.21
CA LEU B 618 37.25 13.53 -14.40
C LEU B 618 37.70 14.96 -14.20
N ASN B 619 37.69 15.76 -15.25
CA ASN B 619 38.21 17.16 -15.13
C ASN B 619 37.16 18.12 -14.58
N SER B 620 35.91 17.68 -14.52
CA SER B 620 34.82 18.58 -14.06
C SER B 620 34.70 18.48 -12.54
N ALA B 621 34.80 19.62 -11.86
CA ALA B 621 34.75 19.64 -10.39
C ALA B 621 33.57 20.49 -9.94
N ARG B 622 32.85 19.97 -8.95
CA ARG B 622 31.70 20.71 -8.38
C ARG B 622 32.08 21.21 -6.99
N LEU B 623 31.83 22.49 -6.74
CA LEU B 623 32.22 23.08 -5.45
C LEU B 623 30.95 23.49 -4.68
N GLN B 624 31.00 23.35 -3.36
CA GLN B 624 29.88 23.78 -2.49
C GLN B 624 30.44 24.81 -1.52
N ILE B 625 30.21 26.08 -1.83
CA ILE B 625 30.77 27.18 -1.00
C ILE B 625 29.80 27.52 0.14
N ASN B 626 30.36 28.00 1.25
CA ASN B 626 29.53 28.38 2.42
C ASN B 626 29.80 29.83 2.79
N LEU B 627 28.86 30.43 3.52
CA LEU B 627 28.99 31.82 3.95
C LEU B 627 28.66 31.95 5.43
N LYS B 628 29.13 33.04 6.03
CA LYS B 628 28.77 33.31 7.45
C LYS B 628 27.28 33.68 7.51
N PRO B 629 26.64 33.48 8.69
CA PRO B 629 25.24 33.80 8.79
C PRO B 629 24.93 35.28 8.69
N LEU B 630 23.68 35.64 8.92
CA LEU B 630 23.24 37.03 8.65
C LEU B 630 24.01 38.06 9.47
N ASP B 631 24.14 37.83 10.76
CA ASP B 631 24.60 38.94 11.64
C ASP B 631 26.10 39.18 11.58
N GLU B 632 26.83 38.55 10.66
CA GLU B 632 28.30 38.81 10.70
C GLU B 632 28.85 39.32 9.35
N ARG B 633 28.32 38.88 8.22
CA ARG B 633 28.89 39.43 6.97
C ARG B 633 28.16 40.71 6.62
N ASP B 634 28.72 41.46 5.68
CA ASP B 634 28.20 42.82 5.42
C ASP B 634 27.43 42.97 4.10
N ASP B 635 27.56 42.04 3.17
CA ASP B 635 26.85 42.19 1.88
C ASP B 635 25.91 41.02 1.61
N ARG B 636 25.03 41.20 0.66
CA ARG B 636 23.99 40.18 0.36
C ARG B 636 24.49 39.20 -0.70
N VAL B 637 23.59 38.41 -1.27
CA VAL B 637 24.02 37.33 -2.23
C VAL B 637 24.57 37.95 -3.52
N GLN B 638 23.93 38.98 -4.06
CA GLN B 638 24.34 39.51 -5.36
C GLN B 638 25.77 40.05 -5.30
N LYS B 639 26.06 40.92 -4.35
CA LYS B 639 27.40 41.55 -4.36
C LYS B 639 28.47 40.56 -3.93
N VAL B 640 28.12 39.69 -2.99
CA VAL B 640 29.12 38.68 -2.55
C VAL B 640 29.47 37.74 -3.72
N ILE B 641 28.47 37.31 -4.46
CA ILE B 641 28.76 36.38 -5.59
C ILE B 641 29.49 37.15 -6.70
N ALA B 642 29.18 38.42 -6.88
CA ALA B 642 29.93 39.21 -7.88
C ALA B 642 31.41 39.30 -7.49
N ARG B 643 31.67 39.60 -6.22
CA ARG B 643 33.06 39.68 -5.73
C ARG B 643 33.75 38.32 -5.88
N LEU B 644 33.02 37.24 -5.55
CA LEU B 644 33.62 35.89 -5.70
C LEU B 644 33.95 35.60 -7.17
N GLN B 645 33.09 36.05 -8.09
CA GLN B 645 33.34 35.75 -9.52
C GLN B 645 34.52 36.58 -10.05
N THR B 646 34.58 37.86 -9.70
CA THR B 646 35.72 38.66 -10.17
C THR B 646 36.98 38.35 -9.39
N ALA B 647 36.88 37.60 -8.30
CA ALA B 647 38.10 37.19 -7.59
C ALA B 647 38.81 36.04 -8.32
N VAL B 648 38.03 35.09 -8.84
CA VAL B 648 38.65 33.90 -9.46
C VAL B 648 39.03 34.13 -10.93
N ASP B 649 38.40 35.09 -11.59
CA ASP B 649 38.72 35.35 -13.01
C ASP B 649 40.18 35.76 -13.16
N LYS B 650 40.74 36.44 -12.17
CA LYS B 650 42.14 36.89 -12.28
C LYS B 650 43.07 35.66 -12.22
N VAL B 651 42.62 34.59 -11.62
CA VAL B 651 43.52 33.41 -11.44
C VAL B 651 43.74 32.76 -12.80
N PRO B 652 45.01 32.52 -13.20
CA PRO B 652 45.23 31.96 -14.51
C PRO B 652 44.79 30.54 -14.66
N GLY B 653 44.36 30.19 -15.86
CA GLY B 653 44.08 28.77 -16.18
C GLY B 653 42.87 28.18 -15.54
N VAL B 654 42.00 29.03 -15.01
CA VAL B 654 40.82 28.47 -14.29
C VAL B 654 39.56 29.21 -14.75
N ASP B 655 38.43 28.54 -14.60
CA ASP B 655 37.13 29.19 -14.84
C ASP B 655 36.11 28.48 -13.96
N LEU B 656 35.23 29.23 -13.30
CA LEU B 656 34.30 28.61 -12.32
C LEU B 656 32.93 29.28 -12.44
N PHE B 657 31.90 28.45 -12.58
CA PHE B 657 30.53 28.95 -12.87
C PHE B 657 29.70 28.93 -11.59
N LEU B 658 29.57 30.10 -10.95
CA LEU B 658 28.74 30.18 -9.74
C LEU B 658 27.26 30.36 -10.09
N GLN B 659 26.40 29.54 -9.52
CA GLN B 659 24.95 29.81 -9.58
C GLN B 659 24.47 29.74 -8.12
N PRO B 660 23.84 30.78 -7.55
CA PRO B 660 23.37 30.67 -6.19
C PRO B 660 22.25 29.67 -6.07
N THR B 661 22.41 28.71 -5.18
CA THR B 661 21.42 27.63 -5.08
C THR B 661 20.17 28.13 -4.44
N GLN B 662 19.09 27.39 -4.68
CA GLN B 662 17.78 27.81 -4.15
C GLN B 662 17.31 26.75 -3.14
N ASP B 663 16.09 26.95 -2.64
CA ASP B 663 15.52 26.00 -1.67
C ASP B 663 14.50 25.09 -2.36
N LEU B 664 13.50 25.65 -3.00
CA LEU B 664 12.48 24.84 -3.70
C LEU B 664 12.94 24.62 -5.13
N THR B 665 13.27 23.38 -5.47
CA THR B 665 13.77 23.07 -6.82
C THR B 665 12.78 22.19 -7.53
N ILE B 666 12.49 22.53 -8.78
CA ILE B 666 11.55 21.72 -9.60
C ILE B 666 12.33 20.98 -10.70
N ASP B 667 13.27 21.66 -11.34
CA ASP B 667 14.03 21.02 -12.44
C ASP B 667 14.87 19.86 -11.91
N THR B 668 14.98 18.80 -12.72
CA THR B 668 15.76 17.61 -12.30
C THR B 668 17.26 17.88 -12.37
N GLN B 669 17.66 18.99 -12.96
CA GLN B 669 19.11 19.29 -13.07
C GLN B 669 19.39 20.67 -12.50
N VAL B 670 20.65 20.88 -12.10
CA VAL B 670 21.06 22.20 -11.57
C VAL B 670 21.58 23.04 -12.74
N SER B 671 20.94 24.18 -12.96
CA SER B 671 21.33 25.02 -14.11
C SER B 671 22.67 25.69 -13.88
N ARG B 672 23.35 26.04 -14.98
CA ARG B 672 24.66 26.70 -14.89
C ARG B 672 24.51 28.18 -15.22
N THR B 673 23.90 28.49 -16.34
CA THR B 673 23.66 29.89 -16.73
C THR B 673 22.19 30.21 -16.50
N GLN B 674 21.75 31.34 -17.01
CA GLN B 674 20.36 31.76 -16.76
C GLN B 674 19.36 30.79 -17.38
N TYR B 675 19.63 30.34 -18.60
CA TYR B 675 18.68 29.45 -19.30
C TYR B 675 19.43 28.29 -19.93
N GLN B 676 18.70 27.19 -20.14
CA GLN B 676 19.31 26.00 -20.77
C GLN B 676 18.25 25.29 -21.59
N PHE B 677 18.71 24.58 -22.61
CA PHE B 677 17.78 23.82 -23.47
C PHE B 677 18.54 22.68 -24.13
N THR B 678 17.79 21.77 -24.73
CA THR B 678 18.39 20.55 -25.32
C THR B 678 18.14 20.47 -26.80
N LEU B 679 19.08 19.86 -27.50
CA LEU B 679 18.95 19.63 -28.96
C LEU B 679 19.01 18.13 -29.21
N GLN B 680 17.99 17.60 -29.87
CA GLN B 680 17.90 16.14 -30.09
C GLN B 680 18.28 15.78 -31.53
N ALA B 681 19.14 14.78 -31.67
CA ALA B 681 19.51 14.30 -33.01
C ALA B 681 19.34 12.78 -33.02
N THR B 682 19.86 12.13 -34.07
CA THR B 682 19.66 10.67 -34.22
C THR B 682 20.91 9.88 -33.93
N SER B 683 22.09 10.42 -34.23
CA SER B 683 23.31 9.60 -34.07
C SER B 683 24.42 10.40 -33.40
N LEU B 684 25.33 9.70 -32.75
CA LEU B 684 26.47 10.37 -32.09
C LEU B 684 27.35 11.04 -33.13
N ASP B 685 27.69 10.35 -34.20
CA ASP B 685 28.69 10.90 -35.14
C ASP B 685 28.16 12.15 -35.84
N ALA B 686 26.92 12.11 -36.28
CA ALA B 686 26.39 13.26 -37.07
C ALA B 686 26.31 14.50 -36.18
N LEU B 687 25.75 14.35 -34.99
CA LEU B 687 25.61 15.53 -34.10
C LEU B 687 27.01 15.99 -33.69
N SER B 688 27.92 15.04 -33.48
CA SER B 688 29.31 15.41 -33.10
C SER B 688 29.95 16.25 -34.23
N THR B 689 29.79 15.79 -35.47
CA THR B 689 30.39 16.53 -36.60
C THR B 689 29.69 17.83 -36.86
N TRP B 690 28.42 17.95 -36.45
CA TRP B 690 27.70 19.24 -36.63
C TRP B 690 27.68 20.07 -35.35
N VAL B 691 28.45 19.68 -34.34
CA VAL B 691 28.59 20.55 -33.15
C VAL B 691 29.28 21.86 -33.54
N PRO B 692 30.42 21.88 -34.27
CA PRO B 692 31.08 23.16 -34.54
C PRO B 692 30.22 24.15 -35.30
N GLN B 693 29.29 23.66 -36.11
CA GLN B 693 28.47 24.60 -36.92
C GLN B 693 27.63 25.48 -36.00
N LEU B 694 27.02 24.90 -34.98
CA LEU B 694 26.14 25.68 -34.07
C LEU B 694 26.94 26.52 -33.06
N MET B 695 28.27 26.36 -33.05
CA MET B 695 29.07 27.33 -32.26
C MET B 695 29.55 28.45 -33.20
N GLU B 696 29.94 28.10 -34.41
CA GLU B 696 30.55 29.12 -35.31
C GLU B 696 29.49 29.92 -36.09
N LYS B 697 28.24 29.50 -36.08
CA LYS B 697 27.20 30.26 -36.80
C LYS B 697 26.12 30.81 -35.86
N LEU B 698 25.88 30.17 -34.72
CA LEU B 698 24.79 30.60 -33.81
C LEU B 698 25.29 31.61 -32.77
N GLN B 699 26.60 31.79 -32.67
CA GLN B 699 27.14 32.71 -31.63
C GLN B 699 26.95 34.17 -32.01
N GLN B 700 26.78 34.49 -33.30
CA GLN B 700 26.83 35.91 -33.71
C GLN B 700 25.49 36.63 -33.62
N LEU B 701 24.44 35.98 -33.13
CA LEU B 701 23.17 36.73 -33.05
C LEU B 701 23.17 37.59 -31.79
N PRO B 702 22.86 38.88 -31.87
CA PRO B 702 22.89 39.73 -30.70
C PRO B 702 21.90 39.28 -29.62
N GLN B 703 20.77 38.73 -30.03
CA GLN B 703 19.78 38.27 -29.03
C GLN B 703 20.25 36.98 -28.34
N LEU B 704 21.34 36.37 -28.84
CA LEU B 704 21.76 35.03 -28.35
C LEU B 704 23.23 35.08 -28.01
N SER B 705 23.55 35.09 -26.72
CA SER B 705 24.95 35.32 -26.31
C SER B 705 25.45 34.23 -25.37
N ASP B 706 26.76 34.04 -25.35
CA ASP B 706 27.41 33.04 -24.47
C ASP B 706 26.88 31.64 -24.79
N VAL B 707 27.07 31.24 -26.02
CA VAL B 707 26.59 29.89 -26.43
C VAL B 707 27.56 28.85 -25.91
N SER B 708 27.03 27.88 -25.18
CA SER B 708 27.88 26.82 -24.63
C SER B 708 27.07 25.55 -24.49
N SER B 709 27.77 24.43 -24.42
CA SER B 709 27.10 23.12 -24.27
C SER B 709 27.98 22.22 -23.42
N ASP B 710 27.35 21.28 -22.74
CA ASP B 710 28.12 20.38 -21.84
C ASP B 710 28.99 19.44 -22.67
N TRP B 711 28.65 19.24 -23.93
CA TRP B 711 29.41 18.28 -24.73
C TRP B 711 30.66 18.92 -25.30
N GLN B 712 31.81 18.28 -25.07
CA GLN B 712 33.08 18.71 -25.66
C GLN B 712 33.66 17.51 -26.42
N ASP B 713 33.94 17.66 -27.71
CA ASP B 713 34.39 16.51 -28.52
C ASP B 713 35.88 16.64 -28.89
N LYS B 714 36.68 17.20 -27.99
CA LYS B 714 38.14 17.29 -28.26
C LYS B 714 38.92 16.55 -27.17
N GLY B 715 38.46 15.35 -26.80
CA GLY B 715 39.16 14.55 -25.78
C GLY B 715 40.18 13.60 -26.37
N LEU B 716 41.35 13.52 -25.72
CA LEU B 716 42.45 12.70 -26.26
C LEU B 716 42.26 11.25 -25.84
N VAL B 717 42.30 10.35 -26.82
CA VAL B 717 42.12 8.90 -26.55
C VAL B 717 43.20 8.13 -27.31
N ALA B 718 43.68 7.05 -26.70
CA ALA B 718 44.73 6.23 -27.33
C ALA B 718 44.10 4.96 -27.85
N TYR B 719 44.45 4.60 -29.08
CA TYR B 719 43.87 3.40 -29.72
C TYR B 719 44.96 2.39 -30.02
N VAL B 720 44.69 1.13 -29.66
CA VAL B 720 45.62 0.04 -30.03
C VAL B 720 44.86 -0.85 -31.01
N ASN B 721 45.53 -1.22 -32.10
CA ASN B 721 44.88 -2.01 -33.17
C ASN B 721 45.56 -3.37 -33.24
N VAL B 722 44.96 -4.37 -32.61
CA VAL B 722 45.54 -5.72 -32.65
C VAL B 722 45.22 -6.33 -34.01
N ASP B 723 46.25 -6.87 -34.64
CA ASP B 723 46.06 -7.50 -35.97
C ASP B 723 45.40 -8.87 -35.79
N ARG B 724 44.31 -9.11 -36.51
CA ARG B 724 43.64 -10.42 -36.40
C ARG B 724 44.53 -11.52 -36.99
N ASP B 725 45.18 -11.24 -38.10
CA ASP B 725 45.99 -12.29 -38.76
C ASP B 725 47.25 -12.57 -37.95
N SER B 726 47.91 -11.53 -37.46
CA SER B 726 49.15 -11.71 -36.67
C SER B 726 48.89 -12.44 -35.34
N ALA B 727 47.67 -12.37 -34.81
CA ALA B 727 47.39 -13.02 -33.52
C ALA B 727 47.34 -14.54 -33.66
N SER B 728 46.84 -15.04 -34.79
CA SER B 728 46.70 -16.50 -34.96
C SER B 728 48.05 -17.21 -35.10
N ARG B 729 49.15 -16.49 -35.30
CA ARG B 729 50.46 -17.14 -35.49
C ARG B 729 50.99 -17.64 -34.13
N LEU B 730 50.83 -16.85 -33.08
CA LEU B 730 51.37 -17.23 -31.76
C LEU B 730 50.28 -17.85 -30.86
N GLY B 731 49.12 -18.16 -31.42
CA GLY B 731 48.06 -18.76 -30.60
C GLY B 731 47.52 -17.83 -29.54
N ILE B 732 47.26 -16.58 -29.90
CA ILE B 732 46.70 -15.59 -28.95
C ILE B 732 45.42 -15.03 -29.56
N SER B 733 44.40 -14.89 -28.73
CA SER B 733 43.09 -14.42 -29.20
C SER B 733 42.85 -13.00 -28.73
N MET B 734 41.74 -12.41 -29.16
CA MET B 734 41.40 -11.05 -28.69
C MET B 734 41.11 -11.11 -27.18
N ALA B 735 40.66 -12.25 -26.69
CA ALA B 735 40.35 -12.37 -25.25
C ALA B 735 41.62 -12.18 -24.43
N ASP B 736 42.71 -12.79 -24.87
CA ASP B 736 43.98 -12.63 -24.14
C ASP B 736 44.44 -11.17 -24.17
N VAL B 737 44.29 -10.51 -25.32
CA VAL B 737 44.71 -9.09 -25.42
C VAL B 737 43.88 -8.25 -24.46
N ASP B 738 42.57 -8.46 -24.46
CA ASP B 738 41.70 -7.68 -23.56
C ASP B 738 42.04 -7.95 -22.10
N ASN B 739 42.23 -9.22 -21.75
CA ASN B 739 42.56 -9.57 -20.35
C ASN B 739 43.89 -8.93 -19.95
N ALA B 740 44.88 -8.98 -20.84
CA ALA B 740 46.20 -8.40 -20.52
C ALA B 740 46.08 -6.88 -20.33
N LEU B 741 45.39 -6.21 -21.25
CA LEU B 741 45.28 -4.74 -21.12
C LEU B 741 44.50 -4.38 -19.85
N TYR B 742 43.42 -5.09 -19.57
CA TYR B 742 42.60 -4.76 -18.37
C TYR B 742 43.38 -5.01 -17.09
N ASN B 743 44.07 -6.15 -17.00
CA ASN B 743 44.79 -6.43 -15.75
C ASN B 743 46.12 -5.67 -15.72
N ALA B 744 46.47 -5.00 -16.80
CA ALA B 744 47.68 -4.14 -16.78
C ALA B 744 47.32 -2.72 -16.30
N PHE B 745 46.39 -2.05 -16.98
CA PHE B 745 46.12 -0.63 -16.65
C PHE B 745 44.64 -0.41 -16.39
N GLY B 746 43.96 -1.41 -15.86
CA GLY B 746 42.51 -1.27 -15.68
C GLY B 746 42.07 -1.00 -14.25
N GLN B 747 42.97 -0.91 -13.28
CA GLN B 747 42.60 -0.82 -11.85
C GLN B 747 41.65 -1.96 -11.52
N ARG B 748 41.95 -3.14 -12.04
CA ARG B 748 41.01 -4.27 -11.92
C ARG B 748 40.92 -4.79 -10.48
N LEU B 749 39.71 -5.10 -10.06
CA LEU B 749 39.50 -5.72 -8.73
C LEU B 749 39.34 -7.21 -8.93
N ILE B 750 40.29 -7.99 -8.41
CA ILE B 750 40.30 -9.45 -8.70
C ILE B 750 40.06 -10.31 -7.46
N SER B 751 40.86 -10.14 -6.43
CA SER B 751 40.77 -11.04 -5.25
C SER B 751 39.95 -10.41 -4.12
N THR B 752 39.62 -11.25 -3.14
CA THR B 752 38.85 -10.77 -1.97
C THR B 752 39.58 -11.06 -0.70
N ILE B 753 39.42 -10.19 0.29
CA ILE B 753 40.03 -10.41 1.62
C ILE B 753 38.88 -10.52 2.62
N TYR B 754 38.89 -11.60 3.40
CA TYR B 754 37.83 -11.80 4.41
C TYR B 754 38.43 -11.67 5.79
N THR B 755 37.77 -10.87 6.63
CA THR B 755 38.26 -10.63 8.00
C THR B 755 37.18 -10.96 8.99
N GLN B 756 37.40 -10.60 10.25
CA GLN B 756 36.43 -11.03 11.29
C GLN B 756 35.10 -10.33 11.11
N ALA B 757 35.13 -9.03 10.83
CA ALA B 757 33.86 -8.27 10.79
C ALA B 757 33.76 -7.47 9.51
N ASN B 758 34.88 -6.97 9.04
CA ASN B 758 34.85 -6.15 7.80
C ASN B 758 35.20 -7.02 6.57
N GLN B 759 35.18 -6.38 5.41
CA GLN B 759 35.52 -7.10 4.16
C GLN B 759 36.36 -6.17 3.30
N TYR B 760 37.64 -6.50 3.15
CA TYR B 760 38.55 -5.69 2.33
C TYR B 760 38.68 -6.31 0.95
N ARG B 761 39.19 -5.51 0.02
CA ARG B 761 39.34 -5.99 -1.38
C ARG B 761 40.80 -5.89 -1.80
N VAL B 762 41.14 -6.67 -2.82
CA VAL B 762 42.53 -6.67 -3.36
C VAL B 762 42.47 -6.10 -4.77
N VAL B 763 43.33 -5.11 -5.03
CA VAL B 763 43.27 -4.41 -6.34
C VAL B 763 44.63 -4.51 -7.03
N LEU B 764 44.60 -4.64 -8.36
CA LEU B 764 45.83 -4.77 -9.16
C LEU B 764 46.06 -3.46 -9.92
N GLU B 765 47.28 -2.98 -9.86
CA GLU B 765 47.61 -1.73 -10.59
C GLU B 765 49.06 -1.81 -11.08
N HIS B 766 49.37 -0.98 -12.06
CA HIS B 766 50.73 -0.96 -12.63
C HIS B 766 51.40 0.38 -12.30
N ASN B 767 52.71 0.35 -12.33
CA ASN B 767 53.49 1.58 -12.05
C ASN B 767 53.58 2.40 -13.34
N THR B 768 53.52 3.72 -13.20
CA THR B 768 53.77 4.60 -14.36
C THR B 768 54.92 5.54 -14.06
N GLU B 769 55.41 5.57 -12.83
CA GLU B 769 56.46 6.54 -12.45
C GLU B 769 57.77 6.22 -13.16
N ASN B 770 58.13 4.95 -13.23
CA ASN B 770 59.44 4.59 -13.82
C ASN B 770 59.52 5.04 -15.29
N THR B 771 58.45 4.81 -16.04
CA THR B 771 58.45 5.16 -17.48
C THR B 771 57.33 6.14 -17.75
N PRO B 772 57.59 7.45 -17.84
CA PRO B 772 56.54 8.40 -18.13
C PRO B 772 56.12 8.39 -19.57
N GLY B 773 54.95 8.95 -19.82
CA GLY B 773 54.47 9.02 -21.20
C GLY B 773 53.72 7.78 -21.62
N LEU B 774 53.30 7.74 -22.88
CA LEU B 774 52.56 6.57 -23.40
C LEU B 774 53.52 5.40 -23.64
N ALA B 775 54.83 5.60 -23.44
CA ALA B 775 55.81 4.49 -23.58
C ALA B 775 55.65 3.47 -22.45
N ALA B 776 54.73 3.69 -21.52
CA ALA B 776 54.47 2.68 -20.48
C ALA B 776 53.60 1.56 -21.07
N LEU B 777 52.91 1.83 -22.16
CA LEU B 777 51.94 0.84 -22.69
C LEU B 777 52.64 -0.35 -23.35
N ASP B 778 53.72 -0.11 -24.06
CA ASP B 778 54.38 -1.21 -24.82
C ASP B 778 55.30 -2.07 -23.95
N THR B 779 55.47 -1.72 -22.68
CA THR B 779 56.28 -2.56 -21.76
C THR B 779 55.50 -3.74 -21.25
N ILE B 780 54.21 -3.82 -21.55
CA ILE B 780 53.37 -4.96 -21.09
C ILE B 780 53.64 -6.17 -21.98
N ARG B 781 53.69 -7.36 -21.37
CA ARG B 781 53.90 -8.58 -22.17
C ARG B 781 52.60 -9.38 -22.29
N LEU B 782 52.57 -10.31 -23.23
CA LEU B 782 51.39 -11.17 -23.43
C LEU B 782 51.84 -12.61 -23.65
N THR B 783 51.08 -13.56 -23.13
CA THR B 783 51.49 -14.98 -23.21
C THR B 783 51.43 -15.47 -24.61
N SER B 784 52.04 -16.63 -24.85
CA SER B 784 52.09 -17.19 -26.22
C SER B 784 51.98 -18.70 -26.14
N SER B 785 51.53 -19.32 -27.23
CA SER B 785 51.47 -20.80 -27.30
C SER B 785 52.89 -21.37 -27.33
N ASP B 786 53.82 -20.70 -27.98
CA ASP B 786 55.21 -21.15 -28.03
C ASP B 786 55.86 -21.00 -26.66
N GLY B 787 55.26 -20.24 -25.75
CA GLY B 787 55.78 -20.19 -24.38
C GLY B 787 56.56 -18.93 -24.07
N GLY B 788 56.97 -18.19 -25.10
CA GLY B 788 57.76 -16.99 -24.86
C GLY B 788 56.90 -15.77 -24.63
N VAL B 789 57.56 -14.64 -24.49
CA VAL B 789 56.82 -13.35 -24.36
C VAL B 789 56.92 -12.65 -25.71
N VAL B 790 55.79 -12.12 -26.18
CA VAL B 790 55.76 -11.43 -27.49
C VAL B 790 55.39 -9.97 -27.21
N PRO B 791 56.17 -9.01 -27.72
CA PRO B 791 55.87 -7.62 -27.41
C PRO B 791 54.63 -7.14 -28.14
N LEU B 792 53.99 -6.11 -27.57
CA LEU B 792 52.76 -5.57 -28.21
C LEU B 792 53.13 -4.82 -29.49
N SER B 793 54.41 -4.47 -29.66
CA SER B 793 54.82 -3.77 -30.89
C SER B 793 54.71 -4.71 -32.10
N SER B 794 54.94 -6.00 -31.91
CA SER B 794 54.96 -6.95 -33.05
C SER B 794 53.57 -7.44 -33.44
N ILE B 795 52.57 -7.24 -32.60
CA ILE B 795 51.22 -7.78 -32.90
C ILE B 795 50.17 -6.65 -32.97
N ALA B 796 50.56 -5.41 -32.69
CA ALA B 796 49.56 -4.34 -32.70
C ALA B 796 50.24 -3.00 -32.99
N LYS B 797 49.43 -2.04 -33.43
CA LYS B 797 49.95 -0.68 -33.66
C LYS B 797 49.18 0.30 -32.75
N ILE B 798 49.81 1.43 -32.45
CA ILE B 798 49.19 2.43 -31.55
C ILE B 798 48.87 3.69 -32.34
N GLU B 799 47.64 4.17 -32.20
CA GLU B 799 47.25 5.45 -32.85
C GLU B 799 46.54 6.36 -31.84
N GLN B 800 46.58 7.67 -32.10
CA GLN B 800 45.92 8.65 -31.20
C GLN B 800 44.75 9.29 -31.96
N ARG B 801 43.58 9.34 -31.33
CA ARG B 801 42.39 9.89 -31.99
C ARG B 801 41.66 10.80 -31.00
N PHE B 802 40.42 11.14 -31.32
CA PHE B 802 39.64 12.05 -30.45
C PHE B 802 38.30 11.42 -30.15
N ALA B 803 37.94 11.37 -28.87
CA ALA B 803 36.66 10.77 -28.44
C ALA B 803 36.05 11.67 -27.38
N PRO B 804 34.74 11.61 -27.13
CA PRO B 804 34.15 12.54 -26.17
C PRO B 804 34.26 12.03 -24.75
N LEU B 805 34.37 12.95 -23.79
CA LEU B 805 34.57 12.54 -22.38
C LEU B 805 33.27 12.02 -21.76
N SER B 806 32.14 12.37 -22.35
CA SER B 806 30.85 11.94 -21.75
C SER B 806 29.80 11.84 -22.85
N ILE B 807 28.95 10.84 -22.72
CA ILE B 807 27.84 10.67 -23.69
C ILE B 807 26.55 10.89 -22.92
N ASN B 808 25.76 11.86 -23.36
CA ASN B 808 24.45 12.14 -22.73
C ASN B 808 23.34 11.80 -23.71
N HIS B 809 22.29 11.17 -23.21
CA HIS B 809 21.23 10.63 -24.10
C HIS B 809 19.86 11.15 -23.68
N LEU B 810 18.99 11.33 -24.67
CA LEU B 810 17.62 11.80 -24.40
C LEU B 810 16.67 11.05 -25.33
N ASP B 811 15.69 10.38 -24.75
CA ASP B 811 14.67 9.64 -25.54
C ASP B 811 15.34 8.65 -26.49
N GLN B 812 16.31 7.91 -25.98
CA GLN B 812 17.02 6.88 -26.79
C GLN B 812 17.58 7.49 -28.06
N PHE B 813 18.12 8.69 -27.95
CA PHE B 813 18.80 9.33 -29.10
C PHE B 813 19.84 10.31 -28.55
N PRO B 814 21.01 10.43 -29.20
CA PRO B 814 22.03 11.35 -28.71
C PRO B 814 21.53 12.78 -28.59
N VAL B 815 22.01 13.47 -27.55
CA VAL B 815 21.48 14.82 -27.25
C VAL B 815 22.58 15.74 -26.78
N THR B 816 22.33 17.04 -26.93
CA THR B 816 23.21 18.05 -26.34
C THR B 816 22.40 18.96 -25.45
N THR B 817 22.95 19.31 -24.30
CA THR B 817 22.33 20.32 -23.43
C THR B 817 23.05 21.64 -23.65
N ILE B 818 22.31 22.65 -24.08
CA ILE B 818 22.93 23.96 -24.42
C ILE B 818 22.45 25.01 -23.42
N SER B 819 23.41 25.67 -22.77
CA SER B 819 23.08 26.70 -21.75
C SER B 819 23.71 28.02 -22.15
N PHE B 820 23.06 29.11 -21.80
CA PHE B 820 23.53 30.44 -22.27
C PHE B 820 22.89 31.51 -21.42
N ASN B 821 23.17 32.77 -21.76
CA ASN B 821 22.60 33.91 -21.02
C ASN B 821 21.83 34.78 -22.00
N VAL B 822 20.59 35.15 -21.63
CA VAL B 822 19.80 36.03 -22.51
C VAL B 822 20.13 37.47 -22.14
N PRO B 823 20.31 38.37 -23.12
CA PRO B 823 20.49 39.77 -22.77
C PRO B 823 19.25 40.31 -22.06
N ASP B 824 19.46 41.19 -21.09
CA ASP B 824 18.30 41.80 -20.38
C ASP B 824 17.48 42.67 -21.34
N ASN B 825 18.06 43.04 -22.48
CA ASN B 825 17.36 43.92 -23.44
C ASN B 825 16.46 43.08 -24.36
N TYR B 826 16.49 41.77 -24.20
CA TYR B 826 15.60 40.90 -25.00
C TYR B 826 14.87 39.93 -24.08
N SER B 827 13.67 39.55 -24.48
CA SER B 827 12.87 38.57 -23.69
C SER B 827 13.08 37.15 -24.22
N LEU B 828 12.54 36.17 -23.51
CA LEU B 828 12.72 34.76 -23.92
C LEU B 828 12.07 34.54 -25.27
N GLY B 829 11.05 35.31 -25.61
CA GLY B 829 10.41 35.16 -26.93
C GLY B 829 11.39 35.53 -28.04
N ASP B 830 12.12 36.62 -27.84
CA ASP B 830 13.13 37.01 -28.86
C ASP B 830 14.18 35.92 -28.96
N ALA B 831 14.60 35.38 -27.81
CA ALA B 831 15.63 34.32 -27.81
C ALA B 831 15.14 33.09 -28.57
N VAL B 832 13.91 32.66 -28.30
CA VAL B 832 13.44 31.41 -28.93
C VAL B 832 13.20 31.65 -30.42
N GLN B 833 12.69 32.82 -30.78
CA GLN B 833 12.52 33.08 -32.23
C GLN B 833 13.89 33.17 -32.91
N ALA B 834 14.89 33.72 -32.21
CA ALA B 834 16.26 33.75 -32.76
C ALA B 834 16.77 32.33 -32.97
N ILE B 835 16.53 31.45 -31.98
CA ILE B 835 16.91 30.02 -32.15
C ILE B 835 16.16 29.45 -33.36
N MET B 836 14.92 29.84 -33.54
CA MET B 836 14.14 29.34 -34.70
C MET B 836 14.82 29.73 -36.01
N ASP B 837 15.12 31.02 -36.18
CA ASP B 837 15.71 31.39 -37.51
C ASP B 837 17.13 30.84 -37.64
N THR B 838 17.87 30.73 -36.54
CA THR B 838 19.21 30.10 -36.67
C THR B 838 19.09 28.67 -37.13
N GLU B 839 18.24 27.87 -36.46
CA GLU B 839 18.15 26.43 -36.81
C GLU B 839 17.56 26.28 -38.22
N LYS B 840 16.80 27.28 -38.66
CA LYS B 840 16.32 27.20 -40.06
C LYS B 840 17.44 27.57 -41.03
N THR B 841 18.28 28.55 -40.68
CA THR B 841 19.28 29.04 -41.64
C THR B 841 20.47 28.11 -41.73
N LEU B 842 20.80 27.42 -40.65
CA LEU B 842 22.05 26.61 -40.64
C LEU B 842 21.97 25.44 -41.63
N ASN B 843 20.79 25.13 -42.15
CA ASN B 843 20.63 23.95 -43.04
C ASN B 843 21.09 22.69 -42.31
N LEU B 844 20.59 22.51 -41.10
CA LEU B 844 20.99 21.33 -40.31
C LEU B 844 20.41 20.07 -40.92
N PRO B 845 21.02 18.90 -40.66
CA PRO B 845 20.42 17.66 -41.10
C PRO B 845 19.00 17.49 -40.61
N VAL B 846 18.17 16.87 -41.44
CA VAL B 846 16.72 16.79 -41.11
C VAL B 846 16.48 15.98 -39.83
N ASP B 847 17.52 15.37 -39.30
CA ASP B 847 17.35 14.54 -38.08
C ASP B 847 17.76 15.32 -36.83
N ILE B 848 17.65 16.64 -36.88
CA ILE B 848 18.03 17.48 -35.70
C ILE B 848 16.79 18.23 -35.21
N THR B 849 16.34 17.87 -34.01
CA THR B 849 15.16 18.49 -33.43
C THR B 849 15.51 19.18 -32.13
N THR B 850 14.53 19.89 -31.56
CA THR B 850 14.79 20.68 -30.35
C THR B 850 13.79 20.37 -29.28
N GLN B 851 14.15 20.66 -28.04
CA GLN B 851 13.27 20.43 -26.89
C GLN B 851 13.69 21.39 -25.78
N PHE B 852 12.72 21.91 -25.03
CA PHE B 852 13.03 22.95 -24.02
C PHE B 852 12.39 22.57 -22.71
N GLN B 853 12.93 23.14 -21.64
CA GLN B 853 12.38 22.83 -20.29
C GLN B 853 12.47 24.05 -19.37
N GLY B 854 11.62 24.07 -18.35
CA GLY B 854 11.75 25.10 -17.31
C GLY B 854 10.72 26.22 -17.35
N SER B 855 11.20 27.45 -17.52
CA SER B 855 10.32 28.64 -17.44
C SER B 855 9.21 28.59 -18.49
N THR B 856 9.53 28.16 -19.71
CA THR B 856 8.50 28.14 -20.77
C THR B 856 7.36 27.21 -20.37
N LEU B 857 7.70 26.00 -19.92
CA LEU B 857 6.66 25.03 -19.54
C LEU B 857 5.86 25.55 -18.33
N ALA B 858 6.56 26.11 -17.34
CA ALA B 858 5.86 26.60 -16.14
C ALA B 858 4.90 27.73 -16.50
N PHE B 859 5.36 28.64 -17.34
CA PHE B 859 4.52 29.80 -17.71
C PHE B 859 3.35 29.36 -18.58
N GLN B 860 3.57 28.40 -19.48
CA GLN B 860 2.45 27.89 -20.30
C GLN B 860 1.41 27.19 -19.40
N SER B 861 1.87 26.39 -18.45
CA SER B 861 0.94 25.72 -17.52
C SER B 861 0.18 26.78 -16.69
N ALA B 862 0.88 27.83 -16.27
CA ALA B 862 0.21 28.87 -15.47
C ALA B 862 -0.88 29.55 -16.30
N LEU B 863 -0.56 29.85 -17.56
CA LEU B 863 -1.56 30.50 -18.44
C LEU B 863 -2.76 29.56 -18.64
N GLY B 864 -2.49 28.27 -18.87
CA GLY B 864 -3.60 27.32 -19.05
C GLY B 864 -4.47 27.22 -17.81
N SER B 865 -3.86 27.32 -16.63
CA SER B 865 -4.64 27.16 -15.38
C SER B 865 -5.36 28.45 -15.00
N THR B 866 -4.79 29.60 -15.32
CA THR B 866 -5.32 30.88 -14.81
C THR B 866 -6.74 31.16 -15.26
N VAL B 867 -7.01 31.01 -16.55
CA VAL B 867 -8.34 31.39 -17.08
C VAL B 867 -9.43 30.51 -16.43
N TRP B 868 -9.19 29.20 -16.41
CA TRP B 868 -10.19 28.31 -15.79
C TRP B 868 -10.31 28.58 -14.30
N LEU B 869 -9.19 28.87 -13.63
CA LEU B 869 -9.26 29.18 -12.18
C LEU B 869 -10.11 30.43 -11.94
N ILE B 870 -9.87 31.47 -12.72
CA ILE B 870 -10.64 32.72 -12.53
C ILE B 870 -12.12 32.45 -12.83
N VAL B 871 -12.40 31.72 -13.90
CA VAL B 871 -13.84 31.52 -14.28
C VAL B 871 -14.54 30.71 -13.17
N ALA B 872 -13.92 29.62 -12.75
CA ALA B 872 -14.56 28.78 -11.70
C ALA B 872 -14.71 29.58 -10.41
N ALA B 873 -13.69 30.38 -10.07
CA ALA B 873 -13.76 31.17 -8.82
C ALA B 873 -14.92 32.15 -8.92
N VAL B 874 -15.01 32.86 -10.03
CA VAL B 874 -16.06 33.91 -10.12
C VAL B 874 -17.44 33.24 -10.06
N VAL B 875 -17.57 32.09 -10.71
CA VAL B 875 -18.85 31.35 -10.63
C VAL B 875 -19.14 30.99 -9.16
N ALA B 876 -18.11 30.54 -8.44
CA ALA B 876 -18.32 30.14 -7.03
C ALA B 876 -18.78 31.34 -6.19
N MET B 877 -18.13 32.50 -6.36
CA MET B 877 -18.55 33.67 -5.56
C MET B 877 -19.99 34.04 -5.95
N TYR B 878 -20.33 33.98 -7.23
CA TYR B 878 -21.70 34.34 -7.62
C TYR B 878 -22.66 33.43 -6.90
N ILE B 879 -22.34 32.13 -6.88
CA ILE B 879 -23.30 31.15 -6.28
C ILE B 879 -23.44 31.44 -4.77
N VAL B 880 -22.32 31.58 -4.09
CA VAL B 880 -22.43 31.73 -2.62
C VAL B 880 -23.08 33.07 -2.25
N LEU B 881 -22.77 34.10 -3.00
CA LEU B 881 -23.36 35.42 -2.67
C LEU B 881 -24.85 35.41 -2.97
N GLY B 882 -25.26 34.73 -4.05
CA GLY B 882 -26.71 34.59 -4.31
C GLY B 882 -27.37 33.79 -3.20
N ILE B 883 -26.66 32.80 -2.65
CA ILE B 883 -27.23 32.05 -1.51
C ILE B 883 -27.39 33.00 -0.33
N LEU B 884 -26.39 33.83 -0.09
CA LEU B 884 -26.43 34.70 1.10
C LEU B 884 -27.47 35.80 0.97
N TYR B 885 -27.72 36.27 -0.24
CA TYR B 885 -28.64 37.44 -0.40
C TYR B 885 -29.96 37.09 -1.08
N GLU B 886 -30.07 35.93 -1.70
CA GLU B 886 -31.36 35.51 -2.30
C GLU B 886 -31.81 36.57 -3.31
N SER B 887 -30.87 37.05 -4.10
CA SER B 887 -31.19 38.09 -5.11
C SER B 887 -30.32 37.87 -6.35
N PHE B 888 -30.71 38.49 -7.46
CA PHE B 888 -29.97 38.30 -8.71
C PHE B 888 -28.81 39.27 -8.85
N ILE B 889 -29.06 40.57 -8.72
CA ILE B 889 -28.00 41.56 -9.08
C ILE B 889 -27.15 42.01 -7.90
N HIS B 890 -27.55 41.67 -6.68
CA HIS B 890 -26.72 42.01 -5.51
C HIS B 890 -25.34 41.34 -5.58
N PRO B 891 -25.19 40.05 -5.89
CA PRO B 891 -23.85 39.50 -6.02
C PRO B 891 -23.03 40.20 -7.08
N ILE B 892 -23.68 40.58 -8.18
CA ILE B 892 -22.94 41.34 -9.24
C ILE B 892 -22.50 42.69 -8.66
N THR B 893 -23.28 43.27 -7.76
CA THR B 893 -22.84 44.50 -7.10
C THR B 893 -21.61 44.23 -6.27
N ILE B 894 -21.60 43.11 -5.58
CA ILE B 894 -20.39 42.75 -4.77
C ILE B 894 -19.24 42.35 -5.69
N LEU B 895 -19.53 41.59 -6.72
CA LEU B 895 -18.48 41.14 -7.66
C LEU B 895 -17.88 42.32 -8.45
N SER B 896 -18.59 43.45 -8.53
CA SER B 896 -18.09 44.59 -9.32
C SER B 896 -16.95 45.32 -8.59
N THR B 897 -16.84 45.13 -7.26
CA THR B 897 -15.81 45.85 -6.50
C THR B 897 -14.51 45.10 -6.44
N LEU B 898 -14.49 43.85 -6.88
CA LEU B 898 -13.27 43.03 -6.76
C LEU B 898 -12.11 43.59 -7.61
N PRO B 899 -12.29 43.88 -8.92
CA PRO B 899 -11.15 44.26 -9.75
C PRO B 899 -10.46 45.55 -9.31
N THR B 900 -11.07 46.29 -8.38
CA THR B 900 -10.48 47.60 -8.04
C THR B 900 -9.16 47.36 -7.34
N ALA B 901 -9.12 46.35 -6.49
CA ALA B 901 -7.89 46.09 -5.71
C ALA B 901 -6.77 45.62 -6.65
N GLY B 902 -7.13 44.91 -7.71
CA GLY B 902 -6.11 44.44 -8.66
C GLY B 902 -5.34 45.59 -9.27
N VAL B 903 -6.03 46.68 -9.58
CA VAL B 903 -5.34 47.87 -10.14
C VAL B 903 -4.29 48.38 -9.14
N GLY B 904 -4.68 48.51 -7.88
CA GLY B 904 -3.71 49.00 -6.88
C GLY B 904 -2.56 48.04 -6.74
N ALA B 905 -2.86 46.74 -6.73
CA ALA B 905 -1.78 45.77 -6.51
C ALA B 905 -0.79 45.85 -7.66
N LEU B 906 -1.31 45.84 -8.88
CA LEU B 906 -0.41 45.85 -10.08
C LEU B 906 0.36 47.17 -10.15
N LEU B 907 -0.30 48.28 -9.85
CA LEU B 907 0.40 49.59 -9.85
C LEU B 907 1.52 49.58 -8.81
N ALA B 908 1.26 48.99 -7.64
CA ALA B 908 2.28 49.02 -6.57
C ALA B 908 3.43 48.11 -7.01
N LEU B 909 3.10 46.94 -7.51
CA LEU B 909 4.19 46.00 -7.88
C LEU B 909 5.04 46.59 -9.01
N LEU B 910 4.41 47.28 -9.97
CA LEU B 910 5.21 47.97 -11.01
C LEU B 910 6.05 49.10 -10.37
N ILE B 911 5.45 49.82 -9.42
CA ILE B 911 6.20 50.95 -8.80
C ILE B 911 7.28 50.37 -7.89
N ALA B 912 6.95 49.32 -7.15
CA ALA B 912 7.93 48.76 -6.20
C ALA B 912 9.01 47.97 -6.92
N GLY B 913 8.81 47.71 -8.20
CA GLY B 913 9.81 46.94 -8.97
C GLY B 913 9.95 45.54 -8.40
N SER B 914 8.84 44.96 -7.98
CA SER B 914 8.88 43.63 -7.34
C SER B 914 8.50 42.54 -8.32
N GLU B 915 9.16 41.41 -8.23
CA GLU B 915 8.87 40.29 -9.14
C GLU B 915 7.47 39.78 -8.86
N LEU B 916 6.72 39.51 -9.92
CA LEU B 916 5.35 39.01 -9.74
C LEU B 916 5.42 37.48 -9.68
N ASP B 917 5.85 37.00 -8.55
CA ASP B 917 5.83 35.54 -8.33
C ASP B 917 4.40 35.10 -8.04
N VAL B 918 4.19 33.80 -8.01
CA VAL B 918 2.82 33.29 -7.73
C VAL B 918 2.42 33.69 -6.30
N ILE B 919 3.42 33.91 -5.45
CA ILE B 919 3.09 34.40 -4.09
C ILE B 919 2.47 35.80 -4.20
N ALA B 920 2.95 36.60 -5.15
CA ALA B 920 2.35 37.94 -5.35
C ALA B 920 0.90 37.80 -5.85
N ILE B 921 0.65 36.83 -6.72
CA ILE B 921 -0.74 36.59 -7.19
C ILE B 921 -1.61 36.19 -5.98
N ILE B 922 -1.06 35.35 -5.11
CA ILE B 922 -1.84 34.94 -3.91
C ILE B 922 -2.11 36.19 -3.06
N GLY B 923 -1.11 37.05 -2.92
CA GLY B 923 -1.31 38.27 -2.13
C GLY B 923 -2.38 39.15 -2.74
N ILE B 924 -2.42 39.24 -4.06
CA ILE B 924 -3.51 40.00 -4.73
C ILE B 924 -4.85 39.32 -4.41
N ILE B 925 -4.85 38.00 -4.35
CA ILE B 925 -6.11 37.27 -4.05
C ILE B 925 -6.56 37.63 -2.63
N LEU B 926 -5.61 37.68 -1.70
CA LEU B 926 -5.99 38.01 -0.31
C LEU B 926 -6.46 39.45 -0.24
N LEU B 927 -5.85 40.32 -1.02
CA LEU B 927 -6.27 41.74 -1.04
C LEU B 927 -7.73 41.81 -1.51
N ILE B 928 -8.03 41.09 -2.58
CA ILE B 928 -9.43 41.10 -3.11
C ILE B 928 -10.36 40.49 -2.05
N GLY B 929 -9.86 39.50 -1.31
CA GLY B 929 -10.71 38.89 -0.27
C GLY B 929 -11.04 39.90 0.83
N ILE B 930 -10.04 40.66 1.26
CA ILE B 930 -10.29 41.68 2.30
C ILE B 930 -11.26 42.73 1.74
N VAL B 931 -11.07 43.09 0.48
CA VAL B 931 -11.94 44.13 -0.14
C VAL B 931 -13.39 43.63 -0.14
N LYS B 932 -13.59 42.38 -0.56
CA LYS B 932 -14.96 41.83 -0.56
C LYS B 932 -15.46 41.69 0.89
N LYS B 933 -14.55 41.49 1.84
CA LYS B 933 -14.97 41.37 3.25
C LYS B 933 -15.59 42.69 3.72
N ASN B 934 -14.89 43.79 3.52
CA ASN B 934 -15.49 45.05 4.01
C ASN B 934 -16.68 45.45 3.14
N ALA B 935 -16.66 45.08 1.86
CA ALA B 935 -17.83 45.35 1.00
C ALA B 935 -19.07 44.64 1.54
N ILE B 936 -18.91 43.37 1.91
CA ILE B 936 -20.05 42.62 2.50
C ILE B 936 -20.41 43.28 3.83
N MET B 937 -19.41 43.76 4.55
CA MET B 937 -19.68 44.40 5.85
C MET B 937 -20.65 45.59 5.68
N MET B 938 -20.43 46.38 4.64
CA MET B 938 -21.35 47.52 4.45
C MET B 938 -22.68 47.06 3.83
N ILE B 939 -22.61 46.11 2.91
CA ILE B 939 -23.84 45.76 2.15
C ILE B 939 -24.84 45.03 3.05
N ASP B 940 -24.35 44.19 3.95
CA ASP B 940 -25.26 43.47 4.85
C ASP B 940 -26.11 44.46 5.65
N PHE B 941 -25.44 45.43 6.28
CA PHE B 941 -26.19 46.41 7.09
C PHE B 941 -27.06 47.30 6.19
N ALA B 942 -26.60 47.59 4.97
CA ALA B 942 -27.46 48.38 4.05
C ALA B 942 -28.76 47.63 3.80
N LEU B 943 -28.66 46.34 3.48
CA LEU B 943 -29.87 45.56 3.15
C LEU B 943 -30.74 45.40 4.41
N ALA B 944 -30.11 45.20 5.57
CA ALA B 944 -30.89 45.06 6.82
C ALA B 944 -31.65 46.34 7.13
N ALA B 945 -30.98 47.48 6.99
CA ALA B 945 -31.65 48.78 7.23
C ALA B 945 -32.79 48.97 6.21
N GLU B 946 -32.53 48.65 4.95
CA GLU B 946 -33.57 48.82 3.90
C GLU B 946 -34.79 47.95 4.23
N ARG B 947 -34.56 46.72 4.68
CA ARG B 947 -35.68 45.80 4.99
C ARG B 947 -36.37 46.18 6.31
N GLU B 948 -35.66 46.81 7.23
CA GLU B 948 -36.26 47.10 8.57
C GLU B 948 -36.99 48.45 8.51
N GLN B 949 -36.28 49.53 8.23
CA GLN B 949 -36.93 50.87 8.29
C GLN B 949 -37.80 51.13 7.08
N GLY B 950 -37.50 50.53 5.95
CA GLY B 950 -38.28 50.81 4.72
C GLY B 950 -38.01 52.21 4.23
N MET B 951 -37.00 52.85 4.77
CA MET B 951 -36.64 54.20 4.30
C MET B 951 -36.03 54.11 2.89
N SER B 952 -36.09 55.22 2.16
CA SER B 952 -35.59 55.24 0.76
C SER B 952 -34.13 54.82 0.73
N PRO B 953 -33.69 54.13 -0.33
CA PRO B 953 -32.34 53.56 -0.36
C PRO B 953 -31.18 54.54 -0.15
N ARG B 954 -31.31 55.78 -0.59
CA ARG B 954 -30.18 56.72 -0.47
C ARG B 954 -29.92 57.08 1.00
N GLU B 955 -30.96 57.45 1.74
CA GLU B 955 -30.75 57.70 3.18
C GLU B 955 -30.44 56.38 3.92
N ALA B 956 -30.92 55.26 3.39
CA ALA B 956 -30.60 53.97 4.03
C ALA B 956 -29.10 53.70 3.96
N ILE B 957 -28.54 53.85 2.76
CA ILE B 957 -27.07 53.63 2.65
C ILE B 957 -26.33 54.73 3.42
N TYR B 958 -26.90 55.93 3.49
CA TYR B 958 -26.26 57.00 4.29
C TYR B 958 -26.15 56.57 5.74
N GLN B 959 -27.25 56.10 6.32
CA GLN B 959 -27.24 55.65 7.74
C GLN B 959 -26.32 54.44 7.91
N ALA B 960 -26.36 53.51 6.96
CA ALA B 960 -25.52 52.30 7.06
C ALA B 960 -24.04 52.69 7.03
N CYS B 961 -23.66 53.56 6.10
CA CYS B 961 -22.25 54.01 6.07
C CYS B 961 -21.87 54.78 7.36
N LEU B 962 -22.77 55.62 7.85
CA LEU B 962 -22.45 56.37 9.08
C LEU B 962 -22.24 55.41 10.26
N LEU B 963 -23.08 54.38 10.37
CA LEU B 963 -22.96 53.44 11.52
C LEU B 963 -21.85 52.40 11.30
N ARG B 964 -21.39 52.23 10.07
CA ARG B 964 -20.36 51.19 9.79
C ARG B 964 -19.00 51.84 9.43
N PHE B 965 -18.88 53.16 9.53
CA PHE B 965 -17.60 53.81 9.13
C PHE B 965 -16.49 53.44 10.08
N ARG B 966 -16.76 53.48 11.37
CA ARG B 966 -15.74 53.12 12.39
C ARG B 966 -15.22 51.70 12.13
N PRO B 967 -16.06 50.68 11.85
CA PRO B 967 -15.52 49.39 11.41
C PRO B 967 -14.55 49.50 10.22
N ILE B 968 -14.85 50.38 9.28
CA ILE B 968 -13.96 50.49 8.09
C ILE B 968 -12.55 50.88 8.55
N LEU B 969 -12.45 51.86 9.43
CA LEU B 969 -11.08 52.30 9.79
C LEU B 969 -10.42 51.32 10.74
N MET B 970 -11.17 50.66 11.62
CA MET B 970 -10.45 49.68 12.46
C MET B 970 -9.93 48.54 11.56
N THR B 971 -10.73 48.12 10.59
CA THR B 971 -10.27 47.03 9.70
C THR B 971 -9.08 47.51 8.90
N THR B 972 -9.13 48.74 8.40
CA THR B 972 -8.02 49.27 7.57
C THR B 972 -6.76 49.35 8.41
N LEU B 973 -6.90 49.80 9.66
CA LEU B 973 -5.70 49.92 10.52
C LEU B 973 -5.15 48.52 10.78
N ALA B 974 -6.04 47.56 10.99
CA ALA B 974 -5.58 46.19 11.30
C ALA B 974 -4.82 45.64 10.09
N ALA B 975 -5.36 45.88 8.89
CA ALA B 975 -4.67 45.42 7.67
C ALA B 975 -3.30 46.11 7.53
N LEU B 976 -3.26 47.41 7.84
CA LEU B 976 -1.99 48.16 7.69
C LEU B 976 -0.96 47.60 8.69
N LEU B 977 -1.36 47.37 9.93
CA LEU B 977 -0.38 46.83 10.89
C LEU B 977 -0.02 45.39 10.53
N GLY B 978 -0.95 44.64 9.96
CA GLY B 978 -0.60 43.27 9.55
C GLY B 978 0.38 43.24 8.41
N ALA B 979 0.27 44.19 7.49
CA ALA B 979 1.18 44.25 6.32
C ALA B 979 2.48 44.98 6.66
N LEU B 980 2.52 45.66 7.81
CA LEU B 980 3.76 46.40 8.20
C LEU B 980 4.97 45.46 8.36
N PRO B 981 4.89 44.31 9.06
CA PRO B 981 6.07 43.47 9.15
C PRO B 981 6.62 43.00 7.81
N LEU B 982 5.74 42.74 6.88
CA LEU B 982 6.19 42.26 5.54
C LEU B 982 6.90 43.39 4.79
N MET B 983 6.55 44.63 5.07
CA MET B 983 7.22 45.76 4.39
C MET B 983 8.66 45.89 4.89
N LEU B 984 8.85 45.81 6.20
CA LEU B 984 10.20 46.01 6.77
C LEU B 984 10.85 44.66 7.12
N SER B 985 10.59 43.65 6.32
CA SER B 985 11.17 42.31 6.61
C SER B 985 12.60 42.30 6.05
N THR B 986 13.60 42.32 6.94
CA THR B 986 15.00 42.35 6.48
C THR B 986 15.80 41.16 6.97
N GLY B 987 15.14 40.12 7.42
CA GLY B 987 15.88 39.00 8.02
C GLY B 987 16.02 37.82 7.10
N VAL B 988 16.17 36.66 7.70
CA VAL B 988 16.33 35.43 6.90
C VAL B 988 14.98 35.07 6.28
N GLY B 989 14.99 34.79 4.99
CA GLY B 989 13.74 34.44 4.28
C GLY B 989 13.01 35.66 3.80
N ALA B 990 13.58 36.84 4.01
CA ALA B 990 12.89 38.09 3.67
C ALA B 990 12.59 38.21 2.17
N GLU B 991 13.37 37.52 1.35
CA GLU B 991 13.11 37.59 -0.11
C GLU B 991 11.73 36.98 -0.39
N LEU B 992 11.24 36.14 0.53
CA LEU B 992 9.92 35.48 0.34
C LEU B 992 8.81 36.26 1.05
N ARG B 993 9.11 37.39 1.67
CA ARG B 993 8.05 38.22 2.27
C ARG B 993 8.22 39.73 1.99
N ARG B 994 9.37 40.17 1.51
CA ARG B 994 9.59 41.63 1.40
C ARG B 994 8.65 42.32 0.40
N PRO B 995 8.37 41.79 -0.81
CA PRO B 995 7.50 42.53 -1.73
C PRO B 995 6.04 42.48 -1.33
N LEU B 996 5.65 41.45 -0.56
CA LEU B 996 4.23 41.25 -0.22
C LEU B 996 3.70 42.43 0.58
N GLY B 997 4.51 42.98 1.48
CA GLY B 997 4.04 44.09 2.31
C GLY B 997 3.69 45.29 1.46
N ILE B 998 4.59 45.67 0.58
CA ILE B 998 4.35 46.86 -0.28
C ILE B 998 3.14 46.58 -1.18
N GLY B 999 3.07 45.38 -1.75
CA GLY B 999 1.94 45.07 -2.63
C GLY B 999 0.62 45.16 -1.88
N MET B 1000 0.57 44.59 -0.67
CA MET B 1000 -0.71 44.60 0.08
C MET B 1000 -1.04 46.03 0.50
N VAL B 1001 -0.04 46.80 0.89
CA VAL B 1001 -0.33 48.17 1.38
C VAL B 1001 -0.90 48.98 0.21
N GLY B 1002 -0.27 48.89 -0.96
CA GLY B 1002 -0.82 49.60 -2.13
C GLY B 1002 -2.21 49.12 -2.48
N GLY B 1003 -2.42 47.82 -2.50
CA GLY B 1003 -3.77 47.30 -2.76
C GLY B 1003 -4.77 47.86 -1.78
N LEU B 1004 -4.42 47.88 -0.49
CA LEU B 1004 -5.41 48.31 0.52
C LEU B 1004 -5.71 49.81 0.34
N ILE B 1005 -4.68 50.63 0.21
CA ILE B 1005 -5.03 52.08 0.22
C ILE B 1005 -5.78 52.43 -1.07
N VAL B 1006 -5.40 51.82 -2.18
CA VAL B 1006 -6.15 52.08 -3.44
C VAL B 1006 -7.59 51.57 -3.28
N SER B 1007 -7.75 50.38 -2.72
CA SER B 1007 -9.12 49.79 -2.60
C SER B 1007 -10.00 50.64 -1.68
N GLN B 1008 -9.48 51.09 -0.54
CA GLN B 1008 -10.34 51.91 0.33
C GLN B 1008 -10.61 53.27 -0.34
N VAL B 1009 -9.63 53.81 -1.03
CA VAL B 1009 -9.85 55.14 -1.65
C VAL B 1009 -10.99 55.01 -2.66
N LEU B 1010 -10.98 53.94 -3.43
CA LEU B 1010 -12.07 53.75 -4.43
C LEU B 1010 -13.38 53.40 -3.71
N THR B 1011 -13.31 52.55 -2.68
CA THR B 1011 -14.55 52.07 -2.01
C THR B 1011 -15.31 53.19 -1.33
N LEU B 1012 -14.67 53.91 -0.43
CA LEU B 1012 -15.36 54.92 0.39
C LEU B 1012 -15.98 56.01 -0.47
N PHE B 1013 -15.56 56.16 -1.70
CA PHE B 1013 -16.09 57.26 -2.53
C PHE B 1013 -16.91 56.74 -3.71
N THR B 1014 -16.95 55.44 -3.95
CA THR B 1014 -17.71 54.94 -5.11
C THR B 1014 -18.79 53.96 -4.72
N THR B 1015 -18.62 53.18 -3.65
CA THR B 1015 -19.55 52.07 -3.40
C THR B 1015 -20.98 52.50 -3.21
N PRO B 1016 -21.33 53.51 -2.39
CA PRO B 1016 -22.75 53.82 -2.17
C PRO B 1016 -23.47 54.22 -3.44
N VAL B 1017 -22.85 55.07 -4.25
CA VAL B 1017 -23.59 55.59 -5.43
C VAL B 1017 -23.69 54.47 -6.46
N ILE B 1018 -22.64 53.65 -6.59
CA ILE B 1018 -22.76 52.57 -7.61
C ILE B 1018 -23.80 51.55 -7.11
N TYR B 1019 -23.89 51.34 -5.81
CA TYR B 1019 -24.94 50.44 -5.29
C TYR B 1019 -26.34 51.02 -5.56
N LEU B 1020 -26.48 52.33 -5.41
CA LEU B 1020 -27.77 52.98 -5.75
C LEU B 1020 -28.05 52.81 -7.24
N LEU B 1021 -27.03 52.97 -8.08
CA LEU B 1021 -27.24 52.76 -9.53
C LEU B 1021 -27.63 51.31 -9.82
N PHE B 1022 -27.02 50.36 -9.11
CA PHE B 1022 -27.43 48.94 -9.29
C PHE B 1022 -28.86 48.72 -8.82
N ASP B 1023 -29.29 49.42 -7.78
CA ASP B 1023 -30.70 49.31 -7.35
C ASP B 1023 -31.62 49.89 -8.43
N ARG B 1024 -31.19 50.99 -9.05
CA ARG B 1024 -31.99 51.56 -10.16
C ARG B 1024 -32.04 50.55 -11.33
N LEU B 1025 -30.91 49.90 -11.62
CA LEU B 1025 -30.91 48.86 -12.67
C LEU B 1025 -31.80 47.70 -12.24
N ALA B 1026 -31.84 47.39 -10.95
CA ALA B 1026 -32.76 46.33 -10.46
C ALA B 1026 -34.21 46.73 -10.68
N LEU B 1027 -34.51 48.02 -10.48
CA LEU B 1027 -35.89 48.48 -10.75
C LEU B 1027 -36.20 48.32 -12.24
N TRP B 1028 -35.24 48.66 -13.09
CA TRP B 1028 -35.49 48.50 -14.54
C TRP B 1028 -35.61 47.01 -14.91
N THR B 1029 -34.88 46.14 -14.21
CA THR B 1029 -35.01 44.69 -14.51
C THR B 1029 -36.35 44.18 -14.03
N LYS B 1030 -36.85 44.76 -12.95
CA LYS B 1030 -38.23 44.39 -12.51
C LYS B 1030 -39.22 44.85 -13.58
N SER B 1031 -38.96 46.01 -14.19
CA SER B 1031 -39.82 46.46 -15.31
C SER B 1031 -39.71 45.46 -16.45
N ARG B 1032 -38.50 44.98 -16.69
CA ARG B 1032 -38.30 43.99 -17.78
C ARG B 1032 -39.03 42.68 -17.44
N PHE B 1033 -39.01 42.27 -16.18
CA PHE B 1033 -39.77 41.06 -15.78
C PHE B 1033 -41.25 41.26 -16.02
N ALA B 1034 -41.77 42.45 -15.64
CA ALA B 1034 -43.20 42.74 -15.88
C ALA B 1034 -43.50 42.69 -17.38
N ARG B 1035 -42.63 43.29 -18.18
CA ARG B 1035 -42.85 43.27 -19.65
C ARG B 1035 -42.85 41.82 -20.15
N HIS B 1036 -41.79 41.08 -19.83
CA HIS B 1036 -41.67 39.68 -20.33
C HIS B 1036 -42.82 38.82 -19.85
N GLU B 1037 -43.47 39.22 -18.75
CA GLU B 1037 -44.69 38.49 -18.33
C GLU B 1037 -45.92 39.08 -19.05
N GLU B 1038 -45.82 40.29 -19.60
CA GLU B 1038 -47.01 40.96 -20.19
C GLU B 1038 -47.13 40.68 -21.69
N GLU B 1039 -46.16 41.09 -22.49
CA GLU B 1039 -46.36 40.98 -23.96
C GLU B 1039 -45.74 39.69 -24.54
N ALA B 1040 -44.91 39.00 -23.76
CA ALA B 1040 -44.27 37.77 -24.28
C ALA B 1040 -45.23 36.58 -24.12
N MET C 1 -37.70 12.53 11.80
CA MET C 1 -38.90 13.40 11.87
C MET C 1 -40.13 12.60 11.47
N GLN C 2 -40.94 12.23 12.45
CA GLN C 2 -42.18 11.47 12.17
C GLN C 2 -43.23 12.33 11.51
N VAL C 3 -44.44 11.82 11.47
CA VAL C 3 -45.53 12.50 10.73
C VAL C 3 -46.07 13.60 11.64
N LEU C 4 -45.49 14.78 11.53
CA LEU C 4 -45.98 15.93 12.33
C LEU C 4 -46.92 16.75 11.47
N PRO C 5 -47.80 17.58 12.07
CA PRO C 5 -48.61 18.48 11.27
C PRO C 5 -47.69 19.40 10.47
N PRO C 6 -48.05 19.79 9.23
CA PRO C 6 -47.17 20.59 8.41
C PRO C 6 -46.83 21.91 9.09
N SER C 7 -45.54 22.27 9.05
CA SER C 7 -45.07 23.52 9.68
C SER C 7 -45.42 24.74 8.81
N SER C 8 -46.53 25.39 9.09
CA SER C 8 -46.97 26.57 8.29
C SER C 8 -47.16 26.17 6.83
N THR C 9 -47.70 24.98 6.59
CA THR C 9 -47.96 24.49 5.21
C THR C 9 -46.72 24.55 4.34
N GLY C 10 -45.65 23.92 4.83
CA GLY C 10 -44.43 23.81 4.01
C GLY C 10 -43.82 22.42 4.12
N GLY C 11 -44.28 21.62 5.09
CA GLY C 11 -43.73 20.26 5.33
C GLY C 11 -42.28 20.31 5.68
N PRO C 12 -41.53 19.21 5.49
CA PRO C 12 -40.10 19.22 5.71
C PRO C 12 -39.32 20.02 4.70
N SER C 13 -39.96 20.42 3.61
CA SER C 13 -39.27 21.26 2.58
C SER C 13 -39.73 22.71 2.60
N ARG C 14 -40.11 23.23 3.76
CA ARG C 14 -40.68 24.61 3.83
C ARG C 14 -39.63 25.65 3.42
N LEU C 15 -38.42 25.51 3.92
CA LEU C 15 -37.39 26.55 3.64
C LEU C 15 -36.99 26.53 2.15
N PHE C 16 -37.24 25.41 1.47
CA PHE C 16 -36.82 25.29 0.06
C PHE C 16 -37.58 26.24 -0.84
N ILE C 17 -38.83 26.54 -0.54
CA ILE C 17 -39.61 27.51 -1.34
C ILE C 17 -39.20 28.96 -0.97
N MET C 18 -38.36 29.13 0.04
CA MET C 18 -37.90 30.51 0.43
C MET C 18 -36.51 30.81 -0.13
N ARG C 19 -36.03 30.02 -1.10
CA ARG C 19 -34.65 30.21 -1.62
C ARG C 19 -34.67 30.15 -3.15
N PRO C 20 -35.15 31.20 -3.85
CA PRO C 20 -35.17 31.17 -5.31
C PRO C 20 -33.77 31.20 -5.92
N VAL C 21 -33.01 32.21 -5.54
CA VAL C 21 -31.66 32.36 -6.10
C VAL C 21 -30.80 31.17 -5.68
N ALA C 22 -30.94 30.74 -4.43
CA ALA C 22 -30.11 29.60 -3.95
C ALA C 22 -30.38 28.37 -4.83
N THR C 23 -31.64 28.08 -5.08
CA THR C 23 -31.97 26.88 -5.86
C THR C 23 -31.45 27.05 -7.28
N THR C 24 -31.68 28.23 -7.87
CA THR C 24 -31.31 28.40 -9.29
C THR C 24 -29.81 28.23 -9.43
N LEU C 25 -29.05 28.85 -8.53
CA LEU C 25 -27.57 28.76 -8.63
C LEU C 25 -27.13 27.33 -8.29
N LEU C 26 -27.88 26.63 -7.44
CA LEU C 26 -27.44 25.28 -7.04
C LEU C 26 -27.54 24.38 -8.26
N MET C 27 -28.65 24.48 -8.97
CA MET C 27 -28.83 23.58 -10.14
C MET C 27 -27.92 24.05 -11.28
N VAL C 28 -27.63 25.35 -11.35
CA VAL C 28 -26.64 25.80 -12.38
C VAL C 28 -25.28 25.16 -12.07
N ALA C 29 -24.89 25.16 -10.79
CA ALA C 29 -23.61 24.53 -10.40
C ALA C 29 -23.66 23.03 -10.66
N ILE C 30 -24.79 22.42 -10.37
CA ILE C 30 -24.90 20.95 -10.59
C ILE C 30 -24.75 20.65 -12.09
N LEU C 31 -25.40 21.43 -12.95
CA LEU C 31 -25.28 21.19 -14.41
C LEU C 31 -23.83 21.41 -14.86
N LEU C 32 -23.21 22.48 -14.38
CA LEU C 32 -21.81 22.75 -14.80
C LEU C 32 -20.90 21.61 -14.30
N ALA C 33 -21.15 21.12 -13.09
CA ALA C 33 -20.26 20.09 -12.55
C ALA C 33 -20.45 18.83 -13.37
N GLY C 34 -21.69 18.54 -13.72
CA GLY C 34 -21.96 17.34 -14.53
C GLY C 34 -21.31 17.43 -15.90
N ILE C 35 -21.37 18.61 -16.51
CA ILE C 35 -20.74 18.78 -17.86
C ILE C 35 -19.23 18.60 -17.73
N ILE C 36 -18.62 19.27 -16.75
CA ILE C 36 -17.14 19.18 -16.64
C ILE C 36 -16.76 17.77 -16.20
N GLY C 37 -17.65 17.07 -15.49
CA GLY C 37 -17.34 15.68 -15.14
C GLY C 37 -17.37 14.77 -16.36
N TYR C 38 -18.44 14.86 -17.14
CA TYR C 38 -18.54 14.02 -18.34
C TYR C 38 -17.37 14.33 -19.25
N ARG C 39 -16.84 15.54 -19.16
CA ARG C 39 -15.63 15.85 -19.96
C ARG C 39 -14.37 15.50 -19.17
N ALA C 40 -14.49 15.16 -17.88
CA ALA C 40 -13.26 14.94 -17.08
C ALA C 40 -13.24 13.58 -16.39
N LEU C 41 -14.40 13.06 -15.95
CA LEU C 41 -14.37 11.81 -15.17
C LEU C 41 -13.95 10.65 -16.05
N PRO C 42 -13.50 9.49 -15.54
CA PRO C 42 -12.90 8.47 -16.35
C PRO C 42 -13.88 7.40 -16.77
N VAL C 43 -14.10 7.36 -18.08
CA VAL C 43 -15.06 6.37 -18.62
C VAL C 43 -14.23 5.20 -19.14
N SER C 44 -14.50 4.03 -18.57
CA SER C 44 -13.74 2.82 -18.95
C SER C 44 -14.67 1.82 -19.66
N ALA C 45 -14.08 0.80 -20.28
CA ALA C 45 -14.91 -0.22 -20.93
C ALA C 45 -15.47 -1.16 -19.89
N LEU C 46 -14.66 -1.55 -18.92
CA LEU C 46 -15.09 -2.58 -17.94
C LEU C 46 -14.74 -2.10 -16.54
N PRO C 47 -15.43 -2.59 -15.50
CA PRO C 47 -15.05 -2.24 -14.16
C PRO C 47 -13.70 -2.80 -13.76
N GLU C 48 -13.11 -2.18 -12.75
CA GLU C 48 -11.78 -2.62 -12.26
C GLU C 48 -11.96 -3.86 -11.39
N VAL C 49 -12.41 -4.94 -12.02
CA VAL C 49 -12.59 -6.21 -11.28
C VAL C 49 -11.56 -7.21 -11.83
N ASP C 50 -10.43 -7.33 -11.14
CA ASP C 50 -9.35 -8.20 -11.62
C ASP C 50 -9.13 -9.34 -10.64
N TYR C 51 -9.13 -10.56 -11.14
CA TYR C 51 -8.85 -11.71 -10.27
C TYR C 51 -7.38 -11.72 -9.98
N PRO C 52 -6.97 -12.28 -8.84
CA PRO C 52 -5.54 -12.46 -8.60
C PRO C 52 -4.98 -13.60 -9.45
N THR C 53 -4.26 -13.25 -10.52
CA THR C 53 -3.74 -14.28 -11.43
C THR C 53 -2.43 -13.80 -12.00
N ILE C 54 -1.39 -14.59 -11.81
CA ILE C 54 -0.04 -14.14 -12.24
C ILE C 54 0.44 -15.07 -13.36
N GLN C 55 0.85 -14.47 -14.47
CA GLN C 55 1.44 -15.27 -15.58
C GLN C 55 2.95 -15.01 -15.62
N VAL C 56 3.73 -16.09 -15.56
CA VAL C 56 5.20 -15.95 -15.68
C VAL C 56 5.60 -16.78 -16.90
N VAL C 57 6.53 -16.27 -17.67
CA VAL C 57 6.91 -16.93 -18.94
C VAL C 57 8.41 -17.23 -18.92
N THR C 58 8.77 -18.41 -19.37
CA THR C 58 10.18 -18.80 -19.47
C THR C 58 10.39 -19.46 -20.82
N LEU C 59 10.94 -18.71 -21.77
CA LEU C 59 11.26 -19.26 -23.10
C LEU C 59 12.73 -19.64 -23.17
N TYR C 60 13.01 -20.85 -23.64
CA TYR C 60 14.40 -21.39 -23.69
C TYR C 60 14.46 -22.23 -24.91
N PRO C 61 15.16 -21.78 -25.97
CA PRO C 61 15.01 -22.42 -27.25
C PRO C 61 15.61 -23.75 -27.39
N GLY C 62 15.02 -24.57 -28.24
CA GLY C 62 15.62 -25.88 -28.57
C GLY C 62 15.24 -27.00 -27.64
N ALA C 63 14.93 -26.67 -26.40
CA ALA C 63 14.69 -27.75 -25.42
C ALA C 63 13.41 -28.49 -25.77
N SER C 64 13.49 -29.81 -25.74
CA SER C 64 12.31 -30.66 -26.05
C SER C 64 11.28 -30.50 -24.93
N PRO C 65 10.00 -30.78 -25.20
CA PRO C 65 9.01 -30.59 -24.17
C PRO C 65 9.29 -31.32 -22.86
N ASP C 66 9.80 -32.55 -22.94
CA ASP C 66 9.98 -33.32 -21.70
C ASP C 66 11.11 -32.73 -20.87
N VAL C 67 12.20 -32.37 -21.53
CA VAL C 67 13.32 -31.75 -20.78
C VAL C 67 12.88 -30.36 -20.28
N MET C 68 12.03 -29.68 -21.02
CA MET C 68 11.51 -28.39 -20.52
C MET C 68 10.69 -28.61 -19.23
N THR C 69 9.84 -29.62 -19.24
CA THR C 69 9.05 -29.91 -18.02
C THR C 69 9.95 -30.29 -16.86
N SER C 70 10.95 -31.13 -17.11
CA SER C 70 11.79 -31.61 -16.00
C SER C 70 12.68 -30.50 -15.45
N ALA C 71 13.23 -29.67 -16.33
CA ALA C 71 14.23 -28.70 -15.85
C ALA C 71 13.68 -27.32 -15.57
N VAL C 72 12.45 -27.03 -15.98
CA VAL C 72 11.96 -25.64 -15.82
C VAL C 72 10.72 -25.62 -14.93
N THR C 73 9.71 -26.39 -15.29
CA THR C 73 8.44 -26.30 -14.56
C THR C 73 8.55 -26.87 -13.16
N ALA C 74 9.19 -28.00 -13.02
CA ALA C 74 9.23 -28.67 -11.69
C ALA C 74 9.83 -27.78 -10.61
N PRO C 75 11.01 -27.16 -10.79
CA PRO C 75 11.57 -26.39 -9.69
C PRO C 75 10.70 -25.23 -9.26
N LEU C 76 10.23 -24.42 -10.21
CA LEU C 76 9.45 -23.24 -9.79
C LEU C 76 8.08 -23.68 -9.26
N GLU C 77 7.55 -24.75 -9.82
CA GLU C 77 6.26 -25.28 -9.31
C GLU C 77 6.40 -25.69 -7.85
N ARG C 78 7.49 -26.37 -7.50
CA ARG C 78 7.70 -26.70 -6.08
C ARG C 78 7.98 -25.43 -5.26
N GLN C 79 8.69 -24.46 -5.84
CA GLN C 79 8.92 -23.21 -5.11
C GLN C 79 7.61 -22.41 -4.95
N PHE C 80 6.76 -22.36 -5.98
CA PHE C 80 5.53 -21.56 -5.85
C PHE C 80 4.52 -22.25 -4.94
N GLY C 81 4.46 -23.58 -4.96
CA GLY C 81 3.41 -24.30 -4.20
C GLY C 81 3.44 -24.05 -2.70
N GLN C 82 4.60 -23.77 -2.14
CA GLN C 82 4.66 -23.61 -0.67
C GLN C 82 4.19 -22.22 -0.27
N MET C 83 3.90 -21.35 -1.23
CA MET C 83 3.58 -19.94 -0.88
C MET C 83 2.11 -19.85 -0.56
N SER C 84 1.76 -19.07 0.43
CA SER C 84 0.35 -19.04 0.90
C SER C 84 -0.56 -18.41 -0.13
N GLY C 85 -1.84 -18.66 0.01
CA GLY C 85 -2.82 -18.02 -0.88
C GLY C 85 -3.07 -18.79 -2.16
N LEU C 86 -2.26 -19.79 -2.46
CA LEU C 86 -2.42 -20.52 -3.74
C LEU C 86 -3.62 -21.46 -3.61
N LYS C 87 -4.61 -21.25 -4.48
CA LYS C 87 -5.85 -22.06 -4.41
C LYS C 87 -5.79 -23.17 -5.46
N GLN C 88 -5.35 -22.86 -6.66
CA GLN C 88 -5.09 -23.92 -7.66
C GLN C 88 -4.05 -23.41 -8.64
N MET C 89 -3.37 -24.34 -9.29
CA MET C 89 -2.35 -23.94 -10.28
C MET C 89 -2.48 -24.84 -11.50
N SER C 90 -2.08 -24.29 -12.65
CA SER C 90 -2.06 -25.09 -13.90
C SER C 90 -0.89 -24.61 -14.75
N SER C 91 -0.35 -25.51 -15.54
CA SER C 91 0.84 -25.16 -16.34
C SER C 91 0.63 -25.52 -17.81
N GLN C 92 1.16 -24.69 -18.69
CA GLN C 92 1.10 -24.98 -20.14
C GLN C 92 2.55 -25.17 -20.56
N SER C 93 3.00 -26.41 -20.54
CA SER C 93 4.41 -26.71 -20.87
C SER C 93 4.48 -27.37 -22.24
N SER C 94 5.22 -26.73 -23.14
CA SER C 94 5.36 -27.27 -24.51
C SER C 94 6.83 -27.14 -24.93
N GLY C 95 7.06 -27.33 -26.21
CA GLY C 95 8.43 -27.25 -26.73
C GLY C 95 9.05 -25.88 -26.53
N GLY C 96 10.01 -25.77 -25.62
CA GLY C 96 10.74 -24.51 -25.47
C GLY C 96 9.94 -23.46 -24.75
N ALA C 97 8.79 -23.83 -24.23
CA ALA C 97 7.94 -22.83 -23.55
C ALA C 97 7.50 -23.36 -22.19
N SER C 98 7.33 -22.43 -21.26
CA SER C 98 6.83 -22.80 -19.92
C SER C 98 6.11 -21.58 -19.32
N VAL C 99 4.79 -21.59 -19.39
CA VAL C 99 4.00 -20.49 -18.77
C VAL C 99 3.27 -21.11 -17.58
N ILE C 100 3.18 -20.34 -16.51
CA ILE C 100 2.60 -20.86 -15.25
C ILE C 100 1.35 -20.05 -14.92
N THR C 101 0.26 -20.77 -14.63
CA THR C 101 -1.00 -20.10 -14.26
C THR C 101 -1.27 -20.32 -12.79
N LEU C 102 -1.23 -19.22 -12.02
CA LEU C 102 -1.57 -19.29 -10.59
C LEU C 102 -2.81 -18.44 -10.33
N GLN C 103 -3.84 -19.06 -9.76
CA GLN C 103 -5.07 -18.31 -9.37
C GLN C 103 -5.12 -18.31 -7.85
N PHE C 104 -5.18 -17.12 -7.26
CA PHE C 104 -5.12 -17.01 -5.78
C PHE C 104 -6.50 -16.94 -5.17
N GLN C 105 -6.54 -16.87 -3.84
CA GLN C 105 -7.84 -16.68 -3.16
C GLN C 105 -8.28 -15.22 -3.35
N LEU C 106 -9.56 -14.97 -3.14
CA LEU C 106 -10.11 -13.61 -3.41
C LEU C 106 -9.54 -12.60 -2.44
N THR C 107 -8.92 -13.04 -1.35
CA THR C 107 -8.51 -12.08 -0.29
C THR C 107 -7.10 -11.59 -0.47
N LEU C 108 -6.44 -11.98 -1.55
CA LEU C 108 -5.01 -11.59 -1.64
C LEU C 108 -4.87 -10.31 -2.46
N PRO C 109 -4.25 -9.25 -1.91
CA PRO C 109 -4.01 -8.07 -2.71
C PRO C 109 -2.96 -8.34 -3.77
N LEU C 110 -3.06 -7.60 -4.87
CA LEU C 110 -2.16 -7.87 -6.03
C LEU C 110 -0.71 -7.56 -5.67
N ASP C 111 -0.50 -6.51 -4.89
CA ASP C 111 0.90 -6.12 -4.60
C ASP C 111 1.59 -7.22 -3.81
N VAL C 112 0.89 -7.78 -2.84
CA VAL C 112 1.56 -8.79 -1.98
C VAL C 112 1.82 -10.04 -2.82
N ALA C 113 0.92 -10.36 -3.73
CA ALA C 113 1.12 -11.53 -4.60
C ALA C 113 2.33 -11.28 -5.50
N GLU C 114 2.48 -10.04 -5.96
CA GLU C 114 3.66 -9.72 -6.79
C GLU C 114 4.93 -9.88 -5.93
N GLN C 115 4.85 -9.48 -4.67
CA GLN C 115 6.02 -9.64 -3.78
C GLN C 115 6.37 -11.13 -3.64
N GLU C 116 5.35 -11.97 -3.43
CA GLU C 116 5.66 -13.42 -3.25
C GLU C 116 6.18 -14.02 -4.56
N VAL C 117 5.62 -13.65 -5.69
CA VAL C 117 6.11 -14.27 -6.95
C VAL C 117 7.55 -13.79 -7.22
N GLN C 118 7.82 -12.52 -6.93
CA GLN C 118 9.21 -12.02 -7.12
C GLN C 118 10.16 -12.79 -6.18
N ALA C 119 9.75 -12.94 -4.93
CA ALA C 119 10.62 -13.64 -3.96
C ALA C 119 10.85 -15.08 -4.39
N ALA C 120 9.82 -15.75 -4.86
CA ALA C 120 9.97 -17.15 -5.25
C ALA C 120 10.88 -17.26 -6.46
N ILE C 121 10.68 -16.37 -7.44
CA ILE C 121 11.49 -16.46 -8.68
C ILE C 121 12.94 -16.12 -8.34
N ASN C 122 13.16 -15.32 -7.32
CA ASN C 122 14.54 -15.00 -6.94
C ASN C 122 15.14 -16.18 -6.19
N ALA C 123 14.34 -16.82 -5.35
CA ALA C 123 14.90 -17.88 -4.47
C ALA C 123 15.15 -19.15 -5.28
N ALA C 124 14.38 -19.37 -6.32
CA ALA C 124 14.55 -20.59 -7.12
C ALA C 124 15.57 -20.38 -8.24
N THR C 125 16.26 -19.25 -8.25
CA THR C 125 17.12 -18.94 -9.41
C THR C 125 18.25 -19.93 -9.54
N ASN C 126 18.84 -20.33 -8.43
CA ASN C 126 20.04 -21.20 -8.51
C ASN C 126 19.68 -22.52 -9.22
N LEU C 127 18.56 -23.12 -8.84
CA LEU C 127 18.21 -24.44 -9.41
C LEU C 127 17.83 -24.33 -10.90
N LEU C 128 17.63 -23.12 -11.44
CA LEU C 128 17.19 -23.04 -12.84
C LEU C 128 18.35 -23.42 -13.75
N PRO C 129 18.09 -23.88 -14.98
CA PRO C 129 19.19 -24.14 -15.89
C PRO C 129 20.04 -22.91 -16.16
N SER C 130 21.32 -23.11 -16.37
CA SER C 130 22.26 -21.96 -16.47
C SER C 130 22.35 -21.41 -17.90
N ASP C 131 21.61 -21.99 -18.83
CA ASP C 131 21.65 -21.52 -20.23
C ASP C 131 20.39 -20.71 -20.56
N LEU C 132 19.68 -20.23 -19.57
CA LEU C 132 18.47 -19.43 -19.82
C LEU C 132 18.89 -18.11 -20.49
N PRO C 133 18.31 -17.75 -21.63
CA PRO C 133 18.69 -16.49 -22.25
C PRO C 133 18.19 -15.29 -21.48
N ASN C 134 16.94 -15.33 -21.03
CA ASN C 134 16.43 -14.22 -20.18
C ASN C 134 15.90 -14.80 -18.88
N PRO C 135 16.02 -14.08 -17.76
CA PRO C 135 15.42 -14.54 -16.52
C PRO C 135 13.92 -14.49 -16.61
N PRO C 136 13.18 -15.30 -15.84
CA PRO C 136 11.74 -15.37 -16.03
C PRO C 136 11.08 -14.14 -15.47
N VAL C 137 10.11 -13.59 -16.21
CA VAL C 137 9.45 -12.32 -15.79
C VAL C 137 7.96 -12.56 -15.54
N TYR C 138 7.44 -11.91 -14.50
CA TYR C 138 6.02 -12.10 -14.14
C TYR C 138 5.16 -11.07 -14.82
N SER C 139 3.88 -11.39 -14.95
CA SER C 139 2.94 -10.50 -15.65
C SER C 139 1.71 -10.33 -14.77
N LYS C 140 1.32 -9.08 -14.53
CA LYS C 140 0.14 -8.81 -13.68
C LYS C 140 -1.07 -8.73 -14.61
N VAL C 141 -1.25 -9.76 -15.41
CA VAL C 141 -2.34 -9.68 -16.42
C VAL C 141 -3.36 -10.78 -16.14
N ASN C 142 -4.61 -10.38 -16.04
CA ASN C 142 -5.67 -11.39 -15.92
C ASN C 142 -6.26 -11.62 -17.31
N PRO C 143 -6.76 -12.82 -17.63
CA PRO C 143 -7.35 -13.07 -18.93
C PRO C 143 -8.58 -12.22 -19.20
N ALA C 144 -9.20 -11.65 -18.17
CA ALA C 144 -10.42 -10.84 -18.37
C ALA C 144 -10.07 -9.50 -19.00
N ASP C 145 -8.84 -9.06 -18.82
CA ASP C 145 -8.45 -7.73 -19.39
C ASP C 145 -8.29 -7.85 -20.90
N PRO C 146 -9.01 -7.06 -21.70
CA PRO C 146 -8.82 -7.12 -23.14
C PRO C 146 -7.80 -6.09 -23.59
N PRO C 147 -7.23 -6.25 -24.80
CA PRO C 147 -6.31 -5.24 -25.32
C PRO C 147 -7.05 -3.96 -25.69
N ILE C 148 -6.29 -2.90 -25.92
CA ILE C 148 -6.93 -1.60 -26.28
C ILE C 148 -7.05 -1.53 -27.79
N MET C 149 -5.92 -1.61 -28.49
CA MET C 149 -5.97 -1.60 -29.96
C MET C 149 -4.70 -2.25 -30.51
N THR C 150 -4.84 -3.01 -31.59
CA THR C 150 -3.69 -3.73 -32.16
C THR C 150 -3.18 -3.04 -33.41
N LEU C 151 -1.85 -2.98 -33.53
CA LEU C 151 -1.21 -2.42 -34.74
C LEU C 151 -0.33 -3.50 -35.39
N ALA C 152 -0.38 -3.58 -36.71
CA ALA C 152 0.45 -4.56 -37.45
C ALA C 152 1.21 -3.82 -38.53
N VAL C 153 2.48 -4.16 -38.69
CA VAL C 153 3.33 -3.44 -39.65
C VAL C 153 3.81 -4.42 -40.72
N THR C 154 3.73 -3.98 -41.96
CA THR C 154 4.14 -4.83 -43.09
C THR C 154 4.96 -4.03 -44.05
N SER C 155 5.57 -4.73 -45.00
CA SER C 155 6.46 -4.06 -45.96
C SER C 155 6.35 -4.78 -47.29
N THR C 156 7.01 -4.23 -48.30
CA THR C 156 6.91 -4.81 -49.64
C THR C 156 8.26 -5.20 -50.17
N ALA C 157 9.24 -4.30 -50.11
CA ALA C 157 10.52 -4.60 -50.80
C ALA C 157 11.74 -4.47 -49.91
N MET C 158 11.64 -4.73 -48.61
CA MET C 158 12.84 -4.59 -47.78
C MET C 158 12.81 -5.68 -46.73
N PRO C 159 13.91 -6.44 -46.54
CA PRO C 159 13.89 -7.63 -45.68
C PRO C 159 13.28 -7.48 -44.31
N MET C 160 12.57 -8.51 -43.86
CA MET C 160 11.78 -8.42 -42.62
C MET C 160 12.64 -8.16 -41.37
N THR C 161 13.89 -8.58 -41.36
CA THR C 161 14.74 -8.37 -40.17
C THR C 161 14.93 -6.91 -39.92
N GLN C 162 15.30 -6.16 -40.94
CA GLN C 162 15.46 -4.69 -40.77
C GLN C 162 14.11 -4.02 -40.54
N VAL C 163 13.02 -4.58 -41.07
CA VAL C 163 11.68 -4.02 -40.76
C VAL C 163 11.43 -4.13 -39.26
N GLU C 164 11.72 -5.27 -38.69
CA GLU C 164 11.45 -5.43 -37.25
C GLU C 164 12.40 -4.54 -36.44
N ASP C 165 13.67 -4.48 -36.85
CA ASP C 165 14.62 -3.59 -36.13
C ASP C 165 14.09 -2.16 -36.16
N MET C 166 13.71 -1.72 -37.35
CA MET C 166 13.25 -0.33 -37.53
C MET C 166 12.00 -0.08 -36.70
N VAL C 167 11.09 -1.02 -36.70
CA VAL C 167 9.79 -0.78 -36.00
C VAL C 167 9.99 -0.78 -34.49
N GLU C 168 10.80 -1.69 -33.97
CA GLU C 168 10.93 -1.66 -32.49
C GLU C 168 11.97 -0.64 -32.02
N THR C 169 12.71 -0.01 -32.92
CA THR C 169 13.57 1.11 -32.49
C THR C 169 12.78 2.41 -32.48
N ARG C 170 11.97 2.67 -33.51
CA ARG C 170 11.24 3.95 -33.52
C ARG C 170 9.73 3.79 -33.36
N VAL C 171 9.08 2.93 -34.13
CA VAL C 171 7.60 2.88 -34.09
C VAL C 171 7.08 2.38 -32.75
N ALA C 172 7.59 1.26 -32.27
CA ALA C 172 7.02 0.67 -31.05
C ALA C 172 7.25 1.57 -29.85
N GLN C 173 8.44 2.13 -29.70
CA GLN C 173 8.75 2.88 -28.46
C GLN C 173 8.03 4.23 -28.41
N LYS C 174 7.97 4.92 -29.54
CA LYS C 174 7.26 6.22 -29.54
C LYS C 174 5.75 6.01 -29.28
N ILE C 175 5.17 4.98 -29.88
CA ILE C 175 3.73 4.69 -29.63
C ILE C 175 3.58 4.33 -28.15
N SER C 176 4.47 3.51 -27.63
CA SER C 176 4.41 3.15 -26.19
C SER C 176 4.87 4.31 -25.30
N GLN C 177 5.47 5.35 -25.87
CA GLN C 177 6.03 6.45 -25.04
C GLN C 177 4.89 7.15 -24.28
N ILE C 178 3.78 7.42 -24.97
CA ILE C 178 2.64 8.10 -24.30
C ILE C 178 1.93 7.10 -23.37
N SER C 179 1.10 7.64 -22.48
CA SER C 179 0.33 6.75 -21.59
C SER C 179 -0.72 5.98 -22.39
N GLY C 180 -1.25 4.95 -21.77
CA GLY C 180 -2.30 4.16 -22.41
C GLY C 180 -1.79 2.82 -22.92
N VAL C 181 -0.53 2.52 -22.63
CA VAL C 181 0.07 1.24 -23.10
C VAL C 181 0.39 0.39 -21.87
N GLY C 182 -0.23 -0.78 -21.78
CA GLY C 182 0.07 -1.68 -20.66
C GLY C 182 1.30 -2.50 -20.96
N LEU C 183 1.28 -3.21 -22.09
CA LEU C 183 2.46 -4.01 -22.49
C LEU C 183 2.34 -4.28 -23.98
N VAL C 184 3.32 -3.82 -24.73
CA VAL C 184 3.33 -4.06 -26.19
C VAL C 184 3.96 -5.43 -26.44
N THR C 185 3.16 -6.35 -26.95
CA THR C 185 3.67 -7.69 -27.25
C THR C 185 3.89 -7.80 -28.74
N LEU C 186 5.15 -7.70 -29.16
CA LEU C 186 5.49 -7.82 -30.58
C LEU C 186 5.41 -9.32 -30.96
N SER C 187 4.22 -9.73 -31.35
CA SER C 187 4.00 -11.15 -31.66
C SER C 187 4.78 -11.54 -32.92
N GLY C 188 5.16 -12.80 -33.00
CA GLY C 188 5.88 -13.29 -34.18
C GLY C 188 7.21 -12.63 -34.31
N GLY C 189 7.89 -12.40 -33.20
CA GLY C 189 9.15 -11.64 -33.21
C GLY C 189 10.24 -12.17 -34.11
N GLN C 190 10.48 -11.51 -35.24
CA GLN C 190 11.62 -11.85 -36.10
C GLN C 190 12.76 -10.91 -35.73
N ARG C 191 13.23 -11.00 -34.49
CA ARG C 191 14.28 -10.08 -34.00
C ARG C 191 15.56 -10.27 -34.82
N PRO C 192 16.24 -9.17 -35.19
CA PRO C 192 17.44 -9.29 -35.98
C PRO C 192 18.58 -9.86 -35.17
N ALA C 193 19.47 -10.59 -35.85
CA ALA C 193 20.62 -11.23 -35.17
C ALA C 193 21.63 -11.62 -36.23
N VAL C 194 22.67 -12.32 -35.82
CA VAL C 194 23.72 -12.78 -36.76
C VAL C 194 23.73 -14.31 -36.75
N ARG C 195 23.64 -14.90 -37.94
CA ARG C 195 23.53 -16.37 -38.03
C ARG C 195 24.80 -16.94 -38.64
N VAL C 196 25.15 -18.16 -38.20
CA VAL C 196 26.32 -18.85 -38.78
C VAL C 196 25.83 -20.21 -39.27
N LYS C 197 26.14 -20.51 -40.52
CA LYS C 197 25.65 -21.76 -41.16
C LYS C 197 26.83 -22.74 -41.26
N LEU C 198 26.65 -23.93 -40.70
CA LEU C 198 27.76 -24.92 -40.68
C LEU C 198 27.55 -25.97 -41.77
N ASN C 199 28.60 -26.21 -42.56
CA ASN C 199 28.57 -27.30 -43.57
C ASN C 199 29.11 -28.55 -42.88
N ALA C 200 28.31 -29.59 -42.76
CA ALA C 200 28.76 -30.81 -42.06
C ALA C 200 29.88 -31.49 -42.83
N GLN C 201 29.68 -31.72 -44.12
CA GLN C 201 30.68 -32.47 -44.90
C GLN C 201 32.05 -31.75 -44.92
N ALA C 202 32.05 -30.44 -45.19
CA ALA C 202 33.33 -29.71 -45.34
C ALA C 202 34.11 -29.69 -44.02
N ILE C 203 33.44 -29.35 -42.93
CA ILE C 203 34.15 -29.25 -41.63
C ILE C 203 34.53 -30.66 -41.15
N ALA C 204 33.71 -31.66 -41.47
CA ALA C 204 34.05 -33.03 -41.07
C ALA C 204 35.26 -33.50 -41.87
N ALA C 205 35.41 -33.00 -43.08
CA ALA C 205 36.56 -33.43 -43.93
C ALA C 205 37.89 -33.00 -43.31
N LEU C 206 37.93 -31.82 -42.70
CA LEU C 206 39.22 -31.30 -42.16
C LEU C 206 39.48 -31.81 -40.73
N GLY C 207 38.55 -32.58 -40.15
CA GLY C 207 38.81 -33.17 -38.83
C GLY C 207 38.81 -32.16 -37.72
N LEU C 208 37.85 -31.25 -37.73
CA LEU C 208 37.74 -30.26 -36.64
C LEU C 208 36.30 -30.21 -36.14
N THR C 209 36.13 -30.01 -34.85
CA THR C 209 34.79 -30.10 -34.24
C THR C 209 34.13 -28.77 -34.08
N SER C 210 32.83 -28.79 -33.75
CA SER C 210 32.10 -27.53 -33.53
C SER C 210 32.59 -26.82 -32.25
N GLU C 211 33.27 -27.56 -31.37
CA GLU C 211 33.84 -26.90 -30.17
C GLU C 211 34.90 -25.86 -30.57
N THR C 212 35.66 -26.14 -31.63
CA THR C 212 36.71 -25.20 -32.05
C THR C 212 36.11 -23.88 -32.50
N VAL C 213 35.12 -23.95 -33.36
CA VAL C 213 34.53 -22.68 -33.87
C VAL C 213 33.78 -22.01 -32.72
N ARG C 214 33.18 -22.79 -31.83
CA ARG C 214 32.54 -22.20 -30.63
C ARG C 214 33.59 -21.38 -29.83
N THR C 215 34.74 -21.97 -29.57
CA THR C 215 35.78 -21.27 -28.79
C THR C 215 36.25 -20.04 -29.53
N ALA C 216 36.45 -20.14 -30.83
CA ALA C 216 36.94 -18.99 -31.61
C ALA C 216 35.93 -17.81 -31.55
N ILE C 217 34.67 -18.12 -31.78
CA ILE C 217 33.65 -17.05 -31.78
C ILE C 217 33.55 -16.45 -30.36
N THR C 218 33.63 -17.28 -29.33
CA THR C 218 33.52 -16.76 -27.96
C THR C 218 34.68 -15.84 -27.68
N GLY C 219 35.86 -16.22 -28.16
CA GLY C 219 37.04 -15.41 -27.89
C GLY C 219 37.18 -14.22 -28.83
N ALA C 220 36.26 -14.06 -29.78
CA ALA C 220 36.44 -12.98 -30.77
C ALA C 220 35.84 -11.69 -30.21
N ASN C 221 34.54 -11.70 -29.90
CA ASN C 221 33.85 -10.47 -29.46
C ASN C 221 33.77 -10.46 -27.95
N VAL C 222 34.65 -9.70 -27.32
CA VAL C 222 34.55 -9.51 -25.85
C VAL C 222 34.75 -8.02 -25.62
N ASN C 223 33.75 -7.35 -25.06
CA ASN C 223 33.83 -5.88 -24.86
C ASN C 223 33.85 -5.64 -23.37
N SER C 224 35.03 -5.63 -22.79
CA SER C 224 35.14 -5.50 -21.32
C SER C 224 35.94 -4.25 -21.01
N ALA C 225 36.15 -4.01 -19.73
CA ALA C 225 36.87 -2.80 -19.32
C ALA C 225 38.29 -2.82 -19.85
N LYS C 226 38.77 -1.66 -20.28
CA LYS C 226 40.17 -1.57 -20.75
C LYS C 226 40.94 -0.55 -19.89
N GLY C 227 40.25 0.22 -19.05
CA GLY C 227 41.01 1.07 -18.11
C GLY C 227 41.50 2.36 -18.68
N SER C 228 42.30 3.07 -17.90
CA SER C 228 42.77 4.40 -18.33
C SER C 228 44.15 4.68 -17.77
N LEU C 229 44.80 5.70 -18.31
CA LEU C 229 46.18 6.01 -17.90
C LEU C 229 46.23 7.25 -17.00
N ASP C 230 47.29 7.35 -16.18
CA ASP C 230 47.49 8.53 -15.32
C ASP C 230 48.97 8.91 -15.44
N GLY C 231 49.26 10.19 -15.44
CA GLY C 231 50.65 10.64 -15.59
C GLY C 231 50.80 12.05 -15.09
N PRO C 232 51.98 12.66 -15.25
CA PRO C 232 52.18 13.99 -14.70
C PRO C 232 51.59 15.09 -15.54
N SER C 233 51.38 14.84 -16.82
CA SER C 233 50.91 15.91 -17.73
C SER C 233 49.52 15.62 -18.28
N ARG C 234 49.34 14.49 -18.96
CA ARG C 234 48.03 14.22 -19.61
C ARG C 234 47.50 12.85 -19.19
N ALA C 235 46.19 12.68 -19.32
CA ALA C 235 45.57 11.37 -18.99
C ALA C 235 44.75 10.93 -20.20
N VAL C 236 44.66 9.63 -20.40
CA VAL C 236 43.94 9.12 -21.60
C VAL C 236 43.18 7.85 -21.22
N THR C 237 42.32 7.40 -22.13
CA THR C 237 41.58 6.14 -21.93
C THR C 237 41.97 5.16 -23.01
N LEU C 238 42.02 3.88 -22.67
CA LEU C 238 42.45 2.84 -23.63
C LEU C 238 41.22 2.19 -24.26
N SER C 239 41.21 2.13 -25.60
CA SER C 239 40.08 1.48 -26.31
C SER C 239 40.62 0.79 -27.55
N ALA C 240 40.16 -0.43 -27.80
CA ALA C 240 40.71 -1.22 -28.92
C ALA C 240 39.59 -1.67 -29.84
N ASN C 241 39.96 -2.06 -31.05
CA ASN C 241 38.95 -2.53 -32.04
C ASN C 241 38.65 -3.99 -31.76
N ASP C 242 38.28 -4.28 -30.52
CA ASP C 242 37.96 -5.66 -30.14
C ASP C 242 36.48 -5.95 -30.40
N GLN C 243 35.71 -4.93 -30.79
CA GLN C 243 34.27 -5.13 -31.01
C GLN C 243 33.95 -5.04 -32.50
N MET C 244 33.27 -6.07 -33.01
CA MET C 244 32.84 -6.05 -34.43
C MET C 244 31.31 -6.01 -34.46
N GLN C 245 30.77 -5.22 -35.38
CA GLN C 245 29.30 -5.04 -35.39
C GLN C 245 28.66 -5.92 -36.46
N SER C 246 29.14 -5.85 -37.70
CA SER C 246 28.45 -6.52 -38.82
C SER C 246 28.99 -7.92 -39.03
N ALA C 247 28.68 -8.50 -40.19
CA ALA C 247 29.00 -9.93 -40.38
C ALA C 247 30.32 -10.15 -41.10
N GLU C 248 30.81 -9.15 -41.83
CA GLU C 248 32.06 -9.37 -42.60
C GLU C 248 33.25 -9.62 -41.65
N GLU C 249 33.33 -8.88 -40.56
CA GLU C 249 34.44 -9.07 -39.60
C GLU C 249 34.31 -10.42 -38.87
N TYR C 250 33.07 -10.86 -38.58
CA TYR C 250 32.90 -12.23 -38.01
C TYR C 250 33.34 -13.25 -39.04
N ARG C 251 32.96 -13.04 -40.29
CA ARG C 251 33.35 -13.99 -41.37
C ARG C 251 34.87 -14.06 -41.51
N GLN C 252 35.57 -12.92 -41.37
CA GLN C 252 37.02 -12.88 -41.65
C GLN C 252 37.84 -13.49 -40.50
N LEU C 253 37.21 -13.78 -39.37
CA LEU C 253 37.98 -14.39 -38.26
C LEU C 253 38.55 -15.75 -38.65
N ILE C 254 39.76 -16.04 -38.16
CA ILE C 254 40.35 -17.38 -38.40
C ILE C 254 39.91 -18.30 -37.25
N ILE C 255 39.34 -19.47 -37.60
CA ILE C 255 38.79 -20.37 -36.56
C ILE C 255 39.50 -21.73 -36.53
N ALA C 256 40.36 -22.03 -37.49
CA ALA C 256 41.13 -23.27 -37.43
C ALA C 256 42.44 -23.14 -38.20
N TYR C 257 43.37 -24.07 -37.97
CA TYR C 257 44.67 -24.07 -38.70
C TYR C 257 44.98 -25.45 -39.24
N GLN C 258 45.53 -25.55 -40.44
CA GLN C 258 45.73 -26.86 -41.12
C GLN C 258 46.78 -26.69 -42.21
N ASN C 259 47.94 -27.30 -42.02
CA ASN C 259 49.10 -27.21 -42.96
C ASN C 259 49.28 -25.81 -43.52
N GLY C 260 49.40 -24.81 -42.66
CA GLY C 260 49.78 -23.46 -43.13
C GLY C 260 48.69 -22.66 -43.78
N ALA C 261 47.67 -23.32 -44.30
CA ALA C 261 46.61 -22.60 -45.01
C ALA C 261 45.70 -21.97 -43.97
N PRO C 262 45.51 -20.63 -43.98
CA PRO C 262 44.57 -20.04 -43.04
C PRO C 262 43.14 -20.49 -43.30
N ILE C 263 42.54 -21.14 -42.30
CA ILE C 263 41.13 -21.61 -42.41
C ILE C 263 40.24 -20.61 -41.68
N ARG C 264 39.36 -19.95 -42.43
CA ARG C 264 38.53 -18.89 -41.83
C ARG C 264 37.13 -19.41 -41.59
N LEU C 265 36.24 -18.52 -41.15
CA LEU C 265 34.81 -18.92 -41.02
C LEU C 265 34.14 -18.88 -42.40
N GLY C 266 34.53 -17.92 -43.23
CA GLY C 266 33.82 -17.76 -44.52
C GLY C 266 34.08 -18.89 -45.49
N ASP C 267 35.31 -19.37 -45.56
CA ASP C 267 35.64 -20.34 -46.62
C ASP C 267 35.12 -21.73 -46.32
N VAL C 268 34.70 -21.98 -45.09
CA VAL C 268 34.22 -23.34 -44.72
C VAL C 268 32.80 -23.24 -44.15
N ALA C 269 32.36 -22.05 -43.79
CA ALA C 269 30.97 -21.89 -43.31
C ALA C 269 30.35 -20.62 -43.93
N THR C 270 29.01 -20.55 -43.89
CA THR C 270 28.33 -19.36 -44.41
C THR C 270 27.70 -18.55 -43.30
N VAL C 271 27.78 -17.23 -43.41
CA VAL C 271 27.19 -16.33 -42.38
C VAL C 271 26.42 -15.25 -43.14
N GLU C 272 25.21 -14.97 -42.67
CA GLU C 272 24.35 -13.99 -43.35
C GLU C 272 23.37 -13.42 -42.34
N GLN C 273 23.04 -12.15 -42.47
CA GLN C 273 22.14 -11.49 -41.52
C GLN C 273 20.77 -12.16 -41.62
N GLY C 274 20.15 -12.38 -40.47
CA GLY C 274 18.84 -13.05 -40.45
C GLY C 274 18.15 -12.82 -39.13
N ALA C 275 17.34 -13.78 -38.73
CA ALA C 275 16.56 -13.64 -37.48
C ALA C 275 17.17 -14.46 -36.36
N GLU C 276 16.83 -14.09 -35.13
CA GLU C 276 17.41 -14.82 -33.97
C GLU C 276 16.76 -16.19 -33.84
N ASN C 277 15.49 -16.28 -34.17
CA ASN C 277 14.75 -17.57 -34.09
C ASN C 277 13.92 -17.69 -35.36
N SER C 278 14.19 -18.69 -36.18
CA SER C 278 13.47 -18.86 -37.46
C SER C 278 12.05 -19.35 -37.22
N TRP C 279 11.68 -19.68 -35.98
CA TRP C 279 10.35 -20.28 -35.72
C TRP C 279 9.35 -19.25 -35.20
N LEU C 280 9.68 -17.97 -35.27
CA LEU C 280 8.71 -16.92 -34.87
C LEU C 280 8.36 -16.06 -36.08
N GLY C 281 7.07 -15.87 -36.33
CA GLY C 281 6.66 -15.09 -37.50
C GLY C 281 5.20 -14.78 -37.48
N ALA C 282 4.81 -13.80 -38.26
CA ALA C 282 3.40 -13.35 -38.30
C ALA C 282 2.96 -13.17 -39.76
N TRP C 283 1.68 -13.42 -40.01
CA TRP C 283 1.13 -13.29 -41.37
C TRP C 283 -0.08 -12.36 -41.32
N ALA C 284 -0.14 -11.43 -42.26
CA ALA C 284 -1.24 -10.46 -42.30
C ALA C 284 -2.07 -10.71 -43.55
N ASN C 285 -3.28 -11.22 -43.35
CA ASN C 285 -4.15 -11.59 -44.50
C ASN C 285 -3.42 -12.51 -45.49
N LYS C 286 -2.91 -11.93 -46.57
CA LYS C 286 -2.25 -12.75 -47.60
C LYS C 286 -0.74 -12.55 -47.61
N GLU C 287 -0.26 -11.40 -47.16
CA GLU C 287 1.20 -11.12 -47.11
C GLU C 287 1.77 -11.38 -45.72
N GLN C 288 3.09 -11.35 -45.60
CA GLN C 288 3.77 -11.58 -44.31
C GLN C 288 4.04 -10.24 -43.65
N ALA C 289 4.01 -10.22 -42.32
CA ALA C 289 4.17 -8.94 -41.60
C ALA C 289 4.65 -9.19 -40.18
N ILE C 290 4.75 -8.11 -39.41
CA ILE C 290 5.08 -8.21 -37.97
C ILE C 290 3.92 -7.59 -37.19
N VAL C 291 3.45 -8.30 -36.18
CA VAL C 291 2.23 -7.82 -35.46
C VAL C 291 2.59 -7.53 -34.00
N MET C 292 2.11 -6.41 -33.50
CA MET C 292 2.32 -6.08 -32.08
C MET C 292 0.96 -5.75 -31.46
N ASN C 293 0.79 -6.11 -30.19
CA ASN C 293 -0.52 -5.95 -29.50
C ASN C 293 -0.31 -5.02 -28.30
N VAL C 294 -1.29 -4.16 -28.07
CA VAL C 294 -1.16 -3.15 -26.98
C VAL C 294 -2.15 -3.50 -25.87
N GLN C 295 -1.66 -3.62 -24.65
CA GLN C 295 -2.54 -3.95 -23.51
C GLN C 295 -3.14 -2.67 -22.94
N ARG C 296 -3.73 -2.77 -21.75
CA ARG C 296 -4.43 -1.59 -21.20
C ARG C 296 -3.87 -1.21 -19.84
N GLN C 297 -4.12 0.05 -19.44
CA GLN C 297 -3.70 0.53 -18.12
C GLN C 297 -4.96 0.77 -17.30
N PRO C 298 -5.04 0.27 -16.04
CA PRO C 298 -6.20 0.51 -15.22
C PRO C 298 -6.43 1.99 -14.94
N GLY C 299 -7.69 2.40 -14.93
CA GLY C 299 -8.02 3.80 -14.60
C GLY C 299 -7.64 4.79 -15.69
N ALA C 300 -7.51 4.32 -16.94
CA ALA C 300 -7.13 5.22 -18.05
C ALA C 300 -8.25 5.26 -19.09
N ASN C 301 -8.51 6.44 -19.62
CA ASN C 301 -9.55 6.57 -20.68
C ASN C 301 -9.06 5.92 -21.96
N ILE C 302 -9.97 5.23 -22.64
CA ILE C 302 -9.57 4.44 -23.84
C ILE C 302 -9.78 5.28 -25.11
N ILE C 303 -10.86 6.03 -25.17
CA ILE C 303 -11.17 6.78 -26.41
C ILE C 303 -10.09 7.82 -26.67
N SER C 304 -9.70 8.54 -25.62
CA SER C 304 -8.69 9.62 -25.81
C SER C 304 -7.34 9.01 -26.20
N THR C 305 -6.97 7.89 -25.57
CA THR C 305 -5.69 7.26 -25.91
C THR C 305 -5.70 6.80 -27.36
N ALA C 306 -6.81 6.22 -27.79
CA ALA C 306 -6.93 5.76 -29.20
C ALA C 306 -6.85 6.95 -30.14
N ASP C 307 -7.51 8.05 -29.76
CA ASP C 307 -7.44 9.26 -30.62
C ASP C 307 -6.00 9.76 -30.69
N SER C 308 -5.27 9.66 -29.59
CA SER C 308 -3.88 10.13 -29.56
C SER C 308 -3.02 9.29 -30.52
N ILE C 309 -3.10 7.97 -30.39
CA ILE C 309 -2.28 7.13 -31.28
C ILE C 309 -2.75 7.31 -32.73
N ARG C 310 -4.05 7.59 -32.92
CA ARG C 310 -4.51 7.91 -34.29
C ARG C 310 -3.82 9.20 -34.76
N GLN C 311 -3.67 10.17 -33.87
CA GLN C 311 -3.09 11.46 -34.29
C GLN C 311 -1.61 11.27 -34.63
N MET C 312 -0.90 10.43 -33.86
CA MET C 312 0.53 10.20 -34.24
C MET C 312 0.65 9.08 -35.28
N LEU C 313 -0.46 8.55 -35.77
CA LEU C 313 -0.35 7.52 -36.83
C LEU C 313 0.30 8.11 -38.09
N PRO C 314 -0.12 9.26 -38.64
CA PRO C 314 0.50 9.74 -39.86
C PRO C 314 1.94 10.22 -39.64
N GLN C 315 2.23 10.76 -38.45
CA GLN C 315 3.58 11.29 -38.18
C GLN C 315 4.62 10.17 -38.33
N LEU C 316 4.26 8.95 -37.93
CA LEU C 316 5.19 7.83 -38.14
C LEU C 316 5.20 7.40 -39.62
N THR C 317 4.04 7.41 -40.29
CA THR C 317 4.02 6.91 -41.68
C THR C 317 4.91 7.76 -42.56
N GLU C 318 4.88 9.06 -42.39
CA GLU C 318 5.82 9.88 -43.17
C GLU C 318 7.25 9.56 -42.71
N SER C 319 7.43 9.28 -41.43
CA SER C 319 8.78 9.00 -40.88
C SER C 319 9.26 7.61 -41.35
N LEU C 320 8.34 6.71 -41.58
CA LEU C 320 8.73 5.34 -41.99
C LEU C 320 9.31 5.40 -43.40
N PRO C 321 10.24 4.50 -43.77
CA PRO C 321 10.68 4.44 -45.15
C PRO C 321 9.51 4.22 -46.11
N LYS C 322 9.64 4.74 -47.32
CA LYS C 322 8.51 4.73 -48.28
C LYS C 322 7.99 3.33 -48.59
N SER C 323 8.79 2.31 -48.35
CA SER C 323 8.36 0.93 -48.70
C SER C 323 7.54 0.32 -47.57
N VAL C 324 7.33 1.04 -46.48
CA VAL C 324 6.62 0.45 -45.32
C VAL C 324 5.25 1.10 -45.18
N LYS C 325 4.21 0.27 -45.10
CA LYS C 325 2.83 0.77 -44.91
C LYS C 325 2.28 0.12 -43.65
N VAL C 326 1.85 0.95 -42.71
CA VAL C 326 1.35 0.42 -41.41
C VAL C 326 -0.17 0.47 -41.44
N THR C 327 -0.80 -0.51 -40.81
CA THR C 327 -2.27 -0.58 -40.85
C THR C 327 -2.80 -1.02 -39.52
N VAL C 328 -4.08 -0.76 -39.32
CA VAL C 328 -4.75 -1.17 -38.07
C VAL C 328 -5.86 -2.16 -38.45
N LEU C 329 -6.03 -3.20 -37.66
CA LEU C 329 -7.00 -4.25 -38.03
C LEU C 329 -8.08 -4.42 -36.97
N SER C 330 -7.84 -4.04 -35.73
CA SER C 330 -8.86 -4.28 -34.68
C SER C 330 -8.87 -3.16 -33.63
N ASP C 331 -10.02 -2.90 -33.04
CA ASP C 331 -10.15 -1.89 -31.96
C ASP C 331 -11.46 -2.09 -31.21
N ARG C 332 -11.66 -1.34 -30.14
CA ARG C 332 -12.90 -1.45 -29.34
C ARG C 332 -13.51 -0.08 -29.01
N THR C 333 -12.77 1.00 -29.23
CA THR C 333 -13.35 2.33 -29.02
C THR C 333 -14.56 2.54 -29.91
N THR C 334 -14.60 1.88 -31.07
CA THR C 334 -15.75 2.10 -31.98
C THR C 334 -16.99 1.51 -31.37
N ASN C 335 -16.90 0.34 -30.77
CA ASN C 335 -18.09 -0.22 -30.08
C ASN C 335 -18.45 0.59 -28.83
N ILE C 336 -17.45 1.12 -28.14
CA ILE C 336 -17.75 2.00 -26.98
C ILE C 336 -18.50 3.26 -27.47
N ARG C 337 -18.01 3.87 -28.55
CA ARG C 337 -18.72 5.04 -29.12
C ARG C 337 -20.16 4.66 -29.51
N ALA C 338 -20.31 3.51 -30.17
CA ALA C 338 -21.66 3.10 -30.60
C ALA C 338 -22.57 2.97 -29.38
N SER C 339 -22.06 2.35 -28.33
CA SER C 339 -22.91 2.14 -27.13
C SER C 339 -23.30 3.50 -26.53
N VAL C 340 -22.30 4.37 -26.35
CA VAL C 340 -22.62 5.65 -25.63
C VAL C 340 -23.55 6.52 -26.47
N ASP C 341 -23.31 6.58 -27.78
CA ASP C 341 -24.13 7.50 -28.59
C ASP C 341 -25.53 6.92 -28.78
N ASP C 342 -25.64 5.60 -28.86
CA ASP C 342 -26.98 4.99 -28.96
C ASP C 342 -27.75 5.28 -27.67
N THR C 343 -27.09 5.16 -26.52
CA THR C 343 -27.78 5.43 -25.25
C THR C 343 -28.22 6.88 -25.21
N GLN C 344 -27.33 7.78 -25.62
CA GLN C 344 -27.70 9.22 -25.62
C GLN C 344 -28.93 9.45 -26.51
N PHE C 345 -28.87 8.94 -27.73
CA PHE C 345 -29.98 9.16 -28.71
C PHE C 345 -31.28 8.66 -28.11
N GLU C 346 -31.21 7.46 -27.54
CA GLU C 346 -32.44 6.86 -26.95
C GLU C 346 -32.99 7.74 -25.83
N LEU C 347 -32.09 8.29 -25.00
CA LEU C 347 -32.64 9.06 -23.86
C LEU C 347 -33.21 10.40 -24.35
N MET C 348 -32.62 10.96 -25.40
CA MET C 348 -33.22 12.20 -25.96
C MET C 348 -34.64 11.91 -26.44
N MET C 349 -34.84 10.79 -27.15
CA MET C 349 -36.23 10.50 -27.59
C MET C 349 -37.12 10.16 -26.39
N ALA C 350 -36.58 9.55 -25.34
CA ALA C 350 -37.42 9.28 -24.14
C ALA C 350 -37.90 10.61 -23.54
N ILE C 351 -36.97 11.54 -23.35
CA ILE C 351 -37.36 12.84 -22.78
C ILE C 351 -38.35 13.55 -23.72
N ALA C 352 -38.09 13.52 -25.04
CA ALA C 352 -38.97 14.25 -25.99
C ALA C 352 -40.40 13.69 -25.94
N LEU C 353 -40.50 12.36 -25.93
CA LEU C 353 -41.86 11.74 -25.86
C LEU C 353 -42.52 12.08 -24.50
N VAL C 354 -41.72 12.13 -23.44
CA VAL C 354 -42.32 12.41 -22.11
C VAL C 354 -42.88 13.83 -22.14
N VAL C 355 -42.10 14.73 -22.71
CA VAL C 355 -42.53 16.16 -22.74
C VAL C 355 -43.81 16.28 -23.59
N MET C 356 -43.81 15.63 -24.74
CA MET C 356 -44.97 15.76 -25.66
C MET C 356 -46.22 15.17 -24.98
N ILE C 357 -46.06 14.03 -24.32
CA ILE C 357 -47.26 13.38 -23.73
C ILE C 357 -47.76 14.21 -22.54
N ILE C 358 -46.85 14.80 -21.79
CA ILE C 358 -47.30 15.67 -20.66
C ILE C 358 -48.09 16.87 -21.23
N TYR C 359 -47.57 17.47 -22.28
CA TYR C 359 -48.25 18.66 -22.85
C TYR C 359 -49.61 18.29 -23.38
N LEU C 360 -49.72 17.12 -23.98
CA LEU C 360 -51.00 16.73 -24.63
C LEU C 360 -51.98 16.32 -23.54
N PHE C 361 -51.50 15.63 -22.52
CA PHE C 361 -52.41 15.11 -21.47
C PHE C 361 -52.91 16.24 -20.56
N LEU C 362 -52.00 16.93 -19.87
CA LEU C 362 -52.46 17.92 -18.84
C LEU C 362 -52.63 19.33 -19.42
N ARG C 363 -52.40 19.50 -20.73
CA ARG C 363 -52.60 20.79 -21.43
C ARG C 363 -52.01 21.96 -20.63
N ASN C 364 -50.90 21.71 -19.95
CA ASN C 364 -50.26 22.77 -19.12
C ASN C 364 -48.88 23.06 -19.73
N ILE C 365 -48.74 24.20 -20.42
CA ILE C 365 -47.41 24.58 -20.97
C ILE C 365 -46.39 24.69 -19.83
N PRO C 366 -46.69 25.31 -18.66
CA PRO C 366 -45.74 25.26 -17.55
C PRO C 366 -45.33 23.84 -17.18
N ALA C 367 -46.28 22.91 -17.17
CA ALA C 367 -45.94 21.49 -16.90
C ALA C 367 -45.12 20.91 -18.05
N THR C 368 -45.06 21.60 -19.20
CA THR C 368 -44.23 21.14 -20.33
C THR C 368 -42.81 21.69 -20.22
N ILE C 369 -42.64 22.89 -19.65
CA ILE C 369 -41.25 23.43 -19.59
C ILE C 369 -40.42 22.65 -18.55
N ILE C 370 -41.05 22.18 -17.48
CA ILE C 370 -40.28 21.56 -16.36
C ILE C 370 -39.45 20.34 -16.79
N PRO C 371 -40.05 19.31 -17.45
CA PRO C 371 -39.29 18.09 -17.71
C PRO C 371 -38.10 18.26 -18.62
N GLY C 372 -38.29 18.96 -19.74
CA GLY C 372 -37.21 19.07 -20.75
C GLY C 372 -35.95 19.71 -20.22
N VAL C 373 -36.06 20.43 -19.10
CA VAL C 373 -34.85 21.02 -18.47
C VAL C 373 -34.49 20.21 -17.21
N ALA C 374 -35.49 19.72 -16.46
CA ALA C 374 -35.16 19.05 -15.19
C ALA C 374 -34.46 17.72 -15.42
N VAL C 375 -35.02 16.93 -16.29
CA VAL C 375 -34.47 15.56 -16.51
C VAL C 375 -33.02 15.63 -17.05
N PRO C 376 -32.70 16.41 -18.11
CA PRO C 376 -31.30 16.54 -18.51
C PRO C 376 -30.44 17.13 -17.38
N LEU C 377 -31.01 18.06 -16.62
CA LEU C 377 -30.24 18.67 -15.50
C LEU C 377 -29.91 17.57 -14.46
N SER C 378 -30.89 16.73 -14.14
CA SER C 378 -30.63 15.70 -13.11
C SER C 378 -29.64 14.66 -13.65
N LEU C 379 -29.87 14.21 -14.87
CA LEU C 379 -29.04 13.11 -15.43
C LEU C 379 -27.61 13.60 -15.68
N ILE C 380 -27.47 14.76 -16.30
CA ILE C 380 -26.10 15.30 -16.56
C ILE C 380 -25.44 15.65 -15.22
N GLY C 381 -26.21 16.21 -14.28
CA GLY C 381 -25.63 16.59 -12.99
C GLY C 381 -25.50 15.41 -12.03
N THR C 382 -25.90 14.22 -12.46
CA THR C 382 -25.87 13.08 -11.52
C THR C 382 -24.45 12.72 -11.15
N PHE C 383 -23.52 12.80 -12.09
CA PHE C 383 -22.17 12.24 -11.80
C PHE C 383 -21.43 13.07 -10.77
N ALA C 384 -21.96 14.24 -10.43
CA ALA C 384 -21.24 15.15 -9.50
C ALA C 384 -20.94 14.44 -8.19
N VAL C 385 -21.94 13.76 -7.64
CA VAL C 385 -21.70 12.97 -6.39
C VAL C 385 -20.83 11.75 -6.71
N MET C 386 -20.86 11.28 -7.96
CA MET C 386 -20.10 10.07 -8.33
C MET C 386 -18.60 10.37 -8.26
N VAL C 387 -18.24 11.64 -8.28
CA VAL C 387 -16.80 12.00 -8.26
C VAL C 387 -16.15 11.43 -6.99
N PHE C 388 -16.79 11.64 -5.87
CA PHE C 388 -16.24 11.14 -4.58
C PHE C 388 -16.16 9.61 -4.59
N LEU C 389 -16.95 8.95 -5.44
CA LEU C 389 -16.96 7.46 -5.45
C LEU C 389 -15.86 6.96 -6.38
N ASP C 390 -15.48 7.77 -7.35
CA ASP C 390 -14.34 7.40 -8.24
C ASP C 390 -14.62 6.12 -9.03
N PHE C 391 -15.89 5.89 -9.35
CA PHE C 391 -16.20 4.76 -10.26
C PHE C 391 -16.16 5.22 -11.72
N SER C 392 -16.06 4.25 -12.61
CA SER C 392 -15.86 4.56 -14.05
C SER C 392 -17.13 4.22 -14.82
N ILE C 393 -17.57 5.13 -15.68
CA ILE C 393 -18.74 4.83 -16.52
C ILE C 393 -18.34 3.74 -17.51
N ASN C 394 -19.17 2.71 -17.56
CA ASN C 394 -18.88 1.61 -18.51
C ASN C 394 -20.20 1.10 -19.10
N ASN C 395 -20.16 -0.05 -19.74
CA ASN C 395 -21.40 -0.62 -20.30
C ASN C 395 -22.41 -0.86 -19.19
N LEU C 396 -21.94 -1.40 -18.07
CA LEU C 396 -22.86 -1.64 -16.92
C LEU C 396 -23.44 -0.29 -16.47
N THR C 397 -22.59 0.71 -16.33
CA THR C 397 -23.10 2.03 -15.93
C THR C 397 -24.02 2.56 -17.01
N LEU C 398 -23.73 2.23 -18.26
CA LEU C 398 -24.55 2.77 -19.37
C LEU C 398 -25.97 2.22 -19.23
N MET C 399 -26.11 0.91 -19.08
CA MET C 399 -27.46 0.32 -18.99
C MET C 399 -28.10 0.75 -17.66
N ALA C 400 -27.29 0.94 -16.63
CA ALA C 400 -27.84 1.41 -15.33
C ALA C 400 -28.50 2.77 -15.53
N LEU C 401 -27.80 3.66 -16.22
CA LEU C 401 -28.37 5.01 -16.43
C LEU C 401 -29.60 4.89 -17.33
N THR C 402 -29.53 4.02 -18.32
CA THR C 402 -30.64 3.89 -19.27
C THR C 402 -31.90 3.49 -18.52
N ILE C 403 -31.74 2.57 -17.57
CA ILE C 403 -32.95 2.11 -16.83
C ILE C 403 -33.31 3.19 -15.81
N ALA C 404 -32.30 3.81 -15.21
CA ALA C 404 -32.60 4.76 -14.11
C ALA C 404 -33.22 6.06 -14.65
N THR C 405 -33.29 6.20 -15.98
CA THR C 405 -33.94 7.40 -16.53
C THR C 405 -35.35 7.45 -15.97
N GLY C 406 -36.02 6.31 -15.93
CA GLY C 406 -37.42 6.34 -15.48
C GLY C 406 -37.49 6.67 -14.01
N PHE C 407 -36.58 6.11 -13.23
CA PHE C 407 -36.58 6.37 -11.78
C PHE C 407 -36.38 7.86 -11.55
N VAL C 408 -35.45 8.46 -12.29
CA VAL C 408 -35.17 9.91 -12.11
C VAL C 408 -36.42 10.71 -12.55
N VAL C 409 -37.05 10.28 -13.63
CA VAL C 409 -38.21 11.07 -14.14
C VAL C 409 -39.38 10.91 -13.16
N ASP C 410 -39.40 9.83 -12.40
CA ASP C 410 -40.58 9.59 -11.54
C ASP C 410 -40.72 10.66 -10.47
N ASP C 411 -39.60 11.15 -9.96
CA ASP C 411 -39.66 12.19 -8.90
C ASP C 411 -40.26 13.49 -9.47
N ALA C 412 -39.83 13.88 -10.66
CA ALA C 412 -40.48 15.03 -11.32
C ALA C 412 -41.96 14.71 -11.53
N ILE C 413 -42.24 13.43 -11.79
CA ILE C 413 -43.66 13.05 -12.08
C ILE C 413 -44.48 13.29 -10.81
N VAL C 414 -43.94 12.90 -9.66
CA VAL C 414 -44.79 12.97 -8.45
C VAL C 414 -44.94 14.42 -7.99
N VAL C 415 -43.87 15.20 -8.14
CA VAL C 415 -43.99 16.62 -7.72
C VAL C 415 -44.95 17.35 -8.67
N ILE C 416 -44.85 17.07 -9.97
CA ILE C 416 -45.77 17.73 -10.93
C ILE C 416 -47.18 17.20 -10.66
N GLU C 417 -47.25 15.96 -10.21
CA GLU C 417 -48.57 15.37 -9.87
C GLU C 417 -49.25 16.18 -8.76
N ASN C 418 -48.53 16.39 -7.66
CA ASN C 418 -49.11 17.19 -6.56
C ASN C 418 -49.43 18.62 -7.03
N ILE C 419 -48.52 19.22 -7.80
CA ILE C 419 -48.75 20.64 -8.20
C ILE C 419 -49.94 20.73 -9.15
N SER C 420 -50.07 19.75 -10.03
CA SER C 420 -51.23 19.74 -10.96
C SER C 420 -52.51 19.51 -10.16
N ARG C 421 -52.43 18.65 -9.16
CA ARG C 421 -53.61 18.43 -8.28
C ARG C 421 -54.05 19.77 -7.66
N TYR C 422 -53.10 20.57 -7.18
CA TYR C 422 -53.46 21.84 -6.54
C TYR C 422 -53.66 22.95 -7.57
N ILE C 423 -53.43 22.67 -8.84
CA ILE C 423 -53.70 23.71 -9.87
C ILE C 423 -55.09 23.49 -10.49
N GLU C 424 -55.47 22.25 -10.75
CA GLU C 424 -56.72 22.01 -11.49
C GLU C 424 -57.96 22.55 -10.76
N LYS C 425 -58.08 22.30 -9.47
CA LYS C 425 -59.33 22.68 -8.76
C LYS C 425 -59.48 24.20 -8.70
N GLY C 426 -58.39 24.95 -8.74
CA GLY C 426 -58.50 26.42 -8.76
C GLY C 426 -58.26 27.07 -7.41
N GLU C 427 -57.22 26.64 -6.70
CA GLU C 427 -56.89 27.29 -5.41
C GLU C 427 -55.92 28.46 -5.65
N LYS C 428 -55.65 29.24 -4.61
CA LYS C 428 -54.72 30.39 -4.73
C LYS C 428 -53.33 29.85 -5.05
N PRO C 429 -52.65 30.39 -6.08
CA PRO C 429 -51.40 29.77 -6.52
C PRO C 429 -50.35 29.51 -5.45
N LEU C 430 -49.87 30.56 -4.77
CA LEU C 430 -48.77 30.36 -3.79
C LEU C 430 -49.28 29.51 -2.64
N ALA C 431 -50.51 29.77 -2.21
CA ALA C 431 -51.07 28.99 -1.07
C ALA C 431 -51.26 27.52 -1.46
N ALA C 432 -51.77 27.29 -2.67
CA ALA C 432 -51.97 25.90 -3.13
C ALA C 432 -50.63 25.16 -3.20
N ALA C 433 -49.62 25.78 -3.80
CA ALA C 433 -48.30 25.13 -3.90
C ALA C 433 -47.73 24.85 -2.52
N LEU C 434 -47.78 25.84 -1.63
CA LEU C 434 -47.23 25.64 -0.26
C LEU C 434 -47.96 24.51 0.46
N LYS C 435 -49.29 24.55 0.44
CA LYS C 435 -50.06 23.51 1.16
C LYS C 435 -49.81 22.11 0.54
N GLY C 436 -49.75 22.02 -0.78
CA GLY C 436 -49.48 20.71 -1.41
C GLY C 436 -48.11 20.18 -1.05
N ALA C 437 -47.09 21.05 -1.13
CA ALA C 437 -45.73 20.61 -0.72
C ALA C 437 -45.76 20.14 0.73
N GLY C 438 -46.46 20.87 1.59
CA GLY C 438 -46.50 20.49 3.01
C GLY C 438 -47.19 19.15 3.20
N GLU C 439 -48.28 18.91 2.48
CA GLU C 439 -49.04 17.67 2.76
C GLU C 439 -48.39 16.44 2.14
N ILE C 440 -47.70 16.58 1.01
CA ILE C 440 -47.17 15.34 0.35
C ILE C 440 -45.65 15.29 0.43
N GLY C 441 -45.03 16.18 1.18
CA GLY C 441 -43.56 16.07 1.34
C GLY C 441 -43.19 14.78 2.06
N PHE C 442 -44.04 14.31 2.97
CA PHE C 442 -43.75 13.08 3.72
C PHE C 442 -43.79 11.88 2.81
N THR C 443 -44.71 11.88 1.84
CA THR C 443 -44.88 10.71 0.95
C THR C 443 -43.66 10.47 0.10
N ILE C 444 -43.13 11.53 -0.49
CA ILE C 444 -41.99 11.35 -1.42
C ILE C 444 -40.79 10.79 -0.65
N ILE C 445 -40.52 11.35 0.53
CA ILE C 445 -39.35 10.87 1.30
C ILE C 445 -39.67 9.47 1.79
N SER C 446 -40.94 9.17 1.98
CA SER C 446 -41.32 7.79 2.39
C SER C 446 -40.88 6.79 1.29
N LEU C 447 -41.25 7.07 0.04
CA LEU C 447 -40.91 6.10 -1.02
C LEU C 447 -39.39 6.14 -1.24
N THR C 448 -38.77 7.28 -0.98
CA THR C 448 -37.32 7.39 -1.21
C THR C 448 -36.61 6.48 -0.21
N PHE C 449 -37.05 6.53 1.03
CA PHE C 449 -36.38 5.70 2.06
C PHE C 449 -36.70 4.23 1.82
N SER C 450 -37.96 3.93 1.48
CA SER C 450 -38.36 2.51 1.32
C SER C 450 -37.74 1.89 0.06
N LEU C 451 -37.49 2.70 -0.96
CA LEU C 451 -36.98 2.13 -2.23
C LEU C 451 -35.56 1.59 -2.01
N ILE C 452 -34.76 2.29 -1.23
CA ILE C 452 -33.34 1.87 -1.10
C ILE C 452 -33.30 0.52 -0.39
N ALA C 453 -34.34 0.20 0.37
CA ALA C 453 -34.37 -1.07 1.12
C ALA C 453 -34.18 -2.26 0.17
N VAL C 454 -34.58 -2.11 -1.10
CA VAL C 454 -34.29 -3.20 -2.06
C VAL C 454 -32.79 -3.23 -2.30
N LEU C 455 -32.18 -2.06 -2.45
CA LEU C 455 -30.75 -2.05 -2.82
C LEU C 455 -29.84 -2.12 -1.60
N ILE C 456 -30.41 -2.02 -0.40
CA ILE C 456 -29.56 -2.04 0.82
C ILE C 456 -28.82 -3.39 0.93
N PRO C 457 -29.46 -4.56 0.76
CA PRO C 457 -28.68 -5.79 0.82
C PRO C 457 -27.87 -6.11 -0.42
N LEU C 458 -28.33 -5.72 -1.61
CA LEU C 458 -27.68 -6.21 -2.86
C LEU C 458 -26.21 -5.84 -2.93
N LEU C 459 -25.89 -4.63 -2.52
CA LEU C 459 -24.48 -4.15 -2.68
C LEU C 459 -23.53 -4.91 -1.75
N PHE C 460 -24.05 -5.69 -0.81
CA PHE C 460 -23.16 -6.35 0.17
C PHE C 460 -22.86 -7.77 -0.24
N MET C 461 -23.45 -8.26 -1.32
CA MET C 461 -23.07 -9.63 -1.76
C MET C 461 -21.64 -9.60 -2.31
N GLY C 462 -20.90 -10.67 -2.08
CA GLY C 462 -19.50 -10.69 -2.53
C GLY C 462 -19.34 -11.37 -3.88
N ASP C 463 -18.12 -11.85 -4.15
CA ASP C 463 -17.83 -12.54 -5.43
C ASP C 463 -17.93 -11.61 -6.63
N ILE C 464 -17.58 -12.14 -7.79
CA ILE C 464 -17.48 -11.29 -8.99
C ILE C 464 -18.84 -10.70 -9.32
N VAL C 465 -19.89 -11.48 -9.18
CA VAL C 465 -21.24 -10.96 -9.50
C VAL C 465 -21.57 -9.80 -8.55
N GLY C 466 -21.25 -9.97 -7.26
CA GLY C 466 -21.48 -8.87 -6.31
C GLY C 466 -20.71 -7.61 -6.67
N ARG C 467 -19.43 -7.77 -7.00
CA ARG C 467 -18.64 -6.57 -7.37
C ARG C 467 -19.22 -5.94 -8.64
N LEU C 468 -19.59 -6.75 -9.62
CA LEU C 468 -20.01 -6.16 -10.91
C LEU C 468 -21.41 -5.57 -10.81
N PHE C 469 -22.18 -5.97 -9.80
CA PHE C 469 -23.49 -5.30 -9.62
C PHE C 469 -23.40 -4.16 -8.60
N ARG C 470 -22.28 -4.04 -7.90
CA ARG C 470 -22.13 -2.94 -6.91
C ARG C 470 -22.23 -1.60 -7.65
N GLU C 471 -21.57 -1.53 -8.79
CA GLU C 471 -21.57 -0.24 -9.53
C GLU C 471 -23.00 0.10 -9.94
N PHE C 472 -23.72 -0.91 -10.43
CA PHE C 472 -25.12 -0.65 -10.88
C PHE C 472 -25.93 -0.20 -9.69
N ALA C 473 -25.77 -0.88 -8.57
CA ALA C 473 -26.62 -0.57 -7.40
C ALA C 473 -26.40 0.87 -6.95
N ILE C 474 -25.14 1.27 -6.80
CA ILE C 474 -24.94 2.62 -6.19
C ILE C 474 -25.19 3.68 -7.25
N THR C 475 -25.01 3.33 -8.50
CA THR C 475 -25.33 4.33 -9.54
C THR C 475 -26.82 4.60 -9.48
N LEU C 476 -27.62 3.55 -9.36
CA LEU C 476 -29.09 3.75 -9.32
C LEU C 476 -29.42 4.57 -8.07
N ALA C 477 -28.76 4.25 -6.96
CA ALA C 477 -29.09 4.93 -5.70
C ALA C 477 -28.77 6.42 -5.82
N VAL C 478 -27.62 6.71 -6.40
CA VAL C 478 -27.21 8.14 -6.47
C VAL C 478 -28.18 8.88 -7.41
N ALA C 479 -28.54 8.24 -8.52
CA ALA C 479 -29.51 8.87 -9.45
C ALA C 479 -30.82 9.16 -8.70
N ILE C 480 -31.28 8.20 -7.89
CA ILE C 480 -32.57 8.39 -7.19
C ILE C 480 -32.43 9.52 -6.19
N LEU C 481 -31.31 9.56 -5.49
CA LEU C 481 -31.20 10.59 -4.42
C LEU C 481 -31.15 11.98 -5.06
N ILE C 482 -30.36 12.10 -6.11
CA ILE C 482 -30.19 13.43 -6.76
C ILE C 482 -31.53 13.84 -7.39
N SER C 483 -32.25 12.89 -7.97
CA SER C 483 -33.58 13.21 -8.52
C SER C 483 -34.51 13.68 -7.40
N ALA C 484 -34.42 13.05 -6.23
CA ALA C 484 -35.31 13.43 -5.12
C ALA C 484 -34.96 14.86 -4.69
N VAL C 485 -33.68 15.13 -4.59
CA VAL C 485 -33.27 16.47 -4.11
C VAL C 485 -33.73 17.52 -5.14
N VAL C 486 -33.54 17.23 -6.41
CA VAL C 486 -33.96 18.19 -7.47
C VAL C 486 -35.49 18.36 -7.41
N SER C 487 -36.22 17.28 -7.18
CA SER C 487 -37.70 17.37 -7.15
C SER C 487 -38.13 18.25 -5.97
N LEU C 488 -37.50 18.08 -4.82
CA LEU C 488 -37.98 18.84 -3.65
C LEU C 488 -37.42 20.26 -3.67
N THR C 489 -36.41 20.53 -4.49
CA THR C 489 -35.78 21.88 -4.44
C THR C 489 -36.19 22.74 -5.63
N LEU C 490 -35.96 22.26 -6.85
CA LEU C 490 -36.19 23.13 -8.03
C LEU C 490 -37.69 23.23 -8.38
N THR C 491 -38.37 22.09 -8.48
CA THR C 491 -39.77 22.11 -8.92
C THR C 491 -40.64 22.95 -8.02
N PRO C 492 -40.55 22.94 -6.67
CA PRO C 492 -41.42 23.80 -5.89
C PRO C 492 -41.30 25.27 -6.26
N MET C 493 -40.07 25.72 -6.53
CA MET C 493 -39.86 27.13 -6.90
C MET C 493 -40.39 27.43 -8.30
N MET C 494 -40.08 26.57 -9.26
CA MET C 494 -40.54 26.81 -10.64
C MET C 494 -42.07 26.83 -10.66
N CYS C 495 -42.70 25.91 -9.93
CA CYS C 495 -44.19 25.82 -9.85
C CYS C 495 -44.78 26.82 -8.85
N ALA C 496 -43.95 27.51 -8.07
CA ALA C 496 -44.45 28.61 -7.23
C ALA C 496 -44.22 29.95 -7.93
N ARG C 497 -43.42 29.97 -9.02
CA ARG C 497 -43.12 31.23 -9.72
C ARG C 497 -43.91 31.39 -11.02
N MET C 498 -44.12 30.33 -11.81
CA MET C 498 -44.71 30.53 -13.17
C MET C 498 -46.23 30.40 -13.17
N LEU C 499 -46.85 30.27 -12.00
CA LEU C 499 -48.29 29.93 -11.93
C LEU C 499 -49.16 30.76 -12.86
N SER C 500 -50.01 30.06 -13.61
CA SER C 500 -50.97 30.79 -14.47
C SER C 500 -52.24 29.96 -14.62
N GLN C 501 -53.28 30.57 -15.17
CA GLN C 501 -54.53 29.81 -15.42
C GLN C 501 -54.89 29.79 -16.91
N GLU C 502 -54.01 30.30 -17.76
CA GLU C 502 -54.28 30.28 -19.21
C GLU C 502 -54.30 28.84 -19.75
N SER C 503 -53.51 27.93 -19.17
CA SER C 503 -53.47 26.54 -19.67
C SER C 503 -54.86 25.91 -19.55
N LEU C 504 -55.50 26.12 -18.40
CA LEU C 504 -56.91 25.64 -18.28
C LEU C 504 -57.82 26.52 -19.12
N ARG C 505 -57.50 27.80 -19.26
CA ARG C 505 -58.34 28.70 -20.07
C ARG C 505 -58.20 28.35 -21.55
N LYS C 506 -57.00 27.90 -21.94
CA LYS C 506 -56.77 27.62 -23.38
C LYS C 506 -57.09 26.16 -23.63
N GLN C 507 -57.96 25.91 -24.60
CA GLN C 507 -58.36 24.53 -24.90
C GLN C 507 -58.22 24.29 -26.39
N ASN C 508 -57.56 23.20 -26.72
CA ASN C 508 -57.35 22.84 -28.14
C ASN C 508 -58.10 21.55 -28.45
N ARG C 509 -58.19 21.23 -29.73
CA ARG C 509 -58.88 20.00 -30.14
C ARG C 509 -58.13 18.79 -29.59
N PHE C 510 -56.80 18.81 -29.63
CA PHE C 510 -56.04 17.67 -29.08
C PHE C 510 -56.26 17.62 -27.60
N SER C 511 -56.22 18.77 -26.93
CA SER C 511 -56.48 18.81 -25.48
C SER C 511 -57.92 18.38 -25.17
N ARG C 512 -58.87 18.80 -26.01
CA ARG C 512 -60.28 18.37 -25.82
C ARG C 512 -60.36 16.84 -25.89
N ALA C 513 -59.74 16.27 -26.92
CA ALA C 513 -59.76 14.80 -27.04
C ALA C 513 -59.07 14.19 -25.82
N SER C 514 -58.01 14.83 -25.34
CA SER C 514 -57.24 14.23 -24.23
C SER C 514 -58.10 14.15 -22.98
N GLU C 515 -58.70 15.26 -22.58
CA GLU C 515 -59.47 15.14 -21.30
C GLU C 515 -60.78 14.39 -21.53
N LYS C 516 -61.28 14.29 -22.77
CA LYS C 516 -62.51 13.48 -22.97
C LYS C 516 -62.14 11.99 -22.85
N MET C 517 -60.99 11.59 -23.41
CA MET C 517 -60.47 10.25 -23.08
C MET C 517 -60.38 10.17 -21.54
N PHE C 518 -59.93 11.23 -20.87
CA PHE C 518 -59.71 11.13 -19.40
C PHE C 518 -61.01 10.84 -18.67
N ASP C 519 -62.08 11.56 -18.96
CA ASP C 519 -63.31 11.26 -18.19
C ASP C 519 -63.93 9.92 -18.62
N ARG C 520 -63.88 9.56 -19.90
CA ARG C 520 -64.49 8.26 -20.25
C ARG C 520 -63.70 7.11 -19.62
N ILE C 521 -62.37 7.23 -19.57
CA ILE C 521 -61.55 6.17 -18.92
C ILE C 521 -61.81 6.20 -17.40
N ILE C 522 -62.00 7.39 -16.82
CA ILE C 522 -62.36 7.44 -15.38
C ILE C 522 -63.68 6.67 -15.19
N ALA C 523 -64.65 6.87 -16.07
CA ALA C 523 -65.96 6.21 -15.90
C ALA C 523 -65.78 4.69 -16.03
N ALA C 524 -65.01 4.25 -17.02
CA ALA C 524 -64.84 2.78 -17.22
C ALA C 524 -64.14 2.19 -16.00
N TYR C 525 -63.06 2.85 -15.57
CA TYR C 525 -62.30 2.37 -14.39
C TYR C 525 -63.19 2.38 -13.17
N GLY C 526 -64.08 3.36 -13.10
CA GLY C 526 -64.98 3.48 -11.94
C GLY C 526 -65.99 2.37 -11.89
N ARG C 527 -66.63 2.04 -13.02
CA ARG C 527 -67.57 0.90 -12.93
C ARG C 527 -66.78 -0.39 -12.69
N GLY C 528 -65.55 -0.47 -13.21
CA GLY C 528 -64.73 -1.66 -12.94
C GLY C 528 -64.53 -1.86 -11.45
N LEU C 529 -64.03 -0.84 -10.76
CA LEU C 529 -63.87 -0.99 -9.29
C LEU C 529 -65.22 -1.15 -8.60
N ALA C 530 -66.25 -0.46 -9.09
CA ALA C 530 -67.56 -0.52 -8.40
C ALA C 530 -68.06 -1.96 -8.39
N LYS C 531 -67.81 -2.69 -9.48
CA LYS C 531 -68.24 -4.12 -9.45
C LYS C 531 -67.20 -4.96 -8.72
N VAL C 532 -65.94 -4.56 -8.77
CA VAL C 532 -64.89 -5.45 -8.19
C VAL C 532 -64.88 -5.40 -6.66
N LEU C 533 -65.04 -4.22 -6.07
CA LEU C 533 -64.77 -4.06 -4.61
C LEU C 533 -65.66 -4.84 -3.65
N ASN C 534 -66.55 -5.68 -4.14
CA ASN C 534 -67.50 -6.34 -3.22
C ASN C 534 -67.11 -7.78 -2.85
N HIS C 535 -66.32 -8.48 -3.66
CA HIS C 535 -66.05 -9.92 -3.40
C HIS C 535 -64.54 -10.17 -3.47
N PRO C 536 -63.85 -10.13 -2.33
CA PRO C 536 -62.42 -10.41 -2.32
C PRO C 536 -62.06 -11.89 -2.47
N TRP C 537 -63.05 -12.78 -2.51
CA TRP C 537 -62.72 -14.22 -2.57
C TRP C 537 -62.00 -14.55 -3.88
N LEU C 538 -62.48 -14.02 -5.01
CA LEU C 538 -61.82 -14.31 -6.31
C LEU C 538 -60.39 -13.75 -6.32
N THR C 539 -60.19 -12.62 -5.68
CA THR C 539 -58.84 -12.04 -5.60
C THR C 539 -57.98 -12.91 -4.73
N LEU C 540 -58.52 -13.40 -3.63
CA LEU C 540 -57.72 -14.30 -2.75
C LEU C 540 -57.36 -15.59 -3.53
N SER C 541 -58.31 -16.14 -4.26
CA SER C 541 -58.04 -17.37 -5.05
C SER C 541 -56.94 -17.09 -6.08
N VAL C 542 -57.02 -15.95 -6.77
CA VAL C 542 -56.01 -15.70 -7.84
C VAL C 542 -54.69 -15.32 -7.18
N ALA C 543 -54.72 -14.85 -5.93
CA ALA C 543 -53.45 -14.54 -5.27
C ALA C 543 -52.76 -15.82 -4.84
N LEU C 544 -53.53 -16.76 -4.32
CA LEU C 544 -52.94 -18.08 -3.95
C LEU C 544 -52.40 -18.75 -5.22
N SER C 545 -53.17 -18.69 -6.30
CA SER C 545 -52.69 -19.23 -7.59
C SER C 545 -51.44 -18.46 -8.04
N THR C 546 -51.38 -17.16 -7.75
CA THR C 546 -50.21 -16.36 -8.14
C THR C 546 -48.98 -16.87 -7.43
N LEU C 547 -49.08 -17.09 -6.14
CA LEU C 547 -47.92 -17.62 -5.37
C LEU C 547 -47.51 -19.02 -5.89
N LEU C 548 -48.50 -19.90 -6.07
CA LEU C 548 -48.18 -21.27 -6.52
C LEU C 548 -47.52 -21.22 -7.92
N LEU C 549 -48.05 -20.37 -8.79
CA LEU C 549 -47.51 -20.31 -10.16
C LEU C 549 -46.18 -19.60 -10.12
N SER C 550 -45.98 -18.75 -9.13
CA SER C 550 -44.64 -18.13 -8.99
C SER C 550 -43.62 -19.24 -8.77
N VAL C 551 -43.92 -20.11 -7.81
CA VAL C 551 -42.97 -21.22 -7.52
C VAL C 551 -42.83 -22.11 -8.75
N LEU C 552 -43.96 -22.45 -9.38
CA LEU C 552 -43.92 -23.39 -10.53
C LEU C 552 -43.10 -22.78 -11.68
N LEU C 553 -43.31 -21.49 -11.95
CA LEU C 553 -42.59 -20.90 -13.11
C LEU C 553 -41.11 -20.73 -12.75
N TRP C 554 -40.83 -20.34 -11.52
CA TRP C 554 -39.41 -20.15 -11.13
C TRP C 554 -38.68 -21.46 -11.31
N VAL C 555 -39.36 -22.56 -11.02
CA VAL C 555 -38.72 -23.89 -11.27
C VAL C 555 -38.69 -24.14 -12.78
N PHE C 556 -39.72 -23.71 -13.52
CA PHE C 556 -39.82 -24.11 -14.94
C PHE C 556 -38.94 -23.30 -15.87
N ILE C 557 -38.70 -22.05 -15.55
CA ILE C 557 -38.00 -21.19 -16.54
C ILE C 557 -36.54 -21.60 -16.72
N PRO C 558 -36.04 -21.70 -17.95
CA PRO C 558 -34.61 -21.88 -18.17
C PRO C 558 -33.80 -20.73 -17.67
N LYS C 559 -32.63 -21.02 -17.14
CA LYS C 559 -31.77 -19.98 -16.54
C LYS C 559 -30.61 -19.64 -17.44
N GLY C 560 -29.89 -18.59 -17.07
CA GLY C 560 -28.70 -18.19 -17.85
C GLY C 560 -27.72 -17.46 -16.96
N PHE C 561 -26.43 -17.53 -17.29
CA PHE C 561 -25.39 -16.89 -16.45
C PHE C 561 -25.02 -15.52 -17.01
N PHE C 562 -24.50 -15.47 -18.23
CA PHE C 562 -24.24 -14.18 -18.91
C PHE C 562 -24.61 -14.38 -20.38
N PRO C 563 -24.95 -13.31 -21.09
CA PRO C 563 -25.34 -13.46 -22.48
C PRO C 563 -24.24 -13.26 -23.48
N VAL C 564 -24.50 -13.68 -24.72
CA VAL C 564 -23.45 -13.63 -25.77
C VAL C 564 -23.58 -12.30 -26.50
N GLN C 565 -22.47 -11.76 -26.96
CA GLN C 565 -22.49 -10.44 -27.64
C GLN C 565 -21.72 -10.49 -28.95
N ASP C 566 -22.16 -9.72 -29.92
CA ASP C 566 -21.53 -9.70 -31.27
C ASP C 566 -20.78 -8.39 -31.40
N ASN C 567 -19.50 -8.41 -31.05
CA ASN C 567 -18.71 -7.15 -31.16
C ASN C 567 -18.08 -7.08 -32.54
N GLY C 568 -17.77 -8.22 -33.13
CA GLY C 568 -17.22 -8.21 -34.52
C GLY C 568 -15.93 -8.99 -34.70
N ILE C 569 -15.45 -9.66 -33.65
CA ILE C 569 -14.23 -10.50 -33.81
C ILE C 569 -14.54 -11.96 -33.47
N ILE C 570 -13.87 -12.87 -34.17
CA ILE C 570 -14.01 -14.30 -33.88
C ILE C 570 -12.60 -14.88 -33.71
N GLN C 571 -12.39 -15.62 -32.63
CA GLN C 571 -11.07 -16.25 -32.37
C GLN C 571 -11.20 -17.74 -32.62
N GLY C 572 -10.38 -18.26 -33.52
CA GLY C 572 -10.44 -19.67 -33.88
C GLY C 572 -9.10 -20.35 -33.72
N THR C 573 -9.14 -21.68 -33.58
CA THR C 573 -7.91 -22.45 -33.41
C THR C 573 -7.77 -23.42 -34.57
N LEU C 574 -6.58 -23.47 -35.15
CA LEU C 574 -6.32 -24.41 -36.27
C LEU C 574 -5.55 -25.63 -35.73
N GLN C 575 -6.02 -26.82 -36.08
CA GLN C 575 -5.34 -28.05 -35.63
C GLN C 575 -4.63 -28.70 -36.82
N ALA C 576 -3.45 -29.27 -36.57
CA ALA C 576 -2.64 -29.91 -37.64
C ALA C 576 -2.19 -31.26 -37.15
N PRO C 577 -1.85 -32.20 -38.06
CA PRO C 577 -1.41 -33.52 -37.64
C PRO C 577 -0.21 -33.47 -36.71
N GLN C 578 0.06 -34.60 -36.04
CA GLN C 578 1.17 -34.63 -35.06
C GLN C 578 2.52 -34.43 -35.76
N SER C 579 2.66 -34.94 -36.97
CA SER C 579 3.96 -34.87 -37.68
C SER C 579 4.17 -33.51 -38.37
N SER C 580 3.49 -32.49 -37.91
CA SER C 580 3.57 -31.20 -38.64
C SER C 580 4.90 -30.48 -38.38
N SER C 581 5.28 -29.62 -39.31
CA SER C 581 6.52 -28.82 -39.18
C SER C 581 6.19 -27.36 -39.51
N PHE C 582 7.20 -26.52 -39.66
CA PHE C 582 6.97 -25.10 -39.95
C PHE C 582 6.53 -24.89 -41.41
N ALA C 583 7.16 -25.57 -42.34
CA ALA C 583 6.82 -25.34 -43.76
C ALA C 583 5.38 -25.77 -44.00
N ASN C 584 5.03 -26.96 -43.52
CA ASN C 584 3.67 -27.49 -43.75
C ASN C 584 2.61 -26.61 -43.07
N MET C 585 2.83 -26.26 -41.80
CA MET C 585 1.84 -25.43 -41.09
C MET C 585 1.71 -24.04 -41.75
N ALA C 586 2.82 -23.48 -42.19
CA ALA C 586 2.78 -22.15 -42.86
C ALA C 586 2.01 -22.26 -44.18
N GLN C 587 2.28 -23.30 -44.96
CA GLN C 587 1.58 -23.44 -46.25
C GLN C 587 0.07 -23.67 -46.00
N ARG C 588 -0.27 -24.43 -44.95
CA ARG C 588 -1.69 -24.66 -44.64
C ARG C 588 -2.35 -23.35 -44.20
N GLN C 589 -1.66 -22.57 -43.39
CA GLN C 589 -2.20 -21.24 -42.98
C GLN C 589 -2.43 -20.39 -44.22
N ARG C 590 -1.48 -20.38 -45.15
CA ARG C 590 -1.65 -19.61 -46.40
C ARG C 590 -2.88 -20.09 -47.17
N GLN C 591 -3.10 -21.40 -47.24
CA GLN C 591 -4.27 -21.94 -47.98
C GLN C 591 -5.58 -21.52 -47.29
N VAL C 592 -5.63 -21.63 -45.97
CA VAL C 592 -6.86 -21.22 -45.26
C VAL C 592 -7.08 -19.72 -45.46
N ALA C 593 -6.03 -18.95 -45.29
CA ALA C 593 -6.16 -17.49 -45.49
C ALA C 593 -6.66 -17.18 -46.90
N ASP C 594 -6.30 -18.04 -47.85
CA ASP C 594 -6.82 -17.86 -49.22
C ASP C 594 -8.29 -18.24 -49.24
N VAL C 595 -8.70 -19.14 -48.36
CA VAL C 595 -10.11 -19.63 -48.38
C VAL C 595 -11.04 -18.75 -47.54
N ILE C 596 -10.62 -18.39 -46.33
CA ILE C 596 -11.54 -17.63 -45.45
C ILE C 596 -11.78 -16.23 -46.00
N LEU C 597 -10.75 -15.58 -46.53
CA LEU C 597 -10.92 -14.20 -47.02
C LEU C 597 -11.92 -14.13 -48.18
N GLN C 598 -12.24 -15.25 -48.81
CA GLN C 598 -13.16 -15.21 -49.96
C GLN C 598 -14.56 -14.78 -49.48
N ASP C 599 -14.85 -14.96 -48.20
CA ASP C 599 -16.20 -14.61 -47.67
C ASP C 599 -16.41 -13.09 -47.73
N PRO C 600 -17.62 -12.58 -48.05
CA PRO C 600 -17.78 -11.14 -48.10
C PRO C 600 -17.84 -10.46 -46.76
N ALA C 601 -18.26 -11.18 -45.72
CA ALA C 601 -18.44 -10.56 -44.39
C ALA C 601 -17.10 -10.32 -43.70
N VAL C 602 -16.13 -11.18 -43.96
CA VAL C 602 -14.80 -11.02 -43.32
C VAL C 602 -14.02 -9.96 -44.08
N GLN C 603 -13.21 -9.19 -43.35
CA GLN C 603 -12.48 -8.08 -43.97
C GLN C 603 -10.98 -8.22 -43.73
N SER C 604 -10.56 -8.91 -42.68
CA SER C 604 -9.11 -9.02 -42.41
C SER C 604 -8.79 -10.28 -41.61
N LEU C 605 -7.52 -10.68 -41.61
CA LEU C 605 -7.10 -11.82 -40.79
C LEU C 605 -5.87 -11.43 -39.97
N THR C 606 -5.79 -11.96 -38.76
CA THR C 606 -4.58 -11.80 -37.94
C THR C 606 -4.21 -13.19 -37.46
N SER C 607 -2.97 -13.58 -37.71
CA SER C 607 -2.55 -14.94 -37.31
C SER C 607 -1.07 -14.95 -36.98
N PHE C 608 -0.74 -15.40 -35.78
CA PHE C 608 0.69 -15.58 -35.42
C PHE C 608 0.87 -16.98 -34.85
N VAL C 609 1.90 -17.67 -35.33
CA VAL C 609 2.17 -19.07 -34.89
C VAL C 609 3.57 -19.15 -34.31
N GLY C 610 3.91 -20.32 -33.78
CA GLY C 610 5.24 -20.48 -33.20
C GLY C 610 5.23 -20.64 -31.69
N VAL C 611 6.40 -20.82 -31.14
CA VAL C 611 6.53 -21.00 -29.68
C VAL C 611 6.43 -19.62 -29.04
N ASP C 612 5.34 -19.40 -28.33
CA ASP C 612 5.22 -18.13 -27.59
C ASP C 612 4.52 -18.40 -26.26
N GLY C 613 4.19 -17.35 -25.53
CA GLY C 613 3.53 -17.54 -24.23
C GLY C 613 2.06 -17.87 -24.37
N THR C 614 1.54 -17.88 -25.60
CA THR C 614 0.08 -18.05 -25.78
C THR C 614 -0.20 -19.31 -26.57
N ASN C 615 0.43 -19.45 -27.73
CA ASN C 615 0.12 -20.61 -28.58
C ASN C 615 0.52 -21.90 -27.86
N PRO C 616 -0.22 -23.02 -28.03
CA PRO C 616 0.07 -24.20 -27.24
C PRO C 616 1.11 -25.15 -27.78
N SER C 617 1.25 -25.20 -29.10
CA SER C 617 2.21 -26.14 -29.70
C SER C 617 2.69 -25.63 -31.07
N LEU C 618 3.61 -26.35 -31.69
CA LEU C 618 4.16 -25.93 -32.99
C LEU C 618 3.06 -26.04 -34.04
N ASN C 619 2.34 -27.15 -34.06
CA ASN C 619 1.31 -27.36 -35.11
C ASN C 619 0.00 -26.66 -34.81
N SER C 620 -0.16 -26.19 -33.58
CA SER C 620 -1.44 -25.57 -33.17
C SER C 620 -1.41 -24.08 -33.49
N ALA C 621 -2.37 -23.61 -34.27
CA ALA C 621 -2.40 -22.19 -34.68
C ALA C 621 -3.67 -21.54 -34.18
N ARG C 622 -3.52 -20.33 -33.65
CA ARG C 622 -4.70 -19.57 -33.15
C ARG C 622 -4.96 -18.41 -34.12
N LEU C 623 -6.22 -18.28 -34.52
CA LEU C 623 -6.57 -17.23 -35.50
C LEU C 623 -7.48 -16.21 -34.82
N GLN C 624 -7.32 -14.94 -35.22
CA GLN C 624 -8.20 -13.86 -34.71
C GLN C 624 -8.87 -13.22 -35.92
N ILE C 625 -10.13 -13.62 -36.16
CA ILE C 625 -10.86 -13.14 -37.36
C ILE C 625 -11.58 -11.83 -37.03
N ASN C 626 -11.77 -10.99 -38.05
CA ASN C 626 -12.46 -9.69 -37.87
C ASN C 626 -13.64 -9.60 -38.83
N LEU C 627 -14.58 -8.71 -38.50
CA LEU C 627 -15.78 -8.53 -39.34
C LEU C 627 -16.02 -7.04 -39.59
N LYS C 628 -16.77 -6.73 -40.64
CA LYS C 628 -17.13 -5.33 -40.91
C LYS C 628 -18.11 -4.87 -39.82
N PRO C 629 -18.20 -3.54 -39.57
CA PRO C 629 -19.10 -3.06 -38.53
C PRO C 629 -20.57 -3.29 -38.85
N LEU C 630 -21.44 -2.78 -38.00
CA LEU C 630 -22.88 -3.11 -38.13
C LEU C 630 -23.46 -2.68 -39.47
N ASP C 631 -23.20 -1.46 -39.89
CA ASP C 631 -23.99 -0.91 -41.03
C ASP C 631 -23.55 -1.43 -42.38
N GLU C 632 -22.65 -2.41 -42.45
CA GLU C 632 -22.26 -2.83 -43.83
C GLU C 632 -22.49 -4.31 -44.10
N ARG C 633 -22.33 -5.18 -43.12
CA ARG C 633 -22.57 -6.60 -43.45
C ARG C 633 -24.05 -6.90 -43.27
N ASP C 634 -24.47 -8.05 -43.76
CA ASP C 634 -25.92 -8.34 -43.81
C ASP C 634 -26.41 -9.38 -42.80
N ASP C 635 -25.53 -10.17 -42.20
CA ASP C 635 -26.01 -11.21 -41.25
C ASP C 635 -25.36 -11.03 -39.88
N ARG C 636 -25.90 -11.69 -38.88
CA ARG C 636 -25.43 -11.53 -37.49
C ARG C 636 -24.33 -12.56 -37.16
N VAL C 637 -24.03 -12.76 -35.89
CA VAL C 637 -22.91 -13.67 -35.50
C VAL C 637 -23.23 -15.13 -35.82
N GLN C 638 -24.45 -15.58 -35.51
CA GLN C 638 -24.77 -17.01 -35.69
C GLN C 638 -24.63 -17.43 -37.15
N LYS C 639 -25.27 -16.72 -38.06
CA LYS C 639 -25.27 -17.20 -39.46
C LYS C 639 -23.90 -16.96 -40.10
N VAL C 640 -23.26 -15.87 -39.73
CA VAL C 640 -21.90 -15.61 -40.30
C VAL C 640 -20.92 -16.70 -39.84
N ILE C 641 -20.97 -17.07 -38.56
CA ILE C 641 -20.04 -18.11 -38.06
C ILE C 641 -20.41 -19.47 -38.65
N ALA C 642 -21.69 -19.71 -38.90
CA ALA C 642 -22.08 -20.97 -39.55
C ALA C 642 -21.51 -21.03 -40.97
N ARG C 643 -21.66 -19.94 -41.71
CA ARG C 643 -21.11 -19.87 -43.09
C ARG C 643 -19.59 -20.03 -43.04
N LEU C 644 -18.94 -19.39 -42.07
CA LEU C 644 -17.46 -19.53 -41.96
C LEU C 644 -17.08 -20.99 -41.67
N GLN C 645 -17.86 -21.68 -40.84
CA GLN C 645 -17.50 -23.07 -40.48
C GLN C 645 -17.73 -24.01 -41.67
N THR C 646 -18.84 -23.85 -42.37
CA THR C 646 -19.08 -24.72 -43.54
C THR C 646 -18.23 -24.30 -44.72
N ALA C 647 -17.58 -23.15 -44.66
CA ALA C 647 -16.68 -22.77 -45.76
C ALA C 647 -15.35 -23.50 -45.65
N VAL C 648 -14.85 -23.67 -44.43
CA VAL C 648 -13.50 -24.27 -44.27
C VAL C 648 -13.54 -25.80 -44.23
N ASP C 649 -14.68 -26.37 -43.90
CA ASP C 649 -14.79 -27.84 -43.85
C ASP C 649 -14.50 -28.45 -45.23
N LYS C 650 -14.87 -27.75 -46.28
CA LYS C 650 -14.65 -28.29 -47.64
C LYS C 650 -13.16 -28.34 -47.94
N VAL C 651 -12.38 -27.50 -47.28
CA VAL C 651 -10.93 -27.43 -47.60
C VAL C 651 -10.25 -28.70 -47.12
N PRO C 652 -9.47 -29.39 -47.97
CA PRO C 652 -8.89 -30.63 -47.52
C PRO C 652 -7.79 -30.46 -46.51
N GLY C 653 -7.66 -31.43 -45.63
CA GLY C 653 -6.51 -31.47 -44.72
C GLY C 653 -6.53 -30.47 -43.61
N VAL C 654 -7.67 -29.83 -43.38
CA VAL C 654 -7.68 -28.77 -42.35
C VAL C 654 -8.89 -28.94 -41.44
N ASP C 655 -8.79 -28.40 -40.24
CA ASP C 655 -9.95 -28.34 -39.33
C ASP C 655 -9.76 -27.13 -38.43
N LEU C 656 -10.82 -26.35 -38.20
CA LEU C 656 -10.68 -25.08 -37.45
C LEU C 656 -11.87 -24.89 -36.52
N PHE C 657 -11.58 -24.62 -35.25
CA PHE C 657 -12.64 -24.58 -34.21
C PHE C 657 -12.97 -23.12 -33.89
N LEU C 658 -14.09 -22.64 -34.45
CA LEU C 658 -14.50 -21.25 -34.15
C LEU C 658 -15.29 -21.18 -32.87
N GLN C 659 -14.93 -20.27 -31.97
CA GLN C 659 -15.81 -19.95 -30.82
C GLN C 659 -15.97 -18.43 -30.82
N PRO C 660 -17.17 -17.85 -30.91
CA PRO C 660 -17.28 -16.41 -30.89
C PRO C 660 -16.85 -15.86 -29.54
N THR C 661 -15.93 -14.91 -29.56
CA THR C 661 -15.38 -14.41 -28.30
C THR C 661 -16.37 -13.52 -27.63
N GLN C 662 -16.17 -13.34 -26.33
CA GLN C 662 -17.11 -12.52 -25.54
C GLN C 662 -16.38 -11.30 -25.01
N ASP C 663 -17.07 -10.50 -24.22
CA ASP C 663 -16.48 -9.30 -23.62
C ASP C 663 -16.12 -9.55 -22.17
N LEU C 664 -17.09 -9.96 -21.35
CA LEU C 664 -16.81 -10.23 -19.93
C LEU C 664 -16.43 -11.69 -19.78
N THR C 665 -15.18 -11.95 -19.40
CA THR C 665 -14.70 -13.33 -19.29
C THR C 665 -14.35 -13.61 -17.85
N ILE C 666 -14.78 -14.76 -17.38
CA ILE C 666 -14.47 -15.19 -15.98
C ILE C 666 -13.48 -16.35 -16.00
N ASP C 667 -13.68 -17.31 -16.89
CA ASP C 667 -12.78 -18.50 -16.93
C ASP C 667 -11.36 -18.07 -17.32
N THR C 668 -10.37 -18.74 -16.73
CA THR C 668 -8.96 -18.40 -17.02
C THR C 668 -8.54 -18.91 -18.38
N GLN C 669 -9.36 -19.75 -19.02
CA GLN C 669 -8.99 -20.30 -20.34
C GLN C 669 -10.10 -20.00 -21.34
N VAL C 670 -9.73 -20.01 -22.62
CA VAL C 670 -10.74 -19.80 -23.70
C VAL C 670 -11.27 -21.16 -24.13
N SER C 671 -12.58 -21.34 -24.01
CA SER C 671 -13.17 -22.66 -24.32
C SER C 671 -13.18 -22.92 -25.82
N ARG C 672 -13.22 -24.18 -26.20
CA ARG C 672 -13.21 -24.54 -27.64
C ARG C 672 -14.61 -25.00 -28.02
N THR C 673 -15.17 -25.94 -27.30
CA THR C 673 -16.54 -26.41 -27.57
C THR C 673 -17.47 -25.83 -26.52
N GLN C 674 -18.68 -26.36 -26.46
CA GLN C 674 -19.67 -25.76 -25.52
C GLN C 674 -19.24 -25.96 -24.07
N TYR C 675 -18.73 -27.14 -23.74
CA TYR C 675 -18.35 -27.41 -22.34
C TYR C 675 -16.98 -28.08 -22.29
N GLN C 676 -16.32 -27.94 -21.14
CA GLN C 676 -14.99 -28.53 -20.96
C GLN C 676 -14.82 -28.95 -19.51
N PHE C 677 -13.98 -29.95 -19.28
CA PHE C 677 -13.72 -30.41 -17.91
C PHE C 677 -12.37 -31.10 -17.86
N THR C 678 -11.89 -31.35 -16.64
CA THR C 678 -10.53 -31.90 -16.46
C THR C 678 -10.57 -33.23 -15.76
N LEU C 679 -9.60 -34.09 -16.08
CA LEU C 679 -9.48 -35.40 -15.43
C LEU C 679 -8.10 -35.46 -14.78
N GLN C 680 -8.08 -35.72 -13.47
CA GLN C 680 -6.80 -35.72 -12.72
C GLN C 680 -6.33 -37.13 -12.44
N ALA C 681 -5.06 -37.39 -12.72
CA ALA C 681 -4.47 -38.71 -12.42
C ALA C 681 -3.18 -38.48 -11.63
N THR C 682 -2.39 -39.54 -11.48
CA THR C 682 -1.16 -39.44 -10.65
C THR C 682 0.10 -39.41 -11.48
N SER C 683 0.12 -40.09 -12.62
CA SER C 683 1.40 -40.20 -13.37
C SER C 683 1.17 -39.95 -14.86
N LEU C 684 2.21 -39.52 -15.55
CA LEU C 684 2.11 -39.28 -17.01
C LEU C 684 1.89 -40.60 -17.72
N ASP C 685 2.65 -41.62 -17.38
CA ASP C 685 2.59 -42.87 -18.18
C ASP C 685 1.23 -43.55 -18.04
N ALA C 686 0.71 -43.61 -16.83
CA ALA C 686 -0.55 -44.37 -16.61
C ALA C 686 -1.70 -43.66 -17.34
N LEU C 687 -1.79 -42.35 -17.18
CA LEU C 687 -2.91 -41.62 -17.82
C LEU C 687 -2.71 -41.67 -19.33
N SER C 688 -1.46 -41.61 -19.78
CA SER C 688 -1.17 -41.70 -21.24
C SER C 688 -1.65 -43.05 -21.77
N THR C 689 -1.33 -44.13 -21.06
CA THR C 689 -1.71 -45.46 -21.54
C THR C 689 -3.20 -45.68 -21.41
N TRP C 690 -3.86 -44.96 -20.51
CA TRP C 690 -5.33 -45.09 -20.37
C TRP C 690 -6.09 -43.98 -21.10
N VAL C 691 -5.39 -43.19 -21.91
CA VAL C 691 -6.10 -42.21 -22.76
C VAL C 691 -6.98 -42.93 -23.78
N PRO C 692 -6.50 -43.96 -24.53
CA PRO C 692 -7.35 -44.57 -25.54
C PRO C 692 -8.63 -45.17 -24.99
N GLN C 693 -8.61 -45.62 -23.73
CA GLN C 693 -9.81 -46.28 -23.18
C GLN C 693 -10.98 -45.28 -23.12
N LEU C 694 -10.71 -44.06 -22.67
CA LEU C 694 -11.80 -43.05 -22.53
C LEU C 694 -12.19 -42.44 -23.89
N MET C 695 -11.47 -42.79 -24.96
CA MET C 695 -11.97 -42.38 -26.29
C MET C 695 -12.77 -43.55 -26.88
N GLU C 696 -12.29 -44.77 -26.69
CA GLU C 696 -12.94 -45.93 -27.36
C GLU C 696 -14.13 -46.47 -26.56
N LYS C 697 -14.30 -46.05 -25.31
CA LYS C 697 -15.46 -46.55 -24.54
C LYS C 697 -16.42 -45.42 -24.14
N LEU C 698 -15.94 -44.19 -24.01
CA LEU C 698 -16.81 -43.07 -23.55
C LEU C 698 -17.48 -42.36 -24.73
N GLN C 699 -17.06 -42.65 -25.95
CA GLN C 699 -17.63 -41.93 -27.12
C GLN C 699 -19.03 -42.43 -27.46
N GLN C 700 -19.39 -43.65 -27.04
CA GLN C 700 -20.65 -44.24 -27.55
C GLN C 700 -21.89 -43.86 -26.76
N LEU C 701 -21.77 -43.01 -25.75
CA LEU C 701 -23.01 -42.69 -25.00
C LEU C 701 -23.76 -41.59 -25.76
N PRO C 702 -25.07 -41.76 -26.02
CA PRO C 702 -25.80 -40.76 -26.76
C PRO C 702 -25.84 -39.41 -26.06
N GLN C 703 -25.85 -39.40 -24.74
CA GLN C 703 -25.86 -38.12 -24.01
C GLN C 703 -24.49 -37.44 -24.08
N LEU C 704 -23.46 -38.14 -24.59
CA LEU C 704 -22.07 -37.60 -24.53
C LEU C 704 -21.47 -37.70 -25.92
N SER C 705 -21.33 -36.56 -26.58
CA SER C 705 -20.91 -36.60 -28.01
C SER C 705 -19.70 -35.70 -28.26
N ASP C 706 -18.94 -36.03 -29.30
CA ASP C 706 -17.76 -35.23 -29.69
C ASP C 706 -16.74 -35.21 -28.56
N VAL C 707 -16.29 -36.39 -28.17
CA VAL C 707 -15.32 -36.47 -27.07
C VAL C 707 -13.94 -36.12 -27.61
N SER C 708 -13.29 -35.16 -26.97
CA SER C 708 -11.97 -34.72 -27.41
C SER C 708 -11.18 -34.20 -26.23
N SER C 709 -9.87 -34.19 -26.38
CA SER C 709 -8.99 -33.69 -25.31
C SER C 709 -7.79 -33.01 -25.93
N ASP C 710 -7.22 -32.08 -25.20
CA ASP C 710 -6.07 -31.31 -25.77
C ASP C 710 -4.85 -32.22 -25.86
N TRP C 711 -4.83 -33.30 -25.09
CA TRP C 711 -3.63 -34.15 -25.10
C TRP C 711 -3.67 -35.12 -26.27
N GLN C 712 -2.60 -35.13 -27.05
CA GLN C 712 -2.42 -36.12 -28.15
C GLN C 712 -1.09 -36.84 -27.88
N ASP C 713 -1.12 -38.17 -27.80
CA ASP C 713 0.11 -38.93 -27.44
C ASP C 713 0.63 -39.71 -28.65
N LYS C 714 0.49 -39.16 -29.86
CA LYS C 714 1.05 -39.84 -31.04
C LYS C 714 2.08 -38.92 -31.73
N GLY C 715 2.95 -38.28 -30.94
CA GLY C 715 3.99 -37.39 -31.50
C GLY C 715 5.28 -38.12 -31.79
N LEU C 716 5.89 -37.80 -32.93
CA LEU C 716 7.10 -38.51 -33.37
C LEU C 716 8.33 -37.88 -32.72
N VAL C 717 9.14 -38.71 -32.07
CA VAL C 717 10.37 -38.23 -31.40
C VAL C 717 11.54 -39.14 -31.76
N ALA C 718 12.72 -38.56 -31.90
CA ALA C 718 13.91 -39.34 -32.26
C ALA C 718 14.77 -39.52 -31.03
N TYR C 719 15.26 -40.74 -30.82
CA TYR C 719 16.07 -41.04 -29.62
C TYR C 719 17.45 -41.49 -30.03
N VAL C 720 18.47 -40.94 -29.36
CA VAL C 720 19.86 -41.41 -29.59
C VAL C 720 20.31 -42.03 -28.28
N ASN C 721 20.93 -43.21 -28.37
CA ASN C 721 21.34 -43.97 -27.16
C ASN C 721 22.86 -44.04 -27.15
N VAL C 722 23.48 -43.14 -26.40
CA VAL C 722 24.96 -43.14 -26.31
C VAL C 722 25.36 -44.26 -25.37
N ASP C 723 26.29 -45.08 -25.81
CA ASP C 723 26.77 -46.20 -24.95
C ASP C 723 27.72 -45.65 -23.89
N ARG C 724 27.45 -45.99 -22.63
CA ARG C 724 28.33 -45.49 -21.55
C ARG C 724 29.70 -46.15 -21.65
N ASP C 725 29.74 -47.44 -21.96
CA ASP C 725 31.03 -48.14 -22.00
C ASP C 725 31.85 -47.70 -23.21
N SER C 726 31.21 -47.57 -24.37
CA SER C 726 31.93 -47.14 -25.60
C SER C 726 32.47 -45.71 -25.48
N ALA C 727 31.86 -44.87 -24.65
CA ALA C 727 32.32 -43.47 -24.54
C ALA C 727 33.66 -43.38 -23.82
N SER C 728 33.88 -44.24 -22.82
CA SER C 728 35.13 -44.17 -22.02
C SER C 728 36.38 -44.59 -22.82
N ARG C 729 36.20 -45.18 -24.00
CA ARG C 729 37.37 -45.64 -24.79
C ARG C 729 38.06 -44.45 -25.46
N LEU C 730 37.28 -43.51 -25.99
CA LEU C 730 37.87 -42.35 -26.70
C LEU C 730 37.95 -41.12 -25.80
N GLY C 731 37.71 -41.27 -24.51
CA GLY C 731 37.79 -40.11 -23.60
C GLY C 731 36.71 -39.07 -23.88
N ILE C 732 35.47 -39.51 -24.08
CA ILE C 732 34.34 -38.58 -24.30
C ILE C 732 33.27 -38.87 -23.26
N SER C 733 32.71 -37.81 -22.70
CA SER C 733 31.71 -37.98 -21.64
C SER C 733 30.32 -37.65 -22.17
N MET C 734 29.30 -37.84 -21.33
CA MET C 734 27.94 -37.48 -21.76
C MET C 734 27.86 -35.97 -21.96
N ALA C 735 28.69 -35.22 -21.25
CA ALA C 735 28.64 -33.75 -21.37
C ALA C 735 29.05 -33.34 -22.78
N ASP C 736 30.07 -33.99 -23.32
CA ASP C 736 30.49 -33.67 -24.71
C ASP C 736 29.39 -34.03 -25.70
N VAL C 737 28.73 -35.16 -25.49
CA VAL C 737 27.65 -35.58 -26.42
C VAL C 737 26.52 -34.55 -26.36
N ASP C 738 26.14 -34.15 -25.16
CA ASP C 738 25.05 -33.15 -25.03
C ASP C 738 25.47 -31.83 -25.67
N ASN C 739 26.68 -31.37 -25.38
CA ASN C 739 27.15 -30.09 -25.94
C ASN C 739 27.16 -30.17 -27.48
N ALA C 740 27.64 -31.28 -28.02
CA ALA C 740 27.70 -31.42 -29.49
C ALA C 740 26.29 -31.41 -30.08
N LEU C 741 25.37 -32.17 -29.49
CA LEU C 741 24.02 -32.21 -30.07
C LEU C 741 23.36 -30.83 -29.97
N TYR C 742 23.53 -30.17 -28.83
CA TYR C 742 22.87 -28.85 -28.64
C TYR C 742 23.45 -27.81 -29.60
N ASN C 743 24.78 -27.77 -29.73
CA ASN C 743 25.37 -26.74 -30.61
C ASN C 743 25.27 -27.18 -32.07
N ALA C 744 24.81 -28.40 -32.32
CA ALA C 744 24.57 -28.82 -33.72
C ALA C 744 23.15 -28.46 -34.16
N PHE C 745 22.12 -28.94 -33.44
CA PHE C 745 20.73 -28.72 -33.92
C PHE C 745 19.89 -28.08 -32.84
N GLY C 746 20.49 -27.25 -32.01
CA GLY C 746 19.73 -26.69 -30.87
C GLY C 746 19.31 -25.23 -31.06
N GLN C 747 19.64 -24.58 -32.17
CA GLN C 747 19.40 -23.13 -32.33
C GLN C 747 20.00 -22.40 -31.12
N ARG C 748 21.18 -22.83 -30.71
CA ARG C 748 21.79 -22.30 -29.48
C ARG C 748 22.23 -20.84 -29.63
N LEU C 749 21.99 -20.06 -28.59
CA LEU C 749 22.47 -18.67 -28.58
C LEU C 749 23.75 -18.63 -27.75
N ILE C 750 24.86 -18.29 -28.40
CA ILE C 750 26.18 -18.38 -27.71
C ILE C 750 26.85 -17.02 -27.53
N SER C 751 27.07 -16.29 -28.60
CA SER C 751 27.84 -15.02 -28.49
C SER C 751 26.93 -13.80 -28.39
N THR C 752 27.53 -12.66 -28.04
CA THR C 752 26.76 -11.40 -27.94
C THR C 752 27.36 -10.35 -28.84
N ILE C 753 26.50 -9.48 -29.37
CA ILE C 753 26.98 -8.35 -30.19
C ILE C 753 26.58 -7.07 -29.47
N TYR C 754 27.56 -6.20 -29.26
CA TYR C 754 27.28 -4.90 -28.57
C TYR C 754 27.44 -3.78 -29.56
N THR C 755 26.44 -2.89 -29.59
CA THR C 755 26.44 -1.78 -30.55
C THR C 755 26.28 -0.48 -29.80
N GLN C 756 26.05 0.61 -30.53
CA GLN C 756 26.03 1.92 -29.84
C GLN C 756 24.81 2.02 -28.94
N ALA C 757 23.65 1.59 -29.43
CA ALA C 757 22.41 1.82 -28.65
C ALA C 757 21.64 0.53 -28.52
N ASN C 758 21.68 -0.30 -29.55
CA ASN C 758 20.92 -1.57 -29.49
C ASN C 758 21.82 -2.72 -29.03
N GLN C 759 21.23 -3.92 -28.92
CA GLN C 759 22.01 -5.10 -28.52
C GLN C 759 21.55 -6.29 -29.38
N TYR C 760 22.43 -6.74 -30.27
CA TYR C 760 22.09 -7.88 -31.14
C TYR C 760 22.70 -9.14 -30.56
N ARG C 761 22.20 -10.28 -31.05
CA ARG C 761 22.70 -11.58 -30.55
C ARG C 761 23.24 -12.41 -31.72
N VAL C 762 24.09 -13.38 -31.39
CA VAL C 762 24.69 -14.26 -32.40
C VAL C 762 24.15 -15.67 -32.17
N VAL C 763 23.67 -16.31 -33.24
CA VAL C 763 22.99 -17.63 -33.08
C VAL C 763 23.67 -18.65 -33.97
N LEU C 764 23.76 -19.89 -33.47
CA LEU C 764 24.42 -20.98 -34.23
C LEU C 764 23.34 -21.92 -34.73
N GLU C 765 23.44 -22.30 -36.00
CA GLU C 765 22.46 -23.24 -36.58
C GLU C 765 23.15 -24.10 -37.62
N HIS C 766 22.53 -25.23 -37.94
CA HIS C 766 23.10 -26.15 -38.93
C HIS C 766 22.19 -26.19 -40.15
N ASN C 767 22.78 -26.59 -41.25
CA ASN C 767 22.02 -26.72 -42.51
C ASN C 767 21.32 -28.07 -42.54
N THR C 768 20.10 -28.12 -43.07
CA THR C 768 19.43 -29.41 -43.29
C THR C 768 19.09 -29.58 -44.75
N GLU C 769 19.28 -28.54 -45.56
CA GLU C 769 18.86 -28.59 -46.99
C GLU C 769 19.72 -29.60 -47.75
N ASN C 770 21.01 -29.59 -47.51
CA ASN C 770 21.91 -30.47 -48.30
C ASN C 770 21.53 -31.94 -48.10
N THR C 771 21.26 -32.34 -46.87
CA THR C 771 20.95 -33.76 -46.57
C THR C 771 19.57 -33.83 -45.95
N PRO C 772 18.51 -34.17 -46.70
CA PRO C 772 17.21 -34.28 -46.11
C PRO C 772 17.03 -35.54 -45.31
N GLY C 773 16.02 -35.55 -44.46
CA GLY C 773 15.74 -36.75 -43.66
C GLY C 773 16.52 -36.75 -42.36
N LEU C 774 16.36 -37.82 -41.58
CA LEU C 774 17.08 -37.93 -40.30
C LEU C 774 18.55 -38.27 -40.55
N ALA C 775 18.95 -38.47 -41.81
CA ALA C 775 20.37 -38.73 -42.14
C ALA C 775 21.23 -37.48 -41.94
N ALA C 776 20.63 -36.37 -41.54
CA ALA C 776 21.43 -35.18 -41.22
C ALA C 776 22.05 -35.33 -39.82
N LEU C 777 21.49 -36.22 -39.00
CA LEU C 777 21.96 -36.30 -37.60
C LEU C 777 23.33 -36.97 -37.50
N ASP C 778 23.59 -37.98 -38.31
CA ASP C 778 24.86 -38.74 -38.16
C ASP C 778 26.04 -38.05 -38.87
N THR C 779 25.80 -36.94 -39.55
CA THR C 779 26.93 -36.20 -40.17
C THR C 779 27.64 -35.32 -39.16
N ILE C 780 27.14 -35.22 -37.95
CA ILE C 780 27.80 -34.40 -36.90
C ILE C 780 29.00 -35.16 -36.33
N ARG C 781 30.08 -34.44 -36.05
CA ARG C 781 31.27 -35.10 -35.47
C ARG C 781 31.41 -34.75 -34.00
N LEU C 782 32.23 -35.52 -33.28
CA LEU C 782 32.47 -35.27 -31.84
C LEU C 782 33.97 -35.40 -31.55
N THR C 783 34.47 -34.58 -30.63
CA THR C 783 35.93 -34.56 -30.39
C THR C 783 36.35 -35.82 -29.70
N SER C 784 37.65 -36.07 -29.68
CA SER C 784 38.18 -37.29 -29.05
C SER C 784 39.50 -37.00 -28.35
N SER C 785 39.85 -37.82 -27.38
CA SER C 785 41.15 -37.68 -26.68
C SER C 785 42.30 -38.03 -27.64
N ASP C 786 42.08 -39.01 -28.51
CA ASP C 786 43.10 -39.39 -29.50
C ASP C 786 43.26 -38.30 -30.54
N GLY C 787 42.31 -37.38 -30.63
CA GLY C 787 42.52 -36.21 -31.52
C GLY C 787 41.72 -36.30 -32.81
N GLY C 788 41.21 -37.49 -33.13
CA GLY C 788 40.50 -37.63 -34.39
C GLY C 788 39.03 -37.32 -34.25
N VAL C 789 38.31 -37.53 -35.33
CA VAL C 789 36.84 -37.36 -35.27
C VAL C 789 36.23 -38.77 -35.22
N VAL C 790 35.27 -38.96 -34.34
CA VAL C 790 34.63 -40.29 -34.20
C VAL C 790 33.16 -40.13 -34.58
N PRO C 791 32.64 -40.96 -35.49
CA PRO C 791 31.27 -40.76 -35.92
C PRO C 791 30.28 -41.16 -34.84
N LEU C 792 29.08 -40.57 -34.90
CA LEU C 792 28.05 -40.92 -33.90
C LEU C 792 27.54 -42.34 -34.14
N SER C 793 27.78 -42.89 -35.31
CA SER C 793 27.35 -44.27 -35.58
C SER C 793 28.13 -45.28 -34.72
N SER C 794 29.39 -44.98 -34.42
CA SER C 794 30.24 -45.96 -33.70
C SER C 794 30.07 -45.87 -32.18
N ILE C 795 29.44 -44.83 -31.68
CA ILE C 795 29.32 -44.67 -30.20
C ILE C 795 27.86 -44.60 -29.76
N ALA C 796 26.92 -44.60 -30.70
CA ALA C 796 25.50 -44.48 -30.32
C ALA C 796 24.60 -45.11 -31.37
N LYS C 797 23.38 -45.43 -30.98
CA LYS C 797 22.39 -45.95 -31.93
C LYS C 797 21.19 -44.99 -31.95
N ILE C 798 20.43 -45.02 -33.05
CA ILE C 798 19.28 -44.11 -33.21
C ILE C 798 17.99 -44.93 -33.24
N GLU C 799 17.00 -44.52 -32.45
CA GLU C 799 15.68 -45.19 -32.46
C GLU C 799 14.56 -44.15 -32.55
N GLN C 800 13.40 -44.55 -33.06
CA GLN C 800 12.24 -43.64 -33.16
C GLN C 800 11.14 -44.13 -32.21
N ARG C 801 10.57 -43.23 -31.43
CA ARG C 801 9.55 -43.61 -30.43
C ARG C 801 8.43 -42.58 -30.47
N PHE C 802 7.58 -42.58 -29.45
CA PHE C 802 6.42 -41.65 -29.43
C PHE C 802 6.40 -40.92 -28.12
N ALA C 803 6.27 -39.60 -28.17
CA ALA C 803 6.25 -38.76 -26.95
C ALA C 803 5.19 -37.69 -27.14
N PRO C 804 4.68 -37.05 -26.08
CA PRO C 804 3.59 -36.10 -26.28
C PRO C 804 4.10 -34.72 -26.61
N LEU C 805 3.34 -33.96 -27.39
CA LEU C 805 3.81 -32.62 -27.83
C LEU C 805 3.70 -31.60 -26.70
N SER C 806 2.91 -31.88 -25.68
CA SER C 806 2.73 -30.90 -24.60
C SER C 806 2.35 -31.63 -23.31
N ILE C 807 2.88 -31.14 -22.19
CA ILE C 807 2.52 -31.73 -20.89
C ILE C 807 1.77 -30.66 -20.11
N ASN C 808 0.54 -30.98 -19.71
CA ASN C 808 -0.29 -30.05 -18.91
C ASN C 808 -0.46 -30.63 -17.52
N HIS C 809 -0.36 -29.77 -16.52
CA HIS C 809 -0.34 -30.25 -15.12
C HIS C 809 -1.42 -29.55 -14.29
N LEU C 810 -1.97 -30.27 -13.31
CA LEU C 810 -2.98 -29.68 -12.42
C LEU C 810 -2.74 -30.20 -11.01
N ASP C 811 -2.55 -29.29 -10.07
CA ASP C 811 -2.34 -29.66 -8.64
C ASP C 811 -1.16 -30.60 -8.51
N GLN C 812 -0.08 -30.30 -9.19
CA GLN C 812 1.16 -31.13 -9.11
C GLN C 812 0.84 -32.59 -9.44
N PHE C 813 0.01 -32.79 -10.45
CA PHE C 813 -0.28 -34.16 -10.94
C PHE C 813 -0.69 -34.05 -12.40
N PRO C 814 -0.29 -35.02 -13.27
CA PRO C 814 -0.67 -34.95 -14.67
C PRO C 814 -2.17 -34.87 -14.87
N VAL C 815 -2.57 -34.13 -15.90
CA VAL C 815 -4.03 -33.87 -16.10
C VAL C 815 -4.38 -33.84 -17.57
N THR C 816 -5.65 -34.08 -17.86
CA THR C 816 -6.16 -33.90 -19.22
C THR C 816 -7.33 -32.94 -19.18
N THR C 817 -7.40 -32.06 -20.16
CA THR C 817 -8.57 -31.18 -20.31
C THR C 817 -9.43 -31.77 -21.40
N ILE C 818 -10.68 -32.10 -21.08
CA ILE C 818 -11.58 -32.77 -22.06
C ILE C 818 -12.73 -31.81 -22.40
N SER C 819 -12.89 -31.55 -23.71
CA SER C 819 -13.96 -30.62 -24.17
C SER C 819 -14.87 -31.34 -25.15
N PHE C 820 -16.13 -30.97 -25.17
CA PHE C 820 -17.11 -31.73 -25.99
C PHE C 820 -18.35 -30.87 -26.16
N ASN C 821 -19.36 -31.43 -26.82
CA ASN C 821 -20.64 -30.71 -27.03
C ASN C 821 -21.77 -31.54 -26.43
N VAL C 822 -22.63 -30.90 -25.65
CA VAL C 822 -23.78 -31.63 -25.07
C VAL C 822 -24.93 -31.57 -26.06
N PRO C 823 -25.66 -32.66 -26.31
CA PRO C 823 -26.84 -32.55 -27.17
C PRO C 823 -27.85 -31.59 -26.55
N ASP C 824 -28.55 -30.84 -27.38
CA ASP C 824 -29.60 -29.92 -26.86
C ASP C 824 -30.73 -30.72 -26.24
N ASN C 825 -30.82 -32.01 -26.54
CA ASN C 825 -31.93 -32.85 -26.04
C ASN C 825 -31.59 -33.36 -24.64
N TYR C 826 -30.39 -33.06 -24.16
CA TYR C 826 -30.02 -33.46 -22.78
C TYR C 826 -29.46 -32.26 -22.04
N SER C 827 -29.65 -32.25 -20.73
CA SER C 827 -29.11 -31.16 -19.88
C SER C 827 -27.74 -31.54 -19.30
N LEU C 828 -27.08 -30.59 -18.66
CA LEU C 828 -25.74 -30.86 -18.09
C LEU C 828 -25.85 -31.92 -17.02
N GLY C 829 -26.99 -32.06 -16.38
CA GLY C 829 -27.17 -33.11 -15.36
C GLY C 829 -27.08 -34.48 -16.00
N ASP C 830 -27.73 -34.65 -17.16
CA ASP C 830 -27.66 -35.95 -17.85
C ASP C 830 -26.21 -36.20 -18.27
N ALA C 831 -25.53 -35.16 -18.75
CA ALA C 831 -24.12 -35.31 -19.18
C ALA C 831 -23.25 -35.73 -17.99
N VAL C 832 -23.40 -35.08 -16.85
CA VAL C 832 -22.48 -35.39 -15.72
C VAL C 832 -22.82 -36.76 -15.16
N GLN C 833 -24.11 -37.11 -15.12
CA GLN C 833 -24.42 -38.48 -14.64
C GLN C 833 -23.92 -39.53 -15.64
N ALA C 834 -23.96 -39.21 -16.94
CA ALA C 834 -23.38 -40.12 -17.94
C ALA C 834 -21.88 -40.27 -17.72
N ILE C 835 -21.20 -39.15 -17.44
CA ILE C 835 -19.75 -39.23 -17.10
C ILE C 835 -19.57 -40.10 -15.86
N MET C 836 -20.47 -39.96 -14.89
CA MET C 836 -20.37 -40.78 -13.68
C MET C 836 -20.43 -42.27 -14.02
N ASP C 837 -21.46 -42.71 -14.76
CA ASP C 837 -21.54 -44.17 -15.01
C ASP C 837 -20.41 -44.62 -15.94
N THR C 838 -19.99 -43.78 -16.87
CA THR C 838 -18.84 -44.18 -17.70
C THR C 838 -17.61 -44.38 -16.84
N GLU C 839 -17.26 -43.41 -15.99
CA GLU C 839 -16.01 -43.53 -15.20
C GLU C 839 -16.14 -44.67 -14.20
N LYS C 840 -17.37 -45.02 -13.84
CA LYS C 840 -17.52 -46.19 -12.96
C LYS C 840 -17.36 -47.49 -13.77
N THR C 841 -17.87 -47.50 -15.01
CA THR C 841 -17.87 -48.78 -15.76
C THR C 841 -16.52 -49.07 -16.36
N LEU C 842 -15.74 -48.05 -16.68
CA LEU C 842 -14.47 -48.29 -17.41
C LEU C 842 -13.45 -49.05 -16.54
N ASN C 843 -13.70 -49.16 -15.25
CA ASN C 843 -12.72 -49.81 -14.35
C ASN C 843 -11.38 -49.08 -14.45
N LEU C 844 -11.43 -47.76 -14.34
CA LEU C 844 -10.19 -46.96 -14.43
C LEU C 844 -9.30 -47.23 -13.22
N PRO C 845 -7.99 -47.00 -13.34
CA PRO C 845 -7.13 -47.08 -12.18
C PRO C 845 -7.61 -46.21 -11.04
N VAL C 846 -7.42 -46.69 -9.81
CA VAL C 846 -7.98 -45.98 -8.63
C VAL C 846 -7.37 -44.58 -8.49
N ASP C 847 -6.36 -44.27 -9.28
CA ASP C 847 -5.68 -42.96 -9.15
C ASP C 847 -6.19 -41.99 -10.21
N ILE C 848 -7.43 -42.17 -10.65
CA ILE C 848 -8.01 -41.27 -11.69
C ILE C 848 -9.22 -40.54 -11.09
N THR C 849 -9.08 -39.24 -10.93
CA THR C 849 -10.15 -38.42 -10.34
C THR C 849 -10.61 -37.38 -11.32
N THR C 850 -11.66 -36.64 -10.96
CA THR C 850 -12.26 -35.67 -11.89
C THR C 850 -12.42 -34.34 -11.23
N GLN C 851 -12.53 -33.31 -12.05
CA GLN C 851 -12.71 -31.93 -11.56
C GLN C 851 -13.38 -31.14 -12.69
N PHE C 852 -14.27 -30.22 -12.33
CA PHE C 852 -15.06 -29.49 -13.35
C PHE C 852 -15.01 -28.02 -13.06
N GLN C 853 -15.28 -27.23 -14.09
CA GLN C 853 -15.24 -25.75 -13.90
C GLN C 853 -16.28 -25.05 -14.77
N GLY C 854 -16.66 -23.83 -14.37
CA GLY C 854 -17.53 -23.01 -15.23
C GLY C 854 -18.98 -22.91 -14.80
N SER C 855 -19.88 -23.35 -15.68
CA SER C 855 -21.34 -23.19 -15.45
C SER C 855 -21.79 -23.86 -14.15
N THR C 856 -21.26 -25.05 -13.86
CA THR C 856 -21.71 -25.77 -12.64
C THR C 856 -21.37 -24.94 -11.42
N LEU C 857 -20.13 -24.45 -11.33
CA LEU C 857 -19.71 -23.66 -10.15
C LEU C 857 -20.53 -22.36 -10.08
N ALA C 858 -20.73 -21.70 -11.21
CA ALA C 858 -21.46 -20.41 -11.20
C ALA C 858 -22.89 -20.63 -10.74
N PHE C 859 -23.51 -21.67 -11.26
CA PHE C 859 -24.93 -21.95 -10.91
C PHE C 859 -25.05 -22.37 -9.44
N GLN C 860 -24.11 -23.17 -8.96
CA GLN C 860 -24.14 -23.56 -7.52
C GLN C 860 -23.96 -22.32 -6.63
N SER C 861 -23.03 -21.44 -6.99
CA SER C 861 -22.83 -20.20 -6.21
C SER C 861 -24.11 -19.35 -6.25
N ALA C 862 -24.75 -19.29 -7.42
CA ALA C 862 -25.96 -18.47 -7.53
C ALA C 862 -27.05 -19.04 -6.63
N LEU C 863 -27.20 -20.35 -6.64
CA LEU C 863 -28.22 -21.01 -5.78
C LEU C 863 -27.90 -20.73 -4.30
N GLY C 864 -26.63 -20.85 -3.92
CA GLY C 864 -26.26 -20.58 -2.52
C GLY C 864 -26.55 -19.15 -2.13
N SER C 865 -26.38 -18.21 -3.05
CA SER C 865 -26.56 -16.78 -2.71
C SER C 865 -28.04 -16.38 -2.75
N THR C 866 -28.82 -17.01 -3.61
CA THR C 866 -30.20 -16.54 -3.85
C THR C 866 -31.08 -16.62 -2.64
N VAL C 867 -31.06 -17.74 -1.95
CA VAL C 867 -32.00 -17.93 -0.79
C VAL C 867 -31.68 -16.90 0.30
N TRP C 868 -30.40 -16.77 0.65
CA TRP C 868 -30.03 -15.79 1.68
C TRP C 868 -30.34 -14.37 1.21
N LEU C 869 -30.12 -14.08 -0.07
CA LEU C 869 -30.41 -12.72 -0.60
C LEU C 869 -31.91 -12.43 -0.47
N ILE C 870 -32.73 -13.36 -0.88
CA ILE C 870 -34.19 -13.14 -0.79
C ILE C 870 -34.60 -12.97 0.68
N VAL C 871 -34.09 -13.83 1.55
CA VAL C 871 -34.53 -13.76 2.97
C VAL C 871 -34.12 -12.42 3.59
N ALA C 872 -32.86 -12.04 3.39
CA ALA C 872 -32.38 -10.76 3.97
C ALA C 872 -33.17 -9.60 3.37
N ALA C 873 -33.45 -9.66 2.05
CA ALA C 873 -34.16 -8.56 1.40
C ALA C 873 -35.55 -8.44 2.00
N VAL C 874 -36.23 -9.57 2.12
CA VAL C 874 -37.64 -9.50 2.59
C VAL C 874 -37.66 -8.97 4.04
N VAL C 875 -36.68 -9.40 4.84
CA VAL C 875 -36.60 -8.87 6.22
C VAL C 875 -36.39 -7.35 6.17
N ALA C 876 -35.52 -6.89 5.26
CA ALA C 876 -35.23 -5.44 5.16
C ALA C 876 -36.51 -4.67 4.78
N MET C 877 -37.26 -5.18 3.79
CA MET C 877 -38.47 -4.44 3.41
C MET C 877 -39.45 -4.43 4.59
N TYR C 878 -39.54 -5.54 5.31
CA TYR C 878 -40.52 -5.57 6.43
C TYR C 878 -40.11 -4.50 7.40
N ILE C 879 -38.80 -4.40 7.67
CA ILE C 879 -38.35 -3.44 8.73
C ILE C 879 -38.64 -2.01 8.26
N VAL C 880 -38.27 -1.69 7.03
CA VAL C 880 -38.43 -0.27 6.61
C VAL C 880 -39.92 0.07 6.48
N LEU C 881 -40.72 -0.86 6.00
CA LEU C 881 -42.15 -0.55 5.84
C LEU C 881 -42.81 -0.41 7.21
N GLY C 882 -42.40 -1.23 8.17
CA GLY C 882 -42.91 -1.04 9.55
C GLY C 882 -42.50 0.31 10.10
N ILE C 883 -41.30 0.76 9.73
CA ILE C 883 -40.86 2.09 10.19
C ILE C 883 -41.77 3.14 9.54
N LEU C 884 -42.09 2.96 8.27
CA LEU C 884 -42.85 4.01 7.56
C LEU C 884 -44.30 4.03 8.02
N TYR C 885 -44.85 2.88 8.41
CA TYR C 885 -46.30 2.83 8.73
C TYR C 885 -46.59 2.62 10.21
N GLU C 886 -45.61 2.20 11.00
CA GLU C 886 -45.82 2.10 12.45
C GLU C 886 -47.00 1.14 12.69
N SER C 887 -47.02 0.06 11.93
CA SER C 887 -48.07 -0.96 12.13
C SER C 887 -47.49 -2.37 11.87
N PHE C 888 -48.21 -3.40 12.29
CA PHE C 888 -47.71 -4.77 12.13
C PHE C 888 -48.09 -5.35 10.79
N ILE C 889 -49.36 -5.34 10.41
CA ILE C 889 -49.79 -6.12 9.20
C ILE C 889 -49.80 -5.28 7.91
N HIS C 890 -49.67 -3.98 8.01
CA HIS C 890 -49.59 -3.15 6.79
C HIS C 890 -48.38 -3.52 5.92
N PRO C 891 -47.15 -3.69 6.45
CA PRO C 891 -46.07 -4.11 5.57
C PRO C 891 -46.34 -5.44 4.91
N ILE C 892 -46.98 -6.36 5.64
CA ILE C 892 -47.34 -7.67 5.04
C ILE C 892 -48.33 -7.42 3.90
N THR C 893 -49.19 -6.41 4.02
CA THR C 893 -50.11 -6.09 2.92
C THR C 893 -49.31 -5.62 1.74
N ILE C 894 -48.27 -4.84 1.99
CA ILE C 894 -47.43 -4.35 0.86
C ILE C 894 -46.56 -5.50 0.34
N LEU C 895 -46.01 -6.29 1.23
CA LEU C 895 -45.15 -7.42 0.82
C LEU C 895 -45.95 -8.49 0.06
N SER C 896 -47.27 -8.52 0.22
CA SER C 896 -48.08 -9.57 -0.44
C SER C 896 -48.21 -9.28 -1.95
N THR C 897 -47.98 -8.04 -2.39
CA THR C 897 -48.18 -7.71 -3.81
C THR C 897 -46.93 -7.94 -4.61
N LEU C 898 -45.81 -8.18 -3.97
CA LEU C 898 -44.53 -8.29 -4.71
C LEU C 898 -44.55 -9.50 -5.65
N PRO C 899 -44.87 -10.74 -5.22
CA PRO C 899 -44.72 -11.88 -6.09
C PRO C 899 -45.57 -11.84 -7.35
N THR C 900 -46.49 -10.88 -7.45
CA THR C 900 -47.39 -10.90 -8.62
C THR C 900 -46.60 -10.59 -9.83
N ALA C 901 -45.66 -9.66 -9.71
CA ALA C 901 -44.87 -9.23 -10.89
C ALA C 901 -43.97 -10.37 -11.36
N GLY C 902 -43.50 -11.19 -10.42
CA GLY C 902 -42.64 -12.32 -10.79
C GLY C 902 -43.33 -13.27 -11.75
N VAL C 903 -44.63 -13.50 -11.52
CA VAL C 903 -45.38 -14.40 -12.44
C VAL C 903 -45.37 -13.81 -13.85
N GLY C 904 -45.65 -12.51 -13.97
CA GLY C 904 -45.66 -11.91 -15.31
C GLY C 904 -44.28 -11.97 -15.93
N ALA C 905 -43.25 -11.72 -15.14
CA ALA C 905 -41.90 -11.67 -15.71
C ALA C 905 -41.55 -13.05 -16.23
N LEU C 906 -41.78 -14.07 -15.42
CA LEU C 906 -41.40 -15.45 -15.81
C LEU C 906 -42.25 -15.91 -17.01
N LEU C 907 -43.54 -15.60 -17.00
CA LEU C 907 -44.40 -15.96 -18.15
C LEU C 907 -43.88 -15.27 -19.42
N ALA C 908 -43.45 -14.03 -19.29
CA ALA C 908 -43.03 -13.30 -20.51
C ALA C 908 -41.72 -13.92 -20.98
N LEU C 909 -40.82 -14.14 -20.05
CA LEU C 909 -39.50 -14.66 -20.47
C LEU C 909 -39.66 -16.05 -21.10
N LEU C 910 -40.56 -16.88 -20.56
CA LEU C 910 -40.83 -18.20 -21.21
C LEU C 910 -41.46 -17.95 -22.60
N ILE C 911 -42.37 -16.97 -22.69
CA ILE C 911 -43.04 -16.74 -23.99
C ILE C 911 -42.05 -16.09 -24.95
N ALA C 912 -41.25 -15.18 -24.46
CA ALA C 912 -40.31 -14.46 -25.34
C ALA C 912 -39.12 -15.32 -25.69
N GLY C 913 -38.98 -16.44 -25.02
CA GLY C 913 -37.86 -17.35 -25.33
C GLY C 913 -36.53 -16.67 -25.03
N SER C 914 -36.51 -15.85 -23.97
CA SER C 914 -35.30 -15.12 -23.62
C SER C 914 -34.49 -15.82 -22.55
N GLU C 915 -33.19 -15.78 -22.68
CA GLU C 915 -32.32 -16.43 -21.69
C GLU C 915 -32.46 -15.69 -20.37
N LEU C 916 -32.55 -16.46 -19.29
CA LEU C 916 -32.69 -15.83 -17.96
C LEU C 916 -31.30 -15.59 -17.40
N ASP C 917 -30.67 -14.58 -17.91
CA ASP C 917 -29.37 -14.17 -17.35
C ASP C 917 -29.61 -13.44 -16.04
N VAL C 918 -28.52 -13.17 -15.33
CA VAL C 918 -28.68 -12.48 -14.02
C VAL C 918 -29.20 -11.06 -14.29
N ILE C 919 -28.97 -10.56 -15.50
CA ILE C 919 -29.54 -9.23 -15.83
C ILE C 919 -31.06 -9.35 -15.84
N ALA C 920 -31.57 -10.48 -16.32
CA ALA C 920 -33.04 -10.68 -16.31
C ALA C 920 -33.56 -10.73 -14.87
N ILE C 921 -32.80 -11.37 -13.98
CA ILE C 921 -33.21 -11.40 -12.55
C ILE C 921 -33.23 -9.96 -12.00
N ILE C 922 -32.24 -9.17 -12.40
CA ILE C 922 -32.20 -7.77 -11.91
C ILE C 922 -33.44 -7.05 -12.46
N GLY C 923 -33.77 -7.31 -13.72
CA GLY C 923 -34.94 -6.65 -14.32
C GLY C 923 -36.21 -7.04 -13.58
N ILE C 924 -36.31 -8.31 -13.18
CA ILE C 924 -37.48 -8.74 -12.36
C ILE C 924 -37.46 -7.97 -11.03
N ILE C 925 -36.27 -7.73 -10.50
CA ILE C 925 -36.17 -7.02 -9.20
C ILE C 925 -36.69 -5.59 -9.42
N LEU C 926 -36.31 -4.98 -10.55
CA LEU C 926 -36.75 -3.59 -10.76
C LEU C 926 -38.26 -3.57 -10.99
N LEU C 927 -38.76 -4.60 -11.65
CA LEU C 927 -40.23 -4.68 -11.88
C LEU C 927 -40.94 -4.72 -10.52
N ILE C 928 -40.44 -5.56 -9.62
CA ILE C 928 -41.06 -5.67 -8.28
C ILE C 928 -40.92 -4.33 -7.55
N GLY C 929 -39.82 -3.62 -7.81
CA GLY C 929 -39.63 -2.32 -7.14
C GLY C 929 -40.67 -1.32 -7.62
N ILE C 930 -40.90 -1.29 -8.92
CA ILE C 930 -41.92 -0.35 -9.45
C ILE C 930 -43.28 -0.75 -8.90
N VAL C 931 -43.54 -2.04 -8.82
CA VAL C 931 -44.86 -2.52 -8.34
C VAL C 931 -45.07 -2.05 -6.89
N LYS C 932 -44.04 -2.24 -6.07
CA LYS C 932 -44.15 -1.78 -4.67
C LYS C 932 -44.23 -0.24 -4.64
N LYS C 933 -43.65 0.43 -5.63
CA LYS C 933 -43.71 1.91 -5.64
C LYS C 933 -45.16 2.35 -5.83
N ASN C 934 -45.84 1.83 -6.82
CA ASN C 934 -47.23 2.31 -7.01
C ASN C 934 -48.12 1.77 -5.89
N ALA C 935 -47.80 0.59 -5.36
CA ALA C 935 -48.57 0.05 -4.21
C ALA C 935 -48.48 1.02 -3.03
N ILE C 936 -47.27 1.49 -2.73
CA ILE C 936 -47.10 2.47 -1.63
C ILE C 936 -47.85 3.74 -2.01
N MET C 937 -47.82 4.08 -3.29
CA MET C 937 -48.49 5.31 -3.74
C MET C 937 -49.98 5.26 -3.36
N MET C 938 -50.61 4.11 -3.55
CA MET C 938 -52.04 4.06 -3.21
C MET C 938 -52.23 3.90 -1.69
N ILE C 939 -51.38 3.12 -1.05
CA ILE C 939 -51.61 2.80 0.38
C ILE C 939 -51.39 4.04 1.25
N ASP C 940 -50.40 4.85 0.91
CA ASP C 940 -50.15 6.07 1.72
C ASP C 940 -51.41 6.93 1.77
N PHE C 941 -51.98 7.22 0.60
CA PHE C 941 -53.18 8.07 0.57
C PHE C 941 -54.37 7.35 1.22
N ALA C 942 -54.45 6.03 1.09
CA ALA C 942 -55.53 5.29 1.76
C ALA C 942 -55.44 5.52 3.27
N LEU C 943 -54.23 5.36 3.82
CA LEU C 943 -54.07 5.49 5.28
C LEU C 943 -54.31 6.94 5.71
N ALA C 944 -53.84 7.89 4.89
CA ALA C 944 -54.03 9.31 5.23
C ALA C 944 -55.52 9.67 5.24
N ALA C 945 -56.24 9.21 4.21
CA ALA C 945 -57.70 9.45 4.19
C ALA C 945 -58.39 8.79 5.38
N GLU C 946 -58.01 7.55 5.69
CA GLU C 946 -58.63 6.82 6.82
C GLU C 946 -58.38 7.59 8.13
N ARG C 947 -57.17 8.10 8.31
CA ARG C 947 -56.84 8.83 9.57
C ARG C 947 -57.48 10.23 9.59
N GLU C 948 -57.70 10.84 8.43
CA GLU C 948 -58.22 12.23 8.41
C GLU C 948 -59.75 12.22 8.47
N GLN C 949 -60.41 11.63 7.47
CA GLN C 949 -61.88 11.70 7.43
C GLN C 949 -62.54 10.76 8.43
N GLY C 950 -61.88 9.67 8.78
CA GLY C 950 -62.49 8.69 9.70
C GLY C 950 -63.63 7.96 9.02
N MET C 951 -63.73 8.12 7.70
CA MET C 951 -64.78 7.39 6.97
C MET C 951 -64.46 5.88 6.95
N SER C 952 -65.49 5.06 6.76
CA SER C 952 -65.29 3.59 6.78
C SER C 952 -64.27 3.18 5.74
N PRO C 953 -63.46 2.13 5.99
CA PRO C 953 -62.37 1.80 5.09
C PRO C 953 -62.72 1.53 3.62
N ARG C 954 -63.90 0.98 3.35
CA ARG C 954 -64.24 0.66 1.95
C ARG C 954 -64.42 1.94 1.12
N GLU C 955 -65.21 2.88 1.61
CA GLU C 955 -65.33 4.17 0.87
C GLU C 955 -64.00 4.94 0.94
N ALA C 956 -63.21 4.72 1.99
CA ALA C 956 -61.92 5.41 2.08
C ALA C 956 -61.01 4.96 0.94
N ILE C 957 -60.91 3.66 0.76
CA ILE C 957 -60.06 3.16 -0.35
C ILE C 957 -60.71 3.54 -1.69
N TYR C 958 -62.04 3.63 -1.74
CA TYR C 958 -62.72 4.06 -2.99
C TYR C 958 -62.26 5.46 -3.36
N GLN C 959 -62.31 6.39 -2.38
CA GLN C 959 -61.90 7.79 -2.65
C GLN C 959 -60.41 7.85 -2.96
N ALA C 960 -59.60 7.08 -2.25
CA ALA C 960 -58.14 7.09 -2.47
C ALA C 960 -57.83 6.60 -3.90
N CYS C 961 -58.44 5.49 -4.30
CA CYS C 961 -58.23 5.01 -5.68
C CYS C 961 -58.74 6.03 -6.72
N LEU C 962 -59.89 6.64 -6.48
CA LEU C 962 -60.42 7.61 -7.45
C LEU C 962 -59.45 8.80 -7.58
N LEU C 963 -58.89 9.29 -6.46
CA LEU C 963 -57.99 10.47 -6.52
C LEU C 963 -56.57 10.09 -6.94
N ARG C 964 -56.22 8.82 -6.89
CA ARG C 964 -54.85 8.40 -7.25
C ARG C 964 -54.83 7.59 -8.56
N PHE C 965 -55.95 7.47 -9.26
CA PHE C 965 -55.97 6.64 -10.50
C PHE C 965 -55.14 7.27 -11.59
N ARG C 966 -55.29 8.57 -11.76
CA ARG C 966 -54.51 9.30 -12.81
C ARG C 966 -53.01 9.10 -12.57
N PRO C 967 -52.46 9.21 -11.34
CA PRO C 967 -51.08 8.82 -11.11
C PRO C 967 -50.74 7.40 -11.58
N ILE C 968 -51.65 6.46 -11.37
CA ILE C 968 -51.37 5.08 -11.83
C ILE C 968 -51.11 5.06 -13.34
N LEU C 969 -51.95 5.74 -14.12
CA LEU C 969 -51.73 5.63 -15.59
C LEU C 969 -50.55 6.48 -16.03
N MET C 970 -50.29 7.60 -15.39
CA MET C 970 -49.08 8.34 -15.87
C MET C 970 -47.84 7.49 -15.54
N THR C 971 -47.82 6.84 -14.37
CA THR C 971 -46.65 6.02 -14.04
C THR C 971 -46.55 4.87 -15.01
N THR C 972 -47.69 4.25 -15.32
CA THR C 972 -47.67 3.06 -16.21
C THR C 972 -47.18 3.49 -17.58
N LEU C 973 -47.62 4.68 -18.03
CA LEU C 973 -47.22 5.11 -19.39
C LEU C 973 -45.73 5.37 -19.35
N ALA C 974 -45.26 5.94 -18.25
CA ALA C 974 -43.80 6.28 -18.17
C ALA C 974 -43.00 4.99 -18.22
N ALA C 975 -43.45 3.98 -17.48
CA ALA C 975 -42.76 2.67 -17.49
C ALA C 975 -42.79 2.07 -18.90
N LEU C 976 -43.93 2.17 -19.57
CA LEU C 976 -44.06 1.59 -20.93
C LEU C 976 -43.09 2.31 -21.89
N LEU C 977 -43.04 3.64 -21.81
CA LEU C 977 -42.14 4.34 -22.74
C LEU C 977 -40.69 4.07 -22.34
N GLY C 978 -40.44 3.87 -21.05
CA GLY C 978 -39.04 3.59 -20.65
C GLY C 978 -38.59 2.23 -21.12
N ALA C 979 -39.50 1.26 -21.14
CA ALA C 979 -39.15 -0.11 -21.58
C ALA C 979 -39.25 -0.25 -23.11
N LEU C 980 -39.83 0.73 -23.78
CA LEU C 980 -39.95 0.66 -25.27
C LEU C 980 -38.57 0.60 -25.96
N PRO C 981 -37.57 1.43 -25.63
CA PRO C 981 -36.31 1.29 -26.31
C PRO C 981 -35.65 -0.05 -26.16
N LEU C 982 -35.78 -0.66 -25.00
CA LEU C 982 -35.17 -1.99 -24.76
C LEU C 982 -35.86 -3.07 -25.61
N MET C 983 -37.13 -2.87 -25.92
CA MET C 983 -37.86 -3.86 -26.75
C MET C 983 -37.34 -3.80 -28.18
N LEU C 984 -37.17 -2.60 -28.71
CA LEU C 984 -36.75 -2.47 -30.14
C LEU C 984 -35.27 -2.14 -30.24
N SER C 985 -34.47 -2.69 -29.35
CA SER C 985 -33.02 -2.38 -29.37
C SER C 985 -32.37 -3.29 -30.42
N THR C 986 -31.93 -2.71 -31.55
CA THR C 986 -31.35 -3.54 -32.64
C THR C 986 -29.94 -3.17 -32.97
N GLY C 987 -29.28 -2.46 -32.10
CA GLY C 987 -27.95 -1.95 -32.45
C GLY C 987 -26.84 -2.70 -31.79
N VAL C 988 -25.73 -2.02 -31.62
CA VAL C 988 -24.56 -2.67 -30.99
C VAL C 988 -24.84 -2.80 -29.50
N GLY C 989 -24.59 -3.99 -28.97
CA GLY C 989 -24.81 -4.25 -27.53
C GLY C 989 -26.24 -4.67 -27.28
N ALA C 990 -27.03 -4.80 -28.34
CA ALA C 990 -28.48 -5.10 -28.16
C ALA C 990 -28.70 -6.43 -27.48
N GLU C 991 -27.74 -7.32 -27.57
CA GLU C 991 -27.93 -8.66 -26.94
C GLU C 991 -27.98 -8.45 -25.42
N LEU C 992 -27.45 -7.30 -24.94
CA LEU C 992 -27.45 -7.03 -23.48
C LEU C 992 -28.63 -6.15 -23.08
N ARG C 993 -29.51 -5.81 -24.01
CA ARG C 993 -30.72 -5.05 -23.63
C ARG C 993 -32.00 -5.57 -24.33
N ARG C 994 -31.89 -6.43 -25.33
CA ARG C 994 -33.10 -6.78 -26.09
C ARG C 994 -34.13 -7.57 -25.26
N PRO C 995 -33.79 -8.57 -24.42
CA PRO C 995 -34.84 -9.29 -23.71
C PRO C 995 -35.44 -8.49 -22.56
N LEU C 996 -34.69 -7.52 -22.05
CA LEU C 996 -35.14 -6.76 -20.85
C LEU C 996 -36.44 -6.02 -21.15
N GLY C 997 -36.56 -5.48 -22.34
CA GLY C 997 -37.77 -4.71 -22.67
C GLY C 997 -39.00 -5.57 -22.62
N ILE C 998 -38.93 -6.70 -23.27
CA ILE C 998 -40.12 -7.61 -23.30
C ILE C 998 -40.42 -8.10 -21.88
N GLY C 999 -39.38 -8.47 -21.14
CA GLY C 999 -39.60 -8.92 -19.76
C GLY C 999 -40.26 -7.86 -18.92
N MET C 1000 -39.78 -6.61 -19.02
CA MET C 1000 -40.33 -5.54 -18.17
C MET C 1000 -41.76 -5.24 -18.62
N VAL C 1001 -42.00 -5.26 -19.91
CA VAL C 1001 -43.35 -4.88 -20.38
C VAL C 1001 -44.34 -5.94 -19.88
N GLY C 1002 -43.99 -7.22 -20.02
CA GLY C 1002 -44.88 -8.28 -19.50
C GLY C 1002 -45.08 -8.16 -18.01
N GLY C 1003 -43.99 -7.95 -17.27
CA GLY C 1003 -44.12 -7.74 -15.82
C GLY C 1003 -45.06 -6.59 -15.51
N LEU C 1004 -44.92 -5.47 -16.23
CA LEU C 1004 -45.73 -4.29 -15.88
C LEU C 1004 -47.20 -4.56 -16.19
N ILE C 1005 -47.48 -5.08 -17.39
CA ILE C 1005 -48.94 -5.16 -17.70
C ILE C 1005 -49.60 -6.21 -16.81
N VAL C 1006 -48.90 -7.30 -16.52
CA VAL C 1006 -49.48 -8.32 -15.60
C VAL C 1006 -49.65 -7.70 -14.21
N SER C 1007 -48.65 -6.95 -13.75
CA SER C 1007 -48.71 -6.39 -12.38
C SER C 1007 -49.87 -5.37 -12.27
N GLN C 1008 -50.01 -4.49 -13.26
CA GLN C 1008 -51.13 -3.53 -13.14
C GLN C 1008 -52.46 -4.25 -13.27
N VAL C 1009 -52.52 -5.28 -14.11
CA VAL C 1009 -53.82 -5.94 -14.31
C VAL C 1009 -54.22 -6.57 -12.97
N LEU C 1010 -53.26 -7.17 -12.28
CA LEU C 1010 -53.59 -7.78 -10.97
C LEU C 1010 -53.83 -6.69 -9.93
N THR C 1011 -53.04 -5.61 -9.94
CA THR C 1011 -53.15 -4.57 -8.90
C THR C 1011 -54.49 -3.86 -8.92
N LEU C 1012 -54.84 -3.28 -10.06
CA LEU C 1012 -56.05 -2.43 -10.16
C LEU C 1012 -57.30 -3.22 -9.82
N PHE C 1013 -57.25 -4.52 -9.85
CA PHE C 1013 -58.48 -5.30 -9.62
C PHE C 1013 -58.39 -6.13 -8.33
N THR C 1014 -57.24 -6.16 -7.67
CA THR C 1014 -57.13 -7.01 -6.47
C THR C 1014 -56.73 -6.22 -5.24
N THR C 1015 -55.94 -5.16 -5.39
CA THR C 1015 -55.36 -4.50 -4.21
C THR C 1015 -56.39 -3.99 -3.23
N PRO C 1016 -57.44 -3.23 -3.62
CA PRO C 1016 -58.34 -2.67 -2.62
C PRO C 1016 -59.04 -3.73 -1.78
N VAL C 1017 -59.52 -4.79 -2.42
CA VAL C 1017 -60.33 -5.76 -1.65
C VAL C 1017 -59.36 -6.56 -0.77
N ILE C 1018 -58.17 -6.87 -1.27
CA ILE C 1018 -57.27 -7.67 -0.39
C ILE C 1018 -56.81 -6.77 0.77
N TYR C 1019 -56.66 -5.47 0.53
CA TYR C 1019 -56.31 -4.57 1.66
C TYR C 1019 -57.46 -4.51 2.67
N LEU C 1020 -58.71 -4.50 2.20
CA LEU C 1020 -59.86 -4.54 3.12
C LEU C 1020 -59.86 -5.88 3.89
N LEU C 1021 -59.53 -6.98 3.21
CA LEU C 1021 -59.45 -8.27 3.91
C LEU C 1021 -58.32 -8.26 4.94
N PHE C 1022 -57.21 -7.62 4.62
CA PHE C 1022 -56.11 -7.50 5.64
C PHE C 1022 -56.55 -6.63 6.81
N ASP C 1023 -57.37 -5.61 6.55
CA ASP C 1023 -57.91 -4.80 7.67
C ASP C 1023 -58.84 -5.67 8.53
N ARG C 1024 -59.63 -6.52 7.89
CA ARG C 1024 -60.50 -7.45 8.66
C ARG C 1024 -59.61 -8.41 9.47
N LEU C 1025 -58.52 -8.90 8.88
CA LEU C 1025 -57.61 -9.76 9.64
C LEU C 1025 -56.96 -8.96 10.78
N ALA C 1026 -56.71 -7.68 10.54
CA ALA C 1026 -56.17 -6.82 11.63
C ALA C 1026 -57.19 -6.71 12.77
N LEU C 1027 -58.47 -6.65 12.42
CA LEU C 1027 -59.51 -6.58 13.46
C LEU C 1027 -59.50 -7.88 14.25
N TRP C 1028 -59.35 -9.00 13.53
CA TRP C 1028 -59.31 -10.29 14.26
C TRP C 1028 -58.03 -10.41 15.12
N THR C 1029 -56.93 -9.81 14.67
CA THR C 1029 -55.70 -9.84 15.48
C THR C 1029 -55.86 -8.96 16.68
N LYS C 1030 -56.61 -7.88 16.54
CA LYS C 1030 -56.90 -7.04 17.72
C LYS C 1030 -57.74 -7.87 18.70
N SER C 1031 -58.64 -8.71 18.17
CA SER C 1031 -59.43 -9.59 19.04
C SER C 1031 -58.48 -10.56 19.73
N ARG C 1032 -57.49 -11.02 18.99
CA ARG C 1032 -56.51 -11.98 19.58
C ARG C 1032 -55.67 -11.27 20.65
N PHE C 1033 -55.31 -10.00 20.42
CA PHE C 1033 -54.57 -9.22 21.45
C PHE C 1033 -55.44 -9.10 22.70
N ALA C 1034 -56.72 -8.76 22.52
CA ALA C 1034 -57.62 -8.63 23.68
C ALA C 1034 -57.70 -9.97 24.43
N ARG C 1035 -57.83 -11.07 23.69
CA ARG C 1035 -57.90 -12.39 24.34
C ARG C 1035 -56.60 -12.67 25.12
N HIS C 1036 -55.47 -12.54 24.42
CA HIS C 1036 -54.16 -12.85 25.07
C HIS C 1036 -53.91 -11.93 26.26
N GLU C 1037 -54.57 -10.77 26.31
CA GLU C 1037 -54.47 -9.93 27.52
C GLU C 1037 -55.54 -10.34 28.54
N GLU C 1038 -56.56 -11.08 28.11
CA GLU C 1038 -57.69 -11.41 29.02
C GLU C 1038 -57.49 -12.76 29.72
N GLU C 1039 -57.41 -13.85 28.97
CA GLU C 1039 -57.39 -15.17 29.66
C GLU C 1039 -55.96 -15.70 29.84
N ALA C 1040 -54.97 -15.09 29.19
CA ALA C 1040 -53.58 -15.58 29.33
C ALA C 1040 -52.94 -14.99 30.59
#